data_5SCD
#
_entry.id   5SCD
#
_cell.length_a   207.725
_cell.length_b   113.012
_cell.length_c   188.817
_cell.angle_alpha   90.000
_cell.angle_beta   91.630
_cell.angle_gamma   90.000
#
_symmetry.space_group_name_H-M   'C 1 2 1'
#
loop_
_entity.id
_entity.type
_entity.pdbx_description
1 polymer 'Pyruvate kinase'
2 non-polymer 1,6-di-O-phosphono-beta-D-fructofuranose
3 non-polymer 'OXALATE ION'
4 non-polymer 'MAGNESIUM ION'
5 non-polymer 'POTASSIUM ION'
6 non-polymer '3-hydroxy-9,10-dioxo-9,10-dihydroanthracene-2-sulfonic acid'
7 water water
#
_entity_poly.entity_id   1
_entity_poly.type   'polypeptide(L)'
_entity_poly.pdbx_seq_one_letter_code
;GSMEGPAGYLRRADVAQLTQELGTAFFQQQQLPAAMADTFLEHLCLLDIDSEPVAARSTSIIATIGPASRSVERLKEMIK
AGMNIARLNFSHGSHEYHAESIANVREAVESFAGSPLSYRPVAIALDTKGPGSGPGLSEQDVRDLRFGVEHGVDIVFASF
VRKASDVAAVRAALGPEGHGIKIISKIENHEGVKRFDEILEVSDGIMVARGDLGIEIPAEKVFLAQKMMIGRCNLAGKPV
VCATQMLESMITKPRPTRAETSDVANAVLDGADCIMLSGETAKGNFPVEAVKMQHAIAREAEAAVYHRQLFEELRRAAPL
SRDPTEVTAIGAVEAAFKCCAAAIIVLTTTGRSAQLLSRYRPRAAVIAVTRSAQAARQVHLCRGVFPLLYREPPEAIWAD
DVDRRVQFGIESGKLRGFLRVGDLVIVVTGWRPGSGYTNIMRVLSIS
;
_entity_poly.pdbx_strand_id   A,B,C,D,E,F,G,H
#
loop_
_chem_comp.id
_chem_comp.type
_chem_comp.name
_chem_comp.formula
FBP D-saccharide, beta linking 1,6-di-O-phosphono-beta-D-fructofuranose 'C6 H14 O12 P2'
I8U non-polymer '3-hydroxy-9,10-dioxo-9,10-dihydroanthracene-2-sulfonic acid' 'C14 H8 O6 S'
K non-polymer 'POTASSIUM ION' 'K 1'
MG non-polymer 'MAGNESIUM ION' 'Mg 2'
OXL non-polymer 'OXALATE ION' 'C2 O4 -2'
#
# COMPACT_ATOMS: atom_id res chain seq x y z
N GLN A 28 1.19 -29.96 9.96
CA GLN A 28 0.84 -31.30 10.41
C GLN A 28 0.51 -32.27 9.26
N GLN A 29 0.61 -33.57 9.57
CA GLN A 29 0.40 -34.78 8.77
C GLN A 29 -1.08 -35.15 8.65
N GLN A 30 -1.39 -36.19 7.82
CA GLN A 30 -2.69 -36.79 7.53
C GLN A 30 -3.85 -35.79 7.33
N GLN A 31 -3.56 -34.68 6.62
CA GLN A 31 -4.52 -33.61 6.31
C GLN A 31 -5.23 -33.06 7.55
N LEU A 32 -4.55 -33.04 8.71
CA LEU A 32 -5.15 -32.54 9.94
C LEU A 32 -5.52 -31.04 9.87
N PRO A 33 -4.74 -30.14 9.24
CA PRO A 33 -5.22 -28.75 9.09
C PRO A 33 -6.55 -28.67 8.33
N ALA A 34 -6.71 -29.46 7.24
CA ALA A 34 -7.95 -29.52 6.46
C ALA A 34 -9.10 -30.18 7.24
N ALA A 35 -8.78 -31.08 8.18
CA ALA A 35 -9.78 -31.76 9.01
C ALA A 35 -10.39 -30.82 10.06
N MET A 36 -9.62 -29.80 10.51
CA MET A 36 -10.08 -28.81 11.49
C MET A 36 -11.04 -27.78 10.89
N ALA A 37 -11.07 -27.64 9.55
CA ALA A 37 -11.88 -26.62 8.87
C ALA A 37 -13.36 -26.59 9.25
N ASP A 38 -13.94 -25.39 9.28
CA ASP A 38 -15.33 -25.19 9.68
C ASP A 38 -16.34 -25.38 8.55
N THR A 39 -15.89 -25.35 7.29
CA THR A 39 -16.73 -25.61 6.13
C THR A 39 -16.03 -26.61 5.20
N PHE A 40 -16.82 -27.30 4.37
CA PHE A 40 -16.28 -28.23 3.38
C PHE A 40 -15.40 -27.51 2.36
N LEU A 41 -15.78 -26.28 2.00
CA LEU A 41 -15.04 -25.44 1.07
C LEU A 41 -13.67 -25.08 1.64
N GLU A 42 -13.62 -24.69 2.94
CA GLU A 42 -12.36 -24.37 3.64
CA GLU A 42 -12.34 -24.37 3.56
C GLU A 42 -11.48 -25.63 3.74
N HIS A 43 -12.11 -26.79 3.95
CA HIS A 43 -11.48 -28.10 4.05
C HIS A 43 -10.76 -28.38 2.73
N LEU A 44 -11.44 -28.18 1.59
CA LEU A 44 -10.82 -28.38 0.28
C LEU A 44 -9.62 -27.45 0.08
N CYS A 45 -9.77 -26.17 0.43
CA CYS A 45 -8.71 -25.17 0.31
C CYS A 45 -7.47 -25.51 1.13
N LEU A 46 -7.65 -26.21 2.27
CA LEU A 46 -6.56 -26.57 3.16
C LEU A 46 -5.85 -27.90 2.81
N LEU A 47 -6.31 -28.61 1.77
CA LEU A 47 -5.68 -29.88 1.38
C LEU A 47 -4.24 -29.59 0.91
N ASP A 48 -3.28 -30.38 1.41
CA ASP A 48 -1.86 -30.15 1.19
C ASP A 48 -1.18 -31.40 0.65
N ILE A 49 -0.57 -31.30 -0.55
CA ILE A 49 0.16 -32.41 -1.14
C ILE A 49 1.40 -32.83 -0.29
N ASP A 50 1.90 -31.93 0.58
CA ASP A 50 3.03 -32.23 1.46
C ASP A 50 2.61 -32.82 2.81
N SER A 51 1.31 -32.92 3.09
CA SER A 51 0.80 -33.51 4.33
C SER A 51 0.70 -35.03 4.09
N GLU A 52 1.71 -35.78 4.54
CA GLU A 52 1.79 -37.21 4.31
C GLU A 52 0.81 -38.05 5.12
N PRO A 53 0.25 -39.10 4.49
CA PRO A 53 -0.68 -39.96 5.22
C PRO A 53 0.05 -40.80 6.28
N VAL A 54 -0.51 -40.92 7.48
CA VAL A 54 0.12 -41.71 8.54
C VAL A 54 -0.69 -42.96 8.85
N ALA A 55 -2.03 -42.85 8.83
CA ALA A 55 -2.89 -43.99 9.13
C ALA A 55 -2.79 -45.12 8.10
N ALA A 56 -3.08 -46.34 8.55
CA ALA A 56 -3.08 -47.53 7.70
C ALA A 56 -4.24 -47.41 6.71
N ARG A 57 -4.06 -47.93 5.48
CA ARG A 57 -5.05 -47.88 4.44
C ARG A 57 -6.29 -48.70 4.86
N SER A 58 -7.44 -48.03 4.92
CA SER A 58 -8.77 -48.48 5.33
C SER A 58 -9.64 -49.15 4.29
N THR A 59 -9.55 -48.71 3.02
CA THR A 59 -10.42 -49.21 1.95
C THR A 59 -9.82 -50.48 1.39
N SER A 60 -10.54 -51.61 1.49
CA SER A 60 -10.00 -52.87 0.98
C SER A 60 -9.89 -52.93 -0.51
N ILE A 61 -8.90 -53.68 -0.98
CA ILE A 61 -8.66 -53.86 -2.39
C ILE A 61 -9.09 -55.27 -2.76
N ILE A 62 -9.94 -55.38 -3.76
CA ILE A 62 -10.36 -56.66 -4.28
C ILE A 62 -9.64 -56.85 -5.60
N ALA A 63 -8.88 -57.95 -5.74
CA ALA A 63 -8.15 -58.18 -6.99
C ALA A 63 -8.69 -59.41 -7.66
N THR A 64 -9.00 -59.32 -8.95
CA THR A 64 -9.48 -60.48 -9.69
C THR A 64 -8.30 -61.40 -10.03
N ILE A 65 -8.38 -62.66 -9.62
CA ILE A 65 -7.31 -63.62 -9.88
C ILE A 65 -7.53 -64.32 -11.21
N GLY A 66 -6.52 -64.23 -12.07
CA GLY A 66 -6.57 -64.85 -13.40
C GLY A 66 -5.22 -65.30 -13.90
N PRO A 67 -5.11 -65.51 -15.23
CA PRO A 67 -3.82 -65.93 -15.82
C PRO A 67 -2.59 -65.14 -15.38
N ALA A 68 -2.71 -63.78 -15.32
CA ALA A 68 -1.62 -62.88 -14.94
C ALA A 68 -1.28 -62.87 -13.45
N SER A 69 -2.18 -63.37 -12.61
CA SER A 69 -2.01 -63.29 -11.15
C SER A 69 -2.24 -64.61 -10.42
N ARG A 70 -2.16 -65.73 -11.11
CA ARG A 70 -2.43 -67.05 -10.54
C ARG A 70 -1.32 -67.71 -9.74
N SER A 71 -0.05 -67.48 -10.09
CA SER A 71 1.05 -68.17 -9.44
C SER A 71 1.22 -67.80 -7.98
N VAL A 72 1.63 -68.77 -7.15
CA VAL A 72 1.85 -68.58 -5.71
C VAL A 72 2.82 -67.43 -5.44
N GLU A 73 3.90 -67.37 -6.22
CA GLU A 73 4.92 -66.33 -6.09
C GLU A 73 4.34 -64.93 -6.38
N ARG A 74 3.51 -64.83 -7.43
CA ARG A 74 2.87 -63.59 -7.84
C ARG A 74 1.83 -63.17 -6.79
N LEU A 75 1.05 -64.13 -6.28
CA LEU A 75 0.06 -63.92 -5.24
C LEU A 75 0.67 -63.42 -3.94
N LYS A 76 1.89 -63.86 -3.60
CA LYS A 76 2.60 -63.38 -2.40
C LYS A 76 2.93 -61.90 -2.55
N GLU A 77 3.35 -61.49 -3.78
CA GLU A 77 3.66 -60.10 -4.10
CA GLU A 77 3.67 -60.09 -4.04
C GLU A 77 2.40 -59.24 -3.98
N MET A 78 1.24 -59.79 -4.43
CA MET A 78 -0.04 -59.08 -4.37
CA MET A 78 -0.04 -59.08 -4.37
C MET A 78 -0.55 -58.91 -2.95
N ILE A 79 -0.30 -59.92 -2.07
CA ILE A 79 -0.69 -59.83 -0.67
C ILE A 79 0.14 -58.72 0.00
N LYS A 80 1.46 -58.69 -0.30
CA LYS A 80 2.36 -57.67 0.25
C LYS A 80 2.03 -56.26 -0.30
N ALA A 81 1.55 -56.17 -1.55
CA ALA A 81 1.16 -54.91 -2.16
C ALA A 81 -0.17 -54.36 -1.57
N GLY A 82 -0.99 -55.22 -0.98
CA GLY A 82 -2.23 -54.79 -0.35
C GLY A 82 -3.53 -55.51 -0.67
N MET A 83 -3.50 -56.59 -1.47
CA MET A 83 -4.73 -57.31 -1.80
C MET A 83 -5.37 -57.91 -0.55
N ASN A 84 -6.67 -57.63 -0.33
CA ASN A 84 -7.39 -58.13 0.86
C ASN A 84 -8.42 -59.20 0.50
N ILE A 85 -8.98 -59.13 -0.72
CA ILE A 85 -9.98 -60.05 -1.22
C ILE A 85 -9.58 -60.50 -2.62
N ALA A 86 -9.60 -61.81 -2.85
CA ALA A 86 -9.29 -62.41 -4.14
C ALA A 86 -10.61 -62.74 -4.83
N ARG A 87 -10.86 -62.16 -6.00
CA ARG A 87 -12.10 -62.39 -6.73
C ARG A 87 -11.90 -63.44 -7.84
N LEU A 88 -12.79 -64.46 -7.91
CA LEU A 88 -12.74 -65.47 -8.98
C LEU A 88 -13.94 -65.25 -9.87
N ASN A 89 -13.70 -64.84 -11.12
CA ASN A 89 -14.79 -64.54 -12.02
C ASN A 89 -15.29 -65.80 -12.71
N PHE A 90 -16.45 -66.30 -12.28
CA PHE A 90 -17.01 -67.53 -12.85
C PHE A 90 -17.66 -67.33 -14.22
N SER A 91 -17.50 -66.14 -14.83
CA SER A 91 -17.88 -65.92 -16.21
C SER A 91 -16.80 -66.52 -17.15
N HIS A 92 -15.56 -66.72 -16.65
CA HIS A 92 -14.42 -67.27 -17.37
C HIS A 92 -13.90 -68.52 -16.64
N GLY A 93 -13.02 -69.27 -17.31
CA GLY A 93 -12.41 -70.46 -16.74
C GLY A 93 -13.36 -71.62 -16.47
N SER A 94 -12.92 -72.54 -15.63
CA SER A 94 -13.68 -73.72 -15.26
C SER A 94 -13.58 -73.95 -13.73
N HIS A 95 -14.33 -74.93 -13.20
CA HIS A 95 -14.25 -75.26 -11.78
C HIS A 95 -12.84 -75.70 -11.40
N GLU A 96 -12.20 -76.52 -12.25
CA GLU A 96 -10.83 -76.98 -12.02
C GLU A 96 -9.86 -75.82 -12.00
N TYR A 97 -10.02 -74.86 -12.92
CA TYR A 97 -9.17 -73.68 -13.01
C TYR A 97 -9.29 -72.82 -11.74
N HIS A 98 -10.54 -72.55 -11.32
CA HIS A 98 -10.78 -71.73 -10.14
C HIS A 98 -10.35 -72.42 -8.86
N ALA A 99 -10.46 -73.76 -8.78
CA ALA A 99 -10.00 -74.51 -7.59
C ALA A 99 -8.50 -74.39 -7.44
N GLU A 100 -7.75 -74.41 -8.57
CA GLU A 100 -6.30 -74.26 -8.53
C GLU A 100 -5.92 -72.84 -8.10
N SER A 101 -6.67 -71.84 -8.59
CA SER A 101 -6.47 -70.44 -8.23
C SER A 101 -6.64 -70.25 -6.71
N ILE A 102 -7.75 -70.82 -6.14
CA ILE A 102 -8.07 -70.79 -4.72
C ILE A 102 -6.96 -71.44 -3.88
N ALA A 103 -6.48 -72.62 -4.34
CA ALA A 103 -5.42 -73.33 -3.63
C ALA A 103 -4.13 -72.51 -3.63
N ASN A 104 -3.84 -71.81 -4.75
CA ASN A 104 -2.65 -70.97 -4.86
C ASN A 104 -2.76 -69.76 -3.93
N VAL A 105 -3.97 -69.16 -3.81
CA VAL A 105 -4.21 -68.02 -2.92
C VAL A 105 -3.99 -68.47 -1.49
N ARG A 106 -4.60 -69.60 -1.10
CA ARG A 106 -4.44 -70.14 0.25
C ARG A 106 -2.98 -70.51 0.57
N GLU A 107 -2.25 -71.01 -0.41
CA GLU A 107 -0.84 -71.35 -0.22
C GLU A 107 -0.03 -70.06 0.00
N ALA A 108 -0.28 -69.03 -0.82
CA ALA A 108 0.41 -67.74 -0.67
C ALA A 108 0.07 -67.08 0.69
N VAL A 109 -1.21 -67.15 1.11
CA VAL A 109 -1.66 -66.58 2.38
C VAL A 109 -1.00 -67.29 3.56
N GLU A 110 -0.99 -68.63 3.55
CA GLU A 110 -0.42 -69.39 4.64
C GLU A 110 1.09 -69.36 4.71
N SER A 111 1.77 -68.90 3.65
CA SER A 111 3.22 -68.75 3.69
C SER A 111 3.67 -67.65 4.70
N PHE A 112 2.76 -66.78 5.15
CA PHE A 112 3.06 -65.72 6.13
C PHE A 112 2.53 -66.04 7.55
N ALA A 113 1.89 -67.24 7.74
CA ALA A 113 1.31 -67.67 9.01
C ALA A 113 2.33 -67.92 10.13
N GLY A 114 3.61 -68.03 9.79
CA GLY A 114 4.69 -68.26 10.74
C GLY A 114 4.90 -67.14 11.73
N SER A 115 4.46 -65.92 11.37
CA SER A 115 4.54 -64.75 12.24
C SER A 115 3.11 -64.28 12.50
N PRO A 116 2.47 -64.83 13.56
CA PRO A 116 1.06 -64.51 13.83
C PRO A 116 0.70 -63.05 14.09
N LEU A 117 1.63 -62.24 14.61
CA LEU A 117 1.33 -60.83 14.85
C LEU A 117 1.32 -59.99 13.54
N SER A 118 1.80 -60.55 12.41
CA SER A 118 1.81 -59.80 11.15
C SER A 118 0.98 -60.46 10.00
N TYR A 119 0.53 -61.72 10.20
CA TYR A 119 -0.25 -62.50 9.23
C TYR A 119 -1.46 -61.72 8.71
N ARG A 120 -1.65 -61.73 7.38
CA ARG A 120 -2.78 -61.05 6.75
C ARG A 120 -3.82 -62.00 6.16
N PRO A 121 -5.02 -62.06 6.76
CA PRO A 121 -6.10 -62.88 6.17
C PRO A 121 -6.53 -62.36 4.81
N VAL A 122 -6.87 -63.23 3.86
CA VAL A 122 -7.34 -62.81 2.54
C VAL A 122 -8.64 -63.53 2.23
N ALA A 123 -9.72 -62.80 1.99
CA ALA A 123 -11.02 -63.41 1.68
C ALA A 123 -11.04 -63.94 0.26
N ILE A 124 -11.91 -64.93 0.01
CA ILE A 124 -12.08 -65.50 -1.31
C ILE A 124 -13.51 -65.26 -1.75
N ALA A 125 -13.68 -64.54 -2.85
CA ALA A 125 -15.00 -64.16 -3.34
C ALA A 125 -15.27 -64.79 -4.68
N LEU A 126 -16.46 -65.35 -4.85
CA LEU A 126 -16.85 -65.97 -6.10
C LEU A 126 -17.79 -65.03 -6.82
N ASP A 127 -17.45 -64.62 -8.04
CA ASP A 127 -18.32 -63.73 -8.80
C ASP A 127 -19.09 -64.59 -9.80
N THR A 128 -20.42 -64.63 -9.71
CA THR A 128 -21.22 -65.50 -10.57
C THR A 128 -21.34 -65.01 -12.03
N LYS A 129 -21.63 -65.95 -12.96
CA LYS A 129 -21.80 -65.68 -14.38
C LYS A 129 -23.09 -64.88 -14.63
N GLY A 130 -24.13 -65.12 -13.84
CA GLY A 130 -25.38 -64.40 -13.92
C GLY A 130 -26.52 -65.12 -14.62
N PRO A 131 -27.71 -64.49 -14.62
CA PRO A 131 -28.85 -65.12 -15.30
C PRO A 131 -28.84 -64.92 -16.83
N GLY A 132 -29.80 -65.53 -17.51
CA GLY A 132 -29.98 -65.41 -18.95
C GLY A 132 -31.32 -64.77 -19.28
N SER A 133 -32.35 -65.12 -18.46
CA SER A 133 -33.73 -64.62 -18.49
C SER A 133 -34.46 -65.05 -17.20
N GLY A 136 -34.78 -65.97 -13.55
CA GLY A 136 -34.43 -66.89 -12.47
C GLY A 136 -32.95 -67.22 -12.40
N LEU A 137 -32.59 -68.03 -11.39
CA LEU A 137 -31.20 -68.43 -11.19
C LEU A 137 -30.84 -69.48 -12.25
N SER A 138 -29.75 -69.25 -12.98
CA SER A 138 -29.32 -70.18 -14.03
C SER A 138 -28.81 -71.51 -13.45
N GLU A 139 -28.78 -72.57 -14.27
CA GLU A 139 -28.29 -73.87 -13.82
C GLU A 139 -26.79 -73.84 -13.55
N GLN A 140 -26.04 -73.03 -14.31
CA GLN A 140 -24.62 -72.88 -14.10
C GLN A 140 -24.36 -72.15 -12.78
N ASP A 141 -25.18 -71.14 -12.44
CA ASP A 141 -25.05 -70.42 -11.18
C ASP A 141 -25.29 -71.36 -10.02
N VAL A 142 -26.28 -72.26 -10.11
CA VAL A 142 -26.55 -73.23 -9.05
C VAL A 142 -25.32 -74.13 -8.81
N ARG A 143 -24.69 -74.60 -9.89
CA ARG A 143 -23.50 -75.43 -9.80
C ARG A 143 -22.29 -74.68 -9.27
N ASP A 144 -22.11 -73.42 -9.69
CA ASP A 144 -21.00 -72.58 -9.26
C ASP A 144 -21.14 -72.19 -7.79
N LEU A 145 -22.38 -71.91 -7.36
CA LEU A 145 -22.67 -71.58 -5.96
C LEU A 145 -22.37 -72.78 -5.08
N ARG A 146 -22.73 -74.00 -5.54
CA ARG A 146 -22.44 -75.23 -4.81
C ARG A 146 -20.92 -75.45 -4.74
N PHE A 147 -20.18 -75.11 -5.82
CA PHE A 147 -18.73 -75.19 -5.86
C PHE A 147 -18.13 -74.29 -4.75
N GLY A 148 -18.64 -73.06 -4.65
CA GLY A 148 -18.20 -72.09 -3.66
C GLY A 148 -18.37 -72.57 -2.23
N VAL A 149 -19.53 -73.16 -1.91
CA VAL A 149 -19.78 -73.73 -0.59
C VAL A 149 -18.81 -74.88 -0.31
N GLU A 150 -18.61 -75.76 -1.29
CA GLU A 150 -17.69 -76.90 -1.15
C GLU A 150 -16.24 -76.47 -1.00
N HIS A 151 -15.86 -75.34 -1.60
CA HIS A 151 -14.50 -74.83 -1.49
C HIS A 151 -14.31 -73.79 -0.40
N GLY A 152 -15.33 -73.55 0.41
CA GLY A 152 -15.27 -72.62 1.54
C GLY A 152 -15.06 -71.16 1.21
N VAL A 153 -15.73 -70.65 0.16
CA VAL A 153 -15.61 -69.23 -0.18
C VAL A 153 -16.26 -68.37 0.90
N ASP A 154 -15.77 -67.16 1.08
CA ASP A 154 -16.27 -66.26 2.11
C ASP A 154 -17.39 -65.36 1.61
N ILE A 155 -17.31 -64.97 0.33
CA ILE A 155 -18.24 -64.02 -0.26
C ILE A 155 -18.72 -64.47 -1.63
N VAL A 156 -19.92 -64.07 -1.99
CA VAL A 156 -20.46 -64.28 -3.31
C VAL A 156 -20.82 -62.89 -3.89
N PHE A 157 -20.26 -62.54 -5.05
CA PHE A 157 -20.64 -61.32 -5.75
C PHE A 157 -21.69 -61.82 -6.73
N ALA A 158 -22.98 -61.60 -6.43
CA ALA A 158 -24.06 -62.11 -7.26
C ALA A 158 -24.38 -61.20 -8.43
N SER A 159 -24.12 -61.67 -9.66
CA SER A 159 -24.37 -60.88 -10.87
C SER A 159 -25.82 -60.62 -11.18
N PHE A 160 -26.09 -59.45 -11.76
CA PHE A 160 -27.39 -58.98 -12.21
C PHE A 160 -28.54 -59.17 -11.23
N VAL A 161 -28.36 -58.70 -9.98
CA VAL A 161 -29.45 -58.79 -9.01
C VAL A 161 -30.44 -57.68 -9.37
N ARG A 162 -31.72 -58.01 -9.57
CA ARG A 162 -32.71 -56.98 -9.94
C ARG A 162 -33.89 -56.88 -8.98
N LYS A 163 -33.98 -57.76 -7.98
CA LYS A 163 -35.04 -57.72 -6.99
C LYS A 163 -34.67 -58.58 -5.77
N ALA A 164 -35.40 -58.44 -4.64
CA ALA A 164 -35.13 -59.19 -3.43
C ALA A 164 -35.19 -60.70 -3.62
N SER A 165 -36.08 -61.20 -4.51
CA SER A 165 -36.20 -62.64 -4.75
C SER A 165 -34.98 -63.26 -5.44
N ASP A 166 -34.19 -62.44 -6.16
CA ASP A 166 -32.94 -62.92 -6.77
C ASP A 166 -31.93 -63.24 -5.66
N VAL A 167 -31.88 -62.43 -4.60
CA VAL A 167 -31.00 -62.64 -3.46
C VAL A 167 -31.41 -63.91 -2.71
N ALA A 168 -32.74 -64.11 -2.54
CA ALA A 168 -33.28 -65.29 -1.87
C ALA A 168 -32.92 -66.59 -2.63
N ALA A 169 -32.94 -66.54 -3.97
CA ALA A 169 -32.57 -67.69 -4.79
C ALA A 169 -31.09 -68.03 -4.63
N VAL A 170 -30.21 -67.02 -4.54
CA VAL A 170 -28.77 -67.23 -4.34
C VAL A 170 -28.53 -67.83 -2.96
N ARG A 171 -29.23 -67.28 -1.96
CA ARG A 171 -29.17 -67.72 -0.58
C ARG A 171 -29.59 -69.20 -0.47
N ALA A 172 -30.66 -69.58 -1.18
CA ALA A 172 -31.17 -70.95 -1.18
C ALA A 172 -30.19 -71.91 -1.86
N ALA A 173 -29.59 -71.49 -2.98
CA ALA A 173 -28.60 -72.30 -3.70
C ALA A 173 -27.30 -72.53 -2.90
N LEU A 174 -27.03 -71.67 -1.91
CA LEU A 174 -25.86 -71.86 -1.04
C LEU A 174 -26.11 -72.99 0.01
N GLY A 175 -27.39 -73.33 0.24
CA GLY A 175 -27.80 -74.39 1.14
C GLY A 175 -27.60 -74.10 2.61
N PRO A 176 -27.78 -75.14 3.44
CA PRO A 176 -27.62 -74.97 4.89
C PRO A 176 -26.16 -74.78 5.31
N GLU A 177 -25.21 -75.30 4.54
CA GLU A 177 -23.78 -75.17 4.87
C GLU A 177 -23.17 -73.82 4.44
N GLY A 178 -23.89 -73.05 3.62
CA GLY A 178 -23.46 -71.75 3.14
C GLY A 178 -24.14 -70.57 3.82
N HIS A 179 -24.77 -70.81 4.99
CA HIS A 179 -25.47 -69.83 5.83
C HIS A 179 -24.58 -68.60 6.19
N GLY A 180 -23.26 -68.85 6.29
CA GLY A 180 -22.25 -67.87 6.68
C GLY A 180 -21.59 -67.09 5.58
N ILE A 181 -21.81 -67.47 4.31
CA ILE A 181 -21.25 -66.76 3.16
C ILE A 181 -21.96 -65.40 2.97
N LYS A 182 -21.19 -64.31 2.78
CA LYS A 182 -21.77 -62.99 2.57
C LYS A 182 -22.22 -62.84 1.13
N ILE A 183 -23.43 -62.32 0.91
CA ILE A 183 -23.93 -62.08 -0.43
C ILE A 183 -23.88 -60.59 -0.74
N ILE A 184 -23.02 -60.24 -1.68
CA ILE A 184 -22.88 -58.87 -2.15
C ILE A 184 -23.59 -58.81 -3.48
N SER A 185 -24.71 -58.09 -3.54
CA SER A 185 -25.49 -58.00 -4.77
C SER A 185 -24.90 -57.00 -5.77
N LYS A 186 -24.64 -57.47 -7.00
CA LYS A 186 -24.13 -56.61 -8.04
C LYS A 186 -25.28 -55.89 -8.71
N ILE A 187 -25.29 -54.55 -8.68
CA ILE A 187 -26.33 -53.75 -9.33
C ILE A 187 -25.81 -53.36 -10.69
N GLU A 188 -26.38 -53.94 -11.77
CA GLU A 188 -25.87 -53.74 -13.13
C GLU A 188 -26.88 -53.30 -14.16
N ASN A 189 -28.10 -52.98 -13.77
CA ASN A 189 -29.12 -52.56 -14.74
C ASN A 189 -30.14 -51.58 -14.13
N HIS A 190 -31.03 -51.02 -14.98
CA HIS A 190 -32.02 -50.07 -14.53
C HIS A 190 -32.91 -50.62 -13.42
N GLU A 191 -33.32 -51.89 -13.54
CA GLU A 191 -34.20 -52.49 -12.54
C GLU A 191 -33.54 -52.61 -11.17
N GLY A 192 -32.28 -53.03 -11.14
CA GLY A 192 -31.51 -53.13 -9.91
C GLY A 192 -31.38 -51.79 -9.21
N VAL A 193 -31.19 -50.71 -10.00
CA VAL A 193 -31.09 -49.35 -9.46
C VAL A 193 -32.42 -48.92 -8.87
N LYS A 194 -33.51 -49.16 -9.61
CA LYS A 194 -34.84 -48.76 -9.16
C LYS A 194 -35.36 -49.54 -7.95
N ARG A 195 -35.02 -50.83 -7.89
CA ARG A 195 -35.41 -51.67 -6.77
C ARG A 195 -34.29 -51.81 -5.72
N PHE A 196 -33.34 -50.84 -5.70
CA PHE A 196 -32.19 -50.82 -4.80
C PHE A 196 -32.54 -51.05 -3.33
N ASP A 197 -33.50 -50.30 -2.80
CA ASP A 197 -33.87 -50.42 -1.39
C ASP A 197 -34.27 -51.82 -0.96
N GLU A 198 -35.07 -52.52 -1.77
CA GLU A 198 -35.48 -53.88 -1.43
C GLU A 198 -34.32 -54.87 -1.57
N ILE A 199 -33.38 -54.62 -2.49
CA ILE A 199 -32.23 -55.47 -2.67
C ILE A 199 -31.26 -55.31 -1.49
N LEU A 200 -30.98 -54.05 -1.10
CA LEU A 200 -30.08 -53.74 0.01
C LEU A 200 -30.60 -54.36 1.31
N GLU A 201 -31.91 -54.26 1.54
CA GLU A 201 -32.60 -54.80 2.70
CA GLU A 201 -32.60 -54.80 2.71
C GLU A 201 -32.24 -56.27 2.97
N VAL A 202 -32.23 -57.11 1.92
CA VAL A 202 -31.94 -58.53 2.07
C VAL A 202 -30.49 -58.95 1.76
N SER A 203 -29.65 -58.02 1.29
CA SER A 203 -28.27 -58.34 0.95
C SER A 203 -27.33 -58.00 2.10
N ASP A 204 -26.15 -58.60 2.08
CA ASP A 204 -25.11 -58.27 3.05
C ASP A 204 -24.35 -56.99 2.63
N GLY A 205 -24.37 -56.66 1.34
CA GLY A 205 -23.72 -55.51 0.77
C GLY A 205 -24.03 -55.37 -0.70
N ILE A 206 -23.41 -54.38 -1.34
CA ILE A 206 -23.68 -54.06 -2.74
C ILE A 206 -22.39 -53.84 -3.52
N MET A 207 -22.42 -54.16 -4.81
CA MET A 207 -21.32 -53.85 -5.70
C MET A 207 -21.89 -52.97 -6.82
N VAL A 208 -21.28 -51.81 -7.03
CA VAL A 208 -21.67 -50.92 -8.12
C VAL A 208 -20.89 -51.48 -9.30
N ALA A 209 -21.55 -52.34 -10.10
CA ALA A 209 -20.94 -53.04 -11.22
C ALA A 209 -21.05 -52.14 -12.45
N ARG A 210 -20.14 -51.17 -12.56
CA ARG A 210 -20.16 -50.11 -13.55
C ARG A 210 -20.04 -50.54 -15.03
N GLY A 211 -19.39 -51.67 -15.32
CA GLY A 211 -19.24 -52.19 -16.67
C GLY A 211 -20.58 -52.41 -17.35
N ASP A 212 -21.39 -53.32 -16.82
CA ASP A 212 -22.71 -53.58 -17.38
C ASP A 212 -23.65 -52.43 -17.12
N LEU A 213 -23.55 -51.76 -15.95
CA LEU A 213 -24.41 -50.63 -15.63
C LEU A 213 -24.27 -49.51 -16.70
N GLY A 214 -23.05 -49.26 -17.16
CA GLY A 214 -22.74 -48.27 -18.18
C GLY A 214 -23.25 -48.59 -19.58
N ILE A 215 -23.66 -49.85 -19.81
CA ILE A 215 -24.25 -50.32 -21.07
C ILE A 215 -25.79 -50.34 -20.91
N GLU A 216 -26.28 -50.74 -19.73
CA GLU A 216 -27.71 -50.86 -19.45
C GLU A 216 -28.40 -49.51 -19.28
N ILE A 217 -27.70 -48.54 -18.70
CA ILE A 217 -28.20 -47.17 -18.52
C ILE A 217 -27.24 -46.20 -19.24
N PRO A 218 -27.63 -44.95 -19.56
CA PRO A 218 -26.69 -44.02 -20.22
C PRO A 218 -25.40 -43.87 -19.42
N ALA A 219 -24.24 -43.93 -20.10
CA ALA A 219 -22.93 -43.85 -19.45
C ALA A 219 -22.77 -42.62 -18.55
N GLU A 220 -23.32 -41.49 -18.98
CA GLU A 220 -23.26 -40.23 -18.22
C GLU A 220 -24.10 -40.21 -16.94
N LYS A 221 -24.87 -41.28 -16.67
CA LYS A 221 -25.70 -41.38 -15.47
C LYS A 221 -25.11 -42.33 -14.41
N VAL A 222 -24.10 -43.14 -14.77
CA VAL A 222 -23.50 -44.10 -13.85
C VAL A 222 -22.99 -43.45 -12.55
N PHE A 223 -22.35 -42.27 -12.64
CA PHE A 223 -21.86 -41.59 -11.45
C PHE A 223 -22.98 -41.27 -10.45
N LEU A 224 -24.21 -40.99 -10.95
CA LEU A 224 -25.35 -40.70 -10.07
C LEU A 224 -25.73 -41.97 -9.32
N ALA A 225 -25.78 -43.11 -10.03
CA ALA A 225 -26.12 -44.40 -9.45
C ALA A 225 -25.06 -44.82 -8.43
N GLN A 226 -23.77 -44.62 -8.75
CA GLN A 226 -22.67 -44.94 -7.84
C GLN A 226 -22.77 -44.10 -6.54
N LYS A 227 -22.90 -42.78 -6.66
CA LYS A 227 -22.95 -41.91 -5.50
C LYS A 227 -24.21 -42.17 -4.64
N MET A 228 -25.35 -42.45 -5.27
CA MET A 228 -26.60 -42.77 -4.57
C MET A 228 -26.44 -44.09 -3.81
N MET A 229 -25.92 -45.14 -4.47
CA MET A 229 -25.78 -46.44 -3.84
C MET A 229 -24.78 -46.43 -2.71
N ILE A 230 -23.66 -45.73 -2.88
CA ILE A 230 -22.67 -45.62 -1.81
C ILE A 230 -23.26 -44.89 -0.61
N GLY A 231 -23.96 -43.77 -0.85
CA GLY A 231 -24.64 -43.03 0.21
C GLY A 231 -25.63 -43.88 0.98
N ARG A 232 -26.49 -44.64 0.27
CA ARG A 232 -27.49 -45.48 0.91
C ARG A 232 -26.87 -46.63 1.69
N CYS A 233 -25.76 -47.20 1.18
CA CYS A 233 -25.07 -48.28 1.89
C CYS A 233 -24.41 -47.76 3.14
N ASN A 234 -23.82 -46.54 3.06
CA ASN A 234 -23.19 -45.91 4.22
C ASN A 234 -24.25 -45.67 5.32
N LEU A 235 -25.44 -45.23 4.90
CA LEU A 235 -26.57 -44.97 5.79
CA LEU A 235 -26.56 -44.97 5.80
C LEU A 235 -27.04 -46.29 6.43
N ALA A 236 -27.11 -47.36 5.64
CA ALA A 236 -27.53 -48.68 6.14
C ALA A 236 -26.43 -49.40 6.96
N GLY A 237 -25.20 -48.93 6.90
CA GLY A 237 -24.08 -49.57 7.59
C GLY A 237 -23.69 -50.87 6.93
N LYS A 238 -23.89 -50.99 5.60
CA LYS A 238 -23.58 -52.21 4.86
C LYS A 238 -22.47 -51.96 3.85
N PRO A 239 -21.59 -52.95 3.63
CA PRO A 239 -20.47 -52.72 2.68
C PRO A 239 -20.87 -52.40 1.26
N VAL A 240 -20.13 -51.50 0.62
CA VAL A 240 -20.36 -51.14 -0.77
C VAL A 240 -19.02 -51.19 -1.50
N VAL A 241 -19.00 -51.85 -2.66
CA VAL A 241 -17.79 -51.99 -3.48
C VAL A 241 -17.92 -51.14 -4.73
N CYS A 242 -16.88 -50.39 -5.10
CA CYS A 242 -16.88 -49.69 -6.37
C CYS A 242 -16.06 -50.56 -7.34
N ALA A 243 -16.63 -50.91 -8.49
CA ALA A 243 -15.94 -51.80 -9.41
C ALA A 243 -15.91 -51.33 -10.87
N THR A 244 -14.94 -51.88 -11.63
CA THR A 244 -14.74 -51.86 -13.09
C THR A 244 -14.17 -50.59 -13.71
N GLN A 245 -13.05 -50.79 -14.42
CA GLN A 245 -12.29 -49.80 -15.19
C GLN A 245 -11.67 -48.71 -14.35
N MET A 246 -11.43 -48.98 -13.06
CA MET A 246 -10.83 -48.01 -12.16
C MET A 246 -9.41 -47.62 -12.59
N LEU A 247 -8.59 -48.62 -13.00
CA LEU A 247 -7.23 -48.38 -13.49
C LEU A 247 -7.04 -49.11 -14.85
N GLU A 248 -8.08 -49.11 -15.69
CA GLU A 248 -8.11 -49.84 -16.96
C GLU A 248 -6.83 -49.78 -17.81
N SER A 249 -6.29 -48.58 -18.03
CA SER A 249 -5.08 -48.44 -18.85
C SER A 249 -3.86 -49.19 -18.30
N MET A 250 -3.85 -49.51 -16.98
CA MET A 250 -2.77 -50.29 -16.39
C MET A 250 -2.76 -51.77 -16.82
N ILE A 251 -3.74 -52.21 -17.66
CA ILE A 251 -3.72 -53.55 -18.24
C ILE A 251 -2.48 -53.62 -19.19
N THR A 252 -2.16 -52.52 -19.90
CA THR A 252 -1.01 -52.49 -20.80
C THR A 252 0.09 -51.48 -20.41
N LYS A 253 -0.24 -50.45 -19.58
CA LYS A 253 0.73 -49.42 -19.23
C LYS A 253 1.14 -49.45 -17.77
N PRO A 254 2.39 -49.10 -17.43
CA PRO A 254 2.82 -49.17 -16.02
C PRO A 254 2.27 -48.07 -15.09
N ARG A 255 1.74 -46.99 -15.68
CA ARG A 255 1.16 -45.90 -14.91
C ARG A 255 -0.26 -45.64 -15.42
N PRO A 256 -1.18 -45.28 -14.52
CA PRO A 256 -2.56 -45.01 -14.95
C PRO A 256 -2.73 -43.59 -15.52
N THR A 257 -3.91 -43.32 -16.09
CA THR A 257 -4.23 -41.98 -16.55
C THR A 257 -4.66 -41.09 -15.36
N ARG A 258 -4.71 -39.77 -15.59
CA ARG A 258 -5.14 -38.82 -14.58
C ARG A 258 -6.61 -39.04 -14.19
N ALA A 259 -7.45 -39.50 -15.12
CA ALA A 259 -8.85 -39.79 -14.83
C ALA A 259 -8.98 -41.02 -13.92
N GLU A 260 -8.08 -42.01 -14.09
CA GLU A 260 -8.09 -43.24 -13.34
C GLU A 260 -7.71 -43.03 -11.88
N THR A 261 -6.64 -42.27 -11.60
CA THR A 261 -6.28 -42.01 -10.19
C THR A 261 -7.38 -41.19 -9.50
N SER A 262 -7.97 -40.24 -10.24
CA SER A 262 -9.06 -39.41 -9.76
C SER A 262 -10.28 -40.29 -9.43
N ASP A 263 -10.62 -41.27 -10.29
CA ASP A 263 -11.73 -42.17 -10.07
C ASP A 263 -11.56 -43.00 -8.79
N VAL A 264 -10.35 -43.51 -8.54
CA VAL A 264 -10.08 -44.29 -7.34
C VAL A 264 -10.24 -43.40 -6.11
N ALA A 265 -9.64 -42.20 -6.16
CA ALA A 265 -9.73 -41.26 -5.04
C ALA A 265 -11.16 -40.85 -4.77
N ASN A 266 -11.95 -40.63 -5.83
CA ASN A 266 -13.34 -40.22 -5.68
C ASN A 266 -14.23 -41.33 -5.19
N ALA A 267 -13.94 -42.59 -5.50
CA ALA A 267 -14.73 -43.71 -4.97
C ALA A 267 -14.53 -43.76 -3.43
N VAL A 268 -13.27 -43.57 -2.96
CA VAL A 268 -12.97 -43.53 -1.54
C VAL A 268 -13.66 -42.30 -0.89
N LEU A 269 -13.54 -41.11 -1.50
CA LEU A 269 -14.20 -39.91 -0.98
C LEU A 269 -15.71 -40.04 -0.98
N ASP A 270 -16.30 -40.78 -1.93
CA ASP A 270 -17.75 -41.03 -1.96
C ASP A 270 -18.21 -41.83 -0.74
N GLY A 271 -17.36 -42.72 -0.23
CA GLY A 271 -17.64 -43.57 0.92
C GLY A 271 -17.58 -45.06 0.65
N ALA A 272 -16.95 -45.49 -0.46
CA ALA A 272 -16.86 -46.92 -0.78
C ALA A 272 -16.04 -47.67 0.26
N ASP A 273 -16.51 -48.84 0.66
CA ASP A 273 -15.77 -49.68 1.60
C ASP A 273 -14.64 -50.42 0.89
N CYS A 274 -14.89 -50.85 -0.36
CA CYS A 274 -13.91 -51.59 -1.16
C CYS A 274 -13.77 -50.99 -2.54
N ILE A 275 -12.60 -51.16 -3.12
CA ILE A 275 -12.32 -50.79 -4.51
C ILE A 275 -11.82 -52.07 -5.21
N MET A 276 -12.14 -52.23 -6.49
CA MET A 276 -11.83 -53.45 -7.21
C MET A 276 -10.96 -53.27 -8.44
N LEU A 277 -10.21 -54.32 -8.76
CA LEU A 277 -9.41 -54.44 -9.97
C LEU A 277 -9.91 -55.69 -10.70
N SER A 278 -10.25 -55.56 -12.01
CA SER A 278 -10.70 -56.70 -12.82
C SER A 278 -9.57 -57.15 -13.80
N GLY A 279 -9.60 -56.71 -15.06
CA GLY A 279 -8.59 -57.02 -16.06
C GLY A 279 -7.19 -56.58 -15.65
N GLU A 280 -7.09 -55.50 -14.85
CA GLU A 280 -5.82 -54.97 -14.36
C GLU A 280 -5.01 -56.06 -13.64
N THR A 281 -5.70 -56.96 -12.90
CA THR A 281 -5.00 -58.04 -12.17
C THR A 281 -5.20 -59.44 -12.81
N ALA A 282 -6.37 -59.66 -13.44
CA ALA A 282 -6.70 -60.94 -14.05
C ALA A 282 -5.90 -61.25 -15.31
N LYS A 283 -5.74 -60.29 -16.22
CA LYS A 283 -5.06 -60.52 -17.48
C LYS A 283 -3.99 -59.48 -17.85
N GLY A 284 -3.81 -58.45 -17.03
CA GLY A 284 -2.91 -57.36 -17.34
C GLY A 284 -1.44 -57.60 -17.08
N ASN A 285 -0.59 -56.76 -17.67
CA ASN A 285 0.86 -56.88 -17.54
C ASN A 285 1.44 -56.31 -16.25
N PHE A 286 0.64 -55.58 -15.46
CA PHE A 286 1.14 -54.97 -14.23
C PHE A 286 0.20 -55.24 -13.03
N PRO A 287 -0.14 -56.52 -12.71
CA PRO A 287 -1.08 -56.78 -11.60
C PRO A 287 -0.63 -56.28 -10.24
N VAL A 288 0.66 -56.42 -9.91
CA VAL A 288 1.17 -55.98 -8.61
C VAL A 288 1.20 -54.45 -8.54
N GLU A 289 1.58 -53.80 -9.64
CA GLU A 289 1.64 -52.35 -9.72
C GLU A 289 0.22 -51.73 -9.62
N ALA A 290 -0.79 -52.42 -10.15
CA ALA A 290 -2.18 -51.96 -10.08
C ALA A 290 -2.65 -51.99 -8.62
N VAL A 291 -2.28 -53.05 -7.86
CA VAL A 291 -2.63 -53.15 -6.44
C VAL A 291 -1.91 -52.04 -5.66
N LYS A 292 -0.60 -51.86 -5.94
CA LYS A 292 0.20 -50.83 -5.28
C LYS A 292 -0.37 -49.42 -5.53
N MET A 293 -0.86 -49.17 -6.75
CA MET A 293 -1.42 -47.90 -7.13
C MET A 293 -2.72 -47.63 -6.38
N GLN A 294 -3.64 -48.62 -6.31
CA GLN A 294 -4.88 -48.46 -5.55
C GLN A 294 -4.57 -48.24 -4.08
N HIS A 295 -3.56 -48.94 -3.53
CA HIS A 295 -3.16 -48.76 -2.15
C HIS A 295 -2.68 -47.31 -1.91
N ALA A 296 -1.78 -46.80 -2.78
CA ALA A 296 -1.24 -45.45 -2.67
C ALA A 296 -2.33 -44.36 -2.72
N ILE A 297 -3.26 -44.47 -3.70
CA ILE A 297 -4.36 -43.50 -3.85
C ILE A 297 -5.32 -43.56 -2.67
N ALA A 298 -5.75 -44.77 -2.27
CA ALA A 298 -6.71 -44.93 -1.17
C ALA A 298 -6.20 -44.30 0.13
N ARG A 299 -4.91 -44.48 0.44
CA ARG A 299 -4.30 -43.90 1.63
C ARG A 299 -4.41 -42.37 1.61
N GLU A 300 -4.10 -41.75 0.46
CA GLU A 300 -4.17 -40.30 0.28
C GLU A 300 -5.60 -39.83 0.39
N ALA A 301 -6.54 -40.53 -0.25
CA ALA A 301 -7.95 -40.14 -0.24
C ALA A 301 -8.60 -40.28 1.13
N GLU A 302 -8.22 -41.29 1.90
CA GLU A 302 -8.77 -41.46 3.26
C GLU A 302 -8.38 -40.32 4.20
N ALA A 303 -7.16 -39.82 4.09
CA ALA A 303 -6.71 -38.66 4.89
C ALA A 303 -7.45 -37.39 4.49
N ALA A 304 -7.87 -37.28 3.21
CA ALA A 304 -8.61 -36.12 2.71
C ALA A 304 -10.12 -36.16 3.00
N VAL A 305 -10.61 -37.20 3.71
CA VAL A 305 -12.02 -37.31 4.07
C VAL A 305 -12.32 -36.22 5.12
N TYR A 306 -13.43 -35.49 4.94
CA TYR A 306 -13.84 -34.43 5.87
C TYR A 306 -14.67 -35.06 6.99
N HIS A 307 -13.98 -35.69 7.97
CA HIS A 307 -14.62 -36.41 9.08
C HIS A 307 -15.60 -35.60 9.89
N ARG A 308 -15.34 -34.29 10.07
CA ARG A 308 -16.23 -33.42 10.85
C ARG A 308 -17.68 -33.48 10.33
N GLN A 309 -17.85 -33.32 9.01
CA GLN A 309 -19.17 -33.38 8.42
C GLN A 309 -19.66 -34.82 8.34
N LEU A 310 -18.78 -35.74 7.93
CA LEU A 310 -19.13 -37.15 7.76
C LEU A 310 -19.66 -37.80 9.05
N PHE A 311 -18.93 -37.70 10.17
CA PHE A 311 -19.36 -38.25 11.44
C PHE A 311 -20.65 -37.62 11.91
N GLU A 312 -20.78 -36.27 11.82
CA GLU A 312 -22.00 -35.57 12.21
CA GLU A 312 -22.02 -35.63 12.25
C GLU A 312 -23.21 -36.08 11.42
N GLU A 313 -23.05 -36.23 10.08
CA GLU A 313 -24.13 -36.70 9.23
C GLU A 313 -24.48 -38.16 9.45
N LEU A 314 -23.46 -39.02 9.68
CA LEU A 314 -23.71 -40.44 9.96
C LEU A 314 -24.43 -40.57 11.28
N ARG A 315 -24.01 -39.81 12.30
CA ARG A 315 -24.64 -39.80 13.60
C ARG A 315 -26.09 -39.31 13.52
N ARG A 316 -26.34 -38.16 12.86
CA ARG A 316 -27.69 -37.59 12.72
C ARG A 316 -28.63 -38.59 12.06
N ALA A 317 -28.19 -39.19 10.94
CA ALA A 317 -29.00 -40.12 10.16
C ALA A 317 -29.20 -41.51 10.79
N ALA A 318 -28.26 -42.00 11.64
CA ALA A 318 -28.35 -43.34 12.26
C ALA A 318 -29.51 -43.33 13.24
N PRO A 319 -30.50 -44.24 13.10
CA PRO A 319 -31.65 -44.18 14.00
C PRO A 319 -31.31 -44.49 15.44
N LEU A 320 -32.23 -44.10 16.36
CA LEU A 320 -32.05 -44.43 17.77
C LEU A 320 -32.08 -45.96 17.92
N SER A 321 -31.35 -46.50 18.90
CA SER A 321 -31.26 -47.95 19.03
C SER A 321 -31.24 -48.38 20.44
N ARG A 322 -31.90 -49.50 20.74
CA ARG A 322 -31.87 -50.10 22.07
CA ARG A 322 -31.82 -50.06 22.08
C ARG A 322 -30.96 -51.36 22.09
N ASP A 323 -30.14 -51.58 21.03
CA ASP A 323 -29.21 -52.70 20.90
C ASP A 323 -27.90 -52.25 21.53
N PRO A 324 -27.45 -52.92 22.60
CA PRO A 324 -26.20 -52.50 23.28
C PRO A 324 -24.96 -52.47 22.40
N THR A 325 -24.85 -53.33 21.39
CA THR A 325 -23.68 -53.32 20.50
C THR A 325 -23.64 -51.99 19.73
N GLU A 326 -24.80 -51.58 19.20
CA GLU A 326 -24.98 -50.34 18.45
C GLU A 326 -24.72 -49.10 19.33
N VAL A 327 -25.24 -49.14 20.58
CA VAL A 327 -25.04 -48.09 21.55
C VAL A 327 -23.58 -47.97 21.97
N THR A 328 -22.90 -49.10 22.18
CA THR A 328 -21.50 -49.10 22.57
C THR A 328 -20.64 -48.61 21.42
N ALA A 329 -20.97 -48.99 20.19
CA ALA A 329 -20.21 -48.59 18.99
C ALA A 329 -20.17 -47.07 18.81
N ILE A 330 -21.34 -46.37 18.94
CA ILE A 330 -21.34 -44.93 18.77
C ILE A 330 -20.59 -44.25 19.93
N GLY A 331 -20.71 -44.78 21.13
CA GLY A 331 -19.98 -44.25 22.28
C GLY A 331 -18.48 -44.40 22.10
N ALA A 332 -18.03 -45.55 21.58
CA ALA A 332 -16.63 -45.83 21.33
C ALA A 332 -16.06 -44.92 20.24
N VAL A 333 -16.81 -44.69 19.15
CA VAL A 333 -16.33 -43.84 18.06
C VAL A 333 -16.23 -42.37 18.53
N GLU A 334 -17.23 -41.92 19.32
CA GLU A 334 -17.24 -40.59 19.91
C GLU A 334 -16.02 -40.41 20.81
N ALA A 335 -15.75 -41.40 21.66
CA ALA A 335 -14.61 -41.38 22.60
C ALA A 335 -13.28 -41.38 21.85
N ALA A 336 -13.20 -42.14 20.74
CA ALA A 336 -11.98 -42.20 19.92
C ALA A 336 -11.67 -40.83 19.30
N PHE A 337 -12.69 -40.10 18.81
CA PHE A 337 -12.46 -38.78 18.24
C PHE A 337 -12.05 -37.77 19.32
N LYS A 338 -12.60 -37.87 20.54
CA LYS A 338 -12.29 -36.97 21.65
C LYS A 338 -10.82 -36.98 22.07
N CYS A 339 -10.19 -38.15 22.02
CA CYS A 339 -8.79 -38.27 22.44
C CYS A 339 -7.82 -38.52 21.31
N CYS A 340 -8.29 -38.55 20.05
CA CYS A 340 -7.44 -38.87 18.90
C CYS A 340 -6.83 -40.25 19.09
N ALA A 341 -7.68 -41.21 19.50
CA ALA A 341 -7.27 -42.58 19.76
C ALA A 341 -6.62 -43.18 18.53
N ALA A 342 -5.50 -43.87 18.73
CA ALA A 342 -4.79 -44.48 17.61
C ALA A 342 -5.60 -45.67 17.04
N ALA A 343 -6.39 -46.35 17.90
CA ALA A 343 -7.17 -47.48 17.46
C ALA A 343 -8.35 -47.74 18.40
N ILE A 344 -9.32 -48.51 17.91
CA ILE A 344 -10.41 -49.06 18.67
C ILE A 344 -10.17 -50.59 18.53
N ILE A 345 -9.85 -51.26 19.62
CA ILE A 345 -9.61 -52.71 19.60
C ILE A 345 -10.90 -53.35 20.01
N VAL A 346 -11.46 -54.19 19.15
CA VAL A 346 -12.76 -54.83 19.43
C VAL A 346 -12.65 -56.36 19.35
N LEU A 347 -13.33 -57.06 20.27
CA LEU A 347 -13.35 -58.53 20.24
C LEU A 347 -14.62 -58.90 19.49
N THR A 348 -14.49 -59.73 18.46
CA THR A 348 -15.66 -60.11 17.68
C THR A 348 -15.65 -61.56 17.23
N THR A 349 -16.83 -62.18 17.26
CA THR A 349 -16.97 -63.56 16.84
C THR A 349 -17.38 -63.62 15.36
N THR A 350 -18.48 -62.93 15.02
CA THR A 350 -19.04 -62.88 13.67
C THR A 350 -18.55 -61.68 12.83
N GLY A 351 -17.88 -60.72 13.47
CA GLY A 351 -17.44 -59.50 12.84
C GLY A 351 -18.41 -58.34 13.02
N ARG A 352 -19.63 -58.60 13.53
CA ARG A 352 -20.68 -57.61 13.68
C ARG A 352 -20.29 -56.39 14.52
N SER A 353 -19.64 -56.59 15.68
CA SER A 353 -19.23 -55.49 16.53
C SER A 353 -18.25 -54.56 15.82
N ALA A 354 -17.37 -55.12 14.97
CA ALA A 354 -16.42 -54.32 14.20
C ALA A 354 -17.18 -53.55 13.09
N GLN A 355 -18.17 -54.20 12.45
CA GLN A 355 -18.96 -53.58 11.41
C GLN A 355 -19.74 -52.38 11.96
N LEU A 356 -20.32 -52.50 13.17
CA LEU A 356 -21.06 -51.40 13.78
C LEU A 356 -20.13 -50.23 14.16
N LEU A 357 -18.85 -50.50 14.44
CA LEU A 357 -17.90 -49.42 14.70
C LEU A 357 -17.58 -48.71 13.35
N SER A 358 -17.32 -49.51 12.31
CA SER A 358 -16.97 -49.08 10.95
CA SER A 358 -16.97 -49.05 10.97
C SER A 358 -18.02 -48.16 10.32
N ARG A 359 -19.30 -48.39 10.59
CA ARG A 359 -20.37 -47.58 10.01
C ARG A 359 -20.30 -46.09 10.42
N TYR A 360 -19.64 -45.78 11.55
CA TYR A 360 -19.49 -44.39 11.99
C TYR A 360 -18.21 -43.73 11.46
N ARG A 361 -17.46 -44.43 10.59
CA ARG A 361 -16.24 -43.99 9.94
C ARG A 361 -15.25 -43.30 10.88
N PRO A 362 -14.80 -44.00 11.93
CA PRO A 362 -13.79 -43.39 12.81
C PRO A 362 -12.48 -43.14 12.07
N ARG A 363 -11.70 -42.15 12.49
CA ARG A 363 -10.37 -41.96 11.96
C ARG A 363 -9.44 -43.07 12.57
N ALA A 364 -9.72 -43.52 13.81
CA ALA A 364 -8.99 -44.57 14.50
C ALA A 364 -9.21 -45.91 13.80
N ALA A 365 -8.15 -46.70 13.64
CA ALA A 365 -8.23 -48.03 13.04
C ALA A 365 -9.08 -48.93 13.93
N VAL A 366 -9.94 -49.76 13.33
CA VAL A 366 -10.73 -50.70 14.11
C VAL A 366 -10.03 -52.04 14.03
N ILE A 367 -9.28 -52.38 15.08
CA ILE A 367 -8.54 -53.64 15.12
C ILE A 367 -9.47 -54.73 15.66
N ALA A 368 -9.91 -55.65 14.78
CA ALA A 368 -10.84 -56.68 15.19
C ALA A 368 -10.10 -57.99 15.54
N VAL A 369 -10.08 -58.37 16.85
CA VAL A 369 -9.44 -59.60 17.35
C VAL A 369 -10.49 -60.72 17.35
N THR A 370 -10.32 -61.72 16.46
CA THR A 370 -11.29 -62.82 16.31
C THR A 370 -10.62 -64.21 16.24
N ARG A 371 -11.32 -65.22 16.77
CA ARG A 371 -10.86 -66.61 16.65
C ARG A 371 -11.37 -67.23 15.33
N SER A 372 -12.48 -66.68 14.75
CA SER A 372 -13.06 -67.17 13.51
C SER A 372 -12.23 -66.75 12.29
N ALA A 373 -11.65 -67.73 11.59
CA ALA A 373 -10.86 -67.45 10.39
C ALA A 373 -11.76 -66.87 9.27
N GLN A 374 -13.01 -67.36 9.16
CA GLN A 374 -13.94 -66.84 8.18
C GLN A 374 -14.30 -65.38 8.48
N ALA A 375 -14.62 -65.04 9.75
CA ALA A 375 -14.94 -63.66 10.11
C ALA A 375 -13.75 -62.75 9.85
N ALA A 376 -12.52 -63.21 10.14
CA ALA A 376 -11.32 -62.42 9.85
C ALA A 376 -11.21 -62.08 8.36
N ARG A 377 -11.59 -63.01 7.49
CA ARG A 377 -11.56 -62.78 6.05
C ARG A 377 -12.69 -61.88 5.61
N GLN A 378 -13.90 -62.11 6.11
CA GLN A 378 -15.06 -61.34 5.71
C GLN A 378 -15.08 -59.89 6.18
N VAL A 379 -14.40 -59.62 7.27
CA VAL A 379 -14.41 -58.29 7.86
C VAL A 379 -13.62 -57.25 7.01
N HIS A 380 -12.93 -57.70 5.95
CA HIS A 380 -12.26 -56.86 4.95
C HIS A 380 -13.30 -56.08 4.13
N LEU A 381 -14.57 -56.51 4.09
CA LEU A 381 -15.62 -55.80 3.40
C LEU A 381 -15.96 -54.46 4.08
N CYS A 382 -15.62 -54.30 5.38
CA CYS A 382 -15.93 -53.10 6.14
C CYS A 382 -14.74 -52.16 6.21
N ARG A 383 -14.92 -50.91 5.73
CA ARG A 383 -13.83 -49.94 5.74
C ARG A 383 -13.26 -49.68 7.12
N GLY A 384 -11.94 -49.69 7.22
CA GLY A 384 -11.23 -49.39 8.46
C GLY A 384 -11.16 -50.50 9.48
N VAL A 385 -11.57 -51.71 9.09
CA VAL A 385 -11.48 -52.86 9.99
C VAL A 385 -10.24 -53.67 9.62
N PHE A 386 -9.33 -53.85 10.59
CA PHE A 386 -8.09 -54.60 10.44
C PHE A 386 -8.23 -55.90 11.22
N PRO A 387 -8.48 -57.02 10.52
CA PRO A 387 -8.68 -58.30 11.25
C PRO A 387 -7.39 -58.96 11.74
N LEU A 388 -7.44 -59.43 12.99
CA LEU A 388 -6.35 -60.17 13.60
C LEU A 388 -6.85 -61.53 13.98
N LEU A 389 -6.29 -62.59 13.36
CA LEU A 389 -6.71 -63.95 13.67
C LEU A 389 -5.97 -64.46 14.91
N TYR A 390 -6.69 -64.61 16.04
CA TYR A 390 -6.16 -65.03 17.34
C TYR A 390 -5.89 -66.55 17.40
N ARG A 391 -4.60 -66.92 17.52
CA ARG A 391 -4.24 -68.35 17.58
C ARG A 391 -3.43 -68.73 18.84
N GLU A 392 -3.52 -67.90 19.87
CA GLU A 392 -2.80 -68.15 21.11
CA GLU A 392 -2.83 -68.13 21.13
C GLU A 392 -3.63 -69.07 22.04
N PRO A 393 -2.96 -69.76 23.00
CA PRO A 393 -3.68 -70.69 23.88
C PRO A 393 -4.72 -70.02 24.76
N PRO A 394 -5.85 -70.71 25.00
CA PRO A 394 -6.90 -70.09 25.82
C PRO A 394 -6.52 -69.96 27.30
N GLU A 395 -6.93 -68.86 27.95
CA GLU A 395 -6.73 -68.74 29.39
C GLU A 395 -7.86 -69.51 30.06
N ALA A 396 -7.66 -69.97 31.30
CA ALA A 396 -8.66 -70.71 32.05
C ALA A 396 -9.86 -69.83 32.44
N ILE A 397 -9.61 -68.63 33.00
CA ILE A 397 -10.70 -67.74 33.39
C ILE A 397 -11.08 -66.83 32.21
N TRP A 398 -12.37 -66.81 31.82
CA TRP A 398 -12.84 -66.01 30.69
C TRP A 398 -12.39 -64.55 30.74
N ALA A 399 -12.47 -63.91 31.91
CA ALA A 399 -12.00 -62.53 32.07
C ALA A 399 -10.50 -62.39 31.68
N ASP A 400 -9.63 -63.34 32.14
CA ASP A 400 -8.21 -63.36 31.81
C ASP A 400 -7.99 -63.58 30.31
N ASP A 401 -8.85 -64.42 29.70
CA ASP A 401 -8.76 -64.74 28.27
C ASP A 401 -9.11 -63.52 27.41
N VAL A 402 -10.06 -62.68 27.88
CA VAL A 402 -10.49 -61.47 27.20
C VAL A 402 -9.31 -60.50 27.23
N ASP A 403 -8.69 -60.31 28.41
CA ASP A 403 -7.54 -59.43 28.59
CA ASP A 403 -7.54 -59.43 28.59
C ASP A 403 -6.36 -59.81 27.70
N ARG A 404 -6.14 -61.14 27.49
CA ARG A 404 -5.03 -61.55 26.63
C ARG A 404 -5.33 -61.26 25.15
N ARG A 405 -6.60 -61.41 24.73
CA ARG A 405 -6.96 -61.05 23.37
C ARG A 405 -6.78 -59.53 23.12
N VAL A 406 -7.05 -58.73 24.16
CA VAL A 406 -6.90 -57.28 24.11
C VAL A 406 -5.42 -56.92 24.00
N GLN A 407 -4.55 -57.54 24.83
CA GLN A 407 -3.11 -57.34 24.78
C GLN A 407 -2.54 -57.83 23.46
N PHE A 408 -3.13 -58.85 22.84
CA PHE A 408 -2.68 -59.35 21.55
C PHE A 408 -2.89 -58.27 20.48
N GLY A 409 -4.04 -57.57 20.53
CA GLY A 409 -4.39 -56.50 19.62
C GLY A 409 -3.40 -55.37 19.75
N ILE A 410 -3.03 -55.03 21.02
CA ILE A 410 -2.06 -53.98 21.33
C ILE A 410 -0.67 -54.35 20.84
N GLU A 411 -0.22 -55.59 21.09
CA GLU A 411 1.09 -56.03 20.65
C GLU A 411 1.17 -56.10 19.12
N SER A 412 0.11 -56.57 18.44
CA SER A 412 0.09 -56.60 16.98
C SER A 412 0.10 -55.16 16.42
N GLY A 413 -0.62 -54.26 17.09
CA GLY A 413 -0.69 -52.87 16.70
C GLY A 413 0.65 -52.17 16.84
N LYS A 414 1.41 -52.49 17.89
CA LYS A 414 2.72 -51.89 18.10
C LYS A 414 3.69 -52.38 17.02
N LEU A 415 3.66 -53.69 16.74
CA LEU A 415 4.54 -54.30 15.74
C LEU A 415 4.20 -53.78 14.33
N ARG A 416 2.91 -53.60 14.03
CA ARG A 416 2.50 -53.13 12.71
C ARG A 416 2.53 -51.61 12.51
N GLY A 417 2.91 -50.86 13.54
CA GLY A 417 2.99 -49.41 13.44
C GLY A 417 1.73 -48.62 13.78
N PHE A 418 0.60 -49.30 14.04
CA PHE A 418 -0.64 -48.62 14.41
C PHE A 418 -0.49 -47.90 15.75
N LEU A 419 0.24 -48.48 16.71
CA LEU A 419 0.33 -47.95 18.07
C LEU A 419 1.73 -47.71 18.55
N ARG A 420 1.87 -46.77 19.49
CA ARG A 420 3.11 -46.43 20.16
C ARG A 420 2.81 -46.21 21.64
N VAL A 421 3.81 -46.36 22.50
CA VAL A 421 3.67 -46.13 23.94
C VAL A 421 3.21 -44.69 24.18
N GLY A 422 2.21 -44.53 25.04
CA GLY A 422 1.64 -43.21 25.29
C GLY A 422 0.35 -42.93 24.56
N ASP A 423 0.06 -43.71 23.50
CA ASP A 423 -1.20 -43.55 22.75
C ASP A 423 -2.41 -43.95 23.60
N LEU A 424 -3.59 -43.43 23.25
CA LEU A 424 -4.82 -43.84 23.89
C LEU A 424 -5.57 -44.77 22.93
N VAL A 425 -6.15 -45.84 23.46
CA VAL A 425 -6.93 -46.77 22.67
C VAL A 425 -8.28 -46.97 23.32
N ILE A 426 -9.27 -47.28 22.50
CA ILE A 426 -10.59 -47.59 23.01
C ILE A 426 -10.73 -49.08 22.87
N VAL A 427 -11.17 -49.78 23.92
CA VAL A 427 -11.31 -51.25 23.87
C VAL A 427 -12.77 -51.61 24.01
N VAL A 428 -13.29 -52.37 23.05
CA VAL A 428 -14.70 -52.74 23.02
C VAL A 428 -14.84 -54.23 23.22
N THR A 429 -15.52 -54.63 24.31
CA THR A 429 -15.74 -56.05 24.66
C THR A 429 -17.22 -56.26 25.11
N GLY A 430 -17.57 -57.51 25.43
CA GLY A 430 -18.87 -57.89 25.94
C GLY A 430 -18.79 -58.32 27.40
N TRP A 431 -19.95 -58.61 28.01
CA TRP A 431 -20.07 -58.98 29.42
C TRP A 431 -20.04 -60.51 29.66
N ARG A 432 -20.30 -61.28 28.59
CA ARG A 432 -20.32 -62.73 28.64
C ARG A 432 -19.90 -63.32 27.27
N PRO A 433 -19.33 -64.55 27.24
CA PRO A 433 -18.89 -65.13 25.95
C PRO A 433 -20.01 -65.34 24.92
N GLY A 434 -19.64 -65.53 23.67
CA GLY A 434 -20.60 -65.71 22.60
C GLY A 434 -21.00 -64.41 21.93
N SER A 435 -21.40 -64.50 20.67
CA SER A 435 -21.82 -63.39 19.84
CA SER A 435 -21.83 -63.37 19.85
C SER A 435 -23.05 -62.67 20.44
N GLY A 436 -23.17 -61.36 20.17
CA GLY A 436 -24.29 -60.53 20.58
C GLY A 436 -24.27 -59.81 21.91
N TYR A 437 -23.17 -59.88 22.69
CA TYR A 437 -23.16 -59.26 24.01
C TYR A 437 -22.21 -58.11 24.18
N THR A 438 -21.75 -57.47 23.08
CA THR A 438 -20.90 -56.27 23.23
C THR A 438 -21.69 -55.16 23.99
N ASN A 439 -21.07 -54.63 25.04
CA ASN A 439 -21.72 -53.61 25.85
C ASN A 439 -20.71 -52.79 26.69
N ILE A 440 -19.39 -52.98 26.46
CA ILE A 440 -18.39 -52.29 27.24
C ILE A 440 -17.37 -51.55 26.39
N MET A 441 -17.08 -50.33 26.82
CA MET A 441 -16.07 -49.53 26.17
CA MET A 441 -16.11 -49.47 26.17
C MET A 441 -15.14 -49.01 27.25
N ARG A 442 -13.82 -49.25 27.07
CA ARG A 442 -12.82 -48.86 28.04
C ARG A 442 -11.76 -47.96 27.39
N VAL A 443 -11.26 -46.99 28.13
CA VAL A 443 -10.22 -46.09 27.63
C VAL A 443 -8.92 -46.55 28.25
N LEU A 444 -7.96 -46.92 27.40
CA LEU A 444 -6.71 -47.48 27.87
C LEU A 444 -5.51 -46.73 27.33
N SER A 445 -4.50 -46.52 28.18
CA SER A 445 -3.25 -45.87 27.77
CA SER A 445 -3.25 -45.87 27.77
C SER A 445 -2.25 -46.97 27.39
N ILE A 446 -1.57 -46.83 26.26
CA ILE A 446 -0.63 -47.83 25.78
C ILE A 446 0.67 -47.83 26.55
N SER A 447 1.00 -49.03 27.08
CA SER A 447 2.20 -49.40 27.84
C SER A 447 2.38 -48.54 29.08
N ARG B 12 -37.94 -38.92 10.28
CA ARG B 12 -38.86 -39.98 10.68
C ARG B 12 -38.20 -41.36 10.70
N ALA B 13 -37.31 -41.66 9.75
CA ALA B 13 -36.61 -42.94 9.65
C ALA B 13 -35.63 -43.17 10.81
N ASP B 14 -35.04 -42.08 11.34
CA ASP B 14 -34.10 -42.15 12.46
C ASP B 14 -34.80 -42.31 13.85
N VAL B 15 -36.13 -42.39 13.88
CA VAL B 15 -36.89 -42.60 15.11
C VAL B 15 -37.99 -43.69 14.94
N ALA B 16 -38.24 -44.18 13.70
CA ALA B 16 -39.30 -45.14 13.37
C ALA B 16 -39.29 -46.47 14.18
N GLN B 17 -38.11 -47.12 14.30
CA GLN B 17 -38.05 -48.36 15.06
C GLN B 17 -38.26 -48.11 16.53
N LEU B 18 -37.62 -47.06 17.09
CA LEU B 18 -37.81 -46.74 18.50
C LEU B 18 -39.22 -46.25 18.80
N THR B 19 -39.92 -45.67 17.78
CA THR B 19 -41.31 -45.21 17.90
C THR B 19 -42.26 -46.41 17.95
N GLN B 20 -41.98 -47.46 17.17
CA GLN B 20 -42.78 -48.67 17.20
C GLN B 20 -42.58 -49.38 18.53
N GLU B 21 -41.34 -49.40 19.05
CA GLU B 21 -41.01 -50.03 20.33
C GLU B 21 -41.56 -49.29 21.55
N LEU B 22 -41.17 -48.00 21.72
CA LEU B 22 -41.57 -47.21 22.89
C LEU B 22 -42.98 -46.59 22.78
N GLY B 23 -43.48 -46.46 21.56
CA GLY B 23 -44.82 -45.92 21.34
C GLY B 23 -44.87 -44.46 20.99
N THR B 24 -45.95 -44.04 20.34
CA THR B 24 -46.13 -42.65 19.96
C THR B 24 -46.32 -41.77 21.17
N ALA B 25 -46.97 -42.27 22.24
CA ALA B 25 -47.16 -41.47 23.46
C ALA B 25 -45.84 -41.09 24.11
N PHE B 26 -44.84 -41.99 24.07
CA PHE B 26 -43.52 -41.73 24.63
C PHE B 26 -42.88 -40.54 23.90
N PHE B 27 -42.99 -40.52 22.55
CA PHE B 27 -42.39 -39.48 21.74
C PHE B 27 -43.21 -38.18 21.67
N GLN B 28 -44.38 -38.10 22.35
CA GLN B 28 -45.14 -36.86 22.45
C GLN B 28 -44.81 -36.15 23.78
N GLN B 29 -44.33 -36.88 24.81
CA GLN B 29 -43.99 -36.33 26.11
C GLN B 29 -42.60 -35.66 26.08
N GLN B 30 -42.25 -34.95 27.18
CA GLN B 30 -40.98 -34.24 27.47
C GLN B 30 -40.40 -33.44 26.29
N GLN B 31 -41.28 -32.76 25.53
CA GLN B 31 -40.94 -31.95 24.36
C GLN B 31 -40.09 -32.70 23.33
N LEU B 32 -40.29 -34.01 23.20
CA LEU B 32 -39.54 -34.82 22.25
C LEU B 32 -39.79 -34.41 20.81
N PRO B 33 -41.01 -34.05 20.34
CA PRO B 33 -41.15 -33.57 18.95
C PRO B 33 -40.28 -32.34 18.70
N ALA B 34 -40.22 -31.39 19.67
CA ALA B 34 -39.39 -30.18 19.56
C ALA B 34 -37.89 -30.51 19.62
N ALA B 35 -37.52 -31.57 20.31
CA ALA B 35 -36.13 -32.02 20.42
C ALA B 35 -35.59 -32.61 19.12
N MET B 36 -36.48 -33.21 18.30
CA MET B 36 -36.10 -33.80 17.00
C MET B 36 -35.91 -32.75 15.90
N ALA B 37 -36.37 -31.49 16.12
CA ALA B 37 -36.29 -30.43 15.12
C ALA B 37 -34.90 -30.18 14.56
N ASP B 38 -34.83 -29.84 13.28
CA ASP B 38 -33.57 -29.61 12.58
C ASP B 38 -33.00 -28.21 12.77
N THR B 39 -33.84 -27.24 13.17
CA THR B 39 -33.40 -25.87 13.45
C THR B 39 -33.95 -25.41 14.80
N PHE B 40 -33.32 -24.41 15.40
CA PHE B 40 -33.77 -23.83 16.67
C PHE B 40 -35.16 -23.18 16.51
N LEU B 41 -35.41 -22.57 15.36
CA LEU B 41 -36.68 -21.94 15.05
C LEU B 41 -37.79 -22.99 14.98
N GLU B 42 -37.53 -24.13 14.30
CA GLU B 42 -38.49 -25.24 14.22
CA GLU B 42 -38.54 -25.18 14.24
C GLU B 42 -38.74 -25.84 15.61
N HIS B 43 -37.67 -25.89 16.46
CA HIS B 43 -37.70 -26.40 17.83
C HIS B 43 -38.69 -25.54 18.62
N LEU B 44 -38.58 -24.19 18.52
CA LEU B 44 -39.51 -23.28 19.21
C LEU B 44 -40.94 -23.52 18.76
N CYS B 45 -41.17 -23.61 17.43
CA CYS B 45 -42.50 -23.85 16.85
C CYS B 45 -43.12 -25.14 17.32
N LEU B 46 -42.31 -26.15 17.64
CA LEU B 46 -42.82 -27.46 18.07
C LEU B 46 -43.05 -27.58 19.57
N LEU B 47 -42.74 -26.54 20.37
CA LEU B 47 -42.97 -26.60 21.83
C LEU B 47 -44.47 -26.71 22.08
N ASP B 48 -44.87 -27.63 22.96
CA ASP B 48 -46.28 -27.96 23.20
C ASP B 48 -46.59 -27.92 24.67
N ILE B 49 -47.58 -27.11 25.07
CA ILE B 49 -48.01 -27.04 26.48
C ILE B 49 -48.64 -28.37 26.98
N ASP B 50 -49.10 -29.22 26.06
CA ASP B 50 -49.67 -30.52 26.39
C ASP B 50 -48.62 -31.65 26.44
N SER B 51 -47.36 -31.36 26.14
CA SER B 51 -46.27 -32.32 26.20
C SER B 51 -45.73 -32.27 27.63
N GLU B 52 -46.18 -33.20 28.48
CA GLU B 52 -45.81 -33.22 29.89
C GLU B 52 -44.37 -33.64 30.17
N PRO B 53 -43.73 -32.98 31.15
CA PRO B 53 -42.36 -33.40 31.52
C PRO B 53 -42.38 -34.75 32.25
N VAL B 54 -41.44 -35.64 31.93
CA VAL B 54 -41.35 -36.95 32.56
C VAL B 54 -40.09 -37.06 33.45
N ALA B 55 -38.96 -36.53 32.97
CA ALA B 55 -37.70 -36.59 33.70
C ALA B 55 -37.72 -35.89 35.07
N ALA B 56 -36.84 -36.35 35.97
CA ALA B 56 -36.68 -35.75 37.29
C ALA B 56 -36.02 -34.37 37.10
N ARG B 57 -36.38 -33.41 37.95
CA ARG B 57 -35.87 -32.05 37.84
C ARG B 57 -34.39 -32.03 38.11
N SER B 58 -33.62 -31.51 37.17
CA SER B 58 -32.17 -31.53 37.22
C SER B 58 -31.47 -30.23 37.68
N THR B 59 -32.14 -29.07 37.64
CA THR B 59 -31.53 -27.81 38.08
C THR B 59 -31.78 -27.72 39.58
N SER B 60 -30.73 -27.60 40.37
CA SER B 60 -30.89 -27.54 41.81
C SER B 60 -31.48 -26.23 42.28
N ILE B 61 -32.22 -26.31 43.38
CA ILE B 61 -32.83 -25.15 43.97
C ILE B 61 -32.07 -24.82 45.24
N ILE B 62 -31.62 -23.59 45.35
CA ILE B 62 -30.96 -23.10 46.53
C ILE B 62 -31.99 -22.24 47.26
N ALA B 63 -32.30 -22.56 48.53
CA ALA B 63 -33.27 -21.75 49.29
C ALA B 63 -32.55 -21.08 50.45
N THR B 64 -32.72 -19.76 50.60
CA THR B 64 -32.12 -19.05 51.72
C THR B 64 -32.94 -19.34 52.98
N ILE B 65 -32.28 -19.85 54.03
CA ILE B 65 -32.95 -20.20 55.26
C ILE B 65 -32.95 -18.99 56.17
N GLY B 66 -34.12 -18.64 56.67
CA GLY B 66 -34.31 -17.52 57.58
C GLY B 66 -35.54 -17.66 58.45
N PRO B 67 -36.02 -16.52 59.00
CA PRO B 67 -37.18 -16.55 59.92
C PRO B 67 -38.43 -17.32 59.47
N ALA B 68 -38.71 -17.38 58.16
CA ALA B 68 -39.89 -18.08 57.65
C ALA B 68 -39.65 -19.55 57.31
N SER B 69 -38.39 -19.94 57.19
CA SER B 69 -38.05 -21.31 56.79
C SER B 69 -37.18 -22.04 57.82
N ARG B 70 -37.18 -21.60 59.09
CA ARG B 70 -36.26 -22.14 60.10
C ARG B 70 -36.67 -23.37 60.85
N SER B 71 -37.96 -23.55 61.09
CA SER B 71 -38.42 -24.69 61.87
C SER B 71 -38.16 -26.00 61.17
N VAL B 72 -37.84 -27.04 61.94
CA VAL B 72 -37.57 -28.39 61.45
C VAL B 72 -38.74 -28.92 60.61
N GLU B 73 -39.97 -28.69 61.07
CA GLU B 73 -41.19 -29.12 60.38
C GLU B 73 -41.33 -28.44 59.01
N ARG B 74 -41.05 -27.12 58.94
CA ARG B 74 -41.10 -26.33 57.72
C ARG B 74 -39.98 -26.77 56.75
N LEU B 75 -38.78 -27.01 57.28
CA LEU B 75 -37.64 -27.49 56.52
C LEU B 75 -37.89 -28.85 55.89
N LYS B 76 -38.64 -29.72 56.57
CA LYS B 76 -38.99 -31.03 56.01
C LYS B 76 -39.90 -30.84 54.78
N GLU B 77 -40.84 -29.87 54.86
CA GLU B 77 -41.75 -29.54 53.76
CA GLU B 77 -41.73 -29.59 53.74
C GLU B 77 -40.94 -29.00 52.56
N MET B 78 -39.90 -28.18 52.85
CA MET B 78 -39.05 -27.60 51.81
CA MET B 78 -39.06 -27.60 51.81
C MET B 78 -38.17 -28.65 51.14
N ILE B 79 -37.70 -29.65 51.90
CA ILE B 79 -36.92 -30.73 51.34
C ILE B 79 -37.83 -31.56 50.41
N LYS B 80 -39.07 -31.84 50.84
CA LYS B 80 -40.04 -32.58 50.03
C LYS B 80 -40.47 -31.80 48.77
N ALA B 81 -40.54 -30.45 48.86
CA ALA B 81 -40.87 -29.57 47.74
C ALA B 81 -39.73 -29.47 46.70
N GLY B 82 -38.49 -29.78 47.11
CA GLY B 82 -37.37 -29.77 46.18
C GLY B 82 -36.10 -29.02 46.54
N MET B 83 -35.99 -28.44 47.75
CA MET B 83 -34.77 -27.73 48.14
C MET B 83 -33.56 -28.68 48.17
N ASN B 84 -32.46 -28.32 47.49
CA ASN B 84 -31.25 -29.15 47.43
C ASN B 84 -30.11 -28.53 48.21
N ILE B 85 -30.06 -27.19 48.28
CA ILE B 85 -29.00 -26.44 48.96
C ILE B 85 -29.65 -25.40 49.86
N ALA B 86 -29.20 -25.33 51.10
CA ALA B 86 -29.70 -24.37 52.09
C ALA B 86 -28.68 -23.27 52.16
N ARG B 87 -29.09 -22.02 51.89
CA ARG B 87 -28.17 -20.90 51.91
C ARG B 87 -28.31 -20.11 53.21
N LEU B 88 -27.20 -19.79 53.85
CA LEU B 88 -27.21 -19.00 55.08
C LEU B 88 -26.56 -17.69 54.75
N ASN B 89 -27.34 -16.60 54.82
CA ASN B 89 -26.82 -15.30 54.45
C ASN B 89 -26.18 -14.63 55.63
N PHE B 90 -24.84 -14.59 55.64
CA PHE B 90 -24.10 -13.97 56.74
C PHE B 90 -24.09 -12.44 56.71
N SER B 91 -24.89 -11.83 55.83
CA SER B 91 -25.13 -10.39 55.86
C SER B 91 -26.17 -10.07 56.96
N HIS B 92 -26.99 -11.06 57.36
CA HIS B 92 -28.02 -10.95 58.40
C HIS B 92 -27.74 -11.97 59.52
N GLY B 93 -28.46 -11.83 60.63
CA GLY B 93 -28.33 -12.73 61.77
C GLY B 93 -26.99 -12.70 62.48
N SER B 94 -26.74 -13.75 63.24
CA SER B 94 -25.51 -13.90 64.01
C SER B 94 -25.01 -15.35 63.87
N HIS B 95 -23.80 -15.65 64.41
CA HIS B 95 -23.28 -17.01 64.38
C HIS B 95 -24.22 -17.97 65.11
N GLU B 96 -24.77 -17.54 66.25
CA GLU B 96 -25.69 -18.35 67.04
C GLU B 96 -26.97 -18.65 66.25
N TYR B 97 -27.49 -17.64 65.54
CA TYR B 97 -28.69 -17.77 64.74
C TYR B 97 -28.47 -18.76 63.58
N HIS B 98 -27.35 -18.61 62.86
CA HIS B 98 -27.03 -19.48 61.73
C HIS B 98 -26.71 -20.90 62.17
N ALA B 99 -26.10 -21.08 63.36
CA ALA B 99 -25.82 -22.42 63.87
C ALA B 99 -27.11 -23.16 64.17
N GLU B 100 -28.12 -22.44 64.69
CA GLU B 100 -29.41 -23.07 64.98
C GLU B 100 -30.13 -23.46 63.69
N SER B 101 -30.04 -22.60 62.65
CA SER B 101 -30.63 -22.86 61.34
C SER B 101 -29.98 -24.12 60.74
N ILE B 102 -28.63 -24.22 60.79
CA ILE B 102 -27.88 -25.37 60.30
C ILE B 102 -28.30 -26.64 61.01
N ALA B 103 -28.43 -26.59 62.36
CA ALA B 103 -28.83 -27.75 63.14
C ALA B 103 -30.25 -28.20 62.78
N ASN B 104 -31.15 -27.23 62.50
CA ASN B 104 -32.52 -27.54 62.11
C ASN B 104 -32.56 -28.17 60.72
N VAL B 105 -31.71 -27.68 59.80
CA VAL B 105 -31.62 -28.25 58.44
C VAL B 105 -31.13 -29.69 58.56
N ARG B 106 -30.04 -29.93 59.32
CA ARG B 106 -29.50 -31.27 59.53
C ARG B 106 -30.50 -32.22 60.20
N GLU B 107 -31.30 -31.71 61.14
CA GLU B 107 -32.32 -32.52 61.79
C GLU B 107 -33.42 -32.90 60.79
N ALA B 108 -33.86 -31.93 59.95
CA ALA B 108 -34.87 -32.20 58.93
C ALA B 108 -34.34 -33.20 57.87
N VAL B 109 -33.06 -33.05 57.46
CA VAL B 109 -32.43 -33.93 56.49
C VAL B 109 -32.32 -35.35 57.04
N GLU B 110 -31.85 -35.49 58.28
CA GLU B 110 -31.68 -36.81 58.87
C GLU B 110 -32.98 -37.50 59.24
N SER B 111 -34.10 -36.78 59.26
CA SER B 111 -35.39 -37.42 59.50
C SER B 111 -35.81 -38.38 58.36
N PHE B 112 -35.15 -38.28 57.18
CA PHE B 112 -35.43 -39.15 56.03
C PHE B 112 -34.32 -40.20 55.80
N ALA B 113 -33.30 -40.29 56.69
CA ALA B 113 -32.14 -41.21 56.58
C ALA B 113 -32.41 -42.73 56.70
N GLY B 114 -33.62 -43.14 57.04
CA GLY B 114 -33.92 -44.56 57.22
C GLY B 114 -33.83 -45.45 55.99
N SER B 115 -33.73 -44.86 54.78
CA SER B 115 -33.67 -45.63 53.54
C SER B 115 -33.11 -44.78 52.40
N PRO B 116 -32.38 -45.38 51.43
CA PRO B 116 -31.95 -44.59 50.26
C PRO B 116 -33.12 -44.16 49.37
N LEU B 117 -34.32 -44.75 49.55
CA LEU B 117 -35.49 -44.37 48.76
C LEU B 117 -36.13 -43.06 49.27
N SER B 118 -35.93 -42.74 50.56
CA SER B 118 -36.45 -41.52 51.14
C SER B 118 -35.34 -40.48 51.42
N TYR B 119 -34.05 -40.87 51.41
CA TYR B 119 -32.99 -39.93 51.76
C TYR B 119 -32.68 -38.98 50.63
N ARG B 120 -32.47 -37.73 50.98
CA ARG B 120 -32.15 -36.65 50.08
C ARG B 120 -31.09 -35.76 50.77
N PRO B 121 -29.81 -35.86 50.37
CA PRO B 121 -28.79 -35.00 50.98
C PRO B 121 -29.03 -33.54 50.61
N VAL B 122 -28.76 -32.64 51.55
CA VAL B 122 -28.94 -31.21 51.32
C VAL B 122 -27.64 -30.52 51.66
N ALA B 123 -27.06 -29.78 50.71
CA ALA B 123 -25.83 -29.06 50.96
C ALA B 123 -26.08 -27.81 51.80
N ILE B 124 -25.07 -27.37 52.54
CA ILE B 124 -25.16 -26.17 53.35
C ILE B 124 -24.17 -25.17 52.82
N ALA B 125 -24.67 -24.01 52.40
CA ALA B 125 -23.84 -22.99 51.79
C ALA B 125 -23.83 -21.73 52.63
N LEU B 126 -22.65 -21.16 52.84
CA LEU B 126 -22.51 -19.94 53.63
C LEU B 126 -22.28 -18.80 52.66
N ASP B 127 -23.11 -17.78 52.69
CA ASP B 127 -22.96 -16.63 51.82
C ASP B 127 -22.33 -15.52 52.65
N THR B 128 -21.14 -15.06 52.28
CA THR B 128 -20.43 -14.05 53.07
C THR B 128 -21.00 -12.63 52.96
N LYS B 129 -20.72 -11.79 53.96
CA LYS B 129 -21.16 -10.40 53.97
C LYS B 129 -20.43 -9.58 52.89
N GLY B 130 -19.15 -9.87 52.68
CA GLY B 130 -18.38 -9.18 51.65
C GLY B 130 -17.39 -8.17 52.15
N PRO B 131 -16.58 -7.57 51.22
CA PRO B 131 -15.70 -6.49 51.60
C PRO B 131 -16.55 -5.23 51.48
N GLY B 132 -16.14 -4.15 52.12
CA GLY B 132 -16.88 -2.88 51.99
C GLY B 132 -16.11 -1.92 51.12
N SER B 133 -15.61 -0.83 51.68
CA SER B 133 -14.74 0.08 50.90
C SER B 133 -13.35 -0.53 50.85
N GLY B 134 -13.09 -1.54 51.69
CA GLY B 134 -11.78 -2.19 51.74
C GLY B 134 -11.54 -3.06 50.53
N PRO B 135 -10.29 -3.15 50.02
CA PRO B 135 -10.00 -3.92 48.81
C PRO B 135 -9.52 -5.34 49.15
N GLY B 136 -9.76 -5.79 50.38
CA GLY B 136 -9.29 -7.13 50.80
C GLY B 136 -10.33 -7.85 51.62
N LEU B 137 -9.95 -8.98 52.22
CA LEU B 137 -10.92 -9.76 52.98
C LEU B 137 -11.21 -9.08 54.31
N SER B 138 -12.50 -8.84 54.61
CA SER B 138 -12.88 -8.18 55.85
C SER B 138 -12.63 -9.07 57.08
N GLU B 139 -12.55 -8.46 58.27
CA GLU B 139 -12.33 -9.22 59.50
C GLU B 139 -13.54 -10.07 59.86
N GLN B 140 -14.76 -9.59 59.53
CA GLN B 140 -15.98 -10.35 59.76
C GLN B 140 -16.02 -11.57 58.82
N ASP B 141 -15.58 -11.41 57.57
CA ASP B 141 -15.52 -12.52 56.62
C ASP B 141 -14.56 -13.59 57.12
N VAL B 142 -13.41 -13.21 57.68
CA VAL B 142 -12.46 -14.17 58.23
C VAL B 142 -13.11 -15.00 59.36
N ARG B 143 -13.84 -14.33 60.25
CA ARG B 143 -14.52 -15.01 61.35
C ARG B 143 -15.68 -15.90 60.87
N ASP B 144 -16.46 -15.44 59.87
CA ASP B 144 -17.57 -16.20 59.31
C ASP B 144 -17.08 -17.40 58.53
N LEU B 145 -15.97 -17.27 57.81
CA LEU B 145 -15.35 -18.37 57.08
C LEU B 145 -14.84 -19.42 58.04
N ARG B 146 -14.26 -19.00 59.19
CA ARG B 146 -13.80 -19.94 60.21
C ARG B 146 -15.02 -20.65 60.86
N PHE B 147 -16.16 -19.95 61.01
CA PHE B 147 -17.40 -20.52 61.53
C PHE B 147 -17.85 -21.64 60.58
N GLY B 148 -17.81 -21.39 59.28
CA GLY B 148 -18.22 -22.33 58.23
C GLY B 148 -17.42 -23.61 58.27
N VAL B 149 -16.09 -23.50 58.42
CA VAL B 149 -15.21 -24.66 58.54
C VAL B 149 -15.55 -25.46 59.79
N GLU B 150 -15.73 -24.75 60.91
CA GLU B 150 -16.07 -25.39 62.19
C GLU B 150 -17.43 -26.06 62.18
N HIS B 151 -18.37 -25.54 61.40
CA HIS B 151 -19.68 -26.15 61.29
C HIS B 151 -19.86 -27.09 60.09
N GLY B 152 -18.77 -27.37 59.36
CA GLY B 152 -18.77 -28.30 58.25
C GLY B 152 -19.61 -27.92 57.04
N VAL B 153 -19.57 -26.63 56.65
CA VAL B 153 -20.32 -26.20 55.47
C VAL B 153 -19.72 -26.83 54.20
N ASP B 154 -20.55 -27.04 53.18
CA ASP B 154 -20.10 -27.66 51.94
C ASP B 154 -19.66 -26.63 50.91
N ILE B 155 -20.28 -25.45 50.92
CA ILE B 155 -20.04 -24.41 49.91
C ILE B 155 -19.92 -23.04 50.54
N VAL B 156 -19.16 -22.17 49.90
CA VAL B 156 -19.06 -20.77 50.27
C VAL B 156 -19.47 -19.94 49.03
N PHE B 157 -20.48 -19.07 49.18
CA PHE B 157 -20.84 -18.14 48.12
C PHE B 157 -20.09 -16.89 48.53
N ALA B 158 -18.96 -16.60 47.87
CA ALA B 158 -18.11 -15.47 48.23
C ALA B 158 -18.57 -14.17 47.61
N SER B 159 -19.05 -13.22 48.43
CA SER B 159 -19.54 -11.93 47.96
C SER B 159 -18.46 -11.03 47.35
N PHE B 160 -18.86 -10.25 46.34
CA PHE B 160 -18.05 -9.26 45.63
C PHE B 160 -16.64 -9.71 45.24
N VAL B 161 -16.54 -10.84 44.52
CA VAL B 161 -15.25 -11.29 44.02
C VAL B 161 -14.91 -10.43 42.81
N ARG B 162 -13.74 -9.77 42.82
CA ARG B 162 -13.32 -8.84 41.75
C ARG B 162 -12.09 -9.26 40.97
N LYS B 163 -11.33 -10.24 41.49
CA LYS B 163 -10.11 -10.71 40.86
C LYS B 163 -9.70 -12.08 41.46
N ALA B 164 -8.74 -12.76 40.82
CA ALA B 164 -8.27 -14.08 41.29
C ALA B 164 -7.73 -14.07 42.72
N SER B 165 -7.10 -12.95 43.14
CA SER B 165 -6.55 -12.89 44.51
C SER B 165 -7.63 -12.85 45.59
N ASP B 166 -8.85 -12.43 45.25
CA ASP B 166 -9.96 -12.42 46.21
C ASP B 166 -10.34 -13.86 46.56
N VAL B 167 -10.33 -14.76 45.56
CA VAL B 167 -10.71 -16.15 45.81
C VAL B 167 -9.55 -16.83 46.60
N ALA B 168 -8.27 -16.47 46.31
CA ALA B 168 -7.13 -17.00 47.07
C ALA B 168 -7.22 -16.60 48.56
N ALA B 169 -7.69 -15.37 48.86
CA ALA B 169 -7.87 -14.90 50.23
C ALA B 169 -8.95 -15.71 50.95
N VAL B 170 -10.06 -16.04 50.25
CA VAL B 170 -11.13 -16.83 50.84
C VAL B 170 -10.62 -18.25 51.12
N ARG B 171 -9.86 -18.81 50.15
CA ARG B 171 -9.28 -20.13 50.25
CA ARG B 171 -9.29 -20.14 50.27
C ARG B 171 -8.35 -20.21 51.46
N ALA B 172 -7.51 -19.17 51.66
CA ALA B 172 -6.57 -19.10 52.78
C ALA B 172 -7.32 -18.99 54.11
N ALA B 173 -8.38 -18.17 54.19
CA ALA B 173 -9.17 -18.02 55.41
C ALA B 173 -9.93 -19.29 55.79
N LEU B 174 -10.15 -20.21 54.85
CA LEU B 174 -10.79 -21.50 55.17
C LEU B 174 -9.81 -22.46 55.91
N GLY B 175 -8.51 -22.18 55.80
CA GLY B 175 -7.48 -22.96 56.47
C GLY B 175 -7.23 -24.32 55.86
N PRO B 176 -6.39 -25.11 56.52
CA PRO B 176 -6.06 -26.45 55.99
C PRO B 176 -7.22 -27.42 56.07
N GLU B 177 -8.15 -27.23 57.03
CA GLU B 177 -9.30 -28.13 57.19
C GLU B 177 -10.50 -27.80 56.29
N GLY B 178 -10.45 -26.69 55.57
CA GLY B 178 -11.51 -26.30 54.65
C GLY B 178 -11.11 -26.46 53.19
N HIS B 179 -10.20 -27.38 52.90
CA HIS B 179 -9.74 -27.62 51.53
C HIS B 179 -10.84 -28.23 50.64
N GLY B 180 -11.74 -29.00 51.26
CA GLY B 180 -12.84 -29.65 50.55
C GLY B 180 -14.05 -28.78 50.24
N ILE B 181 -14.14 -27.60 50.86
CA ILE B 181 -15.25 -26.67 50.65
C ILE B 181 -15.20 -26.05 49.27
N LYS B 182 -16.33 -26.02 48.55
CA LYS B 182 -16.39 -25.42 47.21
C LYS B 182 -16.53 -23.91 47.31
N ILE B 183 -15.77 -23.18 46.51
CA ILE B 183 -15.86 -21.73 46.49
C ILE B 183 -16.59 -21.27 45.22
N ILE B 184 -17.78 -20.72 45.39
CA ILE B 184 -18.58 -20.20 44.29
C ILE B 184 -18.44 -18.69 44.36
N SER B 185 -17.74 -18.09 43.39
CA SER B 185 -17.52 -16.64 43.40
C SER B 185 -18.75 -15.86 42.92
N LYS B 186 -19.22 -14.90 43.74
CA LYS B 186 -20.34 -14.07 43.35
C LYS B 186 -19.82 -12.90 42.52
N ILE B 187 -20.30 -12.77 41.26
CA ILE B 187 -19.90 -11.66 40.39
C ILE B 187 -20.97 -10.58 40.53
N GLU B 188 -20.63 -9.45 41.16
CA GLU B 188 -21.61 -8.41 41.49
C GLU B 188 -21.24 -7.01 41.05
N ASN B 189 -20.15 -6.84 40.29
CA ASN B 189 -19.78 -5.49 39.84
C ASN B 189 -19.06 -5.49 38.47
N HIS B 190 -18.78 -4.31 37.91
CA HIS B 190 -18.12 -4.19 36.63
C HIS B 190 -16.76 -4.89 36.59
N GLU B 191 -15.97 -4.77 37.67
CA GLU B 191 -14.64 -5.37 37.71
C GLU B 191 -14.71 -6.91 37.67
N GLY B 192 -15.61 -7.50 38.42
CA GLY B 192 -15.83 -8.94 38.43
C GLY B 192 -16.20 -9.46 37.04
N VAL B 193 -17.03 -8.70 36.30
CA VAL B 193 -17.44 -9.07 34.95
C VAL B 193 -16.24 -9.00 34.00
N LYS B 194 -15.48 -7.92 34.09
CA LYS B 194 -14.31 -7.72 33.22
C LYS B 194 -13.17 -8.71 33.48
N ARG B 195 -12.97 -9.08 34.73
CA ARG B 195 -11.93 -10.03 35.11
C ARG B 195 -12.50 -11.46 35.29
N PHE B 196 -13.66 -11.74 34.69
CA PHE B 196 -14.37 -13.02 34.80
C PHE B 196 -13.49 -14.24 34.53
N ASP B 197 -12.75 -14.26 33.42
CA ASP B 197 -11.93 -15.40 33.06
C ASP B 197 -10.93 -15.80 34.13
N GLU B 198 -10.23 -14.81 34.74
CA GLU B 198 -9.27 -15.12 35.79
C GLU B 198 -9.95 -15.58 37.06
N ILE B 199 -11.17 -15.09 37.34
CA ILE B 199 -11.92 -15.50 38.52
C ILE B 199 -12.43 -16.93 38.36
N LEU B 200 -13.00 -17.24 37.19
CA LEU B 200 -13.53 -18.57 36.91
C LEU B 200 -12.42 -19.63 36.98
N GLU B 201 -11.25 -19.30 36.46
CA GLU B 201 -10.10 -20.21 36.46
C GLU B 201 -9.74 -20.73 37.84
N VAL B 202 -9.79 -19.86 38.86
CA VAL B 202 -9.45 -20.26 40.23
C VAL B 202 -10.64 -20.60 41.12
N SER B 203 -11.88 -20.44 40.62
CA SER B 203 -13.07 -20.74 41.42
C SER B 203 -13.60 -22.11 41.10
N ASP B 204 -14.41 -22.66 42.00
CA ASP B 204 -15.10 -23.93 41.72
C ASP B 204 -16.39 -23.69 40.87
N GLY B 205 -16.91 -22.47 40.91
CA GLY B 205 -18.11 -22.08 40.20
C GLY B 205 -18.39 -20.61 40.36
N ILE B 206 -19.52 -20.15 39.80
CA ILE B 206 -19.87 -18.74 39.79
C ILE B 206 -21.33 -18.52 40.16
N MET B 207 -21.62 -17.38 40.78
CA MET B 207 -22.99 -16.98 41.05
C MET B 207 -23.18 -15.64 40.35
N VAL B 208 -24.23 -15.54 39.51
CA VAL B 208 -24.60 -14.27 38.89
C VAL B 208 -25.48 -13.61 39.96
N ALA B 209 -24.88 -12.75 40.80
CA ALA B 209 -25.58 -12.11 41.91
C ALA B 209 -26.19 -10.84 41.34
N ARG B 210 -27.37 -10.96 40.75
CA ARG B 210 -28.06 -9.90 40.00
C ARG B 210 -28.50 -8.66 40.80
N GLY B 211 -28.76 -8.79 42.10
CA GLY B 211 -29.16 -7.67 42.94
C GLY B 211 -28.14 -6.55 42.94
N ASP B 212 -26.89 -6.85 43.39
CA ASP B 212 -25.84 -5.84 43.38
C ASP B 212 -25.37 -5.55 42.00
N LEU B 213 -25.31 -6.55 41.12
CA LEU B 213 -24.88 -6.35 39.73
C LEU B 213 -25.77 -5.30 39.02
N GLY B 214 -27.08 -5.35 39.28
CA GLY B 214 -28.05 -4.41 38.73
C GLY B 214 -27.93 -2.98 39.22
N ILE B 215 -27.18 -2.78 40.32
CA ILE B 215 -26.91 -1.45 40.89
C ILE B 215 -25.53 -0.98 40.43
N GLU B 216 -24.56 -1.90 40.34
CA GLU B 216 -23.19 -1.58 39.94
C GLU B 216 -23.04 -1.29 38.45
N ILE B 217 -23.80 -2.01 37.61
CA ILE B 217 -23.83 -1.78 36.15
C ILE B 217 -25.27 -1.37 35.75
N PRO B 218 -25.49 -0.78 34.55
CA PRO B 218 -26.87 -0.42 34.16
C PRO B 218 -27.78 -1.64 34.21
N ALA B 219 -28.97 -1.49 34.78
CA ALA B 219 -29.93 -2.59 34.92
C ALA B 219 -30.24 -3.31 33.59
N GLU B 220 -30.29 -2.57 32.49
CA GLU B 220 -30.59 -3.13 31.19
C GLU B 220 -29.46 -3.97 30.61
N LYS B 221 -28.28 -4.04 31.28
CA LYS B 221 -27.15 -4.82 30.82
C LYS B 221 -26.97 -6.11 31.61
N VAL B 222 -27.67 -6.31 32.74
CA VAL B 222 -27.54 -7.51 33.58
C VAL B 222 -27.76 -8.79 32.80
N PHE B 223 -28.78 -8.83 31.91
CA PHE B 223 -29.06 -10.03 31.13
C PHE B 223 -27.87 -10.43 30.24
N LEU B 224 -27.07 -9.45 29.74
CA LEU B 224 -25.91 -9.74 28.91
C LEU B 224 -24.84 -10.42 29.74
N ALA B 225 -24.61 -9.91 30.97
CA ALA B 225 -23.63 -10.46 31.90
C ALA B 225 -24.07 -11.86 32.33
N GLN B 226 -25.36 -12.05 32.64
CA GLN B 226 -25.87 -13.37 33.02
C GLN B 226 -25.67 -14.40 31.89
N LYS B 227 -26.08 -14.07 30.65
CA LYS B 227 -25.95 -14.99 29.53
C LYS B 227 -24.49 -15.30 29.18
N MET B 228 -23.62 -14.29 29.25
CA MET B 228 -22.19 -14.46 29.00
C MET B 228 -21.56 -15.38 30.08
N MET B 229 -21.84 -15.12 31.37
CA MET B 229 -21.26 -15.91 32.44
C MET B 229 -21.74 -17.33 32.43
N ILE B 230 -23.03 -17.55 32.17
CA ILE B 230 -23.57 -18.90 32.07
C ILE B 230 -22.92 -19.67 30.91
N GLY B 231 -22.80 -19.03 29.77
CA GLY B 231 -22.15 -19.62 28.60
C GLY B 231 -20.71 -20.01 28.87
N ARG B 232 -19.93 -19.12 29.50
CA ARG B 232 -18.52 -19.40 29.81
C ARG B 232 -18.38 -20.50 30.86
N CYS B 233 -19.29 -20.56 31.84
CA CYS B 233 -19.27 -21.62 32.85
C CYS B 233 -19.61 -22.95 32.22
N ASN B 234 -20.59 -22.98 31.31
CA ASN B 234 -20.99 -24.19 30.58
C ASN B 234 -19.80 -24.69 29.75
N LEU B 235 -19.07 -23.78 29.12
CA LEU B 235 -17.89 -24.11 28.33
C LEU B 235 -16.79 -24.67 29.22
N ALA B 236 -16.57 -24.07 30.41
CA ALA B 236 -15.57 -24.52 31.36
C ALA B 236 -15.97 -25.79 32.12
N GLY B 237 -17.23 -26.17 32.06
CA GLY B 237 -17.73 -27.32 32.80
C GLY B 237 -17.82 -27.05 34.29
N LYS B 238 -18.01 -25.77 34.70
CA LYS B 238 -18.10 -25.40 36.11
C LYS B 238 -19.49 -24.90 36.50
N PRO B 239 -19.95 -25.19 37.73
CA PRO B 239 -21.31 -24.77 38.11
C PRO B 239 -21.57 -23.27 38.08
N VAL B 240 -22.77 -22.89 37.63
CA VAL B 240 -23.18 -21.50 37.61
C VAL B 240 -24.56 -21.40 38.23
N VAL B 241 -24.71 -20.44 39.16
CA VAL B 241 -25.97 -20.20 39.85
C VAL B 241 -26.60 -18.90 39.34
N CYS B 242 -27.90 -18.91 39.08
CA CYS B 242 -28.61 -17.67 38.75
C CYS B 242 -29.32 -17.25 40.03
N ALA B 243 -29.10 -16.01 40.48
CA ALA B 243 -29.67 -15.58 41.74
C ALA B 243 -30.39 -14.23 41.69
N THR B 244 -31.29 -14.01 42.67
CA THR B 244 -31.94 -12.77 43.11
C THR B 244 -33.12 -12.30 42.26
N GLN B 245 -34.26 -12.12 42.95
CA GLN B 245 -35.53 -11.61 42.43
C GLN B 245 -36.18 -12.49 41.41
N MET B 246 -35.86 -13.79 41.40
CA MET B 246 -36.45 -14.71 40.45
C MET B 246 -37.97 -14.83 40.62
N LEU B 247 -38.45 -14.93 41.89
CA LEU B 247 -39.89 -15.01 42.18
C LEU B 247 -40.23 -13.97 43.25
N GLU B 248 -39.59 -12.79 43.20
CA GLU B 248 -39.73 -11.73 44.20
C GLU B 248 -41.15 -11.48 44.73
N SER B 249 -42.14 -11.36 43.86
CA SER B 249 -43.52 -11.09 44.27
C SER B 249 -44.12 -12.19 45.14
N MET B 250 -43.57 -13.41 45.09
CA MET B 250 -44.03 -14.50 45.96
C MET B 250 -43.63 -14.29 47.44
N ILE B 251 -42.90 -13.21 47.78
CA ILE B 251 -42.63 -12.88 49.17
C ILE B 251 -43.98 -12.53 49.85
N THR B 252 -44.92 -11.88 49.11
CA THR B 252 -46.23 -11.53 49.63
C THR B 252 -47.41 -12.19 48.91
N LYS B 253 -47.23 -12.67 47.68
CA LYS B 253 -48.34 -13.26 46.92
C LYS B 253 -48.18 -14.76 46.70
N PRO B 254 -49.28 -15.53 46.66
CA PRO B 254 -49.15 -16.99 46.47
C PRO B 254 -48.78 -17.43 45.05
N ARG B 255 -48.92 -16.53 44.06
CA ARG B 255 -48.57 -16.84 42.67
C ARG B 255 -47.59 -15.76 42.16
N PRO B 256 -46.60 -16.14 41.34
CA PRO B 256 -45.67 -15.14 40.81
C PRO B 256 -46.23 -14.36 39.60
N THR B 257 -45.49 -13.31 39.17
CA THR B 257 -45.87 -12.56 37.98
C THR B 257 -45.43 -13.33 36.70
N ARG B 258 -45.91 -12.90 35.54
CA ARG B 258 -45.56 -13.52 34.26
C ARG B 258 -44.08 -13.34 33.94
N ALA B 259 -43.48 -12.23 34.39
CA ALA B 259 -42.06 -11.96 34.19
C ALA B 259 -41.20 -12.88 35.04
N GLU B 260 -41.68 -13.22 36.24
CA GLU B 260 -40.97 -14.09 37.18
C GLU B 260 -40.90 -15.52 36.73
N THR B 261 -42.02 -16.10 36.25
CA THR B 261 -41.95 -17.48 35.75
C THR B 261 -41.06 -17.56 34.51
N SER B 262 -41.15 -16.54 33.66
CA SER B 262 -40.34 -16.43 32.45
C SER B 262 -38.86 -16.35 32.82
N ASP B 263 -38.49 -15.56 33.83
CA ASP B 263 -37.11 -15.42 34.29
C ASP B 263 -36.52 -16.76 34.78
N VAL B 264 -37.30 -17.55 35.53
CA VAL B 264 -36.86 -18.84 36.01
C VAL B 264 -36.64 -19.78 34.82
N ALA B 265 -37.61 -19.82 33.90
CA ALA B 265 -37.49 -20.68 32.73
C ALA B 265 -36.29 -20.30 31.87
N ASN B 266 -36.06 -18.99 31.71
CA ASN B 266 -34.97 -18.51 30.88
C ASN B 266 -33.63 -18.73 31.52
N ALA B 267 -33.53 -18.74 32.86
CA ALA B 267 -32.24 -19.02 33.51
C ALA B 267 -31.86 -20.48 33.24
N VAL B 268 -32.85 -21.40 33.30
CA VAL B 268 -32.64 -22.81 33.00
C VAL B 268 -32.28 -22.95 31.51
N LEU B 269 -33.04 -22.30 30.61
CA LEU B 269 -32.73 -22.36 29.16
C LEU B 269 -31.35 -21.76 28.85
N ASP B 270 -30.89 -20.77 29.60
CA ASP B 270 -29.57 -20.16 29.41
C ASP B 270 -28.46 -21.17 29.70
N GLY B 271 -28.70 -22.09 30.65
CA GLY B 271 -27.75 -23.12 31.03
C GLY B 271 -27.35 -23.09 32.48
N ALA B 272 -28.13 -22.43 33.35
CA ALA B 272 -27.77 -22.36 34.78
C ALA B 272 -27.85 -23.73 35.43
N ASP B 273 -26.87 -24.06 36.28
CA ASP B 273 -26.89 -25.32 37.02
C ASP B 273 -27.82 -25.22 38.21
N CYS B 274 -27.87 -24.06 38.87
CA CYS B 274 -28.70 -23.83 40.04
C CYS B 274 -29.52 -22.57 39.88
N ILE B 275 -30.68 -22.56 40.53
CA ILE B 275 -31.51 -21.36 40.63
C ILE B 275 -31.71 -21.08 42.13
N MET B 276 -31.81 -19.82 42.52
CA MET B 276 -31.88 -19.45 43.91
C MET B 276 -33.13 -18.68 44.31
N LEU B 277 -33.52 -18.82 45.59
CA LEU B 277 -34.60 -18.12 46.25
C LEU B 277 -33.95 -17.42 47.44
N SER B 278 -34.21 -16.13 47.58
CA SER B 278 -33.66 -15.33 48.67
CA SER B 278 -33.66 -15.33 48.66
C SER B 278 -34.80 -14.98 49.67
N GLY B 279 -35.36 -13.75 49.61
CA GLY B 279 -36.45 -13.30 50.46
C GLY B 279 -37.67 -14.19 50.34
N GLU B 280 -37.85 -14.84 49.17
CA GLU B 280 -38.97 -15.75 48.93
C GLU B 280 -39.05 -16.85 49.98
N THR B 281 -37.89 -17.36 50.44
CA THR B 281 -37.89 -18.41 51.46
C THR B 281 -37.40 -17.94 52.81
N ALA B 282 -36.52 -16.93 52.83
CA ALA B 282 -35.98 -16.39 54.07
C ALA B 282 -37.01 -15.60 54.90
N LYS B 283 -37.79 -14.72 54.27
CA LYS B 283 -38.75 -13.88 54.99
C LYS B 283 -40.18 -13.92 54.48
N GLY B 284 -40.41 -14.54 53.33
CA GLY B 284 -41.72 -14.51 52.69
C GLY B 284 -42.82 -15.30 53.34
N ASN B 285 -44.04 -15.10 52.87
CA ASN B 285 -45.20 -15.81 53.39
C ASN B 285 -45.46 -17.15 52.75
N PHE B 286 -44.79 -17.47 51.62
CA PHE B 286 -45.00 -18.75 50.95
C PHE B 286 -43.66 -19.47 50.61
N PRO B 287 -42.78 -19.74 51.61
CA PRO B 287 -41.48 -20.37 51.28
C PRO B 287 -41.59 -21.72 50.57
N VAL B 288 -42.53 -22.56 50.98
CA VAL B 288 -42.69 -23.88 50.38
C VAL B 288 -43.26 -23.76 48.98
N GLU B 289 -44.23 -22.84 48.78
CA GLU B 289 -44.85 -22.61 47.49
C GLU B 289 -43.82 -22.01 46.49
N ALA B 290 -42.87 -21.18 46.97
CA ALA B 290 -41.82 -20.62 46.13
C ALA B 290 -40.89 -21.74 45.62
N VAL B 291 -40.55 -22.72 46.50
CA VAL B 291 -39.71 -23.87 46.12
C VAL B 291 -40.49 -24.74 45.11
N LYS B 292 -41.78 -24.98 45.37
CA LYS B 292 -42.62 -25.78 44.48
C LYS B 292 -42.74 -25.15 43.11
N MET B 293 -42.83 -23.80 43.05
CA MET B 293 -42.94 -23.06 41.81
C MET B 293 -41.65 -23.15 40.99
N GLN B 294 -40.48 -22.97 41.63
CA GLN B 294 -39.20 -23.13 40.94
C GLN B 294 -39.04 -24.55 40.43
N HIS B 295 -39.48 -25.55 41.23
CA HIS B 295 -39.41 -26.95 40.82
C HIS B 295 -40.26 -27.17 39.55
N ALA B 296 -41.53 -26.69 39.56
CA ALA B 296 -42.44 -26.83 38.44
C ALA B 296 -41.90 -26.19 37.16
N ILE B 297 -41.40 -24.94 37.24
CA ILE B 297 -40.85 -24.23 36.09
C ILE B 297 -39.57 -24.90 35.56
N ALA B 298 -38.63 -25.26 36.45
CA ALA B 298 -37.39 -25.91 36.05
C ALA B 298 -37.64 -27.20 35.27
N ARG B 299 -38.58 -28.07 35.72
CA ARG B 299 -38.90 -29.32 34.99
C ARG B 299 -39.41 -29.01 33.57
N GLU B 300 -40.28 -28.01 33.43
CA GLU B 300 -40.80 -27.63 32.14
C GLU B 300 -39.69 -27.08 31.24
N ALA B 301 -38.82 -26.22 31.79
CA ALA B 301 -37.77 -25.59 31.03
C ALA B 301 -36.67 -26.56 30.63
N GLU B 302 -36.37 -27.57 31.46
CA GLU B 302 -35.35 -28.55 31.11
C GLU B 302 -35.77 -29.39 29.90
N ALA B 303 -37.06 -29.75 29.81
CA ALA B 303 -37.57 -30.52 28.69
C ALA B 303 -37.55 -29.67 27.40
N ALA B 304 -37.67 -28.33 27.51
CA ALA B 304 -37.66 -27.42 26.38
C ALA B 304 -36.24 -27.05 25.91
N VAL B 305 -35.18 -27.59 26.55
CA VAL B 305 -33.80 -27.32 26.13
C VAL B 305 -33.59 -27.99 24.74
N TYR B 306 -32.93 -27.28 23.81
CA TYR B 306 -32.68 -27.82 22.48
C TYR B 306 -31.38 -28.59 22.53
N HIS B 307 -31.40 -29.83 23.05
CA HIS B 307 -30.24 -30.68 23.24
C HIS B 307 -29.42 -30.92 21.99
N ARG B 308 -30.06 -31.04 20.81
CA ARG B 308 -29.36 -31.28 19.55
C ARG B 308 -28.29 -30.21 19.29
N GLN B 309 -28.64 -28.93 19.44
CA GLN B 309 -27.67 -27.87 19.24
C GLN B 309 -26.72 -27.78 20.41
N LEU B 310 -27.25 -27.88 21.64
CA LEU B 310 -26.44 -27.79 22.84
C LEU B 310 -25.30 -28.81 22.89
N PHE B 311 -25.62 -30.10 22.71
CA PHE B 311 -24.62 -31.17 22.74
C PHE B 311 -23.59 -31.00 21.63
N GLU B 312 -24.05 -30.69 20.40
CA GLU B 312 -23.16 -30.45 19.26
C GLU B 312 -22.19 -29.28 19.55
N GLU B 313 -22.70 -28.18 20.11
CA GLU B 313 -21.88 -27.02 20.43
C GLU B 313 -20.93 -27.26 21.59
N LEU B 314 -21.37 -28.01 22.62
CA LEU B 314 -20.50 -28.37 23.76
C LEU B 314 -19.35 -29.26 23.20
N ARG B 315 -19.67 -30.20 22.26
CA ARG B 315 -18.70 -31.09 21.60
C ARG B 315 -17.69 -30.27 20.77
N ARG B 316 -18.17 -29.38 19.90
CA ARG B 316 -17.35 -28.59 18.99
C ARG B 316 -16.40 -27.66 19.77
N ALA B 317 -16.91 -27.01 20.82
CA ALA B 317 -16.11 -26.07 21.59
C ALA B 317 -15.13 -26.70 22.53
N ALA B 318 -15.46 -27.90 23.07
CA ALA B 318 -14.58 -28.54 24.03
C ALA B 318 -13.35 -29.07 23.30
N PRO B 319 -12.16 -28.76 23.83
CA PRO B 319 -10.93 -29.25 23.18
C PRO B 319 -10.74 -30.75 23.35
N LEU B 320 -9.85 -31.34 22.53
CA LEU B 320 -9.52 -32.76 22.64
C LEU B 320 -8.93 -33.04 24.03
N SER B 321 -9.10 -34.28 24.51
CA SER B 321 -8.63 -34.59 25.85
C SER B 321 -7.96 -35.92 25.93
N ARG B 322 -6.88 -35.99 26.71
CA ARG B 322 -6.20 -37.27 26.96
C ARG B 322 -6.53 -37.80 28.38
N ASP B 323 -7.52 -37.19 29.06
CA ASP B 323 -7.94 -37.60 30.40
C ASP B 323 -9.02 -38.66 30.22
N PRO B 324 -8.79 -39.88 30.70
CA PRO B 324 -9.79 -40.94 30.51
C PRO B 324 -11.17 -40.67 31.10
N THR B 325 -11.26 -39.88 32.20
CA THR B 325 -12.55 -39.55 32.80
C THR B 325 -13.36 -38.71 31.81
N GLU B 326 -12.70 -37.73 31.18
CA GLU B 326 -13.29 -36.83 30.20
C GLU B 326 -13.68 -37.59 28.93
N VAL B 327 -12.82 -38.51 28.47
CA VAL B 327 -13.08 -39.32 27.29
C VAL B 327 -14.26 -40.27 27.52
N THR B 328 -14.34 -40.89 28.70
CA THR B 328 -15.41 -41.81 29.03
C THR B 328 -16.73 -41.04 29.16
N ALA B 329 -16.69 -39.82 29.76
CA ALA B 329 -17.89 -39.01 29.95
C ALA B 329 -18.57 -38.66 28.63
N ILE B 330 -17.80 -38.23 27.61
CA ILE B 330 -18.40 -37.89 26.33
C ILE B 330 -18.96 -39.14 25.63
N GLY B 331 -18.26 -40.26 25.73
CA GLY B 331 -18.75 -41.51 25.17
C GLY B 331 -20.03 -41.97 25.85
N ALA B 332 -20.12 -41.85 27.19
CA ALA B 332 -21.29 -42.22 27.96
C ALA B 332 -22.51 -41.34 27.63
N VAL B 333 -22.30 -40.03 27.46
CA VAL B 333 -23.39 -39.11 27.13
C VAL B 333 -23.88 -39.39 25.71
N GLU B 334 -22.96 -39.66 24.76
CA GLU B 334 -23.31 -39.98 23.39
CA GLU B 334 -23.31 -39.98 23.39
C GLU B 334 -24.14 -41.27 23.36
N ALA B 335 -23.71 -42.29 24.13
CA ALA B 335 -24.40 -43.58 24.20
C ALA B 335 -25.79 -43.42 24.82
N ALA B 336 -25.90 -42.57 25.86
CA ALA B 336 -27.17 -42.30 26.50
C ALA B 336 -28.19 -41.66 25.53
N PHE B 337 -27.74 -40.72 24.67
CA PHE B 337 -28.62 -40.10 23.71
C PHE B 337 -29.06 -41.11 22.64
N LYS B 338 -28.17 -42.02 22.20
CA LYS B 338 -28.46 -43.00 21.17
C LYS B 338 -29.60 -43.96 21.52
N CYS B 339 -29.69 -44.35 22.80
CA CYS B 339 -30.72 -45.31 23.22
C CYS B 339 -31.81 -44.71 24.08
N CYS B 340 -31.79 -43.39 24.32
CA CYS B 340 -32.75 -42.72 25.20
C CYS B 340 -32.64 -43.34 26.60
N ALA B 341 -31.40 -43.52 27.08
CA ALA B 341 -31.10 -44.14 28.38
C ALA B 341 -31.81 -43.37 29.46
N ALA B 342 -32.43 -44.11 30.39
CA ALA B 342 -33.15 -43.48 31.48
C ALA B 342 -32.18 -42.82 32.46
N ALA B 343 -30.97 -43.38 32.61
CA ALA B 343 -30.00 -42.84 33.55
C ALA B 343 -28.56 -43.22 33.17
N ILE B 344 -27.59 -42.49 33.72
CA ILE B 344 -26.19 -42.80 33.66
C ILE B 344 -25.82 -42.98 35.14
N ILE B 345 -25.47 -44.20 35.56
CA ILE B 345 -25.09 -44.46 36.95
C ILE B 345 -23.58 -44.38 37.02
N VAL B 346 -23.05 -43.48 37.83
CA VAL B 346 -21.61 -43.26 37.93
C VAL B 346 -21.13 -43.42 39.35
N LEU B 347 -19.95 -44.06 39.50
CA LEU B 347 -19.31 -44.21 40.80
C LEU B 347 -18.38 -43.04 40.94
N THR B 348 -18.42 -42.32 42.08
CA THR B 348 -17.53 -41.18 42.27
C THR B 348 -17.12 -40.99 43.71
N THR B 349 -15.88 -40.52 43.94
CA THR B 349 -15.39 -40.28 45.28
C THR B 349 -15.49 -38.78 45.60
N THR B 350 -15.00 -37.94 44.69
CA THR B 350 -15.03 -36.48 44.86
C THR B 350 -16.21 -35.79 44.15
N GLY B 351 -16.94 -36.52 43.30
CA GLY B 351 -18.01 -35.97 42.49
C GLY B 351 -17.56 -35.59 41.10
N ARG B 352 -16.22 -35.60 40.82
CA ARG B 352 -15.65 -35.18 39.54
C ARG B 352 -16.17 -35.94 38.31
N SER B 353 -16.28 -37.28 38.38
CA SER B 353 -16.78 -38.06 37.25
C SER B 353 -18.23 -37.68 36.91
N ALA B 354 -19.03 -37.38 37.93
CA ALA B 354 -20.42 -36.96 37.72
C ALA B 354 -20.44 -35.54 37.09
N GLN B 355 -19.53 -34.66 37.53
CA GLN B 355 -19.42 -33.31 37.00
C GLN B 355 -19.06 -33.33 35.51
N LEU B 356 -18.12 -34.21 35.10
CA LEU B 356 -17.73 -34.31 33.71
C LEU B 356 -18.85 -34.87 32.83
N LEU B 357 -19.75 -35.68 33.41
CA LEU B 357 -20.90 -36.17 32.65
C LEU B 357 -21.88 -34.98 32.46
N SER B 358 -22.15 -34.26 33.56
CA SER B 358 -23.03 -33.12 33.64
C SER B 358 -22.68 -31.99 32.64
N ARG B 359 -21.38 -31.75 32.35
CA ARG B 359 -20.97 -30.70 31.42
C ARG B 359 -21.47 -30.92 29.98
N TYR B 360 -21.78 -32.17 29.60
CA TYR B 360 -22.31 -32.45 28.26
C TYR B 360 -23.83 -32.39 28.18
N ARG B 361 -24.49 -32.03 29.30
CA ARG B 361 -25.91 -31.85 29.46
C ARG B 361 -26.73 -33.01 28.93
N PRO B 362 -26.52 -34.23 29.45
CA PRO B 362 -27.35 -35.35 28.97
C PRO B 362 -28.81 -35.16 29.40
N ARG B 363 -29.72 -35.72 28.63
CA ARG B 363 -31.12 -35.74 29.02
C ARG B 363 -31.29 -36.84 30.14
N ALA B 364 -30.47 -37.92 30.11
CA ALA B 364 -30.47 -38.98 31.11
C ALA B 364 -30.02 -38.47 32.47
N ALA B 365 -30.69 -38.91 33.55
CA ALA B 365 -30.32 -38.53 34.91
C ALA B 365 -28.96 -39.10 35.26
N VAL B 366 -28.07 -38.30 35.88
CA VAL B 366 -26.77 -38.80 36.28
C VAL B 366 -26.89 -39.20 37.74
N ILE B 367 -27.03 -40.49 38.01
CA ILE B 367 -27.14 -41.01 39.38
C ILE B 367 -25.74 -41.25 39.92
N ALA B 368 -25.29 -40.37 40.84
CA ALA B 368 -23.94 -40.47 41.38
C ALA B 368 -23.91 -41.23 42.69
N VAL B 369 -23.29 -42.44 42.68
CA VAL B 369 -23.14 -43.36 43.81
C VAL B 369 -21.81 -43.10 44.48
N THR B 370 -21.87 -42.61 45.72
CA THR B 370 -20.67 -42.22 46.45
C THR B 370 -20.74 -42.62 47.93
N ARG B 371 -19.58 -42.78 48.55
CA ARG B 371 -19.47 -43.05 50.00
C ARG B 371 -19.24 -41.72 50.77
N SER B 372 -18.80 -40.65 50.07
CA SER B 372 -18.54 -39.36 50.68
C SER B 372 -19.85 -38.58 50.88
N ALA B 373 -20.23 -38.32 52.14
CA ALA B 373 -21.44 -37.54 52.44
C ALA B 373 -21.28 -36.09 51.94
N GLN B 374 -20.07 -35.53 52.04
CA GLN B 374 -19.80 -34.18 51.56
C GLN B 374 -19.94 -34.11 50.03
N ALA B 375 -19.38 -35.09 49.28
CA ALA B 375 -19.50 -35.12 47.83
C ALA B 375 -20.96 -35.27 47.43
N ALA B 376 -21.74 -36.09 48.15
CA ALA B 376 -23.16 -36.24 47.86
C ALA B 376 -23.91 -34.89 47.99
N ARG B 377 -23.50 -34.05 48.95
CA ARG B 377 -24.11 -32.74 49.12
C ARG B 377 -23.63 -31.76 48.05
N GLN B 378 -22.33 -31.76 47.77
CA GLN B 378 -21.76 -30.82 46.81
C GLN B 378 -22.14 -31.09 45.33
N VAL B 379 -22.47 -32.35 44.93
CA VAL B 379 -22.80 -32.60 43.53
C VAL B 379 -24.13 -31.95 43.10
N HIS B 380 -24.92 -31.43 44.08
CA HIS B 380 -26.13 -30.67 43.78
C HIS B 380 -25.78 -29.39 42.96
N LEU B 381 -24.53 -28.93 43.00
CA LEU B 381 -24.10 -27.78 42.21
C LEU B 381 -24.11 -28.08 40.70
N CYS B 382 -24.03 -29.36 40.30
CA CYS B 382 -23.96 -29.80 38.92
C CYS B 382 -25.29 -30.24 38.40
N ARG B 383 -25.77 -29.56 37.33
CA ARG B 383 -27.08 -29.89 36.76
C ARG B 383 -27.21 -31.36 36.36
N GLY B 384 -28.30 -31.97 36.78
CA GLY B 384 -28.63 -33.34 36.39
C GLY B 384 -27.97 -34.43 37.21
N VAL B 385 -27.30 -34.06 38.30
CA VAL B 385 -26.67 -35.05 39.17
C VAL B 385 -27.55 -35.36 40.39
N PHE B 386 -27.93 -36.62 40.55
CA PHE B 386 -28.77 -37.12 41.64
C PHE B 386 -27.89 -37.96 42.57
N PRO B 387 -27.50 -37.38 43.72
CA PRO B 387 -26.59 -38.11 44.62
C PRO B 387 -27.21 -39.25 45.45
N LEU B 388 -26.55 -40.42 45.49
CA LEU B 388 -26.97 -41.57 46.29
C LEU B 388 -25.86 -41.88 47.26
N LEU B 389 -26.12 -41.72 48.55
CA LEU B 389 -25.10 -42.02 49.55
C LEU B 389 -25.10 -43.50 49.91
N TYR B 390 -24.01 -44.21 49.60
CA TYR B 390 -23.82 -45.63 49.87
C TYR B 390 -23.19 -45.74 51.25
N ARG B 391 -23.84 -46.47 52.18
CA ARG B 391 -23.31 -46.58 53.54
C ARG B 391 -22.70 -47.94 53.91
N GLU B 392 -22.82 -48.95 53.02
CA GLU B 392 -22.31 -50.30 53.30
C GLU B 392 -20.80 -50.41 53.41
N PRO B 393 -20.34 -51.32 54.31
CA PRO B 393 -18.90 -51.54 54.43
C PRO B 393 -18.33 -52.21 53.19
N PRO B 394 -17.07 -51.91 52.85
CA PRO B 394 -16.48 -52.50 51.63
C PRO B 394 -16.43 -54.01 51.59
N GLU B 395 -16.65 -54.58 50.41
CA GLU B 395 -16.54 -56.02 50.17
C GLU B 395 -15.04 -56.37 50.12
N ALA B 396 -14.70 -57.65 50.36
CA ALA B 396 -13.31 -58.08 50.33
C ALA B 396 -12.74 -57.94 48.92
N ILE B 397 -13.53 -58.35 47.91
CA ILE B 397 -13.10 -58.22 46.52
C ILE B 397 -13.62 -56.88 45.99
N TRP B 398 -12.69 -55.99 45.59
CA TRP B 398 -13.01 -54.66 45.06
C TRP B 398 -14.01 -54.71 43.91
N ALA B 399 -13.84 -55.63 42.94
CA ALA B 399 -14.79 -55.78 41.84
C ALA B 399 -16.23 -56.07 42.33
N ASP B 400 -16.37 -56.87 43.40
CA ASP B 400 -17.68 -57.17 43.98
C ASP B 400 -18.29 -55.95 44.65
N ASP B 401 -17.46 -55.12 45.27
CA ASP B 401 -17.88 -53.92 45.95
C ASP B 401 -18.48 -52.92 44.92
N VAL B 402 -17.76 -52.73 43.80
CA VAL B 402 -18.15 -51.88 42.68
C VAL B 402 -19.49 -52.36 42.14
N ASP B 403 -19.62 -53.68 41.88
CA ASP B 403 -20.86 -54.28 41.39
C ASP B 403 -22.03 -54.09 42.36
N ARG B 404 -21.78 -54.17 43.68
CA ARG B 404 -22.84 -53.94 44.66
C ARG B 404 -23.31 -52.50 44.60
N ARG B 405 -22.36 -51.56 44.47
CA ARG B 405 -22.68 -50.13 44.37
C ARG B 405 -23.49 -49.84 43.09
N VAL B 406 -23.13 -50.47 41.98
CA VAL B 406 -23.86 -50.31 40.72
C VAL B 406 -25.29 -50.81 40.88
N GLN B 407 -25.46 -52.02 41.45
CA GLN B 407 -26.77 -52.62 41.68
C GLN B 407 -27.60 -51.82 42.66
N PHE B 408 -26.97 -51.17 43.64
CA PHE B 408 -27.62 -50.30 44.62
C PHE B 408 -28.28 -49.13 43.88
N GLY B 409 -27.56 -48.54 42.92
CA GLY B 409 -28.03 -47.43 42.10
C GLY B 409 -29.17 -47.85 41.20
N ILE B 410 -29.10 -49.09 40.65
CA ILE B 410 -30.16 -49.62 39.80
C ILE B 410 -31.42 -49.90 40.59
N GLU B 411 -31.28 -50.54 41.76
CA GLU B 411 -32.43 -50.85 42.59
C GLU B 411 -33.06 -49.60 43.16
N SER B 412 -32.25 -48.62 43.60
CA SER B 412 -32.79 -47.35 44.09
C SER B 412 -33.48 -46.59 42.93
N GLY B 413 -32.89 -46.66 41.74
CA GLY B 413 -33.46 -46.04 40.55
C GLY B 413 -34.79 -46.64 40.15
N LYS B 414 -34.95 -47.96 40.30
CA LYS B 414 -36.20 -48.64 39.97
C LYS B 414 -37.30 -48.28 40.98
N LEU B 415 -36.92 -48.24 42.26
CA LEU B 415 -37.85 -47.92 43.34
C LEU B 415 -38.22 -46.43 43.39
N ARG B 416 -37.34 -45.52 42.92
CA ARG B 416 -37.64 -44.10 42.86
C ARG B 416 -38.35 -43.70 41.54
N GLY B 417 -38.55 -44.64 40.62
CA GLY B 417 -39.20 -44.35 39.36
C GLY B 417 -38.29 -43.88 38.22
N PHE B 418 -36.99 -43.56 38.49
CA PHE B 418 -36.05 -43.16 37.43
C PHE B 418 -35.93 -44.30 36.41
N LEU B 419 -35.95 -45.55 36.86
CA LEU B 419 -35.76 -46.69 36.00
C LEU B 419 -36.94 -47.61 35.98
N ARG B 420 -37.16 -48.21 34.82
CA ARG B 420 -38.24 -49.15 34.57
C ARG B 420 -37.69 -50.38 33.86
N VAL B 421 -38.41 -51.51 33.98
CA VAL B 421 -38.02 -52.73 33.26
C VAL B 421 -38.07 -52.48 31.75
N GLY B 422 -37.00 -52.87 31.07
CA GLY B 422 -36.85 -52.65 29.63
C GLY B 422 -35.98 -51.45 29.31
N ASP B 423 -35.75 -50.55 30.29
CA ASP B 423 -34.92 -49.37 30.09
C ASP B 423 -33.46 -49.76 29.89
N LEU B 424 -32.71 -48.88 29.24
CA LEU B 424 -31.28 -49.04 29.09
C LEU B 424 -30.63 -48.02 30.03
N VAL B 425 -29.57 -48.43 30.70
CA VAL B 425 -28.84 -47.54 31.61
C VAL B 425 -27.35 -47.59 31.18
N ILE B 426 -26.64 -46.49 31.38
CA ILE B 426 -25.22 -46.43 31.07
C ILE B 426 -24.53 -46.44 32.41
N VAL B 427 -23.51 -47.29 32.61
CA VAL B 427 -22.81 -47.38 33.90
C VAL B 427 -21.37 -46.94 33.73
N VAL B 428 -20.93 -45.97 34.49
CA VAL B 428 -19.58 -45.41 34.39
C VAL B 428 -18.76 -45.73 35.68
N THR B 429 -17.68 -46.51 35.55
CA THR B 429 -16.79 -46.93 36.67
C THR B 429 -15.30 -46.77 36.24
N GLY B 430 -14.38 -47.06 37.16
CA GLY B 430 -12.95 -47.02 36.88
C GLY B 430 -12.31 -48.40 36.93
N TRP B 431 -11.02 -48.46 36.62
CA TRP B 431 -10.29 -49.72 36.56
C TRP B 431 -9.57 -50.12 37.88
N ARG B 432 -9.41 -49.17 38.79
CA ARG B 432 -8.78 -49.39 40.07
C ARG B 432 -9.40 -48.46 41.14
N PRO B 433 -9.27 -48.77 42.45
CA PRO B 433 -9.85 -47.86 43.46
C PRO B 433 -9.20 -46.49 43.50
N GLY B 434 -9.85 -45.54 44.18
CA GLY B 434 -9.34 -44.20 44.31
C GLY B 434 -9.84 -43.24 43.23
N SER B 435 -9.81 -41.96 43.55
CA SER B 435 -10.22 -40.89 42.68
C SER B 435 -9.28 -40.75 41.45
N GLY B 436 -9.88 -40.36 40.31
CA GLY B 436 -9.14 -40.10 39.07
C GLY B 436 -8.97 -41.23 38.07
N TYR B 437 -9.59 -42.40 38.29
CA TYR B 437 -9.36 -43.53 37.36
C TYR B 437 -10.56 -43.99 36.55
N THR B 438 -11.62 -43.17 36.43
CA THR B 438 -12.78 -43.52 35.62
C THR B 438 -12.38 -43.72 34.16
N ASN B 439 -12.76 -44.85 33.58
CA ASN B 439 -12.41 -45.16 32.21
C ASN B 439 -13.32 -46.21 31.58
N ILE B 440 -14.42 -46.60 32.23
CA ILE B 440 -15.28 -47.66 31.73
C ILE B 440 -16.72 -47.21 31.56
N MET B 441 -17.32 -47.58 30.45
CA MET B 441 -18.71 -47.29 30.20
CA MET B 441 -18.70 -47.28 30.12
C MET B 441 -19.38 -48.61 29.74
N ARG B 442 -20.46 -48.98 30.42
CA ARG B 442 -21.18 -50.21 30.13
C ARG B 442 -22.64 -49.93 29.82
N VAL B 443 -23.22 -50.66 28.88
CA VAL B 443 -24.62 -50.52 28.53
C VAL B 443 -25.35 -51.69 29.17
N LEU B 444 -26.28 -51.40 30.08
CA LEU B 444 -27.03 -52.45 30.78
CA LEU B 444 -27.01 -52.44 30.80
C LEU B 444 -28.53 -52.35 30.57
N SER B 445 -29.21 -53.50 30.39
CA SER B 445 -30.66 -53.51 30.20
C SER B 445 -31.32 -53.81 31.55
N ILE B 446 -32.38 -53.07 31.89
CA ILE B 446 -33.06 -53.25 33.17
C ILE B 446 -34.05 -54.42 33.15
N SER B 447 -33.88 -55.37 34.05
CA SER B 447 -34.78 -56.52 34.12
C SER B 447 -35.59 -56.56 35.45
N GLU C 21 -49.42 -23.05 -10.65
CA GLU C 21 -48.26 -23.71 -10.06
C GLU C 21 -47.35 -24.42 -11.11
N LEU C 22 -46.14 -24.83 -10.70
CA LEU C 22 -45.18 -25.46 -11.62
C LEU C 22 -45.42 -26.96 -11.84
N GLY C 23 -46.07 -27.62 -10.88
CA GLY C 23 -46.40 -29.04 -10.99
C GLY C 23 -45.42 -29.98 -10.32
N THR C 24 -45.88 -31.21 -10.03
CA THR C 24 -45.02 -32.22 -9.40
C THR C 24 -43.92 -32.69 -10.35
N ALA C 25 -44.20 -32.74 -11.66
CA ALA C 25 -43.21 -33.15 -12.67
C ALA C 25 -42.01 -32.21 -12.68
N PHE C 26 -42.25 -30.90 -12.49
CA PHE C 26 -41.17 -29.90 -12.44
C PHE C 26 -40.22 -30.20 -11.28
N PHE C 27 -40.78 -30.54 -10.11
CA PHE C 27 -39.98 -30.80 -8.92
C PHE C 27 -39.37 -32.21 -8.86
N GLN C 28 -39.61 -33.05 -9.88
CA GLN C 28 -38.96 -34.37 -9.98
C GLN C 28 -37.74 -34.31 -10.94
N GLN C 29 -37.71 -33.31 -11.87
CA GLN C 29 -36.61 -33.09 -12.80
C GLN C 29 -35.44 -32.37 -12.13
N GLN C 30 -34.28 -32.28 -12.85
CA GLN C 30 -33.01 -31.63 -12.51
C GLN C 30 -32.55 -31.85 -11.06
N GLN C 31 -32.70 -33.08 -10.56
CA GLN C 31 -32.33 -33.51 -9.20
C GLN C 31 -32.89 -32.60 -8.10
N LEU C 32 -34.09 -32.03 -8.31
CA LEU C 32 -34.71 -31.15 -7.33
C LEU C 32 -35.03 -31.87 -6.01
N PRO C 33 -35.50 -33.16 -5.96
CA PRO C 33 -35.66 -33.82 -4.66
C PRO C 33 -34.34 -33.88 -3.87
N ALA C 34 -33.19 -34.18 -4.55
CA ALA C 34 -31.86 -34.21 -3.92
C ALA C 34 -31.38 -32.82 -3.51
N ALA C 35 -31.83 -31.77 -4.22
CA ALA C 35 -31.48 -30.38 -3.90
C ALA C 35 -32.15 -29.89 -2.62
N MET C 36 -33.36 -30.42 -2.30
CA MET C 36 -34.10 -30.05 -1.09
C MET C 36 -33.52 -30.68 0.19
N ALA C 37 -32.65 -31.70 0.07
CA ALA C 37 -32.11 -32.44 1.21
C ALA C 37 -31.43 -31.59 2.26
N ASP C 38 -31.59 -31.97 3.53
CA ASP C 38 -31.04 -31.23 4.66
C ASP C 38 -29.58 -31.55 4.97
N THR C 39 -29.06 -32.68 4.47
CA THR C 39 -27.65 -33.04 4.62
C THR C 39 -27.06 -33.47 3.28
N PHE C 40 -25.75 -33.39 3.14
CA PHE C 40 -25.06 -33.83 1.93
C PHE C 40 -25.26 -35.34 1.69
N LEU C 41 -25.27 -36.11 2.78
CA LEU C 41 -25.48 -37.56 2.75
C LEU C 41 -26.88 -37.89 2.22
N GLU C 42 -27.92 -37.17 2.70
CA GLU C 42 -29.31 -37.32 2.23
CA GLU C 42 -29.27 -37.39 2.21
C GLU C 42 -29.41 -36.92 0.75
N HIS C 43 -28.67 -35.87 0.36
CA HIS C 43 -28.61 -35.34 -1.00
C HIS C 43 -28.10 -36.45 -1.92
N LEU C 44 -27.00 -37.14 -1.54
CA LEU C 44 -26.46 -38.26 -2.32
C LEU C 44 -27.49 -39.37 -2.46
N CYS C 45 -28.14 -39.75 -1.35
CA CYS C 45 -29.15 -40.81 -1.33
C CYS C 45 -30.34 -40.50 -2.23
N LEU C 46 -30.66 -39.22 -2.42
CA LEU C 46 -31.80 -38.80 -3.24
C LEU C 46 -31.47 -38.62 -4.73
N LEU C 47 -30.21 -38.82 -5.15
CA LEU C 47 -29.86 -38.69 -6.57
C LEU C 47 -30.61 -39.76 -7.37
N ASP C 48 -31.25 -39.37 -8.46
CA ASP C 48 -32.10 -40.26 -9.25
C ASP C 48 -31.68 -40.27 -10.72
N ILE C 49 -31.37 -41.45 -11.25
CA ILE C 49 -31.00 -41.59 -12.67
C ILE C 49 -32.17 -41.24 -13.61
N ASP C 50 -33.41 -41.27 -13.12
CA ASP C 50 -34.58 -40.91 -13.91
C ASP C 50 -34.93 -39.43 -13.84
N SER C 51 -34.22 -38.64 -13.02
CA SER C 51 -34.45 -37.20 -12.90
C SER C 51 -33.62 -36.52 -14.00
N GLU C 52 -34.28 -36.17 -15.11
CA GLU C 52 -33.63 -35.59 -16.28
C GLU C 52 -33.17 -34.15 -16.10
N PRO C 53 -31.99 -33.81 -16.65
CA PRO C 53 -31.55 -32.42 -16.58
C PRO C 53 -32.37 -31.51 -17.51
N VAL C 54 -32.73 -30.31 -17.04
CA VAL C 54 -33.51 -29.39 -17.84
C VAL C 54 -32.69 -28.16 -18.21
N ALA C 55 -31.87 -27.67 -17.27
CA ALA C 55 -31.06 -26.48 -17.52
C ALA C 55 -30.00 -26.67 -18.63
N ALA C 56 -29.61 -25.55 -19.27
CA ALA C 56 -28.56 -25.58 -20.29
C ALA C 56 -27.22 -25.88 -19.56
N ARG C 57 -26.33 -26.60 -20.24
CA ARG C 57 -25.02 -26.98 -19.72
C ARG C 57 -24.19 -25.73 -19.42
N SER C 58 -23.74 -25.58 -18.20
CA SER C 58 -23.06 -24.39 -17.75
C SER C 58 -21.51 -24.48 -17.65
N THR C 59 -20.91 -25.69 -17.62
CA THR C 59 -19.45 -25.85 -17.56
C THR C 59 -18.95 -25.80 -18.99
N SER C 60 -18.09 -24.82 -19.33
CA SER C 60 -17.60 -24.71 -20.70
C SER C 60 -16.65 -25.81 -21.09
N ILE C 61 -16.70 -26.17 -22.37
CA ILE C 61 -15.84 -27.19 -22.90
C ILE C 61 -14.75 -26.53 -23.74
N ILE C 62 -13.49 -26.84 -23.41
CA ILE C 62 -12.37 -26.34 -24.17
C ILE C 62 -11.89 -27.50 -25.01
N ALA C 63 -11.84 -27.31 -26.35
CA ALA C 63 -11.37 -28.39 -27.20
C ALA C 63 -10.08 -27.98 -27.87
N THR C 64 -9.07 -28.85 -27.83
CA THR C 64 -7.80 -28.55 -28.50
C THR C 64 -7.95 -28.79 -30.00
N ILE C 65 -7.69 -27.76 -30.79
CA ILE C 65 -7.77 -27.84 -32.24
C ILE C 65 -6.45 -28.30 -32.83
N GLY C 66 -6.47 -29.41 -33.57
CA GLY C 66 -5.29 -29.98 -34.20
C GLY C 66 -5.63 -30.68 -35.51
N PRO C 67 -4.78 -31.61 -35.97
CA PRO C 67 -5.05 -32.30 -37.24
C PRO C 67 -6.46 -32.89 -37.39
N ALA C 68 -6.96 -33.56 -36.32
CA ALA C 68 -8.28 -34.22 -36.31
C ALA C 68 -9.45 -33.27 -36.21
N SER C 69 -9.22 -31.95 -36.03
CA SER C 69 -10.34 -31.03 -35.86
C SER C 69 -10.18 -29.68 -36.53
N ARG C 70 -9.21 -29.51 -37.42
CA ARG C 70 -8.91 -28.24 -38.13
C ARG C 70 -9.92 -27.76 -39.15
N SER C 71 -10.55 -28.69 -39.88
CA SER C 71 -11.41 -28.33 -41.00
C SER C 71 -12.65 -27.56 -40.58
N VAL C 72 -13.07 -26.59 -41.40
CA VAL C 72 -14.23 -25.75 -41.16
C VAL C 72 -15.48 -26.59 -40.91
N GLU C 73 -15.67 -27.65 -41.72
CA GLU C 73 -16.81 -28.55 -41.58
C GLU C 73 -16.82 -29.31 -40.26
N ARG C 74 -15.64 -29.80 -39.84
CA ARG C 74 -15.46 -30.51 -38.57
C ARG C 74 -15.68 -29.54 -37.38
N LEU C 75 -15.14 -28.32 -37.50
CA LEU C 75 -15.31 -27.27 -36.48
C LEU C 75 -16.76 -26.87 -36.29
N LYS C 76 -17.57 -26.89 -37.36
CA LYS C 76 -19.00 -26.58 -37.25
C LYS C 76 -19.71 -27.65 -36.43
N GLU C 77 -19.32 -28.91 -36.63
CA GLU C 77 -19.88 -30.02 -35.88
C GLU C 77 -19.48 -29.93 -34.40
N MET C 78 -18.23 -29.47 -34.12
CA MET C 78 -17.76 -29.32 -32.75
CA MET C 78 -17.76 -29.32 -32.75
C MET C 78 -18.46 -28.17 -32.02
N ILE C 79 -18.79 -27.08 -32.76
CA ILE C 79 -19.52 -25.96 -32.19
C ILE C 79 -20.93 -26.44 -31.82
N LYS C 80 -21.57 -27.22 -32.73
CA LYS C 80 -22.90 -27.78 -32.49
C LYS C 80 -22.92 -28.82 -31.35
N ALA C 81 -21.83 -29.56 -31.19
CA ALA C 81 -21.70 -30.52 -30.11
C ALA C 81 -21.49 -29.84 -28.71
N GLY C 82 -21.02 -28.59 -28.70
CA GLY C 82 -20.84 -27.86 -27.46
C GLY C 82 -19.52 -27.15 -27.18
N MET C 83 -18.55 -27.18 -28.11
CA MET C 83 -17.26 -26.51 -27.89
C MET C 83 -17.46 -25.00 -27.69
N ASN C 84 -16.92 -24.45 -26.58
CA ASN C 84 -17.05 -23.02 -26.28
C ASN C 84 -15.73 -22.27 -26.48
N ILE C 85 -14.60 -22.96 -26.25
CA ILE C 85 -13.26 -22.41 -26.35
C ILE C 85 -12.40 -23.34 -27.18
N ALA C 86 -11.70 -22.77 -28.17
CA ALA C 86 -10.76 -23.51 -29.03
C ALA C 86 -9.37 -23.28 -28.49
N ARG C 87 -8.67 -24.35 -28.12
CA ARG C 87 -7.31 -24.26 -27.59
C ARG C 87 -6.30 -24.59 -28.67
N LEU C 88 -5.28 -23.73 -28.81
CA LEU C 88 -4.19 -23.95 -29.76
C LEU C 88 -2.95 -24.23 -28.98
N ASN C 89 -2.42 -25.45 -29.10
CA ASN C 89 -1.26 -25.85 -28.33
C ASN C 89 0.01 -25.46 -29.05
N PHE C 90 0.68 -24.40 -28.56
CA PHE C 90 1.91 -23.92 -29.18
C PHE C 90 3.15 -24.78 -28.85
N SER C 91 2.94 -25.94 -28.21
CA SER C 91 4.00 -26.92 -28.05
C SER C 91 4.17 -27.72 -29.38
N HIS C 92 3.16 -27.72 -30.25
CA HIS C 92 3.15 -28.40 -31.54
C HIS C 92 2.84 -27.37 -32.66
N GLY C 93 2.99 -27.80 -33.91
CA GLY C 93 2.68 -26.97 -35.06
C GLY C 93 3.59 -25.79 -35.24
N SER C 94 3.14 -24.79 -36.00
CA SER C 94 3.89 -23.57 -36.28
C SER C 94 2.93 -22.38 -36.24
N HIS C 95 3.43 -21.13 -36.35
CA HIS C 95 2.57 -19.96 -36.40
C HIS C 95 1.61 -20.05 -37.58
N GLU C 96 2.11 -20.47 -38.75
CA GLU C 96 1.29 -20.59 -39.96
C GLU C 96 0.19 -21.64 -39.78
N TYR C 97 0.51 -22.77 -39.16
CA TYR C 97 -0.42 -23.85 -38.90
C TYR C 97 -1.54 -23.36 -37.95
N HIS C 98 -1.17 -22.69 -36.83
CA HIS C 98 -2.13 -22.18 -35.86
C HIS C 98 -2.95 -21.03 -36.42
N ALA C 99 -2.39 -20.19 -37.30
CA ALA C 99 -3.16 -19.10 -37.92
C ALA C 99 -4.26 -19.67 -38.79
N GLU C 100 -3.96 -20.79 -39.52
CA GLU C 100 -4.93 -21.47 -40.37
CA GLU C 100 -4.96 -21.44 -40.37
C GLU C 100 -6.08 -22.01 -39.51
N SER C 101 -5.73 -22.68 -38.41
CA SER C 101 -6.68 -23.23 -37.46
C SER C 101 -7.58 -22.11 -36.89
N ILE C 102 -7.02 -20.96 -36.48
CA ILE C 102 -7.78 -19.80 -35.98
C ILE C 102 -8.75 -19.28 -37.03
N ALA C 103 -8.28 -19.13 -38.28
CA ALA C 103 -9.11 -18.64 -39.37
C ALA C 103 -10.27 -19.62 -39.63
N ASN C 104 -10.00 -20.93 -39.54
CA ASN C 104 -11.03 -21.95 -39.75
C ASN C 104 -12.06 -21.94 -38.62
N VAL C 105 -11.63 -21.68 -37.35
CA VAL C 105 -12.52 -21.56 -36.21
C VAL C 105 -13.41 -20.35 -36.42
N ARG C 106 -12.82 -19.20 -36.79
CA ARG C 106 -13.61 -17.99 -37.03
C ARG C 106 -14.59 -18.14 -38.20
N GLU C 107 -14.19 -18.89 -39.24
CA GLU C 107 -15.07 -19.15 -40.38
C GLU C 107 -16.23 -20.05 -39.95
N ALA C 108 -15.96 -21.11 -39.18
CA ALA C 108 -17.01 -21.98 -38.66
C ALA C 108 -17.96 -21.24 -37.72
N VAL C 109 -17.43 -20.36 -36.85
CA VAL C 109 -18.24 -19.55 -35.94
C VAL C 109 -19.15 -18.60 -36.70
N GLU C 110 -18.58 -17.89 -37.70
CA GLU C 110 -19.36 -16.93 -38.47
C GLU C 110 -20.36 -17.54 -39.44
N SER C 111 -20.26 -18.85 -39.70
CA SER C 111 -21.24 -19.52 -40.55
C SER C 111 -22.64 -19.58 -39.90
N PHE C 112 -22.73 -19.35 -38.57
CA PHE C 112 -24.00 -19.34 -37.84
C PHE C 112 -24.47 -17.91 -37.50
N ALA C 113 -23.74 -16.86 -37.93
CA ALA C 113 -24.06 -15.48 -37.62
C ALA C 113 -25.43 -15.00 -38.18
N GLY C 114 -26.07 -15.83 -39.00
CA GLY C 114 -27.40 -15.54 -39.54
C GLY C 114 -28.48 -15.93 -38.53
N SER C 115 -28.70 -17.26 -38.37
CA SER C 115 -29.67 -17.83 -37.44
C SER C 115 -29.38 -17.48 -35.96
N PRO C 116 -30.23 -16.63 -35.34
CA PRO C 116 -30.00 -16.23 -33.93
C PRO C 116 -29.88 -17.37 -32.93
N LEU C 117 -30.67 -18.44 -33.13
CA LEU C 117 -30.70 -19.67 -32.34
C LEU C 117 -29.36 -20.49 -32.46
N SER C 118 -28.56 -20.22 -33.52
CA SER C 118 -27.30 -20.94 -33.74
C SER C 118 -26.02 -20.10 -33.55
N TYR C 119 -26.06 -18.74 -33.68
CA TYR C 119 -24.82 -17.96 -33.46
C TYR C 119 -24.30 -18.03 -32.02
N ARG C 120 -23.14 -18.66 -31.85
CA ARG C 120 -22.49 -18.78 -30.55
C ARG C 120 -21.02 -18.29 -30.60
N PRO C 121 -20.68 -17.30 -29.74
CA PRO C 121 -19.29 -16.85 -29.65
C PRO C 121 -18.36 -17.98 -29.18
N VAL C 122 -17.19 -18.13 -29.79
CA VAL C 122 -16.24 -19.18 -29.40
C VAL C 122 -14.93 -18.47 -29.10
N ALA C 123 -14.41 -18.63 -27.87
CA ALA C 123 -13.15 -17.99 -27.51
C ALA C 123 -11.97 -18.72 -28.15
N ILE C 124 -10.86 -18.00 -28.34
CA ILE C 124 -9.62 -18.59 -28.84
C ILE C 124 -8.53 -18.47 -27.81
N ALA C 125 -7.98 -19.60 -27.39
CA ALA C 125 -6.98 -19.65 -26.34
C ALA C 125 -5.64 -20.18 -26.86
N LEU C 126 -4.55 -19.51 -26.49
CA LEU C 126 -3.22 -19.91 -26.92
C LEU C 126 -2.55 -20.58 -25.74
N ASP C 127 -2.11 -21.84 -25.88
CA ASP C 127 -1.45 -22.54 -24.78
C ASP C 127 0.05 -22.49 -25.11
N THR C 128 0.85 -21.85 -24.24
CA THR C 128 2.28 -21.68 -24.50
C THR C 128 3.12 -22.95 -24.33
N LYS C 129 4.29 -23.00 -24.98
CA LYS C 129 5.20 -24.13 -24.87
C LYS C 129 5.81 -24.22 -23.46
N GLY C 130 6.13 -23.08 -22.87
CA GLY C 130 6.69 -23.06 -21.52
C GLY C 130 8.15 -22.69 -21.44
N PRO C 131 8.65 -22.55 -20.18
CA PRO C 131 10.05 -22.10 -19.99
C PRO C 131 11.10 -23.16 -20.23
N GLY C 134 15.58 -21.89 -17.35
CA GLY C 134 15.96 -20.48 -17.36
C GLY C 134 15.14 -19.66 -16.36
N PRO C 135 15.53 -18.43 -16.03
CA PRO C 135 14.82 -17.66 -15.00
C PRO C 135 13.70 -16.72 -15.47
N GLY C 136 13.25 -16.81 -16.73
CA GLY C 136 12.11 -15.99 -17.15
C GLY C 136 11.27 -16.64 -18.23
N LEU C 137 10.80 -15.86 -19.18
CA LEU C 137 10.02 -16.40 -20.32
C LEU C 137 10.97 -16.85 -21.43
N SER C 138 10.64 -17.95 -22.09
CA SER C 138 11.44 -18.40 -23.23
C SER C 138 11.26 -17.50 -24.43
N GLU C 139 12.25 -17.49 -25.32
CA GLU C 139 12.21 -16.68 -26.53
C GLU C 139 11.03 -17.06 -27.40
N GLN C 140 10.76 -18.35 -27.52
CA GLN C 140 9.65 -18.84 -28.30
C GLN C 140 8.32 -18.39 -27.68
N ASP C 141 8.20 -18.38 -26.35
CA ASP C 141 7.00 -17.90 -25.67
C ASP C 141 6.77 -16.44 -25.97
N VAL C 142 7.84 -15.62 -25.97
CA VAL C 142 7.71 -14.18 -26.30
C VAL C 142 7.13 -14.01 -27.70
N ARG C 143 7.64 -14.79 -28.67
CA ARG C 143 7.17 -14.71 -30.04
C ARG C 143 5.75 -15.23 -30.21
N ASP C 144 5.40 -16.32 -29.49
CA ASP C 144 4.05 -16.91 -29.56
C ASP C 144 3.02 -16.01 -28.89
N LEU C 145 3.39 -15.36 -27.78
CA LEU C 145 2.53 -14.38 -27.10
C LEU C 145 2.27 -13.20 -28.00
N ARG C 146 3.30 -12.75 -28.75
CA ARG C 146 3.14 -11.67 -29.70
C ARG C 146 2.23 -12.08 -30.85
N PHE C 147 2.32 -13.35 -31.29
CA PHE C 147 1.44 -13.90 -32.32
C PHE C 147 -0.03 -13.83 -31.85
N GLY C 148 -0.27 -14.21 -30.59
CA GLY C 148 -1.59 -14.19 -29.97
C GLY C 148 -2.21 -12.82 -29.97
N VAL C 149 -1.44 -11.79 -29.60
CA VAL C 149 -1.89 -10.41 -29.61
C VAL C 149 -2.23 -9.98 -31.03
N GLU C 150 -1.36 -10.32 -31.98
CA GLU C 150 -1.57 -9.95 -33.38
C GLU C 150 -2.78 -10.63 -34.00
N HIS C 151 -3.09 -11.84 -33.54
CA HIS C 151 -4.24 -12.57 -34.05
C HIS C 151 -5.52 -12.38 -33.20
N GLY C 152 -5.47 -11.53 -32.18
CA GLY C 152 -6.63 -11.25 -31.35
C GLY C 152 -7.13 -12.38 -30.49
N VAL C 153 -6.22 -13.19 -29.89
CA VAL C 153 -6.65 -14.25 -28.99
C VAL C 153 -7.31 -13.66 -27.73
N ASP C 154 -8.20 -14.42 -27.13
CA ASP C 154 -8.93 -13.99 -25.95
C ASP C 154 -8.26 -14.42 -24.67
N ILE C 155 -7.60 -15.59 -24.69
CA ILE C 155 -7.03 -16.21 -23.51
C ILE C 155 -5.65 -16.76 -23.78
N VAL C 156 -4.80 -16.79 -22.72
CA VAL C 156 -3.51 -17.42 -22.76
C VAL C 156 -3.49 -18.45 -21.64
N PHE C 157 -3.20 -19.72 -21.98
CA PHE C 157 -3.00 -20.74 -20.95
C PHE C 157 -1.47 -20.76 -20.80
N ALA C 158 -0.94 -20.14 -19.74
CA ALA C 158 0.51 -20.04 -19.56
C ALA C 158 1.10 -21.25 -18.90
N SER C 159 1.95 -21.99 -19.63
CA SER C 159 2.59 -23.20 -19.12
C SER C 159 3.60 -22.97 -18.02
N PHE C 160 3.67 -23.93 -17.09
CA PHE C 160 4.61 -23.99 -15.98
C PHE C 160 4.75 -22.69 -15.20
N VAL C 161 3.64 -22.13 -14.72
CA VAL C 161 3.70 -20.94 -13.88
C VAL C 161 4.12 -21.41 -12.49
N ARG C 162 5.20 -20.83 -11.94
CA ARG C 162 5.77 -21.27 -10.66
C ARG C 162 5.66 -20.26 -9.57
N LYS C 163 5.53 -18.96 -9.94
CA LYS C 163 5.50 -17.84 -9.01
C LYS C 163 4.82 -16.62 -9.66
N ALA C 164 4.49 -15.59 -8.86
CA ALA C 164 3.85 -14.37 -9.35
C ALA C 164 4.66 -13.66 -10.43
N SER C 165 6.01 -13.71 -10.39
CA SER C 165 6.82 -13.03 -11.40
C SER C 165 6.74 -13.69 -12.80
N ASP C 166 6.39 -14.98 -12.87
CA ASP C 166 6.16 -15.66 -14.15
C ASP C 166 4.92 -15.07 -14.82
N VAL C 167 3.87 -14.76 -14.02
CA VAL C 167 2.65 -14.17 -14.55
C VAL C 167 2.93 -12.75 -15.03
N ALA C 168 3.76 -12.00 -14.28
CA ALA C 168 4.11 -10.65 -14.65
C ALA C 168 4.86 -10.64 -15.98
N ALA C 169 5.72 -11.65 -16.24
CA ALA C 169 6.47 -11.73 -17.48
C ALA C 169 5.52 -11.99 -18.66
N VAL C 170 4.50 -12.85 -18.46
CA VAL C 170 3.53 -13.14 -19.51
C VAL C 170 2.70 -11.87 -19.79
N ARG C 171 2.27 -11.20 -18.73
CA ARG C 171 1.52 -9.96 -18.76
C ARG C 171 2.31 -8.87 -19.51
N ALA C 172 3.62 -8.74 -19.26
CA ALA C 172 4.50 -7.78 -19.93
C ALA C 172 4.64 -8.13 -21.41
N ALA C 173 4.75 -9.43 -21.71
CA ALA C 173 4.86 -9.90 -23.09
C ALA C 173 3.56 -9.68 -23.90
N LEU C 174 2.42 -9.52 -23.23
CA LEU C 174 1.15 -9.27 -23.93
CA LEU C 174 1.17 -9.30 -23.95
C LEU C 174 1.10 -7.88 -24.55
N GLY C 175 2.24 -7.15 -24.49
CA GLY C 175 2.58 -5.87 -25.10
C GLY C 175 1.62 -4.79 -24.82
N PRO C 176 1.68 -3.72 -25.65
CA PRO C 176 0.78 -2.58 -25.40
C PRO C 176 -0.68 -2.85 -25.83
N GLU C 177 -0.91 -3.75 -26.78
CA GLU C 177 -2.25 -4.01 -27.30
C GLU C 177 -3.03 -5.18 -26.67
N GLY C 178 -2.41 -6.07 -25.87
CA GLY C 178 -3.09 -7.24 -25.34
C GLY C 178 -3.33 -7.32 -23.85
N HIS C 179 -3.45 -6.18 -23.17
CA HIS C 179 -3.75 -6.18 -21.75
C HIS C 179 -5.16 -6.71 -21.39
N GLY C 180 -6.06 -6.86 -22.36
CA GLY C 180 -7.38 -7.41 -22.12
C GLY C 180 -7.45 -8.94 -22.23
N ILE C 181 -6.38 -9.57 -22.68
CA ILE C 181 -6.29 -11.00 -22.80
C ILE C 181 -6.25 -11.61 -21.41
N LYS C 182 -7.04 -12.67 -21.17
CA LYS C 182 -7.08 -13.33 -19.87
C LYS C 182 -5.90 -14.28 -19.73
N ILE C 183 -5.22 -14.26 -18.58
CA ILE C 183 -4.10 -15.15 -18.35
C ILE C 183 -4.54 -16.18 -17.38
N ILE C 184 -4.61 -17.42 -17.85
CA ILE C 184 -4.97 -18.56 -17.04
C ILE C 184 -3.65 -19.29 -16.76
N SER C 185 -3.17 -19.27 -15.52
CA SER C 185 -1.89 -19.90 -15.18
C SER C 185 -2.02 -21.39 -15.03
N LYS C 186 -1.17 -22.14 -15.74
CA LYS C 186 -1.18 -23.59 -15.64
C LYS C 186 -0.30 -23.98 -14.47
N ILE C 187 -0.84 -24.72 -13.49
CA ILE C 187 -0.08 -25.19 -12.34
C ILE C 187 0.30 -26.61 -12.66
N GLU C 188 1.61 -26.85 -12.91
CA GLU C 188 2.11 -28.15 -13.35
C GLU C 188 3.26 -28.74 -12.55
N ASN C 189 3.65 -28.12 -11.41
CA ASN C 189 4.76 -28.67 -10.63
C ASN C 189 4.61 -28.36 -9.13
N HIS C 190 5.51 -28.92 -8.29
CA HIS C 190 5.45 -28.73 -6.85
C HIS C 190 5.52 -27.26 -6.47
N GLU C 191 6.39 -26.48 -7.13
CA GLU C 191 6.54 -25.05 -6.80
C GLU C 191 5.25 -24.25 -7.09
N GLY C 192 4.62 -24.51 -8.22
CA GLY C 192 3.36 -23.85 -8.56
C GLY C 192 2.27 -24.14 -7.55
N VAL C 193 2.21 -25.39 -7.04
CA VAL C 193 1.24 -25.78 -6.03
C VAL C 193 1.53 -25.06 -4.71
N LYS C 194 2.81 -25.03 -4.30
CA LYS C 194 3.20 -24.38 -3.06
C LYS C 194 3.05 -22.87 -3.08
N ARG C 195 3.30 -22.24 -4.23
CA ARG C 195 3.16 -20.79 -4.36
C ARG C 195 1.80 -20.40 -4.99
N PHE C 196 0.78 -21.32 -4.91
CA PHE C 196 -0.54 -21.15 -5.50
C PHE C 196 -1.20 -19.80 -5.16
N ASP C 197 -1.26 -19.42 -3.88
CA ASP C 197 -1.92 -18.19 -3.49
C ASP C 197 -1.38 -16.95 -4.16
N GLU C 198 -0.05 -16.84 -4.27
CA GLU C 198 0.55 -15.68 -4.93
C GLU C 198 0.31 -15.70 -6.44
N ILE C 199 0.20 -16.88 -7.05
CA ILE C 199 -0.03 -17.02 -8.48
C ILE C 199 -1.49 -16.64 -8.78
N LEU C 200 -2.43 -17.16 -7.99
CA LEU C 200 -3.85 -16.88 -8.16
C LEU C 200 -4.14 -15.40 -8.03
N GLU C 201 -3.51 -14.75 -7.06
CA GLU C 201 -3.70 -13.32 -6.81
C GLU C 201 -3.45 -12.46 -8.05
N VAL C 202 -2.42 -12.80 -8.85
CA VAL C 202 -2.09 -12.00 -10.03
C VAL C 202 -2.60 -12.59 -11.36
N SER C 203 -3.20 -13.78 -11.34
CA SER C 203 -3.72 -14.40 -12.54
C SER C 203 -5.20 -14.13 -12.71
N ASP C 204 -5.72 -14.31 -13.91
CA ASP C 204 -7.17 -14.19 -14.15
C ASP C 204 -7.89 -15.50 -13.81
N GLY C 205 -7.16 -16.60 -13.78
CA GLY C 205 -7.68 -17.91 -13.50
C GLY C 205 -6.57 -18.95 -13.48
N ILE C 206 -6.94 -20.21 -13.30
CA ILE C 206 -5.98 -21.30 -13.14
C ILE C 206 -6.37 -22.51 -13.97
N MET C 207 -5.37 -23.26 -14.42
CA MET C 207 -5.60 -24.52 -15.08
C MET C 207 -4.87 -25.59 -14.27
N VAL C 208 -5.58 -26.64 -13.86
CA VAL C 208 -4.99 -27.76 -13.16
C VAL C 208 -4.48 -28.62 -14.29
N ALA C 209 -3.19 -28.46 -14.63
CA ALA C 209 -2.55 -29.15 -15.77
C ALA C 209 -2.03 -30.49 -15.26
N ARG C 210 -2.94 -31.46 -15.17
CA ARG C 210 -2.71 -32.77 -14.58
C ARG C 210 -1.65 -33.65 -15.24
N GLY C 211 -1.41 -33.51 -16.55
CA GLY C 211 -0.39 -34.26 -17.27
C GLY C 211 1.01 -34.09 -16.67
N ASP C 212 1.53 -32.86 -16.71
CA ASP C 212 2.84 -32.59 -16.13
C ASP C 212 2.80 -32.66 -14.62
N LEU C 213 1.70 -32.23 -13.98
CA LEU C 213 1.58 -32.29 -12.53
C LEU C 213 1.73 -33.73 -12.00
N GLY C 214 1.17 -34.69 -12.72
CA GLY C 214 1.24 -36.11 -12.40
C GLY C 214 2.62 -36.74 -12.57
N ILE C 215 3.55 -36.03 -13.25
CA ILE C 215 4.95 -36.44 -13.45
C ILE C 215 5.83 -35.72 -12.43
N GLU C 216 5.54 -34.43 -12.17
CA GLU C 216 6.30 -33.59 -11.25
C GLU C 216 6.06 -33.92 -9.78
N ILE C 217 4.84 -34.35 -9.43
CA ILE C 217 4.51 -34.77 -8.08
C ILE C 217 4.00 -36.22 -8.16
N PRO C 218 3.95 -36.97 -7.04
CA PRO C 218 3.41 -38.35 -7.12
C PRO C 218 1.99 -38.37 -7.70
N ALA C 219 1.73 -39.29 -8.62
CA ALA C 219 0.46 -39.39 -9.31
C ALA C 219 -0.74 -39.49 -8.36
N GLU C 220 -0.58 -40.17 -7.24
CA GLU C 220 -1.64 -40.35 -6.24
C GLU C 220 -1.95 -39.07 -5.44
N LYS C 221 -1.20 -37.97 -5.65
CA LYS C 221 -1.43 -36.72 -4.96
C LYS C 221 -2.14 -35.67 -5.85
N VAL C 222 -2.24 -35.91 -7.17
CA VAL C 222 -2.85 -34.96 -8.10
C VAL C 222 -4.29 -34.58 -7.70
N PHE C 223 -5.11 -35.55 -7.28
CA PHE C 223 -6.48 -35.24 -6.88
C PHE C 223 -6.55 -34.22 -5.71
N LEU C 224 -5.55 -34.23 -4.80
CA LEU C 224 -5.51 -33.29 -3.69
C LEU C 224 -5.25 -31.91 -4.23
N ALA C 225 -4.30 -31.78 -5.17
CA ALA C 225 -3.96 -30.50 -5.77
C ALA C 225 -5.16 -29.96 -6.58
N GLN C 226 -5.84 -30.85 -7.33
CA GLN C 226 -7.00 -30.43 -8.11
C GLN C 226 -8.13 -29.89 -7.19
N LYS C 227 -8.50 -30.64 -6.17
CA LYS C 227 -9.57 -30.24 -5.27
C LYS C 227 -9.21 -28.96 -4.51
N MET C 228 -7.95 -28.82 -4.09
CA MET C 228 -7.49 -27.64 -3.37
C MET C 228 -7.56 -26.41 -4.27
N MET C 229 -7.00 -26.50 -5.48
CA MET C 229 -7.00 -25.39 -6.41
C MET C 229 -8.40 -24.96 -6.85
N ILE C 230 -9.29 -25.93 -7.11
CA ILE C 230 -10.66 -25.62 -7.49
C ILE C 230 -11.37 -24.91 -6.33
N GLY C 231 -11.21 -25.40 -5.12
CA GLY C 231 -11.79 -24.77 -3.94
C GLY C 231 -11.33 -23.33 -3.75
N ARG C 232 -9.99 -23.08 -3.88
CA ARG C 232 -9.45 -21.74 -3.71
C ARG C 232 -9.88 -20.80 -4.81
N CYS C 233 -10.01 -21.30 -6.05
CA CYS C 233 -10.48 -20.47 -7.16
C CYS C 233 -11.94 -20.11 -6.97
N ASN C 234 -12.76 -21.07 -6.51
CA ASN C 234 -14.18 -20.83 -6.21
C ASN C 234 -14.31 -19.76 -5.14
N LEU C 235 -13.46 -19.81 -4.13
CA LEU C 235 -13.45 -18.83 -3.04
C LEU C 235 -13.02 -17.46 -3.55
N ALA C 236 -12.02 -17.40 -4.43
CA ALA C 236 -11.55 -16.15 -5.02
C ALA C 236 -12.48 -15.61 -6.12
N GLY C 237 -13.41 -16.42 -6.61
CA GLY C 237 -14.31 -16.01 -7.69
C GLY C 237 -13.60 -15.93 -9.03
N LYS C 238 -12.57 -16.78 -9.24
CA LYS C 238 -11.79 -16.78 -10.46
C LYS C 238 -11.97 -18.09 -11.21
N PRO C 239 -11.97 -18.07 -12.56
CA PRO C 239 -12.15 -19.33 -13.30
C PRO C 239 -11.05 -20.39 -13.06
N VAL C 240 -11.48 -21.65 -13.04
CA VAL C 240 -10.57 -22.76 -12.87
C VAL C 240 -10.93 -23.81 -13.94
N VAL C 241 -9.89 -24.31 -14.64
CA VAL C 241 -10.06 -25.31 -15.68
C VAL C 241 -9.51 -26.64 -15.20
N CYS C 242 -10.25 -27.73 -15.41
CA CYS C 242 -9.70 -29.05 -15.13
C CYS C 242 -9.23 -29.61 -16.47
N ALA C 243 -7.98 -30.05 -16.56
CA ALA C 243 -7.43 -30.49 -17.83
C ALA C 243 -6.68 -31.82 -17.76
N THR C 244 -6.58 -32.49 -18.95
CA THR C 244 -5.75 -33.63 -19.33
C THR C 244 -6.22 -35.00 -18.89
N GLN C 245 -6.38 -35.88 -19.90
CA GLN C 245 -6.76 -37.28 -19.80
C GLN C 245 -8.16 -37.52 -19.27
N MET C 246 -9.05 -36.52 -19.41
CA MET C 246 -10.42 -36.65 -18.93
C MET C 246 -11.19 -37.77 -19.65
N LEU C 247 -11.04 -37.86 -20.98
CA LEU C 247 -11.67 -38.91 -21.78
C LEU C 247 -10.61 -39.58 -22.68
N GLU C 248 -9.38 -39.76 -22.15
CA GLU C 248 -8.21 -40.26 -22.89
C GLU C 248 -8.48 -41.43 -23.84
N SER C 249 -9.16 -42.48 -23.37
CA SER C 249 -9.45 -43.65 -24.20
C SER C 249 -10.29 -43.31 -25.45
N MET C 250 -11.00 -42.19 -25.46
CA MET C 250 -11.75 -41.77 -26.63
C MET C 250 -10.86 -41.26 -27.80
N ILE C 251 -9.54 -41.23 -27.62
CA ILE C 251 -8.63 -40.92 -28.72
C ILE C 251 -8.72 -42.07 -29.76
N THR C 252 -8.90 -43.34 -29.29
CA THR C 252 -9.02 -44.50 -30.17
C THR C 252 -10.37 -45.21 -30.08
N LYS C 253 -11.13 -45.04 -29.00
CA LYS C 253 -12.40 -45.76 -28.83
C LYS C 253 -13.63 -44.83 -28.87
N PRO C 254 -14.77 -45.29 -29.40
CA PRO C 254 -15.95 -44.40 -29.48
C PRO C 254 -16.65 -44.11 -28.14
N ARG C 255 -16.37 -44.90 -27.11
CA ARG C 255 -16.98 -44.72 -25.80
C ARG C 255 -15.86 -44.66 -24.74
N PRO C 256 -16.04 -43.82 -23.71
CA PRO C 256 -15.01 -43.74 -22.66
C PRO C 256 -15.12 -44.87 -21.62
N THR C 257 -14.11 -44.95 -20.73
CA THR C 257 -14.15 -45.90 -19.65
C THR C 257 -15.04 -45.33 -18.50
N ARG C 258 -15.39 -46.19 -17.53
CA ARG C 258 -16.18 -45.78 -16.35
C ARG C 258 -15.41 -44.79 -15.49
N ALA C 259 -14.08 -44.87 -15.47
CA ALA C 259 -13.25 -43.94 -14.72
C ALA C 259 -13.23 -42.55 -15.37
N GLU C 260 -13.28 -42.51 -16.69
CA GLU C 260 -13.29 -41.28 -17.45
C GLU C 260 -14.57 -40.46 -17.31
N THR C 261 -15.74 -41.11 -17.40
CA THR C 261 -17.00 -40.35 -17.19
C THR C 261 -17.09 -39.87 -15.75
N SER C 262 -16.60 -40.68 -14.80
CA SER C 262 -16.57 -40.35 -13.39
C SER C 262 -15.67 -39.12 -13.16
N ASP C 263 -14.51 -39.09 -13.83
CA ASP C 263 -13.58 -37.98 -13.70
C ASP C 263 -14.19 -36.64 -14.18
N VAL C 264 -14.91 -36.67 -15.32
CA VAL C 264 -15.56 -35.49 -15.85
C VAL C 264 -16.64 -35.00 -14.87
N ALA C 265 -17.49 -35.92 -14.39
CA ALA C 265 -18.53 -35.59 -13.44
C ALA C 265 -17.97 -35.03 -12.14
N ASN C 266 -16.88 -35.62 -11.65
CA ASN C 266 -16.27 -35.18 -10.42
C ASN C 266 -15.56 -33.86 -10.55
N ALA C 267 -15.04 -33.50 -11.73
CA ALA C 267 -14.42 -32.19 -11.92
C ALA C 267 -15.51 -31.11 -11.82
N VAL C 268 -16.70 -31.38 -12.40
CA VAL C 268 -17.85 -30.47 -12.33
C VAL C 268 -18.33 -30.38 -10.86
N LEU C 269 -18.50 -31.53 -10.18
CA LEU C 269 -18.92 -31.51 -8.78
C LEU C 269 -17.88 -30.82 -7.86
N ASP C 270 -16.58 -30.91 -8.18
CA ASP C 270 -15.52 -30.22 -7.42
C ASP C 270 -15.67 -28.70 -7.50
N GLY C 271 -16.20 -28.19 -8.62
CA GLY C 271 -16.41 -26.77 -8.82
C GLY C 271 -15.68 -26.18 -10.00
N ALA C 272 -15.18 -27.01 -10.94
CA ALA C 272 -14.47 -26.50 -12.12
C ALA C 272 -15.38 -25.65 -13.02
N ASP C 273 -14.89 -24.52 -13.50
CA ASP C 273 -15.63 -23.67 -14.43
C ASP C 273 -15.58 -24.26 -15.83
N CYS C 274 -14.44 -24.82 -16.22
CA CYS C 274 -14.22 -25.38 -17.55
C CYS C 274 -13.64 -26.78 -17.46
N ILE C 275 -13.93 -27.58 -18.46
CA ILE C 275 -13.36 -28.90 -18.62
C ILE C 275 -12.69 -28.91 -20.00
N MET C 276 -11.59 -29.64 -20.14
CA MET C 276 -10.82 -29.62 -21.36
C MET C 276 -10.65 -30.98 -22.02
N LEU C 277 -10.45 -30.95 -23.36
CA LEU C 277 -10.13 -32.09 -24.18
C LEU C 277 -8.82 -31.75 -24.89
N SER C 278 -7.83 -32.64 -24.82
CA SER C 278 -6.52 -32.41 -25.49
C SER C 278 -6.39 -33.33 -26.73
N GLY C 279 -5.71 -34.48 -26.61
CA GLY C 279 -5.55 -35.47 -27.67
C GLY C 279 -6.88 -35.98 -28.20
N GLU C 280 -7.90 -36.01 -27.32
CA GLU C 280 -9.27 -36.39 -27.66
C GLU C 280 -9.80 -35.63 -28.88
N THR C 281 -9.49 -34.34 -28.97
CA THR C 281 -9.97 -33.51 -30.06
C THR C 281 -8.88 -33.14 -31.05
N ALA C 282 -7.62 -33.02 -30.59
CA ALA C 282 -6.48 -32.63 -31.42
C ALA C 282 -6.03 -33.72 -32.40
N LYS C 283 -5.94 -34.97 -31.96
CA LYS C 283 -5.39 -36.04 -32.79
C LYS C 283 -6.18 -37.34 -32.83
N GLY C 284 -7.17 -37.52 -31.96
CA GLY C 284 -7.94 -38.75 -31.91
C GLY C 284 -8.92 -38.97 -33.05
N ASN C 285 -9.57 -40.13 -33.06
CA ASN C 285 -10.51 -40.54 -34.09
C ASN C 285 -11.96 -40.13 -33.83
N PHE C 286 -12.27 -39.62 -32.62
CA PHE C 286 -13.65 -39.24 -32.26
C PHE C 286 -13.76 -37.85 -31.63
N PRO C 287 -13.24 -36.78 -32.28
CA PRO C 287 -13.28 -35.45 -31.64
C PRO C 287 -14.67 -34.89 -31.33
N VAL C 288 -15.64 -35.10 -32.22
CA VAL C 288 -16.99 -34.61 -32.02
C VAL C 288 -17.69 -35.41 -30.92
N GLU C 289 -17.48 -36.73 -30.90
CA GLU C 289 -18.06 -37.61 -29.90
C GLU C 289 -17.50 -37.31 -28.51
N ALA C 290 -16.21 -36.91 -28.42
CA ALA C 290 -15.59 -36.55 -27.14
C ALA C 290 -16.25 -35.28 -26.59
N VAL C 291 -16.55 -34.29 -27.47
CA VAL C 291 -17.22 -33.06 -27.05
C VAL C 291 -18.65 -33.39 -26.58
N LYS C 292 -19.35 -34.24 -27.35
CA LYS C 292 -20.72 -34.64 -27.02
C LYS C 292 -20.77 -35.34 -25.67
N MET C 293 -19.77 -36.17 -25.38
CA MET C 293 -19.68 -36.91 -24.13
C MET C 293 -19.46 -35.97 -22.94
N GLN C 294 -18.53 -35.00 -23.07
CA GLN C 294 -18.31 -34.02 -22.01
C GLN C 294 -19.57 -33.19 -21.77
N HIS C 295 -20.27 -32.81 -22.86
CA HIS C 295 -21.51 -32.07 -22.74
C HIS C 295 -22.56 -32.87 -21.93
N ALA C 296 -22.77 -34.15 -22.29
CA ALA C 296 -23.74 -35.01 -21.65
C ALA C 296 -23.44 -35.19 -20.15
N ILE C 297 -22.18 -35.48 -19.79
CA ILE C 297 -21.80 -35.66 -18.39
C ILE C 297 -21.93 -34.37 -17.58
N ALA C 298 -21.42 -33.24 -18.12
CA ALA C 298 -21.48 -31.96 -17.42
C ALA C 298 -22.90 -31.56 -17.06
N ARG C 299 -23.87 -31.74 -17.99
CA ARG C 299 -25.27 -31.43 -17.74
C ARG C 299 -25.81 -32.24 -16.57
N GLU C 300 -25.51 -33.55 -16.54
CA GLU C 300 -25.95 -34.42 -15.46
C GLU C 300 -25.31 -34.02 -14.14
N ALA C 301 -24.00 -33.74 -14.15
CA ALA C 301 -23.26 -33.39 -12.94
C ALA C 301 -23.68 -32.04 -12.37
N GLU C 302 -24.02 -31.07 -13.23
CA GLU C 302 -24.46 -29.76 -12.73
C GLU C 302 -25.77 -29.84 -11.97
N ALA C 303 -26.71 -30.70 -12.42
CA ALA C 303 -27.97 -30.88 -11.72
C ALA C 303 -27.75 -31.57 -10.37
N ALA C 304 -26.70 -32.41 -10.25
CA ALA C 304 -26.38 -33.11 -9.01
C ALA C 304 -25.59 -32.26 -8.00
N VAL C 305 -25.27 -30.99 -8.33
CA VAL C 305 -24.55 -30.11 -7.41
C VAL C 305 -25.47 -29.81 -6.19
N TYR C 306 -24.92 -29.86 -4.96
CA TYR C 306 -25.69 -29.61 -3.76
C TYR C 306 -25.65 -28.10 -3.46
N HIS C 307 -26.45 -27.34 -4.20
CA HIS C 307 -26.51 -25.87 -4.11
C HIS C 307 -26.76 -25.33 -2.71
N ARG C 308 -27.58 -26.01 -1.89
CA ARG C 308 -27.89 -25.54 -0.55
C ARG C 308 -26.62 -25.32 0.29
N GLN C 309 -25.72 -26.31 0.29
CA GLN C 309 -24.48 -26.18 1.04
C GLN C 309 -23.52 -25.25 0.32
N LEU C 310 -23.40 -25.40 -1.01
CA LEU C 310 -22.50 -24.60 -1.83
C LEU C 310 -22.73 -23.11 -1.68
N PHE C 311 -23.98 -22.64 -1.87
CA PHE C 311 -24.33 -21.23 -1.76
C PHE C 311 -24.08 -20.72 -0.36
N GLU C 312 -24.48 -21.48 0.66
CA GLU C 312 -24.28 -21.10 2.06
C GLU C 312 -22.80 -20.94 2.39
N GLU C 313 -21.96 -21.89 1.91
CA GLU C 313 -20.53 -21.84 2.17
C GLU C 313 -19.84 -20.74 1.39
N LEU C 314 -20.26 -20.49 0.12
CA LEU C 314 -19.70 -19.38 -0.68
C LEU C 314 -20.02 -18.06 0.03
N ARG C 315 -21.26 -17.94 0.57
CA ARG C 315 -21.75 -16.78 1.33
C ARG C 315 -20.94 -16.57 2.59
N ARG C 316 -20.78 -17.62 3.40
CA ARG C 316 -20.09 -17.55 4.67
C ARG C 316 -18.60 -17.23 4.52
N ALA C 317 -17.95 -17.86 3.54
CA ALA C 317 -16.53 -17.65 3.32
C ALA C 317 -16.21 -16.31 2.67
N ALA C 318 -17.11 -15.79 1.83
CA ALA C 318 -16.83 -14.55 1.13
C ALA C 318 -16.89 -13.41 2.12
N PRO C 319 -15.87 -12.54 2.12
CA PRO C 319 -15.88 -11.41 3.06
C PRO C 319 -16.94 -10.36 2.70
N LEU C 320 -17.24 -9.47 3.64
CA LEU C 320 -18.14 -8.34 3.42
C LEU C 320 -17.56 -7.45 2.31
N SER C 321 -18.43 -6.80 1.57
CA SER C 321 -18.00 -5.99 0.45
C SER C 321 -18.75 -4.70 0.37
N ARG C 322 -18.06 -3.62 0.06
CA ARG C 322 -18.71 -2.34 -0.16
C ARG C 322 -18.78 -2.01 -1.68
N ASP C 323 -18.52 -3.00 -2.56
CA ASP C 323 -18.56 -2.83 -4.01
C ASP C 323 -20.00 -3.15 -4.44
N PRO C 324 -20.70 -2.19 -5.05
CA PRO C 324 -22.09 -2.42 -5.41
C PRO C 324 -22.31 -3.57 -6.37
N THR C 325 -21.35 -3.89 -7.26
CA THR C 325 -21.50 -5.00 -8.18
C THR C 325 -21.54 -6.31 -7.40
N GLU C 326 -20.64 -6.45 -6.42
CA GLU C 326 -20.57 -7.65 -5.59
CA GLU C 326 -20.57 -7.64 -5.59
C GLU C 326 -21.84 -7.77 -4.70
N VAL C 327 -22.29 -6.67 -4.14
CA VAL C 327 -23.50 -6.62 -3.30
C VAL C 327 -24.76 -6.96 -4.13
N THR C 328 -24.85 -6.42 -5.36
CA THR C 328 -25.98 -6.67 -6.24
C THR C 328 -25.99 -8.13 -6.67
N ALA C 329 -24.81 -8.70 -6.96
CA ALA C 329 -24.69 -10.07 -7.41
C ALA C 329 -25.20 -11.06 -6.38
N ILE C 330 -24.84 -10.90 -5.10
CA ILE C 330 -25.33 -11.83 -4.08
C ILE C 330 -26.85 -11.68 -3.87
N GLY C 331 -27.36 -10.46 -3.92
CA GLY C 331 -28.80 -10.21 -3.82
C GLY C 331 -29.55 -10.86 -4.96
N ALA C 332 -29.01 -10.75 -6.21
CA ALA C 332 -29.62 -11.32 -7.41
C ALA C 332 -29.63 -12.85 -7.37
N VAL C 333 -28.55 -13.46 -6.91
CA VAL C 333 -28.47 -14.93 -6.82
C VAL C 333 -29.46 -15.44 -5.74
N GLU C 334 -29.54 -14.73 -4.61
CA GLU C 334 -30.49 -15.07 -3.55
CA GLU C 334 -30.49 -15.07 -3.54
C GLU C 334 -31.92 -14.98 -4.07
N ALA C 335 -32.24 -13.92 -4.83
CA ALA C 335 -33.56 -13.73 -5.42
C ALA C 335 -33.90 -14.83 -6.46
N ALA C 336 -32.90 -15.24 -7.24
CA ALA C 336 -33.07 -16.27 -8.24
C ALA C 336 -33.43 -17.62 -7.59
N PHE C 337 -32.76 -17.95 -6.47
CA PHE C 337 -33.06 -19.20 -5.77
C PHE C 337 -34.49 -19.16 -5.15
N LYS C 338 -34.90 -18.02 -4.61
CA LYS C 338 -36.21 -17.85 -3.98
C LYS C 338 -37.41 -18.14 -4.90
N CYS C 339 -37.30 -17.77 -6.17
CA CYS C 339 -38.40 -17.95 -7.13
C CYS C 339 -38.14 -19.00 -8.19
N CYS C 340 -36.99 -19.72 -8.11
CA CYS C 340 -36.59 -20.69 -9.14
C CYS C 340 -36.56 -20.01 -10.52
N ALA C 341 -35.94 -18.80 -10.61
CA ALA C 341 -35.79 -18.01 -11.80
C ALA C 341 -35.15 -18.83 -12.90
N ALA C 342 -35.70 -18.73 -14.09
CA ALA C 342 -35.17 -19.45 -15.23
C ALA C 342 -33.82 -18.85 -15.69
N ALA C 343 -33.58 -17.55 -15.39
CA ALA C 343 -32.35 -16.86 -15.79
C ALA C 343 -32.15 -15.58 -14.97
N ILE C 344 -30.91 -15.12 -14.95
CA ILE C 344 -30.49 -13.81 -14.46
C ILE C 344 -29.92 -13.15 -15.69
N ILE C 345 -30.56 -12.09 -16.18
CA ILE C 345 -30.08 -11.38 -17.35
C ILE C 345 -29.24 -10.23 -16.85
N VAL C 346 -27.97 -10.19 -17.23
CA VAL C 346 -27.08 -9.13 -16.79
C VAL C 346 -26.49 -8.35 -17.97
N LEU C 347 -26.42 -7.03 -17.84
CA LEU C 347 -25.80 -6.20 -18.84
C LEU C 347 -24.35 -6.04 -18.36
N THR C 348 -23.40 -6.39 -19.23
CA THR C 348 -22.00 -6.28 -18.89
C THR C 348 -21.16 -5.84 -20.08
N THR C 349 -20.19 -4.95 -19.87
CA THR C 349 -19.29 -4.55 -20.95
C THR C 349 -17.96 -5.31 -20.92
N THR C 350 -17.43 -5.56 -19.72
CA THR C 350 -16.18 -6.29 -19.55
C THR C 350 -16.40 -7.76 -19.17
N GLY C 351 -17.62 -8.13 -18.77
CA GLY C 351 -17.93 -9.47 -18.31
C GLY C 351 -17.89 -9.59 -16.79
N ARG C 352 -17.39 -8.55 -16.09
CA ARG C 352 -17.22 -8.59 -14.65
C ARG C 352 -18.51 -8.83 -13.85
N SER C 353 -19.60 -8.13 -14.21
CA SER C 353 -20.88 -8.33 -13.51
C SER C 353 -21.37 -9.77 -13.64
N ALA C 354 -21.14 -10.41 -14.80
CA ALA C 354 -21.55 -11.80 -15.00
C ALA C 354 -20.64 -12.73 -14.17
N GLN C 355 -19.36 -12.40 -14.08
CA GLN C 355 -18.40 -13.19 -13.30
C GLN C 355 -18.75 -13.17 -11.82
N LEU C 356 -19.13 -12.00 -11.29
CA LEU C 356 -19.53 -11.89 -9.89
C LEU C 356 -20.83 -12.65 -9.59
N LEU C 357 -21.71 -12.81 -10.59
CA LEU C 357 -22.94 -13.59 -10.39
C LEU C 357 -22.53 -15.07 -10.34
N SER C 358 -21.71 -15.50 -11.31
CA SER C 358 -21.17 -16.85 -11.47
C SER C 358 -20.46 -17.38 -10.22
N ARG C 359 -19.74 -16.53 -9.46
CA ARG C 359 -19.03 -16.98 -8.27
C ARG C 359 -19.94 -17.53 -7.17
N TYR C 360 -21.24 -17.14 -7.18
CA TYR C 360 -22.21 -17.64 -6.19
C TYR C 360 -22.93 -18.90 -6.64
N ARG C 361 -22.57 -19.41 -7.81
CA ARG C 361 -23.08 -20.63 -8.42
C ARG C 361 -24.60 -20.73 -8.44
N PRO C 362 -25.28 -19.77 -9.09
CA PRO C 362 -26.74 -19.87 -9.17
C PRO C 362 -27.14 -21.06 -10.02
N ARG C 363 -28.31 -21.62 -9.74
CA ARG C 363 -28.87 -22.66 -10.60
C ARG C 363 -29.40 -21.97 -11.89
N ALA C 364 -29.91 -20.73 -11.79
CA ALA C 364 -30.39 -19.98 -12.93
C ALA C 364 -29.23 -19.69 -13.91
N ALA C 365 -29.50 -19.72 -15.21
CA ALA C 365 -28.51 -19.39 -16.22
C ALA C 365 -28.23 -17.90 -16.16
N VAL C 366 -26.97 -17.50 -16.29
CA VAL C 366 -26.61 -16.09 -16.27
C VAL C 366 -26.47 -15.66 -17.71
N ILE C 367 -27.46 -14.97 -18.24
CA ILE C 367 -27.45 -14.51 -19.62
C ILE C 367 -26.77 -13.17 -19.67
N ALA C 368 -25.55 -13.12 -20.22
CA ALA C 368 -24.77 -11.86 -20.27
C ALA C 368 -24.94 -11.17 -21.61
N VAL C 369 -25.59 -10.00 -21.60
CA VAL C 369 -25.83 -9.22 -22.81
C VAL C 369 -24.75 -8.17 -22.89
N THR C 370 -23.96 -8.25 -23.98
CA THR C 370 -22.84 -7.35 -24.12
C THR C 370 -22.70 -6.79 -25.52
N ARG C 371 -22.11 -5.60 -25.64
CA ARG C 371 -21.75 -5.06 -26.96
C ARG C 371 -20.32 -5.45 -27.37
N SER C 372 -19.54 -6.05 -26.47
CA SER C 372 -18.16 -6.44 -26.70
C SER C 372 -18.03 -7.85 -27.18
N ALA C 373 -17.50 -8.04 -28.37
CA ALA C 373 -17.28 -9.41 -28.89
C ALA C 373 -16.23 -10.13 -28.04
N GLN C 374 -15.22 -9.40 -27.50
CA GLN C 374 -14.17 -10.06 -26.70
C GLN C 374 -14.69 -10.57 -25.35
N ALA C 375 -15.42 -9.72 -24.63
CA ALA C 375 -16.06 -10.07 -23.39
C ALA C 375 -17.06 -11.23 -23.62
N ALA C 376 -17.81 -11.25 -24.75
CA ALA C 376 -18.71 -12.37 -25.05
C ALA C 376 -17.96 -13.71 -25.18
N ARG C 377 -16.75 -13.68 -25.79
CA ARG C 377 -15.92 -14.88 -25.90
C ARG C 377 -15.30 -15.27 -24.56
N GLN C 378 -14.79 -14.29 -23.81
CA GLN C 378 -14.11 -14.51 -22.54
C GLN C 378 -14.99 -14.96 -21.40
N VAL C 379 -16.29 -14.61 -21.39
CA VAL C 379 -17.16 -15.03 -20.28
C VAL C 379 -17.46 -16.54 -20.28
N HIS C 380 -17.07 -17.27 -21.35
CA HIS C 380 -17.13 -18.73 -21.38
C HIS C 380 -16.24 -19.33 -20.27
N LEU C 381 -15.25 -18.60 -19.75
CA LEU C 381 -14.41 -19.06 -18.65
C LEU C 381 -15.21 -19.18 -17.33
N CYS C 382 -16.33 -18.47 -17.19
CA CYS C 382 -17.13 -18.46 -15.97
C CYS C 382 -18.29 -19.39 -16.08
N ARG C 383 -18.39 -20.38 -15.16
CA ARG C 383 -19.47 -21.33 -15.17
C ARG C 383 -20.85 -20.67 -15.11
N GLY C 384 -21.72 -21.11 -16.01
CA GLY C 384 -23.10 -20.69 -16.05
C GLY C 384 -23.37 -19.39 -16.73
N VAL C 385 -22.36 -18.83 -17.43
CA VAL C 385 -22.55 -17.58 -18.15
C VAL C 385 -22.78 -17.85 -19.62
N PHE C 386 -23.93 -17.40 -20.14
CA PHE C 386 -24.32 -17.60 -21.54
C PHE C 386 -24.23 -16.25 -22.23
N PRO C 387 -23.19 -16.04 -23.04
CA PRO C 387 -23.03 -14.72 -23.67
C PRO C 387 -23.93 -14.45 -24.88
N LEU C 388 -24.47 -13.25 -24.94
CA LEU C 388 -25.24 -12.80 -26.08
C LEU C 388 -24.59 -11.52 -26.58
N LEU C 389 -24.06 -11.52 -27.78
CA LEU C 389 -23.46 -10.34 -28.38
C LEU C 389 -24.55 -9.49 -29.05
N TYR C 390 -24.67 -8.22 -28.64
CA TYR C 390 -25.69 -7.29 -29.06
C TYR C 390 -25.08 -6.24 -30.01
N ARG C 391 -25.59 -6.14 -31.22
CA ARG C 391 -25.02 -5.28 -32.25
C ARG C 391 -25.87 -4.12 -32.70
N GLU C 392 -27.05 -3.92 -32.12
CA GLU C 392 -27.92 -2.82 -32.51
C GLU C 392 -27.28 -1.48 -32.26
N PRO C 393 -27.61 -0.47 -33.08
CA PRO C 393 -27.09 0.88 -32.80
C PRO C 393 -27.75 1.47 -31.53
N PRO C 394 -26.98 2.27 -30.77
CA PRO C 394 -27.51 2.82 -29.52
C PRO C 394 -28.72 3.71 -29.67
N GLU C 395 -29.55 3.68 -28.64
CA GLU C 395 -30.71 4.55 -28.51
C GLU C 395 -30.23 5.84 -27.86
N ALA C 396 -30.84 6.98 -28.21
CA ALA C 396 -30.51 8.32 -27.70
C ALA C 396 -30.77 8.39 -26.20
N ILE C 397 -31.85 7.77 -25.74
CA ILE C 397 -32.16 7.71 -24.33
C ILE C 397 -31.53 6.42 -23.76
N TRP C 398 -30.61 6.58 -22.80
CA TRP C 398 -29.91 5.46 -22.19
C TRP C 398 -30.85 4.43 -21.55
N ALA C 399 -31.85 4.87 -20.79
CA ALA C 399 -32.87 3.99 -20.21
C ALA C 399 -33.58 3.13 -21.30
N ASP C 400 -33.78 3.68 -22.52
CA ASP C 400 -34.39 2.90 -23.61
C ASP C 400 -33.43 1.88 -24.15
N ASP C 401 -32.12 2.23 -24.25
CA ASP C 401 -31.07 1.34 -24.72
C ASP C 401 -30.94 0.14 -23.77
N VAL C 402 -31.04 0.40 -22.46
CA VAL C 402 -31.01 -0.66 -21.45
C VAL C 402 -32.18 -1.60 -21.64
N ASP C 403 -33.40 -1.05 -21.78
CA ASP C 403 -34.62 -1.82 -22.02
C ASP C 403 -34.52 -2.67 -23.26
N ARG C 404 -34.01 -2.12 -24.34
CA ARG C 404 -33.81 -2.88 -25.57
C ARG C 404 -32.90 -4.11 -25.36
N ARG C 405 -31.85 -3.98 -24.52
CA ARG C 405 -30.93 -5.09 -24.28
C ARG C 405 -31.50 -6.13 -23.34
N VAL C 406 -32.29 -5.70 -22.34
CA VAL C 406 -32.97 -6.62 -21.42
C VAL C 406 -33.96 -7.50 -22.25
N GLN C 407 -34.76 -6.84 -23.16
CA GLN C 407 -35.68 -7.55 -24.07
C GLN C 407 -34.97 -8.43 -25.09
N PHE C 408 -33.77 -8.06 -25.51
CA PHE C 408 -32.94 -8.93 -26.35
C PHE C 408 -32.58 -10.25 -25.60
N GLY C 409 -32.24 -10.14 -24.31
CA GLY C 409 -31.93 -11.27 -23.46
C GLY C 409 -33.14 -12.15 -23.22
N ILE C 410 -34.33 -11.54 -23.00
CA ILE C 410 -35.59 -12.26 -22.83
C ILE C 410 -36.01 -12.98 -24.13
N GLU C 411 -35.98 -12.28 -25.27
CA GLU C 411 -36.37 -12.87 -26.55
C GLU C 411 -35.42 -13.99 -26.97
N SER C 412 -34.10 -13.81 -26.79
CA SER C 412 -33.13 -14.87 -27.09
C SER C 412 -33.39 -16.10 -26.21
N GLY C 413 -33.76 -15.85 -24.96
CA GLY C 413 -34.07 -16.89 -23.99
C GLY C 413 -35.29 -17.67 -24.37
N LYS C 414 -36.36 -16.97 -24.77
CA LYS C 414 -37.61 -17.62 -25.22
C LYS C 414 -37.32 -18.47 -26.47
N LEU C 415 -36.50 -17.94 -27.41
CA LEU C 415 -36.11 -18.62 -28.64
C LEU C 415 -35.27 -19.89 -28.36
N ARG C 416 -34.26 -19.78 -27.49
CA ARG C 416 -33.37 -20.87 -27.14
C ARG C 416 -33.97 -21.92 -26.18
N GLY C 417 -35.13 -21.66 -25.59
CA GLY C 417 -35.76 -22.63 -24.69
C GLY C 417 -35.75 -22.27 -23.21
N PHE C 418 -34.76 -21.45 -22.75
CA PHE C 418 -34.65 -20.99 -21.35
C PHE C 418 -35.99 -20.44 -20.76
N LEU C 419 -36.74 -19.62 -21.52
CA LEU C 419 -37.90 -18.89 -20.99
C LEU C 419 -39.27 -19.08 -21.66
N ARG C 420 -40.32 -18.84 -20.89
CA ARG C 420 -41.70 -18.88 -21.34
C ARG C 420 -42.48 -17.75 -20.65
N VAL C 421 -43.59 -17.34 -21.24
CA VAL C 421 -44.48 -16.33 -20.67
C VAL C 421 -45.00 -16.81 -19.32
N GLY C 422 -44.91 -15.95 -18.31
CA GLY C 422 -45.25 -16.32 -16.95
C GLY C 422 -44.04 -16.64 -16.09
N ASP C 423 -42.86 -16.91 -16.70
CA ASP C 423 -41.64 -17.16 -15.94
C ASP C 423 -41.16 -15.88 -15.24
N LEU C 424 -40.39 -16.02 -14.17
CA LEU C 424 -39.80 -14.88 -13.48
C LEU C 424 -38.30 -14.87 -13.84
N VAL C 425 -37.74 -13.70 -14.15
CA VAL C 425 -36.29 -13.58 -14.38
C VAL C 425 -35.77 -12.48 -13.48
N ILE C 426 -34.48 -12.53 -13.16
CA ILE C 426 -33.81 -11.48 -12.39
C ILE C 426 -33.01 -10.67 -13.37
N VAL C 427 -33.04 -9.35 -13.26
CA VAL C 427 -32.32 -8.50 -14.18
C VAL C 427 -31.33 -7.67 -13.43
N VAL C 428 -30.08 -7.71 -13.85
CA VAL C 428 -29.02 -6.96 -13.22
C VAL C 428 -28.47 -5.88 -14.15
N THR C 429 -28.57 -4.63 -13.73
CA THR C 429 -28.05 -3.49 -14.49
C THR C 429 -27.35 -2.49 -13.50
N GLY C 430 -26.89 -1.36 -13.98
CA GLY C 430 -26.37 -0.26 -13.19
C GLY C 430 -27.26 0.96 -13.39
N TRP C 431 -26.92 2.06 -12.70
CA TRP C 431 -27.71 3.30 -12.74
C TRP C 431 -27.27 4.31 -13.80
N ARG C 432 -26.10 4.07 -14.41
CA ARG C 432 -25.59 4.95 -15.44
C ARG C 432 -24.72 4.15 -16.41
N PRO C 433 -24.48 4.69 -17.63
CA PRO C 433 -23.70 3.93 -18.61
C PRO C 433 -22.22 3.85 -18.22
N GLY C 434 -21.56 2.87 -18.78
CA GLY C 434 -20.17 2.63 -18.51
C GLY C 434 -19.99 1.48 -17.56
N SER C 435 -18.88 0.80 -17.72
CA SER C 435 -18.51 -0.33 -16.92
C SER C 435 -18.23 0.08 -15.44
N GLY C 436 -18.50 -0.82 -14.51
CA GLY C 436 -18.24 -0.58 -13.09
C GLY C 436 -19.34 0.02 -12.22
N TYR C 437 -20.54 0.21 -12.73
CA TYR C 437 -21.64 0.78 -11.95
C TYR C 437 -22.81 -0.14 -11.66
N THR C 438 -22.68 -1.48 -11.82
CA THR C 438 -23.78 -2.39 -11.52
C THR C 438 -24.24 -2.22 -10.06
N ASN C 439 -25.52 -1.94 -9.88
CA ASN C 439 -26.08 -1.71 -8.53
C ASN C 439 -27.61 -1.97 -8.48
N ILE C 440 -28.21 -2.52 -9.54
CA ILE C 440 -29.64 -2.74 -9.56
C ILE C 440 -29.94 -4.16 -9.81
N MET C 441 -30.94 -4.68 -9.12
CA MET C 441 -31.49 -6.00 -9.31
C MET C 441 -33.02 -5.81 -9.41
N ARG C 442 -33.61 -6.29 -10.49
CA ARG C 442 -35.05 -6.16 -10.71
C ARG C 442 -35.64 -7.54 -10.92
N VAL C 443 -36.87 -7.75 -10.47
CA VAL C 443 -37.59 -9.00 -10.66
C VAL C 443 -38.60 -8.75 -11.76
N LEU C 444 -38.49 -9.43 -12.90
CA LEU C 444 -39.47 -9.26 -13.98
C LEU C 444 -40.25 -10.52 -14.27
N SER C 445 -41.51 -10.34 -14.59
CA SER C 445 -42.38 -11.42 -15.03
CA SER C 445 -42.39 -11.42 -15.03
C SER C 445 -42.34 -11.41 -16.58
N ILE C 446 -42.10 -12.57 -17.21
CA ILE C 446 -42.02 -12.65 -18.66
C ILE C 446 -43.40 -12.50 -19.32
N SER C 447 -43.53 -11.49 -20.19
CA SER C 447 -44.79 -11.28 -20.91
C SER C 447 -44.59 -11.57 -22.42
N GLY D 23 -13.28 0.94 10.67
CA GLY D 23 -12.50 1.07 11.89
C GLY D 23 -12.70 -0.05 12.89
N THR D 24 -11.73 -0.24 13.79
CA THR D 24 -11.80 -1.28 14.82
C THR D 24 -12.90 -0.98 15.84
N ALA D 25 -13.10 0.31 16.16
CA ALA D 25 -14.13 0.74 17.11
C ALA D 25 -15.52 0.37 16.63
N PHE D 26 -15.77 0.43 15.31
CA PHE D 26 -17.06 0.07 14.72
C PHE D 26 -17.36 -1.41 14.99
N PHE D 27 -16.35 -2.28 14.82
CA PHE D 27 -16.51 -3.71 15.01
C PHE D 27 -16.47 -4.17 16.49
N GLN D 28 -16.29 -3.25 17.43
CA GLN D 28 -16.37 -3.57 18.87
C GLN D 28 -17.77 -3.20 19.45
N GLN D 29 -18.49 -2.27 18.79
CA GLN D 29 -19.83 -1.85 19.18
C GLN D 29 -20.90 -2.86 18.69
N GLN D 30 -22.16 -2.67 19.14
CA GLN D 30 -23.38 -3.42 18.82
C GLN D 30 -23.21 -4.96 18.79
N GLN D 31 -22.43 -5.49 19.76
CA GLN D 31 -22.14 -6.91 19.92
C GLN D 31 -21.62 -7.57 18.64
N LEU D 32 -20.87 -6.82 17.81
CA LEU D 32 -20.33 -7.36 16.56
C LEU D 32 -19.33 -8.51 16.79
N PRO D 33 -18.44 -8.50 17.81
CA PRO D 33 -17.61 -9.69 18.06
C PRO D 33 -18.47 -10.96 18.30
N ALA D 34 -19.56 -10.83 19.10
CA ALA D 34 -20.48 -11.95 19.39
C ALA D 34 -21.29 -12.37 18.13
N ALA D 35 -21.53 -11.43 17.20
CA ALA D 35 -22.25 -11.69 15.97
C ALA D 35 -21.42 -12.52 14.97
N MET D 36 -20.08 -12.39 15.02
CA MET D 36 -19.16 -13.14 14.15
C MET D 36 -19.00 -14.60 14.57
N ALA D 37 -19.38 -14.96 15.82
CA ALA D 37 -19.20 -16.31 16.36
C ALA D 37 -19.75 -17.43 15.50
N ASP D 38 -19.06 -18.57 15.49
CA ASP D 38 -19.45 -19.72 14.69
C ASP D 38 -20.48 -20.64 15.35
N THR D 39 -20.66 -20.52 16.67
CA THR D 39 -21.69 -21.26 17.40
C THR D 39 -22.49 -20.30 18.31
N PHE D 40 -23.71 -20.69 18.66
CA PHE D 40 -24.55 -19.91 19.57
C PHE D 40 -23.91 -19.82 20.97
N LEU D 41 -23.23 -20.89 21.40
CA LEU D 41 -22.53 -20.94 22.67
C LEU D 41 -21.37 -19.93 22.69
N GLU D 42 -20.57 -19.88 21.61
CA GLU D 42 -19.48 -18.91 21.52
C GLU D 42 -20.02 -17.47 21.43
N HIS D 43 -21.19 -17.30 20.76
CA HIS D 43 -21.90 -16.03 20.65
C HIS D 43 -22.23 -15.52 22.08
N LEU D 44 -22.80 -16.39 22.93
CA LEU D 44 -23.11 -16.03 24.31
C LEU D 44 -21.85 -15.63 25.09
N CYS D 45 -20.77 -16.42 24.97
CA CYS D 45 -19.49 -16.16 25.62
C CYS D 45 -18.88 -14.84 25.21
N LEU D 46 -19.15 -14.37 23.98
CA LEU D 46 -18.59 -13.12 23.45
C LEU D 46 -19.42 -11.88 23.78
N LEU D 47 -20.59 -12.02 24.44
CA LEU D 47 -21.42 -10.86 24.77
C LEU D 47 -20.66 -9.96 25.74
N ASP D 48 -20.62 -8.66 25.45
CA ASP D 48 -19.85 -7.70 26.21
C ASP D 48 -20.74 -6.55 26.72
N ILE D 49 -20.76 -6.32 28.04
CA ILE D 49 -21.52 -5.22 28.62
C ILE D 49 -20.94 -3.85 28.22
N ASP D 50 -19.70 -3.79 27.76
CA ASP D 50 -19.07 -2.56 27.30
C ASP D 50 -19.28 -2.30 25.79
N SER D 51 -19.90 -3.24 25.06
CA SER D 51 -20.18 -3.08 23.64
C SER D 51 -21.52 -2.34 23.55
N GLU D 52 -21.46 -1.02 23.34
CA GLU D 52 -22.65 -0.19 23.28
C GLU D 52 -23.50 -0.36 22.04
N PRO D 53 -24.85 -0.32 22.21
CA PRO D 53 -25.71 -0.45 21.04
C PRO D 53 -25.62 0.79 20.14
N VAL D 54 -25.54 0.56 18.81
CA VAL D 54 -25.39 1.58 17.76
C VAL D 54 -26.73 1.82 17.03
N ALA D 55 -27.40 0.73 16.68
CA ALA D 55 -28.63 0.76 15.92
C ALA D 55 -29.84 1.33 16.68
N ALA D 56 -30.82 1.86 15.92
CA ALA D 56 -32.04 2.37 16.50
C ALA D 56 -32.85 1.17 17.02
N ARG D 57 -33.59 1.37 18.11
CA ARG D 57 -34.40 0.34 18.71
C ARG D 57 -35.50 -0.09 17.75
N SER D 58 -35.57 -1.37 17.44
CA SER D 58 -36.45 -1.90 16.42
C SER D 58 -37.73 -2.60 16.94
N THR D 59 -37.78 -3.03 18.23
CA THR D 59 -38.98 -3.63 18.79
C THR D 59 -39.93 -2.50 19.25
N SER D 60 -41.14 -2.43 18.70
CA SER D 60 -42.09 -1.37 19.07
CA SER D 60 -42.09 -1.37 19.06
C SER D 60 -42.60 -1.49 20.50
N ILE D 61 -42.87 -0.38 21.13
CA ILE D 61 -43.40 -0.34 22.49
C ILE D 61 -44.87 0.06 22.38
N ILE D 62 -45.75 -0.77 22.95
CA ILE D 62 -47.18 -0.45 23.04
C ILE D 62 -47.44 0.03 24.48
N ALA D 63 -47.92 1.26 24.66
CA ALA D 63 -48.25 1.76 26.01
C ALA D 63 -49.76 1.85 26.16
N THR D 64 -50.33 1.23 27.24
CA THR D 64 -51.75 1.29 27.47
C THR D 64 -52.08 2.67 28.08
N ILE D 65 -53.09 3.36 27.49
CA ILE D 65 -53.49 4.69 27.88
C ILE D 65 -54.50 4.67 29.04
N GLY D 66 -54.26 5.51 30.04
CA GLY D 66 -55.15 5.62 31.17
C GLY D 66 -54.99 6.94 31.90
N PRO D 67 -55.50 7.00 33.14
CA PRO D 67 -55.34 8.21 33.98
C PRO D 67 -53.92 8.76 34.09
N ALA D 68 -52.91 7.88 34.21
CA ALA D 68 -51.52 8.28 34.35
C ALA D 68 -50.88 8.74 33.03
N SER D 69 -51.55 8.51 31.89
CA SER D 69 -50.95 8.81 30.60
C SER D 69 -51.88 9.53 29.61
N ARG D 70 -52.87 10.28 30.06
CA ARG D 70 -53.81 10.92 29.13
C ARG D 70 -53.52 12.35 28.83
N SER D 71 -52.79 13.02 29.69
CA SER D 71 -52.46 14.41 29.53
C SER D 71 -51.65 14.60 28.27
N VAL D 72 -52.05 15.57 27.39
CA VAL D 72 -51.35 15.87 26.14
C VAL D 72 -49.85 16.04 26.35
N GLU D 73 -49.49 16.75 27.41
CA GLU D 73 -48.07 17.01 27.72
CA GLU D 73 -48.10 17.02 27.74
C GLU D 73 -47.35 15.77 28.18
N ARG D 74 -48.03 14.87 28.89
CA ARG D 74 -47.44 13.62 29.34
C ARG D 74 -47.25 12.68 28.10
N LEU D 75 -48.24 12.64 27.21
CA LEU D 75 -48.19 11.86 25.99
C LEU D 75 -47.05 12.33 25.05
N LYS D 76 -46.70 13.62 25.05
CA LYS D 76 -45.56 14.12 24.28
C LYS D 76 -44.26 13.54 24.84
N GLU D 77 -44.15 13.46 26.17
CA GLU D 77 -42.98 12.88 26.80
C GLU D 77 -42.88 11.39 26.49
N MET D 78 -44.04 10.67 26.40
CA MET D 78 -44.05 9.25 26.10
CA MET D 78 -44.04 9.25 26.10
C MET D 78 -43.67 8.97 24.64
N ILE D 79 -44.05 9.87 23.72
CA ILE D 79 -43.69 9.75 22.33
C ILE D 79 -42.16 9.93 22.21
N LYS D 80 -41.60 10.93 22.92
CA LYS D 80 -40.15 11.17 22.94
C LYS D 80 -39.36 10.03 23.61
N ALA D 81 -39.96 9.37 24.63
CA ALA D 81 -39.35 8.23 25.30
C ALA D 81 -39.33 6.96 24.43
N GLY D 82 -40.22 6.88 23.43
CA GLY D 82 -40.26 5.73 22.54
C GLY D 82 -41.58 5.00 22.31
N MET D 83 -42.72 5.48 22.86
CA MET D 83 -44.01 4.83 22.64
C MET D 83 -44.35 4.87 21.13
N ASN D 84 -44.73 3.71 20.57
CA ASN D 84 -45.05 3.63 19.15
C ASN D 84 -46.50 3.42 18.87
N ILE D 85 -47.21 2.71 19.80
CA ILE D 85 -48.62 2.32 19.70
C ILE D 85 -49.31 2.62 21.03
N ALA D 86 -50.45 3.30 20.96
CA ALA D 86 -51.26 3.63 22.11
C ALA D 86 -52.41 2.59 22.18
N ARG D 87 -52.48 1.83 23.27
CA ARG D 87 -53.52 0.85 23.45
C ARG D 87 -54.68 1.42 24.29
N LEU D 88 -55.92 1.25 23.80
CA LEU D 88 -57.12 1.70 24.52
C LEU D 88 -57.81 0.45 24.97
N ASN D 89 -57.84 0.23 26.29
CA ASN D 89 -58.44 -0.97 26.81
C ASN D 89 -59.94 -0.78 27.00
N PHE D 90 -60.75 -1.39 26.11
CA PHE D 90 -62.20 -1.28 26.19
C PHE D 90 -62.82 -2.14 27.30
N SER D 91 -61.99 -2.78 28.14
CA SER D 91 -62.47 -3.46 29.33
C SER D 91 -62.76 -2.41 30.44
N HIS D 92 -62.19 -1.19 30.35
CA HIS D 92 -62.37 -0.06 31.26
C HIS D 92 -62.89 1.15 30.48
N GLY D 93 -63.58 2.04 31.15
CA GLY D 93 -64.08 3.27 30.56
C GLY D 93 -65.21 3.16 29.57
N SER D 94 -65.77 4.30 29.24
CA SER D 94 -66.84 4.43 28.26
C SER D 94 -66.26 4.89 26.89
N HIS D 95 -67.13 4.94 25.86
CA HIS D 95 -66.80 5.45 24.53
C HIS D 95 -66.37 6.90 24.62
N GLU D 96 -66.99 7.70 25.49
CA GLU D 96 -66.62 9.10 25.66
C GLU D 96 -65.23 9.23 26.24
N TYR D 97 -64.87 8.36 27.19
CA TYR D 97 -63.54 8.37 27.79
C TYR D 97 -62.51 8.03 26.70
N HIS D 98 -62.74 6.97 25.91
CA HIS D 98 -61.78 6.55 24.90
C HIS D 98 -61.66 7.52 23.73
N ALA D 99 -62.75 8.23 23.39
CA ALA D 99 -62.71 9.27 22.35
C ALA D 99 -61.83 10.43 22.80
N GLU D 100 -61.88 10.80 24.08
CA GLU D 100 -60.99 11.83 24.63
C GLU D 100 -59.55 11.32 24.63
N SER D 101 -59.34 10.01 24.89
CA SER D 101 -57.98 9.44 24.87
C SER D 101 -57.37 9.58 23.48
N ILE D 102 -58.17 9.21 22.48
CA ILE D 102 -57.80 9.26 21.08
C ILE D 102 -57.46 10.67 20.66
N ALA D 103 -58.30 11.63 21.06
CA ALA D 103 -58.05 13.03 20.74
C ALA D 103 -56.77 13.54 21.39
N ASN D 104 -56.49 13.15 22.65
CA ASN D 104 -55.24 13.59 23.32
C ASN D 104 -54.02 12.97 22.67
N VAL D 105 -54.14 11.70 22.24
CA VAL D 105 -53.04 11.04 21.56
C VAL D 105 -52.74 11.75 20.27
N ARG D 106 -53.77 11.99 19.45
CA ARG D 106 -53.61 12.69 18.18
C ARG D 106 -53.09 14.10 18.34
N GLU D 107 -53.51 14.82 19.39
CA GLU D 107 -53.01 16.17 19.63
C GLU D 107 -51.52 16.14 19.97
N ALA D 108 -51.09 15.20 20.84
CA ALA D 108 -49.66 15.09 21.18
C ALA D 108 -48.83 14.69 19.96
N VAL D 109 -49.33 13.75 19.15
CA VAL D 109 -48.65 13.30 17.93
C VAL D 109 -48.49 14.44 16.92
N GLU D 110 -49.58 15.17 16.66
CA GLU D 110 -49.56 16.25 15.69
C GLU D 110 -48.79 17.48 16.14
N SER D 111 -48.48 17.60 17.43
CA SER D 111 -47.66 18.71 17.91
C SER D 111 -46.23 18.67 17.34
N PHE D 112 -45.78 17.53 16.82
CA PHE D 112 -44.45 17.38 16.22
C PHE D 112 -44.49 17.38 14.68
N ALA D 113 -45.68 17.56 14.07
CA ALA D 113 -45.85 17.56 12.62
C ALA D 113 -45.17 18.73 11.89
N GLY D 114 -44.83 19.79 12.61
CA GLY D 114 -44.18 20.97 12.06
C GLY D 114 -42.77 20.73 11.56
N SER D 115 -42.15 19.62 11.99
CA SER D 115 -40.82 19.23 11.53
C SER D 115 -40.98 17.84 10.88
N PRO D 116 -41.30 17.81 9.56
CA PRO D 116 -41.59 16.52 8.90
C PRO D 116 -40.47 15.47 8.90
N LEU D 117 -39.21 15.89 8.98
CA LEU D 117 -38.09 14.95 9.02
C LEU D 117 -37.97 14.22 10.37
N SER D 118 -38.60 14.74 11.44
CA SER D 118 -38.52 14.14 12.77
CA SER D 118 -38.50 14.11 12.76
C SER D 118 -39.84 13.58 13.30
N TYR D 119 -40.97 13.92 12.66
CA TYR D 119 -42.32 13.49 13.08
C TYR D 119 -42.43 11.97 13.27
N ARG D 120 -43.01 11.56 14.41
CA ARG D 120 -43.17 10.14 14.71
C ARG D 120 -44.61 9.74 14.71
N PRO D 121 -45.03 8.94 13.72
CA PRO D 121 -46.40 8.43 13.73
C PRO D 121 -46.61 7.52 14.96
N VAL D 122 -47.85 7.52 15.52
CA VAL D 122 -48.21 6.65 16.64
C VAL D 122 -49.53 5.97 16.32
N ALA D 123 -49.56 4.64 16.30
CA ALA D 123 -50.78 3.89 16.00
C ALA D 123 -51.74 3.89 17.19
N ILE D 124 -53.03 3.70 16.91
CA ILE D 124 -54.05 3.62 17.93
C ILE D 124 -54.69 2.25 17.84
N ALA D 125 -54.59 1.49 18.91
CA ALA D 125 -55.10 0.14 18.97
C ALA D 125 -56.24 0.02 19.97
N LEU D 126 -57.32 -0.64 19.59
CA LEU D 126 -58.47 -0.82 20.45
C LEU D 126 -58.41 -2.25 20.97
N ASP D 127 -58.37 -2.44 22.29
CA ASP D 127 -58.32 -3.78 22.86
C ASP D 127 -59.74 -4.09 23.33
N THR D 128 -60.38 -5.12 22.78
CA THR D 128 -61.76 -5.42 23.11
C THR D 128 -61.96 -6.03 24.49
N LYS D 129 -63.17 -5.86 25.05
CA LYS D 129 -63.55 -6.43 26.34
C LYS D 129 -63.55 -7.95 26.24
N GLY D 130 -64.06 -8.48 25.13
CA GLY D 130 -64.10 -9.92 24.91
C GLY D 130 -65.49 -10.50 25.04
N PRO D 131 -65.64 -11.84 24.95
CA PRO D 131 -66.97 -12.47 24.94
C PRO D 131 -67.52 -13.01 26.25
N GLY D 132 -66.72 -12.98 27.32
CA GLY D 132 -67.16 -13.52 28.62
C GLY D 132 -67.64 -14.96 28.53
N SER D 133 -68.68 -15.30 29.30
CA SER D 133 -69.27 -16.66 29.28
C SER D 133 -69.90 -16.93 27.91
N GLY D 134 -69.93 -15.92 27.03
CA GLY D 134 -70.47 -16.11 25.67
C GLY D 134 -69.45 -16.76 24.77
N PRO D 135 -69.88 -17.49 23.71
CA PRO D 135 -68.96 -18.09 22.76
C PRO D 135 -68.82 -17.25 21.48
N GLY D 136 -69.83 -16.42 21.17
CA GLY D 136 -69.79 -15.56 19.96
C GLY D 136 -69.37 -14.14 20.30
N LEU D 137 -69.38 -13.25 19.29
CA LEU D 137 -69.04 -11.83 19.53
C LEU D 137 -70.12 -11.21 20.41
N SER D 138 -69.72 -10.68 21.54
CA SER D 138 -70.64 -10.01 22.44
C SER D 138 -71.26 -8.75 21.80
N GLU D 139 -72.40 -8.29 22.34
CA GLU D 139 -73.05 -7.09 21.80
C GLU D 139 -72.23 -5.84 22.10
N GLN D 140 -71.51 -5.81 23.24
CA GLN D 140 -70.65 -4.69 23.58
C GLN D 140 -69.45 -4.65 22.63
N ASP D 141 -68.89 -5.83 22.25
CA ASP D 141 -67.79 -5.88 21.28
C ASP D 141 -68.24 -5.34 19.94
N VAL D 142 -69.46 -5.67 19.50
CA VAL D 142 -69.99 -5.13 18.24
C VAL D 142 -70.05 -3.61 18.28
N ARG D 143 -70.51 -3.05 19.38
CA ARG D 143 -70.60 -1.59 19.53
C ARG D 143 -69.23 -0.92 19.62
N ASP D 144 -68.28 -1.54 20.33
CA ASP D 144 -66.91 -1.04 20.49
C ASP D 144 -66.16 -1.10 19.16
N LEU D 145 -66.37 -2.18 18.39
CA LEU D 145 -65.75 -2.34 17.08
C LEU D 145 -66.27 -1.28 16.12
N ARG D 146 -67.59 -0.97 16.18
CA ARG D 146 -68.11 0.10 15.31
CA ARG D 146 -68.17 0.10 15.35
C ARG D 146 -67.58 1.46 15.76
N PHE D 147 -67.32 1.65 17.08
CA PHE D 147 -66.73 2.89 17.60
C PHE D 147 -65.33 3.06 16.99
N GLY D 148 -64.54 1.98 16.98
CA GLY D 148 -63.20 1.97 16.44
C GLY D 148 -63.12 2.38 14.99
N VAL D 149 -64.01 1.83 14.16
CA VAL D 149 -64.10 2.20 12.75
C VAL D 149 -64.48 3.69 12.62
N GLU D 150 -65.47 4.15 13.40
CA GLU D 150 -65.90 5.55 13.35
C GLU D 150 -64.82 6.51 13.80
N HIS D 151 -63.95 6.09 14.73
CA HIS D 151 -62.86 6.93 15.20
C HIS D 151 -61.52 6.70 14.52
N GLY D 152 -61.50 5.87 13.49
CA GLY D 152 -60.30 5.61 12.70
C GLY D 152 -59.17 4.89 13.39
N VAL D 153 -59.46 3.89 14.23
CA VAL D 153 -58.37 3.13 14.88
C VAL D 153 -57.60 2.32 13.83
N ASP D 154 -56.33 2.07 14.10
CA ASP D 154 -55.47 1.35 13.15
C ASP D 154 -55.45 -0.16 13.39
N ILE D 155 -55.57 -0.57 14.65
CA ILE D 155 -55.43 -1.96 15.05
C ILE D 155 -56.52 -2.33 16.04
N VAL D 156 -56.90 -3.61 16.04
CA VAL D 156 -57.80 -4.17 17.01
C VAL D 156 -57.04 -5.33 17.69
N PHE D 157 -56.92 -5.30 19.03
CA PHE D 157 -56.37 -6.42 19.78
C PHE D 157 -57.62 -7.16 20.21
N ALA D 158 -57.96 -8.27 19.51
CA ALA D 158 -59.20 -9.00 19.79
C ALA D 158 -59.05 -9.98 20.95
N SER D 159 -59.74 -9.73 22.08
CA SER D 159 -59.65 -10.59 23.26
C SER D 159 -60.23 -11.97 23.07
N PHE D 160 -59.62 -12.96 23.74
CA PHE D 160 -60.02 -14.37 23.80
C PHE D 160 -60.39 -14.98 22.44
N VAL D 161 -59.51 -14.88 21.46
CA VAL D 161 -59.74 -15.51 20.17
C VAL D 161 -59.46 -17.00 20.37
N ARG D 162 -60.44 -17.87 20.03
CA ARG D 162 -60.33 -19.32 20.23
C ARG D 162 -60.34 -20.14 18.94
N LYS D 163 -60.74 -19.53 17.82
CA LYS D 163 -60.83 -20.22 16.54
C LYS D 163 -60.90 -19.22 15.40
N ALA D 164 -60.72 -19.66 14.15
CA ALA D 164 -60.76 -18.80 12.98
C ALA D 164 -62.08 -18.04 12.83
N SER D 165 -63.21 -18.63 13.23
CA SER D 165 -64.52 -17.96 13.10
C SER D 165 -64.67 -16.77 14.03
N ASP D 166 -63.93 -16.72 15.14
CA ASP D 166 -63.91 -15.56 16.05
C ASP D 166 -63.30 -14.36 15.31
N VAL D 167 -62.24 -14.60 14.51
CA VAL D 167 -61.57 -13.55 13.75
C VAL D 167 -62.49 -13.05 12.65
N ALA D 168 -63.23 -13.96 12.00
CA ALA D 168 -64.17 -13.59 10.93
C ALA D 168 -65.28 -12.72 11.49
N ALA D 169 -65.78 -13.03 12.70
CA ALA D 169 -66.83 -12.23 13.35
C ALA D 169 -66.34 -10.83 13.66
N VAL D 170 -65.05 -10.67 14.10
CA VAL D 170 -64.49 -9.35 14.37
C VAL D 170 -64.39 -8.57 13.07
N ARG D 171 -63.91 -9.23 12.02
CA ARG D 171 -63.78 -8.67 10.69
C ARG D 171 -65.14 -8.19 10.15
N ALA D 172 -66.20 -8.97 10.37
CA ALA D 172 -67.55 -8.64 9.92
C ALA D 172 -68.09 -7.44 10.67
N ALA D 173 -67.86 -7.38 12.01
CA ALA D 173 -68.30 -6.26 12.83
C ALA D 173 -67.59 -4.96 12.50
N LEU D 174 -66.41 -5.01 11.86
CA LEU D 174 -65.72 -3.80 11.42
C LEU D 174 -66.37 -3.20 10.16
N GLY D 175 -67.15 -4.00 9.42
CA GLY D 175 -67.87 -3.56 8.23
C GLY D 175 -66.98 -3.30 7.02
N PRO D 176 -67.59 -2.74 5.96
CA PRO D 176 -66.81 -2.47 4.74
C PRO D 176 -65.81 -1.33 4.89
N GLU D 177 -66.06 -0.39 5.83
CA GLU D 177 -65.14 0.73 6.03
C GLU D 177 -63.96 0.41 6.96
N GLY D 178 -63.96 -0.75 7.60
CA GLY D 178 -62.86 -1.16 8.46
C GLY D 178 -62.02 -2.27 7.86
N HIS D 179 -61.95 -2.35 6.51
CA HIS D 179 -61.16 -3.40 5.84
CA HIS D 179 -61.16 -3.41 5.85
C HIS D 179 -59.64 -3.21 6.06
N GLY D 180 -59.22 -1.96 6.22
CA GLY D 180 -57.82 -1.64 6.44
C GLY D 180 -57.31 -1.83 7.86
N ILE D 181 -58.20 -2.01 8.87
CA ILE D 181 -57.79 -2.18 10.24
C ILE D 181 -57.12 -3.55 10.45
N LYS D 182 -55.99 -3.58 11.16
CA LYS D 182 -55.28 -4.84 11.42
C LYS D 182 -55.91 -5.55 12.62
N ILE D 183 -56.14 -6.85 12.49
CA ILE D 183 -56.68 -7.64 13.58
C ILE D 183 -55.56 -8.49 14.19
N ILE D 184 -55.20 -8.18 15.43
CA ILE D 184 -54.18 -8.91 16.16
C ILE D 184 -54.96 -9.76 17.16
N SER D 185 -54.95 -11.08 16.99
CA SER D 185 -55.70 -11.98 17.85
C SER D 185 -54.98 -12.22 19.18
N LYS D 186 -55.67 -12.01 20.30
CA LYS D 186 -55.09 -12.27 21.59
C LYS D 186 -55.31 -13.73 21.94
N ILE D 187 -54.22 -14.46 22.23
CA ILE D 187 -54.33 -15.86 22.59
C ILE D 187 -54.24 -15.91 24.11
N GLU D 188 -55.36 -16.26 24.78
CA GLU D 188 -55.42 -16.21 26.23
C GLU D 188 -55.93 -17.47 26.90
N ASN D 189 -56.14 -18.56 26.16
CA ASN D 189 -56.61 -19.81 26.79
C ASN D 189 -56.09 -21.06 26.07
N HIS D 190 -56.36 -22.25 26.64
CA HIS D 190 -55.92 -23.50 26.07
C HIS D 190 -56.40 -23.71 24.63
N GLU D 191 -57.66 -23.38 24.33
CA GLU D 191 -58.21 -23.56 22.99
C GLU D 191 -57.50 -22.69 21.96
N GLY D 192 -57.24 -21.43 22.29
CA GLY D 192 -56.51 -20.52 21.41
C GLY D 192 -55.13 -21.05 21.08
N VAL D 193 -54.43 -21.63 22.09
CA VAL D 193 -53.10 -22.21 21.89
C VAL D 193 -53.18 -23.43 20.98
N LYS D 194 -54.17 -24.31 21.22
CA LYS D 194 -54.33 -25.52 20.42
C LYS D 194 -54.78 -25.26 18.98
N ARG D 195 -55.62 -24.26 18.77
CA ARG D 195 -56.07 -23.88 17.44
C ARG D 195 -55.28 -22.72 16.85
N PHE D 196 -54.05 -22.47 17.37
CA PHE D 196 -53.15 -21.40 16.96
C PHE D 196 -52.99 -21.28 15.45
N ASP D 197 -52.65 -22.37 14.77
CA ASP D 197 -52.40 -22.34 13.32
C ASP D 197 -53.57 -21.79 12.51
N GLU D 198 -54.80 -22.20 12.81
CA GLU D 198 -55.96 -21.69 12.08
C GLU D 198 -56.25 -20.23 12.41
N ILE D 199 -55.93 -19.79 13.65
CA ILE D 199 -56.15 -18.41 14.06
C ILE D 199 -55.13 -17.52 13.36
N LEU D 200 -53.84 -17.93 13.36
CA LEU D 200 -52.76 -17.17 12.73
C LEU D 200 -53.02 -16.99 11.24
N GLU D 201 -53.49 -18.03 10.58
CA GLU D 201 -53.77 -18.00 9.15
C GLU D 201 -54.71 -16.89 8.75
N VAL D 202 -55.76 -16.62 9.55
CA VAL D 202 -56.73 -15.56 9.21
C VAL D 202 -56.48 -14.24 9.93
N SER D 203 -55.53 -14.18 10.86
CA SER D 203 -55.24 -12.94 11.59
C SER D 203 -54.10 -12.18 10.93
N ASP D 204 -54.02 -10.89 11.22
CA ASP D 204 -52.88 -10.08 10.77
C ASP D 204 -51.66 -10.26 11.69
N GLY D 205 -51.88 -10.74 12.91
CA GLY D 205 -50.85 -10.97 13.91
C GLY D 205 -51.43 -11.54 15.18
N ILE D 206 -50.56 -11.70 16.21
CA ILE D 206 -50.95 -12.35 17.45
C ILE D 206 -50.44 -11.59 18.66
N MET D 207 -51.18 -11.65 19.77
CA MET D 207 -50.71 -11.12 21.04
C MET D 207 -50.67 -12.30 22.03
N VAL D 208 -49.53 -12.50 22.68
CA VAL D 208 -49.40 -13.51 23.72
C VAL D 208 -49.88 -12.78 24.97
N ALA D 209 -51.18 -12.95 25.30
CA ALA D 209 -51.84 -12.26 26.40
C ALA D 209 -51.62 -13.06 27.66
N ARG D 210 -50.44 -12.90 28.28
CA ARG D 210 -49.95 -13.71 29.40
C ARG D 210 -50.76 -13.63 30.70
N GLY D 211 -51.47 -12.53 30.94
CA GLY D 211 -52.30 -12.37 32.13
C GLY D 211 -53.36 -13.45 32.23
N ASP D 212 -54.28 -13.49 31.26
CA ASP D 212 -55.31 -14.51 31.24
C ASP D 212 -54.74 -15.87 30.93
N LEU D 213 -53.76 -15.96 30.02
CA LEU D 213 -53.13 -17.23 29.68
C LEU D 213 -52.55 -17.94 30.91
N GLY D 214 -51.92 -17.18 31.81
CA GLY D 214 -51.35 -17.69 33.05
C GLY D 214 -52.36 -18.16 34.10
N ILE D 215 -53.66 -17.83 33.91
CA ILE D 215 -54.79 -18.24 34.74
C ILE D 215 -55.48 -19.44 34.07
N GLU D 216 -55.59 -19.44 32.73
CA GLU D 216 -56.26 -20.46 31.95
C GLU D 216 -55.45 -21.74 31.83
N ILE D 217 -54.13 -21.62 31.74
CA ILE D 217 -53.20 -22.76 31.69
C ILE D 217 -52.24 -22.65 32.89
N PRO D 218 -51.53 -23.74 33.29
CA PRO D 218 -50.61 -23.63 34.44
C PRO D 218 -49.56 -22.55 34.18
N ALA D 219 -49.30 -21.72 35.19
CA ALA D 219 -48.38 -20.59 35.09
C ALA D 219 -46.99 -20.99 34.56
N GLU D 220 -46.50 -22.15 34.98
CA GLU D 220 -45.20 -22.66 34.56
C GLU D 220 -45.13 -23.11 33.09
N LYS D 221 -46.25 -23.10 32.37
CA LYS D 221 -46.28 -23.48 30.97
C LYS D 221 -46.37 -22.27 30.02
N VAL D 222 -46.65 -21.04 30.55
CA VAL D 222 -46.80 -19.84 29.72
C VAL D 222 -45.59 -19.58 28.85
N PHE D 223 -44.37 -19.76 29.38
CA PHE D 223 -43.16 -19.52 28.59
C PHE D 223 -43.08 -20.42 27.34
N LEU D 224 -43.63 -21.66 27.41
CA LEU D 224 -43.63 -22.57 26.28
C LEU D 224 -44.57 -22.02 25.22
N ALA D 225 -45.77 -21.55 25.63
CA ALA D 225 -46.75 -20.98 24.71
C ALA D 225 -46.22 -19.71 24.07
N GLN D 226 -45.56 -18.85 24.86
CA GLN D 226 -44.98 -17.61 24.34
C GLN D 226 -43.91 -17.91 23.29
N LYS D 227 -42.94 -18.78 23.62
CA LYS D 227 -41.86 -19.11 22.70
C LYS D 227 -42.38 -19.78 21.43
N MET D 228 -43.38 -20.69 21.55
CA MET D 228 -43.98 -21.36 20.41
C MET D 228 -44.67 -20.35 19.49
N MET D 229 -45.51 -19.47 20.06
CA MET D 229 -46.26 -18.52 19.26
C MET D 229 -45.35 -17.51 18.56
N ILE D 230 -44.32 -17.01 19.26
CA ILE D 230 -43.37 -16.09 18.66
C ILE D 230 -42.63 -16.77 17.49
N GLY D 231 -42.18 -18.02 17.69
CA GLY D 231 -41.51 -18.79 16.64
C GLY D 231 -42.40 -18.97 15.41
N ARG D 232 -43.65 -19.38 15.61
CA ARG D 232 -44.60 -19.56 14.50
C ARG D 232 -44.94 -18.27 13.77
N CYS D 233 -45.07 -17.15 14.51
CA CYS D 233 -45.33 -15.86 13.89
C CYS D 233 -44.13 -15.39 13.09
N ASN D 234 -42.91 -15.60 13.61
CA ASN D 234 -41.68 -15.26 12.92
C ASN D 234 -41.59 -16.05 11.59
N LEU D 235 -41.94 -17.33 11.65
CA LEU D 235 -41.93 -18.20 10.49
C LEU D 235 -42.98 -17.73 9.47
N ALA D 236 -44.18 -17.33 9.93
CA ALA D 236 -45.25 -16.85 9.07
C ALA D 236 -45.03 -15.41 8.57
N GLY D 237 -44.08 -14.68 9.15
CA GLY D 237 -43.82 -13.29 8.80
C GLY D 237 -44.94 -12.36 9.28
N LYS D 238 -45.59 -12.72 10.40
CA LYS D 238 -46.69 -11.91 10.93
C LYS D 238 -46.33 -11.33 12.29
N PRO D 239 -46.77 -10.09 12.60
CA PRO D 239 -46.39 -9.50 13.90
C PRO D 239 -46.85 -10.27 15.13
N VAL D 240 -46.00 -10.31 16.15
CA VAL D 240 -46.31 -10.95 17.42
C VAL D 240 -45.98 -9.98 18.56
N VAL D 241 -46.91 -9.82 19.48
CA VAL D 241 -46.76 -8.92 20.64
C VAL D 241 -46.58 -9.73 21.92
N CYS D 242 -45.60 -9.39 22.75
CA CYS D 242 -45.49 -10.02 24.06
C CYS D 242 -46.11 -9.05 25.05
N ALA D 243 -47.09 -9.51 25.85
CA ALA D 243 -47.81 -8.62 26.74
C ALA D 243 -47.92 -9.12 28.17
N THR D 244 -48.13 -8.17 29.11
CA THR D 244 -48.55 -8.27 30.51
C THR D 244 -47.48 -8.64 31.51
N GLN D 245 -47.36 -7.76 32.52
CA GLN D 245 -46.48 -7.85 33.68
C GLN D 245 -45.02 -7.82 33.35
N MET D 246 -44.65 -7.24 32.19
CA MET D 246 -43.24 -7.16 31.79
C MET D 246 -42.40 -6.34 32.77
N LEU D 247 -42.94 -5.17 33.24
CA LEU D 247 -42.25 -4.31 34.21
C LEU D 247 -43.25 -3.97 35.34
N GLU D 248 -44.07 -4.96 35.77
CA GLU D 248 -45.15 -4.78 36.75
C GLU D 248 -44.78 -3.94 37.98
N SER D 249 -43.64 -4.23 38.63
CA SER D 249 -43.23 -3.51 39.81
C SER D 249 -43.03 -2.01 39.56
N MET D 250 -42.82 -1.58 38.30
CA MET D 250 -42.67 -0.15 37.99
C MET D 250 -44.00 0.63 38.08
N ILE D 251 -45.12 -0.05 38.39
CA ILE D 251 -46.38 0.64 38.67
C ILE D 251 -46.19 1.53 39.93
N THR D 252 -45.45 1.01 40.92
CA THR D 252 -45.20 1.72 42.16
C THR D 252 -43.74 2.04 42.43
N LYS D 253 -42.77 1.32 41.82
CA LYS D 253 -41.34 1.53 42.07
C LYS D 253 -40.61 2.13 40.89
N PRO D 254 -39.60 2.98 41.16
CA PRO D 254 -38.91 3.66 40.06
C PRO D 254 -38.00 2.77 39.19
N ARG D 255 -37.62 1.61 39.71
CA ARG D 255 -36.76 0.67 38.99
C ARG D 255 -37.41 -0.70 38.98
N PRO D 256 -37.25 -1.47 37.89
CA PRO D 256 -37.86 -2.80 37.86
C PRO D 256 -37.02 -3.87 38.60
N THR D 257 -37.58 -5.06 38.79
CA THR D 257 -36.86 -6.17 39.39
C THR D 257 -35.92 -6.81 38.32
N ARG D 258 -34.98 -7.63 38.75
CA ARG D 258 -34.06 -8.33 37.87
C ARG D 258 -34.80 -9.31 36.97
N ALA D 259 -35.93 -9.88 37.43
CA ALA D 259 -36.72 -10.79 36.63
C ALA D 259 -37.45 -10.05 35.50
N GLU D 260 -37.86 -8.79 35.77
CA GLU D 260 -38.56 -7.95 34.82
C GLU D 260 -37.67 -7.48 33.67
N THR D 261 -36.47 -7.00 33.94
CA THR D 261 -35.57 -6.60 32.84
C THR D 261 -35.20 -7.82 31.98
N SER D 262 -35.01 -8.96 32.63
CA SER D 262 -34.67 -10.21 31.97
C SER D 262 -35.85 -10.65 31.07
N ASP D 263 -37.09 -10.52 31.55
CA ASP D 263 -38.28 -10.87 30.78
C ASP D 263 -38.40 -10.02 29.50
N VAL D 264 -38.15 -8.71 29.60
CA VAL D 264 -38.20 -7.82 28.45
C VAL D 264 -37.10 -8.24 27.43
N ALA D 265 -35.86 -8.42 27.92
CA ALA D 265 -34.76 -8.83 27.06
C ALA D 265 -35.03 -10.17 26.37
N ASN D 266 -35.61 -11.12 27.10
CA ASN D 266 -35.90 -12.42 26.57
C ASN D 266 -37.06 -12.42 25.60
N ALA D 267 -38.05 -11.51 25.75
CA ALA D 267 -39.13 -11.42 24.76
C ALA D 267 -38.54 -10.95 23.40
N VAL D 268 -37.60 -9.96 23.45
CA VAL D 268 -36.92 -9.48 22.25
C VAL D 268 -36.05 -10.61 21.65
N LEU D 269 -35.26 -11.32 22.48
CA LEU D 269 -34.45 -12.42 22.01
C LEU D 269 -35.30 -13.55 21.45
N ASP D 270 -36.52 -13.77 21.95
CA ASP D 270 -37.43 -14.79 21.44
C ASP D 270 -37.87 -14.49 20.00
N GLY D 271 -37.97 -13.20 19.67
CA GLY D 271 -38.38 -12.75 18.34
C GLY D 271 -39.63 -11.88 18.33
N ALA D 272 -40.05 -11.36 19.48
CA ALA D 272 -41.26 -10.51 19.52
C ALA D 272 -41.09 -9.25 18.69
N ASP D 273 -42.10 -8.87 17.92
CA ASP D 273 -42.08 -7.63 17.16
C ASP D 273 -42.37 -6.47 18.08
N CYS D 274 -43.31 -6.64 19.03
CA CYS D 274 -43.73 -5.60 19.94
C CYS D 274 -43.68 -6.07 21.37
N ILE D 275 -43.46 -5.13 22.28
CA ILE D 275 -43.54 -5.38 23.72
C ILE D 275 -44.55 -4.39 24.28
N MET D 276 -45.29 -4.78 25.32
CA MET D 276 -46.36 -3.97 25.85
C MET D 276 -46.21 -3.58 27.31
N LEU D 277 -46.81 -2.44 27.66
CA LEU D 277 -46.95 -1.91 29.02
C LEU D 277 -48.46 -1.72 29.26
N SER D 278 -48.98 -2.24 30.38
CA SER D 278 -50.40 -2.15 30.73
C SER D 278 -50.56 -1.15 31.90
N GLY D 279 -50.65 -1.64 33.16
CA GLY D 279 -50.74 -0.80 34.34
C GLY D 279 -49.56 0.12 34.53
N GLU D 280 -48.39 -0.26 34.04
CA GLU D 280 -47.19 0.59 34.08
C GLU D 280 -47.39 1.93 33.41
N THR D 281 -48.17 1.99 32.31
CA THR D 281 -48.43 3.29 31.68
C THR D 281 -49.87 3.78 31.96
N ALA D 282 -50.84 2.87 32.15
CA ALA D 282 -52.23 3.26 32.36
C ALA D 282 -52.51 3.90 33.72
N LYS D 283 -51.97 3.33 34.79
CA LYS D 283 -52.27 3.80 36.14
C LYS D 283 -51.09 4.00 37.05
N GLY D 284 -49.90 3.61 36.62
CA GLY D 284 -48.73 3.71 37.48
C GLY D 284 -48.19 5.07 37.76
N ASN D 285 -47.17 5.13 38.60
CA ASN D 285 -46.51 6.39 38.93
C ASN D 285 -45.31 6.70 38.05
N PHE D 286 -44.94 5.77 37.13
CA PHE D 286 -43.76 5.89 36.32
C PHE D 286 -44.03 5.56 34.86
N PRO D 287 -45.07 6.16 34.20
CA PRO D 287 -45.33 5.79 32.81
C PRO D 287 -44.20 6.12 31.82
N VAL D 288 -43.57 7.30 31.93
CA VAL D 288 -42.50 7.68 31.02
C VAL D 288 -41.23 6.87 31.29
N GLU D 289 -40.94 6.58 32.57
CA GLU D 289 -39.78 5.80 32.93
C GLU D 289 -39.96 4.36 32.52
N ALA D 290 -41.20 3.82 32.52
CA ALA D 290 -41.45 2.45 32.08
C ALA D 290 -41.18 2.35 30.56
N VAL D 291 -41.56 3.37 29.78
CA VAL D 291 -41.32 3.38 28.33
C VAL D 291 -39.81 3.49 28.09
N LYS D 292 -39.12 4.37 28.84
CA LYS D 292 -37.68 4.54 28.70
C LYS D 292 -36.93 3.25 29.03
N MET D 293 -37.41 2.50 30.05
CA MET D 293 -36.81 1.24 30.47
C MET D 293 -36.97 0.17 29.38
N GLN D 294 -38.17 0.02 28.80
CA GLN D 294 -38.38 -0.95 27.73
C GLN D 294 -37.53 -0.57 26.51
N HIS D 295 -37.41 0.74 26.20
CA HIS D 295 -36.56 1.22 25.14
C HIS D 295 -35.08 0.81 25.36
N ALA D 296 -34.55 1.07 26.56
CA ALA D 296 -33.18 0.75 26.89
C ALA D 296 -32.89 -0.74 26.82
N ILE D 297 -33.78 -1.60 27.37
CA ILE D 297 -33.57 -3.03 27.33
C ILE D 297 -33.66 -3.59 25.91
N ALA D 298 -34.69 -3.18 25.16
CA ALA D 298 -34.88 -3.65 23.79
C ALA D 298 -33.65 -3.37 22.90
N ARG D 299 -33.07 -2.18 23.00
CA ARG D 299 -31.86 -1.82 22.25
C ARG D 299 -30.70 -2.77 22.56
N GLU D 300 -30.48 -3.08 23.85
CA GLU D 300 -29.43 -3.99 24.27
C GLU D 300 -29.70 -5.39 23.74
N ALA D 301 -30.96 -5.85 23.87
CA ALA D 301 -31.31 -7.19 23.45
C ALA D 301 -31.25 -7.40 21.94
N GLU D 302 -31.60 -6.38 21.15
CA GLU D 302 -31.54 -6.49 19.69
C GLU D 302 -30.10 -6.65 19.19
N ALA D 303 -29.15 -5.97 19.81
CA ALA D 303 -27.75 -6.11 19.44
C ALA D 303 -27.22 -7.50 19.81
N ALA D 304 -27.77 -8.14 20.85
CA ALA D 304 -27.38 -9.49 21.28
C ALA D 304 -28.06 -10.61 20.49
N VAL D 305 -28.88 -10.28 19.47
CA VAL D 305 -29.53 -11.30 18.63
C VAL D 305 -28.44 -11.95 17.76
N TYR D 306 -28.44 -13.28 17.68
CA TYR D 306 -27.47 -14.03 16.88
C TYR D 306 -27.99 -14.11 15.44
N HIS D 307 -27.83 -13.01 14.66
CA HIS D 307 -28.33 -12.91 13.29
C HIS D 307 -27.85 -14.00 12.35
N ARG D 308 -26.62 -14.50 12.53
CA ARG D 308 -26.08 -15.55 11.67
C ARG D 308 -27.02 -16.78 11.62
N GLN D 309 -27.41 -17.28 12.80
CA GLN D 309 -28.31 -18.40 12.86
C GLN D 309 -29.74 -17.98 12.47
N LEU D 310 -30.21 -16.82 12.98
CA LEU D 310 -31.56 -16.35 12.72
C LEU D 310 -31.88 -16.17 11.22
N PHE D 311 -31.02 -15.43 10.48
CA PHE D 311 -31.23 -15.22 9.05
C PHE D 311 -31.19 -16.51 8.29
N GLU D 312 -30.22 -17.38 8.61
CA GLU D 312 -30.10 -18.69 7.96
C GLU D 312 -31.36 -19.53 8.13
N GLU D 313 -31.88 -19.58 9.37
CA GLU D 313 -33.08 -20.35 9.68
C GLU D 313 -34.33 -19.75 9.07
N LEU D 314 -34.46 -18.41 9.04
CA LEU D 314 -35.61 -17.75 8.41
C LEU D 314 -35.60 -18.01 6.90
N ARG D 315 -34.42 -17.93 6.27
CA ARG D 315 -34.25 -18.21 4.84
C ARG D 315 -34.62 -19.66 4.52
N ARG D 316 -34.04 -20.62 5.26
CA ARG D 316 -34.26 -22.04 5.05
C ARG D 316 -35.73 -22.41 5.20
N ALA D 317 -36.39 -21.89 6.24
CA ALA D 317 -37.79 -22.20 6.49
C ALA D 317 -38.76 -21.54 5.57
N ALA D 318 -38.41 -20.39 5.00
CA ALA D 318 -39.35 -19.70 4.13
C ALA D 318 -39.52 -20.47 2.83
N PRO D 319 -40.76 -20.68 2.40
CA PRO D 319 -40.98 -21.42 1.14
C PRO D 319 -40.59 -20.62 -0.10
N LEU D 320 -40.48 -21.30 -1.26
CA LEU D 320 -40.21 -20.62 -2.52
C LEU D 320 -41.39 -19.67 -2.84
N SER D 321 -41.13 -18.58 -3.56
CA SER D 321 -42.19 -17.64 -3.86
C SER D 321 -42.12 -17.11 -5.26
N ARG D 322 -43.26 -16.94 -5.92
CA ARG D 322 -43.32 -16.33 -7.23
C ARG D 322 -43.85 -14.85 -7.16
N ASP D 323 -43.92 -14.28 -5.96
CA ASP D 323 -44.35 -12.91 -5.76
C ASP D 323 -43.12 -12.00 -5.80
N PRO D 324 -43.08 -11.05 -6.74
CA PRO D 324 -41.89 -10.19 -6.86
C PRO D 324 -41.53 -9.36 -5.63
N THR D 325 -42.52 -8.98 -4.80
CA THR D 325 -42.25 -8.23 -3.58
C THR D 325 -41.44 -9.10 -2.62
N GLU D 326 -41.86 -10.36 -2.47
CA GLU D 326 -41.22 -11.33 -1.60
C GLU D 326 -39.80 -11.69 -2.11
N VAL D 327 -39.65 -11.83 -3.43
CA VAL D 327 -38.37 -12.13 -4.06
C VAL D 327 -37.40 -10.94 -3.93
N THR D 328 -37.88 -9.72 -4.10
CA THR D 328 -37.09 -8.51 -3.95
C THR D 328 -36.66 -8.33 -2.49
N ALA D 329 -37.58 -8.63 -1.54
CA ALA D 329 -37.29 -8.48 -0.11
C ALA D 329 -36.13 -9.36 0.34
N ILE D 330 -36.12 -10.65 -0.05
CA ILE D 330 -35.02 -11.52 0.36
C ILE D 330 -33.70 -11.09 -0.29
N GLY D 331 -33.74 -10.64 -1.54
CA GLY D 331 -32.56 -10.16 -2.23
C GLY D 331 -32.01 -8.93 -1.53
N ALA D 332 -32.88 -7.97 -1.16
CA ALA D 332 -32.51 -6.75 -0.48
C ALA D 332 -31.90 -7.04 0.92
N VAL D 333 -32.48 -8.00 1.69
CA VAL D 333 -31.97 -8.32 3.00
C VAL D 333 -30.58 -8.98 2.88
N GLU D 334 -30.41 -9.88 1.91
CA GLU D 334 -29.14 -10.52 1.67
CA GLU D 334 -29.14 -10.53 1.66
C GLU D 334 -28.09 -9.48 1.27
N ALA D 335 -28.46 -8.52 0.39
CA ALA D 335 -27.57 -7.46 -0.03
C ALA D 335 -27.20 -6.56 1.15
N ALA D 336 -28.16 -6.27 2.05
CA ALA D 336 -27.90 -5.42 3.21
C ALA D 336 -26.86 -6.06 4.15
N PHE D 337 -26.95 -7.38 4.36
CA PHE D 337 -25.99 -8.09 5.19
C PHE D 337 -24.59 -8.10 4.56
N LYS D 338 -24.51 -8.27 3.23
CA LYS D 338 -23.24 -8.31 2.49
C LYS D 338 -22.39 -7.05 2.61
N CYS D 339 -23.03 -5.88 2.67
CA CYS D 339 -22.29 -4.61 2.75
C CYS D 339 -22.41 -3.92 4.10
N CYS D 340 -23.10 -4.52 5.11
CA CYS D 340 -23.35 -3.85 6.39
C CYS D 340 -24.08 -2.54 6.15
N ALA D 341 -25.16 -2.61 5.34
CA ALA D 341 -25.96 -1.44 4.99
C ALA D 341 -26.53 -0.82 6.27
N ALA D 342 -26.48 0.52 6.39
CA ALA D 342 -27.05 1.21 7.54
C ALA D 342 -28.57 1.10 7.51
N ALA D 343 -29.19 1.05 6.31
CA ALA D 343 -30.64 1.02 6.20
C ALA D 343 -31.10 0.43 4.88
N ILE D 344 -32.33 -0.03 4.83
CA ILE D 344 -33.05 -0.43 3.63
C ILE D 344 -34.19 0.62 3.55
N ILE D 345 -34.19 1.49 2.55
CA ILE D 345 -35.24 2.50 2.40
C ILE D 345 -36.25 1.92 1.42
N VAL D 346 -37.50 1.77 1.84
CA VAL D 346 -38.53 1.16 1.02
C VAL D 346 -39.72 2.09 0.84
N LEU D 347 -40.32 2.09 -0.37
CA LEU D 347 -41.50 2.93 -0.63
C LEU D 347 -42.67 1.98 -0.51
N THR D 348 -43.69 2.31 0.30
CA THR D 348 -44.80 1.38 0.50
C THR D 348 -46.15 2.09 0.63
N THR D 349 -47.24 1.51 0.10
CA THR D 349 -48.56 2.15 0.19
C THR D 349 -49.33 1.55 1.38
N THR D 350 -49.35 0.22 1.47
CA THR D 350 -50.08 -0.48 2.51
C THR D 350 -49.18 -0.93 3.69
N GLY D 351 -47.86 -0.81 3.54
CA GLY D 351 -46.87 -1.28 4.50
C GLY D 351 -46.34 -2.67 4.17
N ARG D 352 -46.96 -3.36 3.21
CA ARG D 352 -46.61 -4.74 2.91
C ARG D 352 -45.16 -4.95 2.48
N SER D 353 -44.60 -4.08 1.62
CA SER D 353 -43.19 -4.24 1.22
C SER D 353 -42.25 -4.12 2.41
N ALA D 354 -42.58 -3.26 3.39
CA ALA D 354 -41.75 -3.12 4.59
C ALA D 354 -41.88 -4.38 5.47
N GLN D 355 -43.09 -4.93 5.57
CA GLN D 355 -43.35 -6.13 6.35
C GLN D 355 -42.56 -7.31 5.79
N LEU D 356 -42.53 -7.46 4.44
CA LEU D 356 -41.80 -8.56 3.84
C LEU D 356 -40.27 -8.41 4.03
N LEU D 357 -39.77 -7.18 4.19
CA LEU D 357 -38.35 -6.99 4.48
C LEU D 357 -38.09 -7.42 5.94
N SER D 358 -38.95 -6.95 6.86
CA SER D 358 -38.93 -7.20 8.29
C SER D 358 -38.94 -8.70 8.66
N ARG D 359 -39.66 -9.52 7.90
CA ARG D 359 -39.74 -10.94 8.22
C ARG D 359 -38.36 -11.66 8.16
N TYR D 360 -37.40 -11.10 7.40
CA TYR D 360 -36.07 -11.71 7.31
C TYR D 360 -35.12 -11.18 8.37
N ARG D 361 -35.60 -10.31 9.29
CA ARG D 361 -34.88 -9.75 10.40
C ARG D 361 -33.52 -9.17 10.03
N PRO D 362 -33.49 -8.19 9.10
CA PRO D 362 -32.21 -7.57 8.79
C PRO D 362 -31.67 -6.80 10.00
N ARG D 363 -30.35 -6.67 10.10
CA ARG D 363 -29.74 -5.81 11.11
C ARG D 363 -29.97 -4.34 10.64
N ALA D 364 -29.97 -4.07 9.30
CA ALA D 364 -30.22 -2.73 8.77
C ALA D 364 -31.65 -2.27 9.09
N ALA D 365 -31.81 -1.00 9.49
CA ALA D 365 -33.12 -0.41 9.77
C ALA D 365 -33.94 -0.36 8.48
N VAL D 366 -35.24 -0.69 8.55
CA VAL D 366 -36.09 -0.62 7.38
C VAL D 366 -36.84 0.70 7.46
N ILE D 367 -36.39 1.69 6.71
CA ILE D 367 -37.02 3.01 6.69
C ILE D 367 -38.14 2.99 5.66
N ALA D 368 -39.40 2.97 6.14
CA ALA D 368 -40.53 2.90 5.24
C ALA D 368 -41.10 4.27 4.94
N VAL D 369 -41.03 4.70 3.68
CA VAL D 369 -41.57 5.99 3.29
C VAL D 369 -42.94 5.78 2.69
N THR D 370 -43.95 6.46 3.25
CA THR D 370 -45.32 6.30 2.77
C THR D 370 -46.10 7.60 2.79
N ARG D 371 -47.11 7.69 1.94
CA ARG D 371 -48.06 8.80 1.99
C ARG D 371 -49.29 8.40 2.83
N SER D 372 -49.52 7.11 3.05
CA SER D 372 -50.65 6.65 3.84
C SER D 372 -50.37 6.85 5.36
N ALA D 373 -51.13 7.75 6.01
CA ALA D 373 -50.95 7.98 7.45
C ALA D 373 -51.30 6.71 8.23
N GLN D 374 -52.33 5.98 7.79
CA GLN D 374 -52.69 4.71 8.42
C GLN D 374 -51.56 3.65 8.31
N ALA D 375 -50.98 3.49 7.12
CA ALA D 375 -49.89 2.54 6.93
C ALA D 375 -48.69 2.93 7.76
N ALA D 376 -48.37 4.21 7.84
CA ALA D 376 -47.25 4.69 8.68
C ALA D 376 -47.45 4.30 10.16
N ARG D 377 -48.72 4.34 10.63
CA ARG D 377 -49.02 3.95 11.98
C ARG D 377 -48.96 2.43 12.15
N GLN D 378 -49.56 1.69 11.24
CA GLN D 378 -49.63 0.23 11.32
C GLN D 378 -48.29 -0.51 11.14
N VAL D 379 -47.29 0.08 10.42
CA VAL D 379 -46.02 -0.65 10.24
C VAL D 379 -45.21 -0.77 11.54
N HIS D 380 -45.60 -0.03 12.61
CA HIS D 380 -44.99 -0.18 13.94
C HIS D 380 -45.16 -1.61 14.46
N LEU D 381 -46.14 -2.38 13.95
CA LEU D 381 -46.31 -3.77 14.36
C LEU D 381 -45.14 -4.66 13.89
N CYS D 382 -44.37 -4.22 12.87
CA CYS D 382 -43.30 -5.02 12.29
C CYS D 382 -41.95 -4.60 12.81
N ARG D 383 -41.20 -5.53 13.41
CA ARG D 383 -39.90 -5.21 13.98
C ARG D 383 -38.93 -4.64 12.96
N GLY D 384 -38.28 -3.56 13.36
CA GLY D 384 -37.26 -2.93 12.54
C GLY D 384 -37.78 -2.02 11.48
N VAL D 385 -39.08 -1.72 11.47
CA VAL D 385 -39.65 -0.79 10.47
C VAL D 385 -39.83 0.58 11.11
N PHE D 386 -39.21 1.60 10.52
CA PHE D 386 -39.25 2.97 10.97
C PHE D 386 -40.05 3.76 9.94
N PRO D 387 -41.32 4.07 10.28
CA PRO D 387 -42.17 4.76 9.30
C PRO D 387 -41.93 6.25 9.17
N LEU D 388 -41.90 6.73 7.91
CA LEU D 388 -41.81 8.13 7.62
C LEU D 388 -43.04 8.51 6.81
N LEU D 389 -43.84 9.45 7.32
CA LEU D 389 -45.02 9.93 6.59
C LEU D 389 -44.62 11.09 5.68
N TYR D 390 -44.70 10.87 4.37
CA TYR D 390 -44.39 11.87 3.36
C TYR D 390 -45.64 12.74 3.11
N ARG D 391 -45.50 14.06 3.21
CA ARG D 391 -46.64 14.96 3.08
C ARG D 391 -46.68 15.78 1.82
N GLU D 392 -45.61 15.81 1.03
CA GLU D 392 -45.56 16.62 -0.20
C GLU D 392 -46.50 16.14 -1.29
N PRO D 393 -47.07 17.10 -2.05
CA PRO D 393 -47.96 16.71 -3.15
C PRO D 393 -47.14 16.06 -4.27
N PRO D 394 -47.76 15.12 -5.00
CA PRO D 394 -47.03 14.39 -6.04
C PRO D 394 -46.40 15.23 -7.12
N GLU D 395 -45.22 14.79 -7.58
CA GLU D 395 -44.52 15.38 -8.71
C GLU D 395 -45.24 14.88 -9.98
N ALA D 396 -45.18 15.67 -11.07
CA ALA D 396 -45.83 15.29 -12.31
C ALA D 396 -45.12 14.07 -12.92
N ILE D 397 -43.79 14.02 -12.82
CA ILE D 397 -43.04 12.89 -13.32
C ILE D 397 -42.91 11.87 -12.17
N TRP D 398 -43.51 10.68 -12.34
CA TRP D 398 -43.53 9.64 -11.33
C TRP D 398 -42.13 9.25 -10.85
N ALA D 399 -41.14 9.12 -11.75
CA ALA D 399 -39.78 8.79 -11.33
C ALA D 399 -39.19 9.88 -10.41
N ASP D 400 -39.54 11.16 -10.66
CA ASP D 400 -39.07 12.24 -9.79
C ASP D 400 -39.74 12.16 -8.42
N ASP D 401 -40.99 11.67 -8.39
CA ASP D 401 -41.73 11.56 -7.12
C ASP D 401 -41.13 10.43 -6.28
N VAL D 402 -40.70 9.36 -6.95
CA VAL D 402 -40.08 8.21 -6.24
C VAL D 402 -38.76 8.69 -5.65
N ASP D 403 -37.99 9.47 -6.39
CA ASP D 403 -36.65 9.93 -5.95
C ASP D 403 -36.76 10.90 -4.77
N ARG D 404 -37.67 11.87 -4.85
CA ARG D 404 -37.84 12.85 -3.75
C ARG D 404 -38.20 12.10 -2.47
N ARG D 405 -38.98 11.05 -2.60
CA ARG D 405 -39.37 10.24 -1.42
C ARG D 405 -38.16 9.47 -0.90
N VAL D 406 -37.29 8.97 -1.79
CA VAL D 406 -36.10 8.27 -1.34
C VAL D 406 -35.19 9.26 -0.63
N GLN D 407 -35.03 10.47 -1.19
CA GLN D 407 -34.24 11.54 -0.60
C GLN D 407 -34.82 11.99 0.74
N PHE D 408 -36.13 12.02 0.88
CA PHE D 408 -36.76 12.33 2.15
C PHE D 408 -36.38 11.25 3.22
N GLY D 409 -36.36 9.99 2.81
CA GLY D 409 -35.95 8.89 3.67
C GLY D 409 -34.51 9.04 4.11
N ILE D 410 -33.62 9.44 3.17
CA ILE D 410 -32.19 9.69 3.45
C ILE D 410 -31.99 10.90 4.38
N GLU D 411 -32.65 12.02 4.08
CA GLU D 411 -32.54 13.22 4.91
C GLU D 411 -33.09 13.01 6.31
N SER D 412 -34.22 12.28 6.44
CA SER D 412 -34.75 11.97 7.77
C SER D 412 -33.78 11.06 8.51
N GLY D 413 -33.21 10.09 7.82
CA GLY D 413 -32.25 9.16 8.38
C GLY D 413 -30.98 9.83 8.87
N LYS D 414 -30.50 10.84 8.15
CA LYS D 414 -29.31 11.59 8.55
C LYS D 414 -29.61 12.42 9.81
N LEU D 415 -30.75 13.10 9.83
CA LEU D 415 -31.17 13.93 10.95
C LEU D 415 -31.42 13.07 12.20
N ARG D 416 -31.99 11.87 12.03
CA ARG D 416 -32.28 11.00 13.16
C ARG D 416 -31.11 10.12 13.63
N GLY D 417 -29.97 10.17 12.93
CA GLY D 417 -28.81 9.40 13.31
C GLY D 417 -28.67 8.03 12.68
N PHE D 418 -29.66 7.60 11.88
CA PHE D 418 -29.58 6.28 11.20
C PHE D 418 -28.47 6.25 10.15
N LEU D 419 -28.23 7.38 9.47
CA LEU D 419 -27.30 7.41 8.35
C LEU D 419 -26.27 8.50 8.50
N ARG D 420 -25.15 8.30 7.82
CA ARG D 420 -24.07 9.25 7.70
C ARG D 420 -23.51 9.15 6.28
N VAL D 421 -22.85 10.21 5.80
CA VAL D 421 -22.17 10.24 4.52
C VAL D 421 -21.15 9.10 4.45
N GLY D 422 -21.17 8.36 3.35
CA GLY D 422 -20.28 7.21 3.19
C GLY D 422 -20.95 5.88 3.44
N ASP D 423 -22.10 5.87 4.13
CA ASP D 423 -22.85 4.64 4.38
C ASP D 423 -23.42 4.05 3.06
N LEU D 424 -23.69 2.75 3.06
CA LEU D 424 -24.34 2.11 1.95
C LEU D 424 -25.77 1.86 2.38
N VAL D 425 -26.70 2.07 1.48
CA VAL D 425 -28.10 1.89 1.74
C VAL D 425 -28.69 1.05 0.59
N ILE D 426 -29.70 0.21 0.90
CA ILE D 426 -30.43 -0.58 -0.08
C ILE D 426 -31.75 0.13 -0.30
N VAL D 427 -32.13 0.40 -1.56
CA VAL D 427 -33.38 1.12 -1.85
C VAL D 427 -34.35 0.18 -2.57
N VAL D 428 -35.55 0.00 -2.02
CA VAL D 428 -36.55 -0.93 -2.56
C VAL D 428 -37.73 -0.15 -3.08
N THR D 429 -37.96 -0.23 -4.41
CA THR D 429 -39.03 0.47 -5.11
C THR D 429 -39.78 -0.52 -6.06
N GLY D 430 -40.70 -0.01 -6.85
CA GLY D 430 -41.51 -0.74 -7.82
C GLY D 430 -41.46 -0.13 -9.20
N TRP D 431 -42.05 -0.81 -10.16
CA TRP D 431 -41.96 -0.40 -11.56
C TRP D 431 -43.11 0.50 -12.01
N ARG D 432 -44.18 0.58 -11.24
CA ARG D 432 -45.32 1.43 -11.57
C ARG D 432 -46.01 1.91 -10.29
N PRO D 433 -46.79 3.00 -10.34
CA PRO D 433 -47.52 3.44 -9.11
C PRO D 433 -48.58 2.44 -8.63
N GLY D 434 -49.04 2.60 -7.40
CA GLY D 434 -50.01 1.68 -6.81
C GLY D 434 -49.38 0.54 -6.02
N SER D 435 -50.14 -0.01 -5.08
CA SER D 435 -49.70 -1.10 -4.23
CA SER D 435 -49.69 -1.11 -4.22
C SER D 435 -49.49 -2.39 -5.00
N GLY D 436 -48.56 -3.24 -4.55
CA GLY D 436 -48.33 -4.56 -5.12
C GLY D 436 -47.30 -4.70 -6.20
N TYR D 437 -46.56 -3.63 -6.55
CA TYR D 437 -45.61 -3.70 -7.68
C TYR D 437 -44.13 -3.50 -7.33
N THR D 438 -43.75 -3.68 -6.03
CA THR D 438 -42.35 -3.64 -5.61
C THR D 438 -41.58 -4.74 -6.35
N ASN D 439 -40.47 -4.38 -6.97
CA ASN D 439 -39.69 -5.35 -7.74
C ASN D 439 -38.23 -4.93 -7.94
N ILE D 440 -37.81 -3.77 -7.44
CA ILE D 440 -36.46 -3.28 -7.66
C ILE D 440 -35.75 -3.13 -6.32
N MET D 441 -34.47 -3.51 -6.32
CA MET D 441 -33.55 -3.35 -5.21
C MET D 441 -32.29 -2.61 -5.80
N ARG D 442 -31.85 -1.50 -5.18
CA ARG D 442 -30.69 -0.76 -5.67
C ARG D 442 -29.67 -0.38 -4.53
N VAL D 443 -28.37 -0.53 -4.80
CA VAL D 443 -27.32 -0.24 -3.81
C VAL D 443 -26.92 1.20 -3.98
N LEU D 444 -27.07 2.00 -2.95
CA LEU D 444 -26.83 3.42 -3.03
C LEU D 444 -25.81 3.89 -1.97
N SER D 445 -24.90 4.79 -2.36
CA SER D 445 -23.93 5.34 -1.40
C SER D 445 -24.47 6.67 -0.90
N ILE D 446 -24.38 6.91 0.42
CA ILE D 446 -24.88 8.14 0.99
C ILE D 446 -23.92 9.32 0.76
N SER D 447 -24.40 10.38 0.12
CA SER D 447 -23.62 11.61 -0.13
C SER D 447 -24.27 12.80 0.63
N ALA E 25 0.50 34.25 4.91
CA ALA E 25 -0.28 34.81 3.81
C ALA E 25 0.58 35.69 2.89
N PHE E 26 1.52 36.46 3.47
CA PHE E 26 2.44 37.31 2.71
C PHE E 26 3.32 36.43 1.80
N PHE E 27 3.81 35.30 2.34
CA PHE E 27 4.69 34.41 1.60
C PHE E 27 3.95 33.47 0.63
N GLN E 28 2.62 33.53 0.56
CA GLN E 28 1.85 32.76 -0.42
C GLN E 28 1.49 33.64 -1.66
N GLN E 29 1.48 34.98 -1.50
CA GLN E 29 1.21 35.94 -2.57
C GLN E 29 2.45 36.17 -3.44
N GLN E 30 2.27 36.89 -4.57
CA GLN E 30 3.26 37.30 -5.58
C GLN E 30 4.28 36.21 -5.97
N GLN E 31 3.79 34.96 -6.12
CA GLN E 31 4.58 33.78 -6.48
C GLN E 31 5.83 33.58 -5.61
N LEU E 32 5.74 33.96 -4.31
CA LEU E 32 6.87 33.81 -3.41
C LEU E 32 7.29 32.35 -3.18
N PRO E 33 6.37 31.35 -3.08
CA PRO E 33 6.84 29.95 -3.00
C PRO E 33 7.69 29.56 -4.22
N ALA E 34 7.28 29.97 -5.44
CA ALA E 34 8.03 29.70 -6.69
C ALA E 34 9.36 30.47 -6.74
N ALA E 35 9.42 31.64 -6.09
CA ALA E 35 10.63 32.47 -6.05
C ALA E 35 11.72 31.83 -5.15
N MET E 36 11.31 31.07 -4.13
CA MET E 36 12.23 30.39 -3.21
C MET E 36 12.87 29.13 -3.79
N ALA E 37 12.34 28.60 -4.92
CA ALA E 37 12.82 27.38 -5.54
C ALA E 37 14.31 27.35 -5.87
N ASP E 38 14.93 26.19 -5.75
CA ASP E 38 16.36 26.03 -5.98
C ASP E 38 16.73 25.80 -7.45
N THR E 39 15.76 25.41 -8.29
CA THR E 39 15.98 25.24 -9.73
C THR E 39 14.86 25.95 -10.50
N PHE E 40 15.13 26.28 -11.76
CA PHE E 40 14.14 26.91 -12.64
C PHE E 40 12.95 25.97 -12.88
N LEU E 41 13.22 24.67 -12.99
CA LEU E 41 12.21 23.64 -13.17
C LEU E 41 11.27 23.58 -11.95
N GLU E 42 11.84 23.60 -10.73
CA GLU E 42 11.06 23.60 -9.48
CA GLU E 42 11.01 23.58 -9.53
C GLU E 42 10.24 24.90 -9.37
N HIS E 43 10.81 26.02 -9.86
CA HIS E 43 10.19 27.35 -9.87
C HIS E 43 8.94 27.27 -10.73
N LEU E 44 9.03 26.68 -11.95
CA LEU E 44 7.87 26.52 -12.82
C LEU E 44 6.80 25.67 -12.15
N CYS E 45 7.19 24.54 -11.53
CA CYS E 45 6.26 23.64 -10.86
C CYS E 45 5.51 24.32 -9.70
N LEU E 46 6.14 25.31 -9.06
CA LEU E 46 5.55 26.01 -7.93
C LEU E 46 4.66 27.20 -8.31
N LEU E 47 4.56 27.55 -9.61
CA LEU E 47 3.71 28.68 -10.04
C LEU E 47 2.26 28.36 -9.72
N ASP E 48 1.55 29.31 -9.13
CA ASP E 48 0.20 29.11 -8.62
C ASP E 48 -0.75 30.19 -9.15
N ILE E 49 -1.82 29.77 -9.81
CA ILE E 49 -2.82 30.71 -10.33
C ILE E 49 -3.58 31.43 -9.18
N ASP E 50 -3.57 30.87 -7.97
CA ASP E 50 -4.20 31.49 -6.80
C ASP E 50 -3.26 32.43 -6.02
N SER E 51 -1.99 32.54 -6.43
CA SER E 51 -1.03 33.43 -5.78
C SER E 51 -1.17 34.80 -6.46
N GLU E 52 -1.91 35.71 -5.83
CA GLU E 52 -2.20 37.02 -6.42
C GLU E 52 -1.02 37.99 -6.42
N PRO E 53 -0.88 38.77 -7.51
CA PRO E 53 0.21 39.76 -7.56
C PRO E 53 -0.06 40.92 -6.59
N VAL E 54 0.96 41.36 -5.86
CA VAL E 54 0.80 42.47 -4.93
C VAL E 54 1.56 43.71 -5.40
N ALA E 55 2.76 43.51 -5.97
CA ALA E 55 3.57 44.61 -6.46
C ALA E 55 2.93 45.42 -7.62
N ALA E 56 3.35 46.68 -7.76
CA ALA E 56 2.87 47.51 -8.84
C ALA E 56 3.47 47.02 -10.14
N ARG E 57 2.70 47.14 -11.24
CA ARG E 57 3.13 46.73 -12.56
C ARG E 57 4.34 47.55 -12.99
N SER E 58 5.44 46.88 -13.30
CA SER E 58 6.71 47.52 -13.60
C SER E 58 7.08 47.61 -15.10
N THR E 59 6.45 46.82 -15.99
CA THR E 59 6.74 46.89 -17.42
C THR E 59 5.83 47.97 -18.02
N SER E 60 6.43 49.03 -18.60
CA SER E 60 5.62 50.12 -19.14
C SER E 60 4.86 49.74 -20.39
N ILE E 61 3.71 50.38 -20.55
CA ILE E 61 2.86 50.15 -21.69
C ILE E 61 2.96 51.36 -22.62
N ILE E 62 3.30 51.11 -23.88
CA ILE E 62 3.33 52.14 -24.90
C ILE E 62 2.07 51.97 -25.74
N ALA E 63 1.24 53.01 -25.84
CA ALA E 63 0.03 52.92 -26.64
C ALA E 63 0.11 53.87 -27.81
N THR E 64 -0.17 53.36 -29.03
CA THR E 64 -0.17 54.20 -30.22
C THR E 64 -1.44 55.04 -30.27
N ILE E 65 -1.27 56.36 -30.33
CA ILE E 65 -2.41 57.28 -30.35
C ILE E 65 -2.84 57.55 -31.79
N GLY E 66 -4.09 57.25 -32.09
CA GLY E 66 -4.66 57.44 -33.42
C GLY E 66 -6.14 57.78 -33.34
N PRO E 67 -6.86 57.58 -34.45
CA PRO E 67 -8.30 57.91 -34.48
C PRO E 67 -9.15 57.40 -33.31
N ALA E 68 -8.91 56.12 -32.90
CA ALA E 68 -9.65 55.44 -31.83
C ALA E 68 -9.32 55.89 -30.42
N SER E 69 -8.18 56.57 -30.25
CA SER E 69 -7.69 56.96 -28.94
C SER E 69 -7.29 58.43 -28.82
N ARG E 70 -7.74 59.27 -29.75
CA ARG E 70 -7.37 60.69 -29.78
C ARG E 70 -8.05 61.62 -28.77
N SER E 71 -9.33 61.39 -28.42
CA SER E 71 -10.06 62.30 -27.56
C SER E 71 -9.51 62.40 -26.15
N VAL E 72 -9.57 63.60 -25.54
CA VAL E 72 -9.08 63.87 -24.19
C VAL E 72 -9.75 62.93 -23.17
N GLU E 73 -11.06 62.71 -23.30
CA GLU E 73 -11.85 61.83 -22.43
C GLU E 73 -11.34 60.38 -22.52
N ARG E 74 -11.08 59.90 -23.75
CA ARG E 74 -10.60 58.55 -24.01
C ARG E 74 -9.17 58.39 -23.47
N LEU E 75 -8.32 59.40 -23.69
CA LEU E 75 -6.95 59.43 -23.21
C LEU E 75 -6.86 59.39 -21.68
N LYS E 76 -7.83 60.00 -20.98
CA LYS E 76 -7.86 59.95 -19.51
C LYS E 76 -8.13 58.52 -19.04
N GLU E 77 -9.02 57.81 -19.74
CA GLU E 77 -9.32 56.41 -19.44
C GLU E 77 -8.10 55.53 -19.70
N MET E 78 -7.31 55.84 -20.76
CA MET E 78 -6.11 55.09 -21.08
CA MET E 78 -6.11 55.08 -21.08
C MET E 78 -5.00 55.32 -20.07
N ILE E 79 -4.90 56.55 -19.51
CA ILE E 79 -3.90 56.85 -18.49
C ILE E 79 -4.27 56.07 -17.23
N LYS E 80 -5.57 56.03 -16.87
CA LYS E 80 -6.02 55.29 -15.69
C LYS E 80 -5.88 53.76 -15.88
N ALA E 81 -6.03 53.26 -17.12
CA ALA E 81 -5.88 51.85 -17.43
C ALA E 81 -4.39 51.41 -17.38
N GLY E 82 -3.45 52.34 -17.54
CA GLY E 82 -2.04 52.03 -17.43
C GLY E 82 -1.08 52.55 -18.46
N MET E 83 -1.53 53.34 -19.45
CA MET E 83 -0.64 53.86 -20.49
C MET E 83 0.45 54.76 -19.88
N ASN E 84 1.72 54.48 -20.19
CA ASN E 84 2.85 55.26 -19.66
C ASN E 84 3.52 56.10 -20.74
N ILE E 85 3.48 55.63 -22.00
CA ILE E 85 4.10 56.28 -23.14
C ILE E 85 3.09 56.33 -24.28
N ALA E 86 2.92 57.51 -24.89
CA ALA E 86 2.03 57.71 -26.02
C ALA E 86 2.87 57.72 -27.27
N ARG E 87 2.60 56.80 -28.22
CA ARG E 87 3.37 56.72 -29.45
C ARG E 87 2.61 57.40 -30.60
N LEU E 88 3.31 58.24 -31.37
CA LEU E 88 2.74 58.91 -32.53
C LEU E 88 3.42 58.36 -33.74
N ASN E 89 2.67 57.65 -34.59
CA ASN E 89 3.25 57.02 -35.77
C ASN E 89 3.29 57.97 -36.94
N PHE E 90 4.48 58.48 -37.25
CA PHE E 90 4.63 59.42 -38.36
C PHE E 90 4.62 58.77 -39.75
N SER E 91 4.29 57.47 -39.82
CA SER E 91 4.04 56.81 -41.09
C SER E 91 2.60 57.14 -41.57
N HIS E 92 1.71 57.58 -40.66
CA HIS E 92 0.33 57.97 -40.92
C HIS E 92 0.11 59.43 -40.46
N GLY E 93 -1.01 60.00 -40.85
CA GLY E 93 -1.38 61.35 -40.46
C GLY E 93 -0.49 62.44 -41.02
N SER E 94 -0.57 63.61 -40.39
CA SER E 94 0.16 64.79 -40.77
C SER E 94 0.71 65.49 -39.51
N HIS E 95 1.55 66.53 -39.68
CA HIS E 95 2.07 67.27 -38.55
C HIS E 95 0.94 67.89 -37.73
N GLU E 96 -0.07 68.44 -38.43
CA GLU E 96 -1.23 69.06 -37.78
C GLU E 96 -2.01 68.02 -36.97
N TYR E 97 -2.21 66.84 -37.53
CA TYR E 97 -2.92 65.75 -36.88
C TYR E 97 -2.18 65.29 -35.61
N HIS E 98 -0.86 65.08 -35.71
CA HIS E 98 -0.05 64.64 -34.58
C HIS E 98 0.08 65.71 -33.51
N ALA E 99 0.12 66.99 -33.89
CA ALA E 99 0.18 68.08 -32.91
C ALA E 99 -1.10 68.12 -32.08
N GLU E 100 -2.26 67.85 -32.71
CA GLU E 100 -3.52 67.85 -31.98
C GLU E 100 -3.58 66.66 -31.01
N SER E 101 -3.07 65.48 -31.45
CA SER E 101 -2.99 64.28 -30.61
C SER E 101 -2.09 64.56 -29.39
N ILE E 102 -0.92 65.19 -29.59
CA ILE E 102 0.01 65.56 -28.52
C ILE E 102 -0.66 66.49 -27.51
N ALA E 103 -1.37 67.52 -28.02
CA ALA E 103 -2.05 68.48 -27.16
C ALA E 103 -3.14 67.79 -26.35
N ASN E 104 -3.86 66.82 -26.95
CA ASN E 104 -4.90 66.07 -26.25
C ASN E 104 -4.30 65.18 -25.15
N VAL E 105 -3.12 64.56 -25.43
CA VAL E 105 -2.43 63.73 -24.45
C VAL E 105 -2.01 64.59 -23.28
N ARG E 106 -1.36 65.75 -23.58
CA ARG E 106 -0.94 66.66 -22.52
C ARG E 106 -2.08 67.21 -21.70
N GLU E 107 -3.25 67.45 -22.34
CA GLU E 107 -4.42 67.92 -21.63
C GLU E 107 -4.95 66.84 -20.69
N ALA E 108 -5.02 65.58 -21.18
CA ALA E 108 -5.45 64.46 -20.35
C ALA E 108 -4.47 64.22 -19.18
N VAL E 109 -3.16 64.31 -19.42
CA VAL E 109 -2.13 64.14 -18.38
C VAL E 109 -2.22 65.22 -17.32
N GLU E 110 -2.33 66.48 -17.76
CA GLU E 110 -2.39 67.60 -16.81
C GLU E 110 -3.71 67.70 -16.07
N SER E 111 -4.76 66.98 -16.48
CA SER E 111 -6.01 66.96 -15.74
C SER E 111 -5.86 66.28 -14.36
N PHE E 112 -4.77 65.51 -14.14
CA PHE E 112 -4.52 64.84 -12.87
C PHE E 112 -3.41 65.57 -12.04
N ALA E 113 -2.86 66.71 -12.54
CA ALA E 113 -1.79 67.46 -11.87
C ALA E 113 -2.18 68.15 -10.57
N GLY E 114 -3.49 68.27 -10.32
CA GLY E 114 -4.02 68.88 -9.10
C GLY E 114 -3.73 68.09 -7.83
N SER E 115 -3.44 66.80 -7.98
CA SER E 115 -3.09 65.93 -6.86
C SER E 115 -1.66 65.44 -7.12
N PRO E 116 -0.63 66.22 -6.70
CA PRO E 116 0.76 65.84 -7.01
C PRO E 116 1.24 64.49 -6.46
N LEU E 117 0.58 63.99 -5.40
CA LEU E 117 0.88 62.71 -4.76
C LEU E 117 0.44 61.49 -5.58
N SER E 118 -0.38 61.70 -6.65
CA SER E 118 -0.89 60.64 -7.52
C SER E 118 -0.68 60.89 -9.03
N TYR E 119 -0.21 62.10 -9.40
CA TYR E 119 0.04 62.48 -10.80
C TYR E 119 0.94 61.49 -11.54
N ARG E 120 0.51 61.09 -12.74
CA ARG E 120 1.28 60.15 -13.54
C ARG E 120 1.88 60.81 -14.78
N PRO E 121 3.21 60.96 -14.82
CA PRO E 121 3.84 61.48 -16.03
C PRO E 121 3.64 60.54 -17.22
N VAL E 122 3.42 61.05 -18.44
CA VAL E 122 3.26 60.21 -19.63
C VAL E 122 4.25 60.70 -20.69
N ALA E 123 5.16 59.85 -21.15
CA ALA E 123 6.13 60.24 -22.16
C ALA E 123 5.48 60.32 -23.54
N ILE E 124 6.05 61.12 -24.44
CA ILE E 124 5.56 61.25 -25.80
C ILE E 124 6.65 60.80 -26.74
N ALA E 125 6.36 59.80 -27.54
CA ALA E 125 7.34 59.21 -28.44
C ALA E 125 6.93 59.38 -29.88
N LEU E 126 7.88 59.78 -30.72
CA LEU E 126 7.63 59.98 -32.13
C LEU E 126 8.24 58.81 -32.86
N ASP E 127 7.43 58.08 -33.63
CA ASP E 127 7.92 56.94 -34.39
C ASP E 127 8.08 57.42 -35.83
N THR E 128 9.32 57.40 -36.36
CA THR E 128 9.57 57.92 -37.70
C THR E 128 9.08 57.01 -38.83
N LYS E 129 8.84 57.61 -40.02
CA LYS E 129 8.41 56.87 -41.20
C LYS E 129 9.52 55.94 -41.71
N GLY E 130 10.76 56.39 -41.62
CA GLY E 130 11.91 55.59 -42.02
C GLY E 130 12.53 55.95 -43.34
N PRO E 131 13.65 55.33 -43.75
CA PRO E 131 14.34 55.72 -44.97
C PRO E 131 13.83 55.01 -46.22
N GLY E 132 14.68 54.85 -47.24
CA GLY E 132 14.33 54.14 -48.49
C GLY E 132 15.46 54.36 -49.51
N GLY E 136 19.84 56.15 -45.94
CA GLY E 136 20.02 57.60 -45.99
C GLY E 136 18.85 58.32 -45.35
N LEU E 137 19.10 59.15 -44.33
CA LEU E 137 17.99 59.81 -43.60
C LEU E 137 17.08 60.52 -44.61
N SER E 138 15.81 60.13 -44.67
CA SER E 138 14.89 60.71 -45.65
C SER E 138 14.59 62.20 -45.34
N GLU E 139 14.10 62.95 -46.34
CA GLU E 139 13.76 64.35 -46.17
C GLU E 139 12.56 64.54 -45.24
N GLN E 140 11.60 63.59 -45.28
CA GLN E 140 10.44 63.62 -44.42
C GLN E 140 10.86 63.35 -42.98
N ASP E 141 11.82 62.42 -42.76
CA ASP E 141 12.33 62.13 -41.42
C ASP E 141 12.99 63.37 -40.83
N VAL E 142 13.76 64.13 -41.63
CA VAL E 142 14.39 65.35 -41.15
C VAL E 142 13.34 66.36 -40.65
N ARG E 143 12.26 66.51 -41.43
CA ARG E 143 11.17 67.43 -41.07
C ARG E 143 10.39 66.96 -39.85
N ASP E 144 10.13 65.64 -39.75
CA ASP E 144 9.40 65.04 -38.63
C ASP E 144 10.21 65.10 -37.35
N LEU E 145 11.54 64.88 -37.45
CA LEU E 145 12.44 64.98 -36.30
C LEU E 145 12.48 66.40 -35.78
N ARG E 146 12.50 67.38 -36.70
CA ARG E 146 12.45 68.79 -36.32
C ARG E 146 11.12 69.14 -35.63
N PHE E 147 10.02 68.53 -36.10
CA PHE E 147 8.69 68.70 -35.51
C PHE E 147 8.71 68.21 -34.06
N GLY E 148 9.33 67.05 -33.83
CA GLY E 148 9.45 66.44 -32.51
C GLY E 148 10.19 67.31 -31.53
N VAL E 149 11.31 67.90 -31.96
CA VAL E 149 12.08 68.83 -31.12
C VAL E 149 11.24 70.05 -30.79
N GLU E 150 10.56 70.62 -31.79
CA GLU E 150 9.71 71.80 -31.60
C GLU E 150 8.52 71.53 -30.69
N HIS E 151 8.01 70.29 -30.69
CA HIS E 151 6.89 69.93 -29.83
C HIS E 151 7.30 69.28 -28.50
N GLY E 152 8.59 69.22 -28.22
CA GLY E 152 9.12 68.69 -26.97
C GLY E 152 8.91 67.21 -26.71
N VAL E 153 9.08 66.38 -27.75
CA VAL E 153 8.92 64.92 -27.56
C VAL E 153 10.04 64.39 -26.67
N ASP E 154 9.76 63.32 -25.93
CA ASP E 154 10.75 62.74 -25.02
C ASP E 154 11.60 61.66 -25.67
N ILE E 155 11.00 60.92 -26.62
CA ILE E 155 11.62 59.76 -27.23
C ILE E 155 11.40 59.75 -28.73
N VAL E 156 12.35 59.17 -29.45
CA VAL E 156 12.23 58.94 -30.88
C VAL E 156 12.39 57.44 -31.11
N PHE E 157 11.40 56.79 -31.73
CA PHE E 157 11.52 55.40 -32.12
C PHE E 157 11.99 55.51 -33.57
N ALA E 158 13.29 55.30 -33.82
CA ALA E 158 13.84 55.47 -35.17
C ALA E 158 13.66 54.24 -36.03
N SER E 159 12.83 54.33 -37.08
CA SER E 159 12.56 53.21 -37.97
C SER E 159 13.75 52.75 -38.80
N PHE E 160 13.82 51.45 -39.06
CA PHE E 160 14.81 50.76 -39.89
C PHE E 160 16.25 51.17 -39.64
N VAL E 161 16.71 51.13 -38.37
CA VAL E 161 18.10 51.43 -38.05
C VAL E 161 18.92 50.20 -38.49
N ARG E 162 19.93 50.41 -39.35
CA ARG E 162 20.74 49.33 -39.88
C ARG E 162 22.22 49.37 -39.46
N LYS E 163 22.68 50.50 -38.92
CA LYS E 163 24.08 50.68 -38.51
C LYS E 163 24.20 51.88 -37.57
N ALA E 164 25.37 52.02 -36.90
CA ALA E 164 25.62 53.13 -35.98
C ALA E 164 25.49 54.52 -36.63
N SER E 165 25.83 54.66 -37.93
CA SER E 165 25.73 55.95 -38.61
C SER E 165 24.28 56.40 -38.83
N ASP E 166 23.30 55.47 -38.84
CA ASP E 166 21.88 55.81 -38.93
C ASP E 166 21.46 56.53 -37.64
N VAL E 167 21.96 56.08 -36.49
CA VAL E 167 21.67 56.68 -35.19
C VAL E 167 22.28 58.08 -35.13
N ALA E 168 23.50 58.24 -35.63
CA ALA E 168 24.19 59.52 -35.65
C ALA E 168 23.42 60.53 -36.51
N ALA E 169 22.85 60.09 -37.64
CA ALA E 169 22.06 60.95 -38.53
C ALA E 169 20.78 61.44 -37.84
N VAL E 170 20.13 60.57 -37.07
CA VAL E 170 18.91 60.94 -36.33
C VAL E 170 19.28 61.95 -35.25
N ARG E 171 20.40 61.69 -34.54
CA ARG E 171 20.90 62.55 -33.49
C ARG E 171 21.23 63.94 -34.04
N ALA E 172 21.84 64.01 -35.24
CA ALA E 172 22.20 65.26 -35.90
C ALA E 172 20.95 66.04 -36.31
N ALA E 173 19.93 65.35 -36.88
CA ALA E 173 18.67 65.96 -37.29
C ALA E 173 17.85 66.51 -36.11
N LEU E 174 18.11 66.03 -34.89
CA LEU E 174 17.44 66.56 -33.70
C LEU E 174 18.04 67.94 -33.28
N GLY E 175 19.23 68.26 -33.77
CA GLY E 175 19.88 69.53 -33.50
C GLY E 175 20.40 69.71 -32.09
N PRO E 176 20.87 70.92 -31.78
CA PRO E 176 21.41 71.16 -30.43
C PRO E 176 20.34 71.20 -29.33
N GLU E 177 19.09 71.52 -29.70
CA GLU E 177 18.00 71.58 -28.72
C GLU E 177 17.36 70.20 -28.41
N GLY E 178 17.70 69.17 -29.19
CA GLY E 178 17.17 67.84 -28.99
C GLY E 178 18.19 66.87 -28.42
N HIS E 179 19.18 67.38 -27.67
CA HIS E 179 20.21 66.52 -27.07
CA HIS E 179 20.21 66.52 -27.08
C HIS E 179 19.64 65.60 -25.98
N GLY E 180 18.59 66.05 -25.31
CA GLY E 180 17.96 65.29 -24.23
C GLY E 180 16.98 64.21 -24.67
N ILE E 181 16.59 64.19 -25.95
CA ILE E 181 15.65 63.20 -26.46
C ILE E 181 16.29 61.82 -26.53
N LYS E 182 15.58 60.77 -26.07
CA LYS E 182 16.12 59.41 -26.11
C LYS E 182 15.90 58.81 -27.48
N ILE E 183 16.91 58.15 -28.02
CA ILE E 183 16.79 57.49 -29.31
C ILE E 183 16.70 56.00 -29.11
N ILE E 184 15.55 55.44 -29.43
CA ILE E 184 15.31 54.01 -29.33
C ILE E 184 15.35 53.49 -30.76
N SER E 185 16.38 52.71 -31.10
CA SER E 185 16.52 52.22 -32.47
C SER E 185 15.61 51.01 -32.74
N LYS E 186 14.82 51.10 -33.82
CA LYS E 186 13.95 50.00 -34.20
C LYS E 186 14.74 49.05 -35.06
N ILE E 187 14.83 47.77 -34.65
CA ILE E 187 15.54 46.76 -35.43
C ILE E 187 14.50 46.02 -36.23
N GLU E 188 14.50 46.19 -37.56
CA GLU E 188 13.45 45.64 -38.41
C GLU E 188 13.92 44.85 -39.61
N ASN E 189 15.21 44.57 -39.73
CA ASN E 189 15.71 43.78 -40.88
C ASN E 189 16.97 42.97 -40.54
N HIS E 190 17.43 42.13 -41.48
CA HIS E 190 18.61 41.28 -41.27
C HIS E 190 19.86 42.08 -40.89
N GLU E 191 20.09 43.23 -41.55
CA GLU E 191 21.25 44.06 -41.28
C GLU E 191 21.25 44.62 -39.87
N GLY E 192 20.11 45.13 -39.42
CA GLY E 192 19.96 45.64 -38.07
C GLY E 192 20.27 44.59 -37.01
N VAL E 193 19.82 43.34 -37.26
CA VAL E 193 20.07 42.24 -36.34
C VAL E 193 21.57 41.91 -36.32
N LYS E 194 22.19 41.83 -37.51
CA LYS E 194 23.61 41.50 -37.61
C LYS E 194 24.55 42.59 -37.05
N ARG E 195 24.17 43.85 -37.22
CA ARG E 195 24.95 44.97 -36.70
C ARG E 195 24.40 45.49 -35.36
N PHE E 196 23.62 44.64 -34.63
CA PHE E 196 22.99 44.97 -33.35
C PHE E 196 23.96 45.59 -32.33
N ASP E 197 25.11 44.97 -32.08
CA ASP E 197 26.05 45.46 -31.09
C ASP E 197 26.49 46.89 -31.32
N GLU E 198 26.79 47.27 -32.57
CA GLU E 198 27.20 48.64 -32.86
C GLU E 198 26.04 49.62 -32.76
N ILE E 199 24.81 49.17 -33.04
CA ILE E 199 23.63 50.00 -32.94
C ILE E 199 23.31 50.26 -31.47
N LEU E 200 23.32 49.20 -30.65
CA LEU E 200 23.04 49.31 -29.22
C LEU E 200 24.03 50.24 -28.53
N GLU E 201 25.30 50.13 -28.90
CA GLU E 201 26.39 50.94 -28.36
CA GLU E 201 26.39 50.95 -28.35
C GLU E 201 26.09 52.44 -28.41
N VAL E 202 25.56 52.92 -29.54
CA VAL E 202 25.26 54.35 -29.70
C VAL E 202 23.82 54.74 -29.44
N SER E 203 22.92 53.78 -29.19
CA SER E 203 21.51 54.07 -28.95
C SER E 203 21.22 54.14 -27.46
N ASP E 204 20.11 54.78 -27.11
CA ASP E 204 19.65 54.82 -25.73
C ASP E 204 18.87 53.53 -25.36
N GLY E 205 18.35 52.85 -26.37
CA GLY E 205 17.59 51.63 -26.23
C GLY E 205 17.22 51.03 -27.58
N ILE E 206 16.45 49.95 -27.55
CA ILE E 206 16.09 49.22 -28.76
C ILE E 206 14.60 48.86 -28.77
N MET E 207 14.03 48.78 -29.98
CA MET E 207 12.68 48.28 -30.15
C MET E 207 12.77 47.08 -31.08
N VAL E 208 12.19 45.96 -30.65
CA VAL E 208 12.11 44.76 -31.48
C VAL E 208 10.84 45.00 -32.30
N ALA E 209 11.01 45.53 -33.51
CA ALA E 209 9.90 45.91 -34.40
C ALA E 209 9.52 44.69 -35.23
N ARG E 210 8.75 43.78 -34.61
CA ARG E 210 8.40 42.47 -35.14
C ARG E 210 7.62 42.44 -36.45
N GLY E 211 6.81 43.45 -36.73
CA GLY E 211 6.04 43.52 -37.97
C GLY E 211 6.92 43.48 -39.22
N ASP E 212 7.82 44.47 -39.37
CA ASP E 212 8.74 44.46 -40.51
C ASP E 212 9.77 43.37 -40.38
N LEU E 213 10.25 43.09 -39.16
CA LEU E 213 11.24 42.04 -38.95
C LEU E 213 10.74 40.68 -39.44
N GLY E 214 9.47 40.39 -39.22
CA GLY E 214 8.82 39.16 -39.66
C GLY E 214 8.62 39.03 -41.16
N ILE E 215 8.80 40.13 -41.90
CA ILE E 215 8.71 40.17 -43.36
C ILE E 215 10.14 40.13 -43.94
N GLU E 216 11.10 40.82 -43.28
CA GLU E 216 12.48 40.92 -43.72
C GLU E 216 13.26 39.64 -43.49
N ILE E 217 12.99 38.94 -42.38
CA ILE E 217 13.61 37.65 -42.07
C ILE E 217 12.49 36.58 -41.98
N PRO E 218 12.81 35.26 -42.05
CA PRO E 218 11.73 34.25 -41.92
C PRO E 218 10.96 34.43 -40.63
N ALA E 219 9.62 34.39 -40.71
CA ALA E 219 8.74 34.60 -39.58
C ALA E 219 9.07 33.72 -38.36
N GLU E 220 9.46 32.47 -38.62
CA GLU E 220 9.81 31.53 -37.58
C GLU E 220 11.11 31.83 -36.85
N LYS E 221 11.86 32.85 -37.28
CA LYS E 221 13.11 33.24 -36.65
C LYS E 221 13.00 34.49 -35.78
N VAL E 222 11.88 35.24 -35.87
CA VAL E 222 11.68 36.46 -35.10
C VAL E 222 11.86 36.26 -33.58
N PHE E 223 11.34 35.16 -33.03
CA PHE E 223 11.48 34.91 -31.59
C PHE E 223 12.97 34.81 -31.15
N LEU E 224 13.85 34.31 -32.05
CA LEU E 224 15.27 34.21 -31.73
C LEU E 224 15.87 35.60 -31.67
N ALA E 225 15.51 36.47 -32.62
CA ALA E 225 15.98 37.85 -32.65
C ALA E 225 15.45 38.63 -31.44
N GLN E 226 14.17 38.43 -31.08
CA GLN E 226 13.59 39.08 -29.90
C GLN E 226 14.31 38.66 -28.60
N LYS E 227 14.47 37.36 -28.37
CA LYS E 227 15.13 36.87 -27.16
C LYS E 227 16.62 37.28 -27.09
N MET E 228 17.32 37.29 -28.24
CA MET E 228 18.71 37.72 -28.31
C MET E 228 18.83 39.22 -27.97
N MET E 229 17.98 40.06 -28.60
CA MET E 229 18.05 41.50 -28.38
C MET E 229 17.67 41.86 -26.98
N ILE E 230 16.63 41.22 -26.41
CA ILE E 230 16.23 41.48 -25.03
C ILE E 230 17.36 41.11 -24.06
N GLY E 231 17.98 39.96 -24.27
CA GLY E 231 19.10 39.52 -23.45
C GLY E 231 20.26 40.49 -23.48
N ARG E 232 20.67 40.91 -24.69
CA ARG E 232 21.78 41.86 -24.84
C ARG E 232 21.48 43.24 -24.23
N CYS E 233 20.22 43.70 -24.35
CA CYS E 233 19.83 44.98 -23.75
C CYS E 233 19.83 44.89 -22.25
N ASN E 234 19.36 43.76 -21.70
CA ASN E 234 19.37 43.52 -20.25
C ASN E 234 20.78 43.55 -19.71
N LEU E 235 21.71 42.94 -20.46
CA LEU E 235 23.12 42.87 -20.12
C LEU E 235 23.74 44.27 -20.18
N ALA E 236 23.39 45.05 -21.22
CA ALA E 236 23.88 46.43 -21.36
C ALA E 236 23.23 47.43 -20.38
N GLY E 237 22.12 47.05 -19.75
CA GLY E 237 21.39 47.94 -18.86
C GLY E 237 20.65 49.02 -19.63
N LYS E 238 20.24 48.73 -20.87
CA LYS E 238 19.52 49.69 -21.72
C LYS E 238 18.11 49.24 -22.01
N PRO E 239 17.14 50.17 -22.10
CA PRO E 239 15.76 49.75 -22.33
C PRO E 239 15.51 49.00 -23.64
N VAL E 240 14.62 48.02 -23.58
CA VAL E 240 14.22 47.25 -24.75
C VAL E 240 12.69 47.16 -24.78
N VAL E 241 12.10 47.45 -25.95
CA VAL E 241 10.65 47.44 -26.15
C VAL E 241 10.28 46.25 -27.01
N CYS E 242 9.23 45.52 -26.64
CA CYS E 242 8.72 44.45 -27.50
C CYS E 242 7.49 45.02 -28.19
N ALA E 243 7.45 44.97 -29.53
CA ALA E 243 6.37 45.60 -30.26
C ALA E 243 5.71 44.72 -31.33
N THR E 244 4.46 45.06 -31.69
CA THR E 244 3.64 44.64 -32.83
C THR E 244 2.95 43.29 -32.72
N GLN E 245 1.61 43.34 -32.88
CA GLN E 245 0.68 42.23 -32.90
C GLN E 245 0.59 41.48 -31.58
N MET E 246 0.92 42.12 -30.48
CA MET E 246 0.86 41.50 -29.17
C MET E 246 -0.57 41.07 -28.79
N LEU E 247 -1.57 41.95 -29.04
CA LEU E 247 -2.99 41.67 -28.78
C LEU E 247 -3.81 41.97 -30.06
N GLU E 248 -3.26 41.68 -31.23
CA GLU E 248 -3.85 41.99 -32.54
C GLU E 248 -5.36 41.74 -32.67
N SER E 249 -5.84 40.57 -32.27
CA SER E 249 -7.26 40.25 -32.38
C SER E 249 -8.17 41.23 -31.58
N MET E 250 -7.62 41.92 -30.58
CA MET E 250 -8.39 42.91 -29.81
C MET E 250 -8.74 44.18 -30.62
N ILE E 251 -8.27 44.31 -31.88
CA ILE E 251 -8.67 45.38 -32.79
C ILE E 251 -10.19 45.22 -33.08
N THR E 252 -10.68 43.97 -33.22
CA THR E 252 -12.09 43.71 -33.46
C THR E 252 -12.80 42.93 -32.34
N LYS E 253 -12.06 42.22 -31.46
CA LYS E 253 -12.69 41.40 -30.42
C LYS E 253 -12.41 41.90 -29.02
N PRO E 254 -13.36 41.77 -28.09
CA PRO E 254 -13.14 42.30 -26.72
C PRO E 254 -12.14 41.51 -25.86
N ARG E 255 -11.82 40.27 -26.26
CA ARG E 255 -10.88 39.44 -25.51
C ARG E 255 -9.82 38.93 -26.47
N PRO E 256 -8.56 38.80 -26.00
CA PRO E 256 -7.50 38.33 -26.91
C PRO E 256 -7.49 36.81 -27.04
N THR E 257 -6.69 36.29 -27.99
CA THR E 257 -6.53 34.85 -28.13
C THR E 257 -5.54 34.33 -27.05
N ARG E 258 -5.49 33.00 -26.87
CA ARG E 258 -4.58 32.36 -25.94
C ARG E 258 -3.12 32.60 -26.35
N ALA E 259 -2.85 32.73 -27.64
CA ALA E 259 -1.48 32.99 -28.12
C ALA E 259 -1.03 34.42 -27.79
N GLU E 260 -1.98 35.36 -27.82
CA GLU E 260 -1.73 36.76 -27.54
C GLU E 260 -1.41 37.04 -26.09
N THR E 261 -2.17 36.47 -25.14
CA THR E 261 -1.84 36.66 -23.72
C THR E 261 -0.50 36.01 -23.39
N SER E 262 -0.23 34.85 -24.01
CA SER E 262 1.02 34.13 -23.83
C SER E 262 2.19 34.97 -24.34
N ASP E 263 2.02 35.63 -25.51
CA ASP E 263 3.05 36.49 -26.10
C ASP E 263 3.41 37.67 -25.18
N VAL E 264 2.40 38.31 -24.56
CA VAL E 264 2.63 39.42 -23.67
C VAL E 264 3.38 38.94 -22.43
N ALA E 265 2.92 37.83 -21.83
CA ALA E 265 3.56 37.27 -20.65
C ALA E 265 4.99 36.87 -20.93
N ASN E 266 5.24 36.28 -22.11
CA ASN E 266 6.57 35.84 -22.47
C ASN E 266 7.50 36.98 -22.80
N ALA E 267 6.99 38.13 -23.30
CA ALA E 267 7.85 39.29 -23.54
C ALA E 267 8.35 39.82 -22.19
N VAL E 268 7.48 39.84 -21.17
CA VAL E 268 7.86 40.28 -19.82
C VAL E 268 8.86 39.26 -19.24
N LEU E 269 8.58 37.95 -19.34
CA LEU E 269 9.48 36.92 -18.83
C LEU E 269 10.83 36.95 -19.55
N ASP E 270 10.88 37.31 -20.84
CA ASP E 270 12.13 37.45 -21.62
C ASP E 270 13.02 38.55 -21.04
N GLY E 271 12.41 39.60 -20.51
CA GLY E 271 13.13 40.72 -19.92
C GLY E 271 12.83 42.07 -20.55
N ALA E 272 11.73 42.19 -21.32
CA ALA E 272 11.40 43.46 -21.96
C ALA E 272 11.08 44.54 -20.93
N ASP E 273 11.60 45.75 -21.15
CA ASP E 273 11.30 46.87 -20.28
C ASP E 273 9.92 47.44 -20.59
N CYS E 274 9.54 47.47 -21.88
CA CYS E 274 8.27 48.00 -22.32
C CYS E 274 7.56 47.03 -23.25
N ILE E 275 6.24 47.08 -23.25
CA ILE E 275 5.40 46.35 -24.19
C ILE E 275 4.55 47.40 -24.94
N MET E 276 4.25 47.15 -26.21
CA MET E 276 3.57 48.12 -27.04
C MET E 276 2.24 47.64 -27.64
N LEU E 277 1.35 48.59 -27.88
CA LEU E 277 0.08 48.40 -28.57
C LEU E 277 0.12 49.31 -29.82
N SER E 278 -0.16 48.76 -31.00
CA SER E 278 -0.17 49.56 -32.23
C SER E 278 -1.63 49.77 -32.70
N GLY E 279 -2.11 48.95 -33.65
CA GLY E 279 -3.47 49.03 -34.15
C GLY E 279 -4.53 48.85 -33.09
N GLU E 280 -4.17 48.13 -32.02
CA GLU E 280 -5.06 47.84 -30.89
C GLU E 280 -5.55 49.13 -30.24
N THR E 281 -4.68 50.16 -30.15
CA THR E 281 -5.08 51.44 -29.57
C THR E 281 -5.29 52.54 -30.64
N ALA E 282 -4.54 52.50 -31.74
CA ALA E 282 -4.62 53.49 -32.79
C ALA E 282 -5.93 53.46 -33.59
N LYS E 283 -6.38 52.27 -34.01
CA LYS E 283 -7.56 52.16 -34.85
C LYS E 283 -8.60 51.13 -34.40
N GLY E 284 -8.33 50.44 -33.30
CA GLY E 284 -9.21 49.38 -32.83
C GLY E 284 -10.45 49.81 -32.07
N ASN E 285 -11.35 48.87 -31.88
CA ASN E 285 -12.61 49.09 -31.19
C ASN E 285 -12.54 48.93 -29.69
N PHE E 286 -11.41 48.46 -29.13
CA PHE E 286 -11.27 48.28 -27.68
C PHE E 286 -9.91 48.83 -27.16
N PRO E 287 -9.57 50.13 -27.42
CA PRO E 287 -8.26 50.65 -26.98
C PRO E 287 -7.99 50.61 -25.48
N VAL E 288 -9.00 50.93 -24.67
CA VAL E 288 -8.84 50.93 -23.22
C VAL E 288 -8.73 49.51 -22.69
N GLU E 289 -9.53 48.59 -23.25
CA GLU E 289 -9.52 47.18 -22.86
C GLU E 289 -8.17 46.52 -23.23
N ALA E 290 -7.53 46.96 -24.34
CA ALA E 290 -6.23 46.44 -24.75
C ALA E 290 -5.16 46.86 -23.73
N VAL E 291 -5.22 48.11 -23.24
CA VAL E 291 -4.29 48.61 -22.23
C VAL E 291 -4.51 47.86 -20.92
N LYS E 292 -5.78 47.68 -20.53
CA LYS E 292 -6.12 46.95 -19.30
C LYS E 292 -5.61 45.52 -19.33
N MET E 293 -5.70 44.86 -20.50
CA MET E 293 -5.27 43.49 -20.70
C MET E 293 -3.76 43.39 -20.56
N GLN E 294 -2.99 44.30 -21.20
CA GLN E 294 -1.53 44.30 -21.07
C GLN E 294 -1.13 44.55 -19.64
N HIS E 295 -1.83 45.44 -18.93
CA HIS E 295 -1.55 45.71 -17.53
C HIS E 295 -1.76 44.45 -16.67
N ALA E 296 -2.91 43.77 -16.84
CA ALA E 296 -3.24 42.55 -16.12
C ALA E 296 -2.21 41.43 -16.33
N ILE E 297 -1.81 41.19 -17.60
CA ILE E 297 -0.84 40.14 -17.91
C ILE E 297 0.56 40.48 -17.37
N ALA E 298 1.02 41.72 -17.60
CA ALA E 298 2.35 42.13 -17.14
C ALA E 298 2.53 41.95 -15.64
N ARG E 299 1.51 42.33 -14.84
CA ARG E 299 1.55 42.17 -13.40
C ARG E 299 1.75 40.68 -13.02
N GLU E 300 0.99 39.77 -13.66
CA GLU E 300 1.09 38.35 -13.42
C GLU E 300 2.47 37.82 -13.82
N ALA E 301 2.97 38.22 -14.98
CA ALA E 301 4.24 37.75 -15.49
C ALA E 301 5.41 38.25 -14.66
N GLU E 302 5.36 39.48 -14.14
CA GLU E 302 6.44 40.02 -13.30
C GLU E 302 6.60 39.25 -12.00
N ALA E 303 5.49 38.81 -11.38
CA ALA E 303 5.54 38.02 -10.17
C ALA E 303 6.13 36.61 -10.45
N ALA E 304 5.95 36.09 -11.68
CA ALA E 304 6.46 34.79 -12.09
C ALA E 304 7.92 34.82 -12.55
N VAL E 305 8.59 35.98 -12.50
CA VAL E 305 10.00 36.07 -12.88
C VAL E 305 10.84 35.31 -11.83
N TYR E 306 11.79 34.49 -12.26
CA TYR E 306 12.65 33.73 -11.35
C TYR E 306 13.83 34.61 -10.94
N HIS E 307 13.61 35.53 -10.00
CA HIS E 307 14.62 36.50 -9.56
C HIS E 307 15.92 35.90 -9.06
N ARG E 308 15.88 34.73 -8.40
CA ARG E 308 17.08 34.09 -7.89
C ARG E 308 18.12 33.85 -8.99
N GLN E 309 17.70 33.30 -10.13
CA GLN E 309 18.62 33.09 -11.23
C GLN E 309 18.92 34.40 -11.94
N LEU E 310 17.89 35.23 -12.18
CA LEU E 310 18.03 36.50 -12.88
C LEU E 310 19.04 37.44 -12.21
N PHE E 311 18.88 37.71 -10.91
CA PHE E 311 19.79 38.58 -10.17
C PHE E 311 21.21 38.03 -10.17
N GLU E 312 21.38 36.71 -9.91
CA GLU E 312 22.69 36.07 -9.93
CA GLU E 312 22.72 36.13 -9.93
C GLU E 312 23.37 36.24 -11.29
N GLU E 313 22.61 36.01 -12.37
CA GLU E 313 23.17 36.12 -13.73
C GLU E 313 23.47 37.56 -14.13
N LEU E 314 22.61 38.53 -13.73
CA LEU E 314 22.85 39.94 -14.02
C LEU E 314 24.08 40.41 -13.26
N ARG E 315 24.15 40.09 -11.98
CA ARG E 315 25.23 40.38 -11.06
C ARG E 315 26.57 39.78 -11.58
N ARG E 316 26.56 38.55 -12.08
CA ARG E 316 27.74 37.85 -12.57
C ARG E 316 28.25 38.44 -13.88
N ALA E 317 27.35 38.71 -14.82
CA ALA E 317 27.70 39.25 -16.12
C ALA E 317 28.08 40.71 -16.09
N ALA E 318 27.55 41.48 -15.11
CA ALA E 318 27.87 42.91 -15.00
C ALA E 318 29.29 43.09 -14.59
N PRO E 319 30.04 43.94 -15.31
CA PRO E 319 31.46 44.07 -15.01
C PRO E 319 31.77 44.76 -13.70
N LEU E 320 33.02 44.60 -13.21
CA LEU E 320 33.48 45.32 -12.02
C LEU E 320 33.48 46.81 -12.36
N SER E 321 33.18 47.66 -11.36
CA SER E 321 33.06 49.07 -11.64
C SER E 321 33.62 49.89 -10.54
N ARG E 322 34.29 50.99 -10.92
CA ARG E 322 34.80 51.96 -9.97
CA ARG E 322 34.76 51.94 -9.91
C ARG E 322 33.91 53.24 -9.95
N ASP E 323 32.67 53.17 -10.52
CA ASP E 323 31.72 54.28 -10.55
C ASP E 323 30.84 54.13 -9.32
N PRO E 324 30.88 55.11 -8.40
CA PRO E 324 30.08 54.99 -7.16
C PRO E 324 28.58 54.83 -7.36
N THR E 325 27.99 55.37 -8.44
CA THR E 325 26.54 55.21 -8.68
C THR E 325 26.24 53.72 -8.94
N GLU E 326 27.08 53.08 -9.78
CA GLU E 326 26.97 51.67 -10.13
C GLU E 326 27.20 50.78 -8.91
N VAL E 327 28.20 51.12 -8.09
CA VAL E 327 28.54 50.40 -6.86
C VAL E 327 27.42 50.49 -5.83
N THR E 328 26.85 51.68 -5.65
CA THR E 328 25.74 51.90 -4.73
C THR E 328 24.50 51.17 -5.22
N ALA E 329 24.22 51.18 -6.54
CA ALA E 329 23.05 50.52 -7.11
C ALA E 329 23.02 49.01 -6.81
N ILE E 330 24.16 48.30 -7.01
CA ILE E 330 24.17 46.87 -6.75
C ILE E 330 24.06 46.59 -5.23
N GLY E 331 24.66 47.43 -4.40
CA GLY E 331 24.52 47.31 -2.95
C GLY E 331 23.09 47.51 -2.48
N ALA E 332 22.39 48.50 -3.06
CA ALA E 332 21.00 48.81 -2.74
C ALA E 332 20.06 47.67 -3.18
N VAL E 333 20.28 47.09 -4.36
CA VAL E 333 19.44 46.00 -4.85
C VAL E 333 19.66 44.74 -3.97
N GLU E 334 20.93 44.47 -3.60
CA GLU E 334 21.27 43.37 -2.69
C GLU E 334 20.56 43.56 -1.35
N ALA E 335 20.61 44.77 -0.79
CA ALA E 335 19.97 45.09 0.48
C ALA E 335 18.45 44.95 0.40
N ALA E 336 17.85 45.36 -0.73
CA ALA E 336 16.41 45.26 -0.94
C ALA E 336 15.94 43.80 -0.95
N PHE E 337 16.72 42.89 -1.58
CA PHE E 337 16.39 41.47 -1.60
C PHE E 337 16.51 40.84 -0.20
N LYS E 338 17.50 41.26 0.59
CA LYS E 338 17.75 40.76 1.93
C LYS E 338 16.61 41.00 2.92
N CYS E 339 15.94 42.16 2.81
CA CYS E 339 14.86 42.48 3.73
C CYS E 339 13.47 42.47 3.11
N CYS E 340 13.36 42.11 1.80
CA CYS E 340 12.09 42.15 1.08
C CYS E 340 11.53 43.57 1.12
N ALA E 341 12.42 44.56 0.87
CA ALA E 341 12.08 45.99 0.88
C ALA E 341 10.92 46.26 -0.05
N ALA E 342 9.96 47.06 0.40
CA ALA E 342 8.81 47.39 -0.44
C ALA E 342 9.24 48.28 -1.62
N ALA E 343 10.27 49.12 -1.43
CA ALA E 343 10.70 50.02 -2.46
C ALA E 343 12.15 50.48 -2.25
N ILE E 344 12.76 51.01 -3.31
CA ILE E 344 14.05 51.66 -3.28
C ILE E 344 13.70 53.08 -3.73
N ILE E 345 13.83 54.07 -2.85
CA ILE E 345 13.54 55.46 -3.20
C ILE E 345 14.84 56.09 -3.60
N VAL E 346 14.93 56.58 -4.85
CA VAL E 346 16.16 57.16 -5.36
C VAL E 346 15.94 58.61 -5.83
N LEU E 347 16.90 59.48 -5.57
CA LEU E 347 16.85 60.85 -6.03
C LEU E 347 17.69 60.87 -7.29
N THR E 348 17.12 61.40 -8.38
CA THR E 348 17.82 61.43 -9.66
C THR E 348 17.55 62.72 -10.43
N THR E 349 18.55 63.20 -11.18
CA THR E 349 18.39 64.42 -11.97
C THR E 349 18.09 64.04 -13.42
N THR E 350 18.92 63.15 -13.98
CA THR E 350 18.81 62.68 -15.37
C THR E 350 18.05 61.34 -15.52
N GLY E 351 17.78 60.66 -14.40
CA GLY E 351 17.16 59.34 -14.39
C GLY E 351 18.19 58.21 -14.30
N ARG E 352 19.51 58.52 -14.49
CA ARG E 352 20.59 57.55 -14.51
C ARG E 352 20.69 56.67 -13.25
N SER E 353 20.59 57.24 -12.04
CA SER E 353 20.65 56.45 -10.82
C SER E 353 19.52 55.44 -10.76
N ALA E 354 18.34 55.80 -11.24
CA ALA E 354 17.19 54.89 -11.26
C ALA E 354 17.43 53.78 -12.29
N GLN E 355 17.99 54.13 -13.47
CA GLN E 355 18.29 53.19 -14.53
C GLN E 355 19.31 52.15 -14.06
N LEU E 356 20.35 52.56 -13.31
CA LEU E 356 21.34 51.64 -12.78
C LEU E 356 20.75 50.70 -11.72
N LEU E 357 19.71 51.12 -11.00
CA LEU E 357 19.05 50.25 -10.04
C LEU E 357 18.22 49.22 -10.84
N SER E 358 17.46 49.70 -11.83
CA SER E 358 16.58 48.93 -12.71
CA SER E 358 16.58 48.90 -12.70
C SER E 358 17.30 47.78 -13.44
N ARG E 359 18.56 47.98 -13.84
CA ARG E 359 19.31 46.96 -14.57
C ARG E 359 19.53 45.68 -13.75
N TYR E 360 19.47 45.76 -12.41
CA TYR E 360 19.62 44.58 -11.57
C TYR E 360 18.29 43.88 -11.26
N ARG E 361 17.18 44.36 -11.86
CA ARG E 361 15.83 43.84 -11.76
C ARG E 361 15.41 43.53 -10.32
N PRO E 362 15.42 44.54 -9.43
CA PRO E 362 14.94 44.28 -8.07
C PRO E 362 13.45 43.96 -8.07
N ARG E 363 13.01 43.19 -7.09
CA ARG E 363 11.58 42.95 -6.89
C ARG E 363 10.95 44.24 -6.30
N ALA E 364 11.72 45.02 -5.50
CA ALA E 364 11.27 46.27 -4.91
C ALA E 364 11.08 47.32 -6.01
N ALA E 365 10.02 48.12 -5.89
CA ALA E 365 9.73 49.20 -6.83
C ALA E 365 10.81 50.26 -6.70
N VAL E 366 11.30 50.79 -7.83
CA VAL E 366 12.28 51.87 -7.78
C VAL E 366 11.53 53.19 -7.92
N ILE E 367 11.29 53.87 -6.81
CA ILE E 367 10.58 55.15 -6.81
C ILE E 367 11.57 56.27 -7.09
N ALA E 368 11.52 56.84 -8.30
CA ALA E 368 12.48 57.87 -8.69
C ALA E 368 11.91 59.28 -8.47
N VAL E 369 12.47 60.02 -7.51
CA VAL E 369 12.04 61.39 -7.25
C VAL E 369 12.94 62.35 -8.02
N THR E 370 12.36 63.11 -8.95
CA THR E 370 13.12 64.04 -9.79
C THR E 370 12.39 65.39 -9.98
N ARG E 371 13.19 66.45 -10.19
CA ARG E 371 12.63 67.76 -10.51
C ARG E 371 12.43 67.91 -12.03
N SER E 372 13.15 67.13 -12.84
CA SER E 372 13.08 67.17 -14.28
C SER E 372 11.82 66.47 -14.79
N ALA E 373 10.89 67.24 -15.39
CA ALA E 373 9.66 66.69 -15.97
C ALA E 373 10.00 65.74 -17.13
N GLN E 374 11.02 66.08 -17.93
CA GLN E 374 11.42 65.23 -19.03
C GLN E 374 12.00 63.90 -18.51
N ALA E 375 12.88 63.93 -17.48
CA ALA E 375 13.44 62.71 -16.89
C ALA E 375 12.31 61.85 -16.30
N ALA E 376 11.33 62.46 -15.65
CA ALA E 376 10.19 61.72 -15.10
C ALA E 376 9.43 60.96 -16.22
N ARG E 377 9.31 61.57 -17.41
CA ARG E 377 8.63 60.93 -18.53
C ARG E 377 9.50 59.83 -19.13
N GLN E 378 10.80 60.11 -19.31
CA GLN E 378 11.73 59.18 -19.93
C GLN E 378 12.08 57.94 -19.08
N VAL E 379 11.99 58.00 -17.73
CA VAL E 379 12.33 56.83 -16.92
C VAL E 379 11.28 55.69 -17.05
N HIS E 380 10.13 55.96 -17.71
CA HIS E 380 9.14 54.93 -18.03
C HIS E 380 9.77 53.86 -18.95
N LEU E 381 10.86 54.17 -19.67
CA LEU E 381 11.54 53.22 -20.51
C LEU E 381 12.25 52.13 -19.68
N CYS E 382 12.53 52.38 -18.39
CA CYS E 382 13.23 51.44 -17.52
C CYS E 382 12.28 50.66 -16.65
N ARG E 383 12.29 49.32 -16.77
CA ARG E 383 11.41 48.48 -15.99
C ARG E 383 11.55 48.68 -14.47
N GLY E 384 10.42 48.80 -13.81
CA GLY E 384 10.38 48.93 -12.37
C GLY E 384 10.65 50.31 -11.83
N VAL E 385 10.76 51.33 -12.69
CA VAL E 385 10.98 52.69 -12.23
C VAL E 385 9.65 53.45 -12.24
N PHE E 386 9.27 53.98 -11.07
CA PHE E 386 8.03 54.73 -10.88
C PHE E 386 8.40 56.18 -10.63
N PRO E 387 8.23 57.03 -11.66
CA PRO E 387 8.65 58.43 -11.52
C PRO E 387 7.72 59.32 -10.72
N LEU E 388 8.30 60.13 -9.86
CA LEU E 388 7.57 61.12 -9.09
C LEU E 388 8.15 62.47 -9.42
N LEU E 389 7.31 63.36 -9.98
CA LEU E 389 7.73 64.70 -10.33
C LEU E 389 7.58 65.63 -9.12
N TYR E 390 8.72 66.10 -8.59
CA TYR E 390 8.76 67.01 -7.45
C TYR E 390 8.69 68.46 -7.96
N ARG E 391 7.66 69.20 -7.55
CA ARG E 391 7.44 70.56 -8.06
C ARG E 391 7.82 71.65 -7.04
N GLU E 392 8.21 71.29 -5.80
CA GLU E 392 8.53 72.28 -4.77
CA GLU E 392 8.53 72.28 -4.76
C GLU E 392 9.88 72.96 -4.95
N PRO E 393 9.97 74.25 -4.54
CA PRO E 393 11.24 74.97 -4.68
C PRO E 393 12.28 74.51 -3.64
N PRO E 394 13.57 74.59 -3.99
CA PRO E 394 14.61 74.10 -3.08
C PRO E 394 14.67 74.75 -1.71
N GLU E 395 15.06 73.97 -0.72
CA GLU E 395 15.30 74.42 0.64
C GLU E 395 16.67 75.12 0.67
N ALA E 396 16.90 76.00 1.66
CA ALA E 396 18.17 76.71 1.79
C ALA E 396 19.29 75.72 2.12
N ILE E 397 19.01 74.77 3.02
CA ILE E 397 19.98 73.73 3.37
C ILE E 397 19.74 72.53 2.46
N TRP E 398 20.73 72.20 1.62
CA TRP E 398 20.66 71.08 0.66
C TRP E 398 20.31 69.76 1.33
N ALA E 399 20.89 69.46 2.51
CA ALA E 399 20.56 68.23 3.23
C ALA E 399 19.06 68.14 3.56
N ASP E 400 18.43 69.28 3.92
CA ASP E 400 16.99 69.35 4.22
C ASP E 400 16.18 69.15 2.96
N ASP E 401 16.66 69.64 1.81
CA ASP E 401 16.00 69.50 0.50
C ASP E 401 15.95 68.01 0.13
N VAL E 402 17.09 67.30 0.32
CA VAL E 402 17.22 65.87 0.07
C VAL E 402 16.18 65.11 0.93
N ASP E 403 16.16 65.39 2.25
CA ASP E 403 15.22 64.74 3.18
CA ASP E 403 15.23 64.74 3.19
C ASP E 403 13.77 65.01 2.82
N ARG E 404 13.46 66.21 2.27
CA ARG E 404 12.09 66.53 1.87
C ARG E 404 11.67 65.69 0.67
N ARG E 405 12.61 65.51 -0.28
CA ARG E 405 12.42 64.73 -1.48
C ARG E 405 12.26 63.24 -1.15
N VAL E 406 12.92 62.74 -0.08
CA VAL E 406 12.82 61.35 0.40
C VAL E 406 11.44 61.15 1.01
N GLN E 407 11.00 62.10 1.84
CA GLN E 407 9.67 62.06 2.46
C GLN E 407 8.55 62.16 1.43
N PHE E 408 8.78 62.90 0.33
CA PHE E 408 7.81 63.00 -0.75
C PHE E 408 7.62 61.62 -1.42
N GLY E 409 8.72 60.88 -1.57
CA GLY E 409 8.70 59.54 -2.12
C GLY E 409 7.91 58.61 -1.21
N ILE E 410 8.15 58.71 0.10
CA ILE E 410 7.45 57.88 1.09
C ILE E 410 5.95 58.18 1.12
N GLU E 411 5.58 59.48 1.15
CA GLU E 411 4.18 59.84 1.19
CA GLU E 411 4.19 59.91 1.17
C GLU E 411 3.46 59.45 -0.10
N SER E 412 4.09 59.64 -1.27
CA SER E 412 3.48 59.25 -2.55
C SER E 412 3.28 57.73 -2.64
N GLY E 413 4.23 56.98 -2.10
CA GLY E 413 4.18 55.52 -2.06
C GLY E 413 3.09 55.03 -1.14
N LYS E 414 2.94 55.66 0.04
CA LYS E 414 1.88 55.27 0.98
C LYS E 414 0.51 55.50 0.36
N LEU E 415 0.34 56.65 -0.32
CA LEU E 415 -0.92 57.01 -0.95
C LEU E 415 -1.25 56.06 -2.10
N ARG E 416 -0.24 55.66 -2.88
CA ARG E 416 -0.46 54.77 -4.02
C ARG E 416 -0.48 53.28 -3.69
N GLY E 417 -0.27 52.92 -2.43
CA GLY E 417 -0.30 51.52 -2.04
C GLY E 417 1.02 50.77 -2.08
N PHE E 418 2.12 51.41 -2.55
CA PHE E 418 3.44 50.79 -2.58
C PHE E 418 3.96 50.50 -1.17
N LEU E 419 3.68 51.41 -0.22
CA LEU E 419 4.22 51.31 1.13
C LEU E 419 3.17 51.33 2.21
N ARG E 420 3.50 50.72 3.33
CA ARG E 420 2.70 50.73 4.53
C ARG E 420 3.65 50.91 5.74
N VAL E 421 3.11 51.33 6.87
CA VAL E 421 3.87 51.49 8.11
C VAL E 421 4.44 50.13 8.53
N GLY E 422 5.72 50.10 8.87
CA GLY E 422 6.39 48.87 9.22
C GLY E 422 7.27 48.32 8.12
N ASP E 423 7.04 48.76 6.87
CA ASP E 423 7.84 48.33 5.73
C ASP E 423 9.26 48.85 5.81
N LEU E 424 10.19 48.16 5.16
CA LEU E 424 11.56 48.62 5.07
C LEU E 424 11.75 49.18 3.66
N VAL E 425 12.45 50.29 3.55
CA VAL E 425 12.77 50.88 2.26
C VAL E 425 14.26 51.14 2.19
N ILE E 426 14.79 51.13 0.98
CA ILE E 426 16.19 51.45 0.75
C ILE E 426 16.18 52.84 0.13
N VAL E 427 16.99 53.77 0.64
CA VAL E 427 17.02 55.15 0.11
C VAL E 427 18.38 55.42 -0.51
N VAL E 428 18.39 55.80 -1.79
CA VAL E 428 19.63 56.04 -2.55
C VAL E 428 19.78 57.51 -2.89
N THR E 429 20.83 58.16 -2.37
CA THR E 429 21.12 59.59 -2.55
C THR E 429 22.64 59.81 -2.84
N GLY E 430 23.04 61.06 -3.04
CA GLY E 430 24.43 61.43 -3.29
C GLY E 430 25.02 62.29 -2.18
N TRP E 431 26.32 62.62 -2.31
CA TRP E 431 27.04 63.39 -1.29
C TRP E 431 27.07 64.92 -1.52
N ARG E 432 26.77 65.35 -2.74
CA ARG E 432 26.74 66.75 -3.14
C ARG E 432 25.70 66.94 -4.26
N PRO E 433 25.14 68.16 -4.46
CA PRO E 433 24.15 68.34 -5.54
C PRO E 433 24.70 68.14 -6.94
N GLY E 434 23.81 68.00 -7.91
CA GLY E 434 24.20 67.77 -9.29
C GLY E 434 24.19 66.31 -9.65
N SER E 435 24.20 66.05 -10.96
CA SER E 435 24.16 64.70 -11.51
CA SER E 435 24.18 64.68 -11.50
C SER E 435 25.55 64.02 -11.40
N GLY E 436 25.54 62.72 -11.17
CA GLY E 436 26.75 61.91 -11.12
C GLY E 436 27.39 61.66 -9.77
N TYR E 437 26.75 62.07 -8.67
CA TYR E 437 27.37 61.90 -7.35
C TYR E 437 26.63 60.97 -6.38
N THR E 438 25.75 60.06 -6.88
CA THR E 438 25.08 59.09 -5.99
C THR E 438 26.15 58.16 -5.39
N ASN E 439 26.08 57.95 -4.08
CA ASN E 439 27.06 57.11 -3.38
C ASN E 439 26.58 56.63 -2.01
N ILE E 440 25.30 56.87 -1.67
CA ILE E 440 24.78 56.53 -0.35
C ILE E 440 23.54 55.65 -0.43
N MET E 441 23.51 54.64 0.43
CA MET E 441 22.37 53.77 0.55
CA MET E 441 22.40 53.70 0.56
C MET E 441 22.00 53.66 2.03
N ARG E 442 20.73 53.90 2.34
CA ARG E 442 20.26 53.88 3.71
C ARG E 442 19.11 52.92 3.87
N VAL E 443 19.05 52.19 5.00
CA VAL E 443 17.93 51.28 5.25
C VAL E 443 17.01 51.99 6.24
N LEU E 444 15.78 52.23 5.81
CA LEU E 444 14.83 53.03 6.58
C LEU E 444 13.54 52.31 6.86
N SER E 445 13.02 52.44 8.09
CA SER E 445 11.76 51.81 8.47
CA SER E 445 11.76 51.81 8.47
C SER E 445 10.63 52.83 8.27
N ILE E 446 9.52 52.41 7.65
CA ILE E 446 8.41 53.30 7.39
C ILE E 446 7.58 53.54 8.64
N SER E 447 7.46 54.82 9.05
CA SER E 447 6.67 55.22 10.23
C SER E 447 5.43 56.03 9.83
N ALA F 13 35.14 40.76 -20.46
CA ALA F 13 34.21 41.88 -20.64
C ALA F 13 33.82 42.51 -19.29
N ASP F 14 33.54 41.67 -18.28
CA ASP F 14 33.20 42.14 -16.94
C ASP F 14 34.44 42.50 -16.08
N VAL F 15 35.63 42.45 -16.66
CA VAL F 15 36.86 42.84 -15.98
C VAL F 15 37.73 43.75 -16.86
N ALA F 16 37.41 43.89 -18.18
CA ALA F 16 38.17 44.66 -19.17
C ALA F 16 38.39 46.14 -18.83
N GLN F 17 37.35 46.87 -18.39
CA GLN F 17 37.52 48.29 -18.04
C GLN F 17 38.38 48.42 -16.80
N LEU F 18 38.12 47.61 -15.77
CA LEU F 18 38.92 47.65 -14.56
C LEU F 18 40.35 47.18 -14.78
N THR F 19 40.58 46.33 -15.79
CA THR F 19 41.90 45.83 -16.16
C THR F 19 42.69 46.94 -16.85
N GLN F 20 42.03 47.77 -17.67
CA GLN F 20 42.69 48.90 -18.32
C GLN F 20 43.07 49.94 -17.26
N GLU F 21 42.18 50.19 -16.29
CA GLU F 21 42.39 51.14 -15.23
C GLU F 21 43.44 50.69 -14.23
N LEU F 22 43.26 49.52 -13.60
CA LEU F 22 44.13 49.00 -12.55
C LEU F 22 45.39 48.29 -13.06
N GLY F 23 45.35 47.86 -14.31
CA GLY F 23 46.48 47.18 -14.92
C GLY F 23 46.44 45.67 -14.86
N THR F 24 47.19 45.02 -15.77
CA THR F 24 47.26 43.57 -15.80
C THR F 24 47.97 43.03 -14.58
N ALA F 25 48.99 43.74 -14.06
CA ALA F 25 49.72 43.28 -12.87
C ALA F 25 48.80 43.17 -11.66
N PHE F 26 47.83 44.09 -11.51
CA PHE F 26 46.89 44.06 -10.41
C PHE F 26 46.07 42.76 -10.46
N PHE F 27 45.62 42.38 -11.65
CA PHE F 27 44.78 41.20 -11.82
C PHE F 27 45.57 39.89 -11.86
N GLN F 28 46.92 39.93 -11.75
CA GLN F 28 47.72 38.72 -11.64
C GLN F 28 48.03 38.41 -10.15
N GLN F 29 47.99 39.42 -9.26
CA GLN F 29 48.26 39.27 -7.84
C GLN F 29 47.05 38.71 -7.10
N GLN F 30 47.23 38.34 -5.80
CA GLN F 30 46.27 37.83 -4.83
C GLN F 30 45.29 36.77 -5.37
N GLN F 31 45.81 35.86 -6.21
CA GLN F 31 45.05 34.78 -6.85
C GLN F 31 43.79 35.27 -7.58
N LEU F 32 43.85 36.48 -8.14
CA LEU F 32 42.71 37.03 -8.87
C LEU F 32 42.36 36.22 -10.12
N PRO F 33 43.30 35.67 -10.94
CA PRO F 33 42.86 34.81 -12.06
C PRO F 33 42.04 33.62 -11.56
N ALA F 34 42.45 33.00 -10.44
CA ALA F 34 41.74 31.85 -9.84
C ALA F 34 40.37 32.28 -9.26
N ALA F 35 40.27 33.52 -8.79
CA ALA F 35 39.04 34.06 -8.23
C ALA F 35 37.96 34.29 -9.31
N MET F 36 38.37 34.57 -10.55
CA MET F 36 37.45 34.79 -11.67
C MET F 36 36.86 33.48 -12.22
N ALA F 37 37.44 32.32 -11.88
CA ALA F 37 37.01 31.03 -12.42
C ALA F 37 35.54 30.71 -12.23
N ASP F 38 34.96 30.03 -13.22
CA ASP F 38 33.53 29.70 -13.20
C ASP F 38 33.21 28.42 -12.43
N THR F 39 34.21 27.56 -12.17
CA THR F 39 34.03 26.35 -11.36
C THR F 39 35.11 26.26 -10.32
N PHE F 40 34.86 25.53 -9.23
CA PHE F 40 35.86 25.30 -8.19
C PHE F 40 37.09 24.55 -8.75
N LEU F 41 36.86 23.62 -9.67
CA LEU F 41 37.91 22.84 -10.30
C LEU F 41 38.82 23.75 -11.13
N GLU F 42 38.23 24.68 -11.91
CA GLU F 42 38.98 25.66 -12.71
CA GLU F 42 39.03 25.61 -12.70
C GLU F 42 39.76 26.60 -11.79
N HIS F 43 39.16 26.95 -10.63
CA HIS F 43 39.73 27.83 -9.60
C HIS F 43 41.02 27.16 -9.10
N LEU F 44 40.97 25.86 -8.75
CA LEU F 44 42.15 25.12 -8.30
C LEU F 44 43.23 25.12 -9.36
N CYS F 45 42.87 24.85 -10.63
CA CYS F 45 43.80 24.84 -11.76
C CYS F 45 44.49 26.18 -11.97
N LEU F 46 43.82 27.27 -11.65
CA LEU F 46 44.38 28.62 -11.84
C LEU F 46 45.21 29.13 -10.67
N LEU F 47 45.35 28.37 -9.57
CA LEU F 47 46.17 28.83 -8.43
C LEU F 47 47.62 28.94 -8.89
N ASP F 48 48.29 30.05 -8.53
CA ASP F 48 49.64 30.33 -9.00
C ASP F 48 50.58 30.67 -7.86
N ILE F 49 51.71 29.95 -7.75
CA ILE F 49 52.71 30.26 -6.74
C ILE F 49 53.39 31.63 -6.94
N ASP F 50 53.32 32.18 -8.16
CA ASP F 50 53.89 33.49 -8.47
C ASP F 50 52.88 34.64 -8.27
N SER F 51 51.64 34.34 -7.89
CA SER F 51 50.64 35.34 -7.62
C SER F 51 50.76 35.71 -6.15
N GLU F 52 51.48 36.82 -5.88
CA GLU F 52 51.75 37.27 -4.52
C GLU F 52 50.54 37.83 -3.77
N PRO F 53 50.40 37.46 -2.47
CA PRO F 53 49.29 38.02 -1.67
C PRO F 53 49.50 39.51 -1.41
N VAL F 54 48.43 40.31 -1.54
CA VAL F 54 48.53 41.75 -1.34
C VAL F 54 47.83 42.19 -0.07
N ALA F 55 46.66 41.61 0.21
CA ALA F 55 45.86 41.99 1.37
C ALA F 55 46.53 41.69 2.71
N ALA F 56 46.12 42.40 3.77
CA ALA F 56 46.60 42.16 5.12
C ALA F 56 46.01 40.82 5.60
N ARG F 57 46.77 40.06 6.39
CA ARG F 57 46.36 38.78 6.92
C ARG F 57 45.14 38.94 7.83
N SER F 58 44.06 38.25 7.49
CA SER F 58 42.80 38.36 8.16
C SER F 58 42.45 37.27 9.21
N THR F 59 43.10 36.09 9.20
CA THR F 59 42.83 35.03 10.17
C THR F 59 43.70 35.32 11.38
N SER F 60 43.09 35.49 12.55
CA SER F 60 43.86 35.80 13.76
C SER F 60 44.68 34.65 14.26
N ILE F 61 45.80 34.98 14.88
CA ILE F 61 46.70 34.00 15.42
C ILE F 61 46.57 34.07 16.93
N ILE F 62 46.30 32.92 17.55
CA ILE F 62 46.27 32.82 18.99
C ILE F 62 47.54 32.15 19.40
N ALA F 63 48.34 32.80 20.25
CA ALA F 63 49.59 32.20 20.69
C ALA F 63 49.48 31.87 22.17
N THR F 64 49.99 30.71 22.57
CA THR F 64 49.97 30.31 23.97
C THR F 64 51.16 30.89 24.65
N ILE F 65 50.91 31.63 25.73
CA ILE F 65 52.01 32.26 26.46
C ILE F 65 52.45 31.37 27.60
N GLY F 66 53.74 31.06 27.65
CA GLY F 66 54.31 30.24 28.72
C GLY F 66 55.78 30.54 28.92
N PRO F 67 56.56 29.55 29.41
CA PRO F 67 58.00 29.80 29.66
C PRO F 67 58.84 30.34 28.51
N ALA F 68 58.54 29.98 27.24
CA ALA F 68 59.40 30.40 26.11
C ALA F 68 59.02 31.72 25.46
N SER F 69 57.85 32.25 25.81
CA SER F 69 57.26 33.46 25.27
C SER F 69 56.72 34.37 26.39
N ARG F 70 57.34 34.32 27.56
CA ARG F 70 56.88 35.05 28.74
C ARG F 70 57.41 36.46 28.90
N SER F 71 58.68 36.71 28.53
CA SER F 71 59.34 37.99 28.70
C SER F 71 58.73 39.08 27.83
N VAL F 72 58.70 40.32 28.37
CA VAL F 72 58.17 41.50 27.69
C VAL F 72 58.84 41.70 26.32
N GLU F 73 60.16 41.52 26.27
CA GLU F 73 60.92 41.67 25.03
C GLU F 73 60.52 40.65 23.98
N ARG F 74 60.32 39.39 24.40
CA ARG F 74 59.89 38.30 23.54
C ARG F 74 58.44 38.52 23.06
N LEU F 75 57.58 38.96 23.96
CA LEU F 75 56.19 39.29 23.64
C LEU F 75 56.06 40.43 22.62
N LYS F 76 56.99 41.41 22.65
CA LYS F 76 56.97 42.51 21.68
C LYS F 76 57.29 41.96 20.29
N GLU F 77 58.23 41.00 20.21
CA GLU F 77 58.60 40.33 18.96
CA GLU F 77 58.58 40.38 18.95
C GLU F 77 57.40 39.53 18.42
N MET F 78 56.63 38.89 19.32
CA MET F 78 55.46 38.10 18.92
CA MET F 78 55.46 38.10 18.92
C MET F 78 54.32 38.97 18.43
N ILE F 79 54.15 40.16 19.02
CA ILE F 79 53.13 41.10 18.60
C ILE F 79 53.49 41.61 17.18
N LYS F 80 54.78 41.91 16.95
CA LYS F 80 55.26 42.35 15.65
C LYS F 80 55.17 41.23 14.59
N ALA F 81 55.38 39.96 15.00
CA ALA F 81 55.26 38.82 14.09
C ALA F 81 53.79 38.50 13.71
N GLY F 82 52.82 38.97 14.51
CA GLY F 82 51.41 38.79 14.17
C GLY F 82 50.45 38.25 15.23
N MET F 83 50.92 38.00 16.46
CA MET F 83 50.02 37.49 17.51
C MET F 83 48.87 38.48 17.81
N ASN F 84 47.61 38.00 17.77
CA ASN F 84 46.45 38.85 18.02
C ASN F 84 45.78 38.54 19.35
N ILE F 85 45.87 37.27 19.79
CA ILE F 85 45.26 36.79 21.04
C ILE F 85 46.30 36.00 21.81
N ALA F 86 46.46 36.31 23.10
CA ALA F 86 47.39 35.59 23.95
C ALA F 86 46.55 34.60 24.74
N ARG F 87 46.94 33.34 24.75
CA ARG F 87 46.20 32.30 25.45
C ARG F 87 46.96 31.89 26.71
N LEU F 88 46.25 31.79 27.83
CA LEU F 88 46.85 31.34 29.09
C LEU F 88 46.22 30.03 29.44
N ASN F 89 47.01 28.97 29.45
CA ASN F 89 46.48 27.63 29.71
C ASN F 89 46.44 27.33 31.20
N PHE F 90 45.24 27.37 31.78
CA PHE F 90 45.08 27.11 33.22
C PHE F 90 45.16 25.62 33.60
N SER F 91 45.53 24.75 32.65
CA SER F 91 45.86 23.37 32.94
C SER F 91 47.30 23.29 33.53
N HIS F 92 48.14 24.32 33.29
CA HIS F 92 49.50 24.42 33.78
C HIS F 92 49.67 25.71 34.61
N GLY F 93 50.83 25.85 35.26
CA GLY F 93 51.15 27.03 36.05
C GLY F 93 50.27 27.27 37.25
N SER F 94 50.27 28.50 37.74
CA SER F 94 49.48 28.92 38.90
C SER F 94 48.86 30.30 38.62
N HIS F 95 47.98 30.80 39.51
CA HIS F 95 47.40 32.12 39.36
C HIS F 95 48.49 33.20 39.32
N GLU F 96 49.49 33.08 40.17
CA GLU F 96 50.60 34.02 40.24
C GLU F 96 51.40 34.02 38.94
N TYR F 97 51.65 32.83 38.40
CA TYR F 97 52.39 32.66 37.14
C TYR F 97 51.63 33.32 35.98
N HIS F 98 50.33 33.03 35.86
CA HIS F 98 49.50 33.59 34.80
C HIS F 98 49.29 35.08 34.94
N ALA F 99 49.22 35.61 36.17
CA ALA F 99 49.07 37.06 36.38
C ALA F 99 50.31 37.79 35.89
N GLU F 100 51.49 37.21 36.12
CA GLU F 100 52.71 37.83 35.68
C GLU F 100 52.80 37.79 34.14
N SER F 101 52.32 36.70 33.52
CA SER F 101 52.33 36.59 32.06
C SER F 101 51.40 37.63 31.46
N ILE F 102 50.18 37.79 32.04
CA ILE F 102 49.20 38.80 31.61
C ILE F 102 49.77 40.20 31.72
N ALA F 103 50.46 40.51 32.84
CA ALA F 103 51.07 41.83 33.04
C ALA F 103 52.15 42.08 32.00
N ASN F 104 52.93 41.04 31.66
CA ASN F 104 53.97 41.15 30.63
C ASN F 104 53.38 41.39 29.24
N VAL F 105 52.24 40.73 28.93
CA VAL F 105 51.54 40.92 27.66
C VAL F 105 51.04 42.34 27.60
N ARG F 106 50.38 42.81 28.66
CA ARG F 106 49.88 44.20 28.70
C ARG F 106 51.00 45.25 28.59
N GLU F 107 52.15 44.99 29.21
CA GLU F 107 53.29 45.89 29.12
C GLU F 107 53.81 45.92 27.68
N ALA F 108 53.96 44.73 27.03
CA ALA F 108 54.41 44.66 25.63
C ALA F 108 53.41 45.36 24.69
N VAL F 109 52.10 45.17 24.92
CA VAL F 109 51.05 45.77 24.11
C VAL F 109 51.07 47.29 24.24
N GLU F 110 51.16 47.80 25.47
CA GLU F 110 51.15 49.24 25.70
C GLU F 110 52.43 49.94 25.26
N SER F 111 53.52 49.21 25.01
CA SER F 111 54.75 49.81 24.49
C SER F 111 54.56 50.38 23.05
N PHE F 112 53.49 50.00 22.35
CA PHE F 112 53.19 50.50 21.01
C PHE F 112 52.01 51.51 21.00
N ALA F 113 51.48 51.89 22.19
CA ALA F 113 50.32 52.78 22.32
C ALA F 113 50.53 54.22 21.91
N GLY F 114 51.78 54.62 21.69
CA GLY F 114 52.04 55.99 21.27
C GLY F 114 51.43 56.41 19.94
N SER F 115 51.07 55.43 19.07
CA SER F 115 50.54 55.78 17.75
C SER F 115 49.49 54.79 17.20
N PRO F 116 48.50 55.28 16.42
CA PRO F 116 47.54 54.36 15.80
C PRO F 116 48.17 53.49 14.71
N LEU F 117 49.35 53.85 14.18
CA LEU F 117 50.00 53.00 13.17
C LEU F 117 51.00 52.02 13.79
N SER F 118 51.13 51.99 15.12
CA SER F 118 51.97 50.99 15.79
C SER F 118 51.13 50.14 16.78
N TYR F 119 50.09 50.72 17.40
CA TYR F 119 49.29 50.02 18.39
C TYR F 119 48.53 48.83 17.82
N ARG F 120 48.72 47.68 18.45
CA ARG F 120 47.99 46.48 18.06
C ARG F 120 47.28 45.95 19.30
N PRO F 121 45.94 46.08 19.37
CA PRO F 121 45.21 45.54 20.53
C PRO F 121 45.36 44.02 20.56
N VAL F 122 45.71 43.46 21.71
CA VAL F 122 45.88 42.01 21.81
C VAL F 122 44.89 41.51 22.84
N ALA F 123 44.02 40.57 22.47
CA ALA F 123 43.07 40.02 23.41
C ALA F 123 43.75 39.05 24.38
N ILE F 124 43.18 38.87 25.57
CA ILE F 124 43.71 37.93 26.54
C ILE F 124 42.67 36.86 26.79
N ALA F 125 43.04 35.61 26.52
CA ALA F 125 42.12 34.49 26.64
C ALA F 125 42.55 33.50 27.71
N LEU F 126 41.63 33.07 28.56
CA LEU F 126 41.92 32.13 29.62
C LEU F 126 41.38 30.78 29.17
N ASP F 127 42.22 29.76 29.12
CA ASP F 127 41.79 28.42 28.72
C ASP F 127 41.65 27.61 30.01
N THR F 128 40.43 27.15 30.33
CA THR F 128 40.19 26.43 31.58
C THR F 128 40.76 24.99 31.62
N LYS F 129 41.00 24.46 32.83
CA LYS F 129 41.48 23.10 33.02
C LYS F 129 40.41 22.08 32.62
N GLY F 130 39.15 22.38 32.91
CA GLY F 130 38.04 21.51 32.55
C GLY F 130 37.45 20.71 33.68
N PRO F 131 36.40 19.94 33.38
CA PRO F 131 35.76 19.12 34.41
C PRO F 131 36.54 17.84 34.70
N PRO F 135 31.24 15.59 36.49
CA PRO F 135 29.96 16.03 37.07
C PRO F 135 29.65 17.46 36.61
N GLY F 136 29.53 18.39 37.55
CA GLY F 136 29.33 19.81 37.18
C GLY F 136 30.65 20.50 36.94
N LEU F 137 30.65 21.83 36.94
CA LEU F 137 31.90 22.61 36.76
C LEU F 137 32.80 22.33 37.96
N SER F 138 34.10 22.22 37.73
CA SER F 138 35.02 21.90 38.81
C SER F 138 35.27 23.09 39.74
N GLU F 139 35.76 22.83 40.97
CA GLU F 139 36.04 23.90 41.93
C GLU F 139 37.21 24.76 41.48
N GLN F 140 38.20 24.16 40.80
CA GLN F 140 39.34 24.89 40.26
C GLN F 140 38.89 25.80 39.13
N ASP F 141 37.95 25.33 38.28
CA ASP F 141 37.40 26.15 37.19
C ASP F 141 36.68 27.36 37.75
N VAL F 142 35.92 27.20 38.84
CA VAL F 142 35.22 28.32 39.45
C VAL F 142 36.23 29.39 39.93
N ARG F 143 37.31 28.97 40.58
CA ARG F 143 38.35 29.88 41.03
C ARG F 143 39.12 30.55 39.88
N ASP F 144 39.43 29.78 38.80
CA ASP F 144 40.14 30.29 37.64
C ASP F 144 39.28 31.28 36.85
N LEU F 145 37.98 30.99 36.74
CA LEU F 145 37.03 31.88 36.08
C LEU F 145 36.90 33.19 36.85
N ARG F 146 36.91 33.12 38.18
CA ARG F 146 36.88 34.31 39.02
C ARG F 146 38.17 35.13 38.85
N PHE F 147 39.32 34.43 38.71
CA PHE F 147 40.62 35.06 38.46
C PHE F 147 40.56 35.86 37.15
N GLY F 148 39.98 35.25 36.10
CA GLY F 148 39.84 35.86 34.79
C GLY F 148 39.04 37.14 34.82
N VAL F 149 37.92 37.14 35.54
CA VAL F 149 37.09 38.34 35.69
C VAL F 149 37.87 39.41 36.43
N GLU F 150 38.56 39.03 37.50
CA GLU F 150 39.35 39.99 38.29
C GLU F 150 40.51 40.57 37.52
N HIS F 151 41.09 39.79 36.59
CA HIS F 151 42.19 40.27 35.76
C HIS F 151 41.76 40.84 34.41
N GLY F 152 40.46 40.98 34.17
CA GLY F 152 39.92 41.59 32.95
C GLY F 152 40.20 40.84 31.65
N VAL F 153 40.08 39.51 31.68
CA VAL F 153 40.29 38.74 30.44
C VAL F 153 39.15 39.03 29.46
N ASP F 154 39.44 38.94 28.17
CA ASP F 154 38.45 39.23 27.13
C ASP F 154 37.69 37.99 26.72
N ILE F 155 38.35 36.81 26.78
CA ILE F 155 37.79 35.56 26.27
C ILE F 155 38.05 34.42 27.23
N VAL F 156 37.15 33.46 27.24
CA VAL F 156 37.33 32.22 27.96
C VAL F 156 37.22 31.08 26.94
N PHE F 157 38.24 30.22 26.89
CA PHE F 157 38.18 29.02 26.06
C PHE F 157 37.75 27.97 27.06
N ALA F 158 36.45 27.61 27.06
CA ALA F 158 35.93 26.65 28.05
C ALA F 158 36.18 25.19 27.65
N SER F 159 37.04 24.48 28.41
CA SER F 159 37.36 23.09 28.13
C SER F 159 36.20 22.12 28.32
N PHE F 160 36.19 21.07 27.48
CA PHE F 160 35.22 19.97 27.49
C PHE F 160 33.76 20.38 27.61
N VAL F 161 33.29 21.27 26.75
CA VAL F 161 31.87 21.65 26.75
C VAL F 161 31.12 20.50 26.06
N ARG F 162 30.10 19.95 26.73
CA ARG F 162 29.34 18.80 26.24
C ARG F 162 27.87 19.08 25.98
N LYS F 163 27.35 20.20 26.49
CA LYS F 163 25.95 20.56 26.36
C LYS F 163 25.75 22.05 26.68
N ALA F 164 24.57 22.59 26.35
CA ALA F 164 24.25 24.00 26.62
C ALA F 164 24.36 24.40 28.12
N SER F 165 24.05 23.47 29.04
CA SER F 165 24.14 23.78 30.48
C SER F 165 25.57 23.98 30.97
N ASP F 166 26.56 23.40 30.27
CA ASP F 166 27.97 23.60 30.62
C ASP F 166 28.35 25.08 30.35
N VAL F 167 27.84 25.66 29.25
CA VAL F 167 28.09 27.05 28.90
C VAL F 167 27.42 27.97 29.94
N ALA F 168 26.19 27.62 30.37
CA ALA F 168 25.47 28.39 31.38
C ALA F 168 26.22 28.39 32.70
N ALA F 169 26.84 27.27 33.09
CA ALA F 169 27.63 27.19 34.32
C ALA F 169 28.87 28.08 34.26
N VAL F 170 29.53 28.15 33.09
CA VAL F 170 30.71 29.01 32.92
C VAL F 170 30.26 30.48 33.01
N ARG F 171 29.14 30.80 32.33
CA ARG F 171 28.56 32.13 32.31
CA ARG F 171 28.58 32.14 32.32
C ARG F 171 28.23 32.59 33.74
N ALA F 172 27.63 31.69 34.55
CA ALA F 172 27.27 31.97 35.94
C ALA F 172 28.52 32.18 36.81
N ALA F 173 29.54 31.35 36.64
CA ALA F 173 30.78 31.49 37.41
C ALA F 173 31.56 32.79 37.08
N LEU F 174 31.28 33.41 35.92
CA LEU F 174 31.90 34.69 35.56
C LEU F 174 31.24 35.88 36.34
N GLY F 175 30.03 35.65 36.87
CA GLY F 175 29.31 36.63 37.67
C GLY F 175 28.75 37.80 36.91
N PRO F 176 28.28 38.81 37.65
CA PRO F 176 27.68 39.99 37.00
C PRO F 176 28.69 40.88 36.28
N GLU F 177 29.96 40.89 36.74
CA GLU F 177 30.98 41.73 36.11
C GLU F 177 31.68 41.08 34.90
N GLY F 178 31.41 39.80 34.64
CA GLY F 178 31.97 39.11 33.50
C GLY F 178 30.97 38.88 32.38
N HIS F 179 29.95 39.72 32.29
CA HIS F 179 28.94 39.59 31.25
C HIS F 179 29.50 39.90 29.85
N GLY F 180 30.53 40.74 29.78
CA GLY F 180 31.17 41.14 28.53
C GLY F 180 32.19 40.16 27.97
N ILE F 181 32.63 39.20 28.79
CA ILE F 181 33.61 38.20 28.36
C ILE F 181 33.02 37.24 27.32
N LYS F 182 33.76 36.96 26.23
CA LYS F 182 33.30 36.02 25.20
C LYS F 182 33.58 34.58 25.63
N ILE F 183 32.59 33.70 25.48
CA ILE F 183 32.77 32.30 25.81
C ILE F 183 32.91 31.49 24.52
N ILE F 184 34.08 30.94 24.32
CA ILE F 184 34.37 30.11 23.15
C ILE F 184 34.38 28.69 23.68
N SER F 185 33.38 27.88 23.31
CA SER F 185 33.30 26.52 23.79
C SER F 185 34.26 25.57 23.06
N LYS F 186 35.07 24.84 23.82
CA LYS F 186 35.98 23.87 23.23
C LYS F 186 35.25 22.56 23.05
N ILE F 187 35.18 22.06 21.80
CA ILE F 187 34.52 20.78 21.49
C ILE F 187 35.62 19.73 21.45
N GLU F 188 35.65 18.84 22.46
CA GLU F 188 36.72 17.86 22.60
C GLU F 188 36.31 16.41 22.76
N ASN F 189 35.02 16.09 22.61
CA ASN F 189 34.59 14.69 22.74
C ASN F 189 33.36 14.36 21.88
N HIS F 190 32.95 13.09 21.85
CA HIS F 190 31.82 12.65 21.04
C HIS F 190 30.53 13.40 21.38
N GLU F 191 30.27 13.61 22.67
CA GLU F 191 29.06 14.30 23.11
C GLU F 191 29.01 15.75 22.63
N GLY F 192 30.13 16.48 22.75
CA GLY F 192 30.21 17.85 22.28
C GLY F 192 29.93 17.98 20.79
N VAL F 193 30.43 16.99 20.00
CA VAL F 193 30.20 16.97 18.56
C VAL F 193 28.73 16.71 18.27
N LYS F 194 28.14 15.73 18.95
CA LYS F 194 26.73 15.39 18.76
C LYS F 194 25.74 16.47 19.23
N ARG F 195 26.07 17.17 20.35
CA ARG F 195 25.19 18.25 20.85
C ARG F 195 25.64 19.64 20.32
N PHE F 196 26.48 19.67 19.26
CA PHE F 196 27.06 20.88 18.70
C PHE F 196 26.07 22.04 18.53
N ASP F 197 24.92 21.78 17.88
CA ASP F 197 23.96 22.84 17.61
C ASP F 197 23.48 23.57 18.86
N GLU F 198 23.19 22.82 19.95
CA GLU F 198 22.74 23.46 21.18
C GLU F 198 23.87 24.22 21.87
N ILE F 199 25.11 23.76 21.72
CA ILE F 199 26.27 24.43 22.31
C ILE F 199 26.55 25.74 21.56
N LEU F 200 26.54 25.69 20.22
CA LEU F 200 26.79 26.86 19.38
C LEU F 200 25.75 27.95 19.64
N GLU F 201 24.49 27.56 19.77
CA GLU F 201 23.37 28.48 20.02
C GLU F 201 23.62 29.39 21.23
N VAL F 202 24.16 28.84 22.32
CA VAL F 202 24.41 29.62 23.54
C VAL F 202 25.85 30.14 23.68
N SER F 203 26.78 29.72 22.82
CA SER F 203 28.16 30.16 22.91
C SER F 203 28.41 31.38 22.01
N ASP F 204 29.50 32.09 22.29
CA ASP F 204 29.91 33.19 21.43
C ASP F 204 30.72 32.68 20.20
N GLY F 205 31.28 31.49 20.32
CA GLY F 205 32.08 30.84 19.30
C GLY F 205 32.52 29.47 19.73
N ILE F 206 33.31 28.80 18.89
CA ILE F 206 33.73 27.43 19.12
C ILE F 206 35.22 27.24 18.87
N MET F 207 35.84 26.31 19.59
CA MET F 207 37.21 25.92 19.34
C MET F 207 37.18 24.42 19.00
N VAL F 208 37.76 24.04 17.85
CA VAL F 208 37.91 22.63 17.48
C VAL F 208 39.19 22.22 18.20
N ALA F 209 39.05 21.63 19.39
CA ALA F 209 40.16 21.25 20.25
C ALA F 209 40.59 19.84 19.86
N ARG F 210 41.41 19.76 18.78
CA ARG F 210 41.80 18.53 18.12
C ARG F 210 42.63 17.54 18.97
N GLY F 211 43.39 18.01 19.95
CA GLY F 211 44.19 17.15 20.82
C GLY F 211 43.35 16.13 21.56
N ASP F 212 42.42 16.59 22.40
CA ASP F 212 41.53 15.68 23.12
C ASP F 212 40.53 15.05 22.20
N LEU F 213 40.02 15.79 21.20
CA LEU F 213 39.07 15.24 20.22
C LEU F 213 39.65 14.00 19.52
N GLY F 214 40.93 14.04 19.16
CA GLY F 214 41.65 12.94 18.52
C GLY F 214 41.88 11.72 19.39
N ILE F 215 41.67 11.85 20.71
CA ILE F 215 41.78 10.76 21.69
C ILE F 215 40.36 10.22 22.01
N GLU F 216 39.37 11.12 22.11
CA GLU F 216 37.99 10.78 22.42
C GLU F 216 37.26 10.11 21.27
N ILE F 217 37.56 10.52 20.03
CA ILE F 217 36.98 9.94 18.82
C ILE F 217 38.13 9.38 17.97
N PRO F 218 37.87 8.46 17.03
CA PRO F 218 38.99 7.93 16.19
C PRO F 218 39.72 9.08 15.50
N ALA F 219 41.05 9.05 15.51
CA ALA F 219 41.90 10.08 14.93
C ALA F 219 41.56 10.39 13.48
N GLU F 220 41.22 9.38 12.70
CA GLU F 220 40.88 9.54 11.27
C GLU F 220 39.53 10.22 11.03
N LYS F 221 38.76 10.54 12.09
CA LYS F 221 37.47 11.21 11.98
C LYS F 221 37.52 12.69 12.40
N VAL F 222 38.63 13.16 13.01
CA VAL F 222 38.77 14.55 13.45
C VAL F 222 38.55 15.57 12.33
N PHE F 223 39.05 15.30 11.12
CA PHE F 223 38.87 16.23 10.01
C PHE F 223 37.40 16.44 9.65
N LEU F 224 36.55 15.41 9.84
CA LEU F 224 35.11 15.51 9.56
C LEU F 224 34.48 16.45 10.58
N ALA F 225 34.85 16.30 11.86
CA ALA F 225 34.35 17.15 12.93
C ALA F 225 34.80 18.59 12.73
N GLN F 226 36.08 18.80 12.36
CA GLN F 226 36.60 20.13 12.10
C GLN F 226 35.87 20.83 10.95
N LYS F 227 35.73 20.15 9.81
CA LYS F 227 35.05 20.73 8.64
C LYS F 227 33.57 21.00 8.90
N MET F 228 32.87 20.11 9.62
CA MET F 228 31.47 20.29 9.97
C MET F 228 31.31 21.50 10.91
N MET F 229 32.13 21.59 11.97
CA MET F 229 32.03 22.68 12.93
C MET F 229 32.36 24.02 12.32
N ILE F 230 33.40 24.08 11.47
CA ILE F 230 33.74 25.32 10.80
C ILE F 230 32.60 25.78 9.89
N GLY F 231 32.04 24.85 9.12
CA GLY F 231 30.91 25.14 8.24
C GLY F 231 29.71 25.68 8.98
N ARG F 232 29.32 25.05 10.10
CA ARG F 232 28.18 25.48 10.90
C ARG F 232 28.41 26.83 11.56
N CYS F 233 29.65 27.10 12.01
CA CYS F 233 29.99 28.39 12.61
C CYS F 233 29.94 29.48 11.57
N ASN F 234 30.44 29.21 10.36
CA ASN F 234 30.39 30.15 9.24
C ASN F 234 28.93 30.50 8.90
N LEU F 235 28.07 29.49 8.89
CA LEU F 235 26.65 29.65 8.63
C LEU F 235 25.98 30.48 9.73
N ALA F 236 26.33 30.22 11.00
CA ALA F 236 25.80 30.96 12.13
C ALA F 236 26.40 32.38 12.27
N GLY F 237 27.50 32.68 11.58
CA GLY F 237 28.17 33.97 11.70
C GLY F 237 28.91 34.09 13.02
N LYS F 238 29.35 32.96 13.63
CA LYS F 238 30.07 32.98 14.91
C LYS F 238 31.51 32.52 14.77
N PRO F 239 32.44 33.09 15.56
CA PRO F 239 33.86 32.71 15.41
C PRO F 239 34.17 31.25 15.67
N VAL F 240 35.12 30.70 14.90
CA VAL F 240 35.56 29.32 15.06
C VAL F 240 37.09 29.30 15.03
N VAL F 241 37.69 28.62 16.01
CA VAL F 241 39.14 28.50 16.13
C VAL F 241 39.58 27.09 15.77
N CYS F 242 40.65 26.94 14.99
CA CYS F 242 41.23 25.63 14.73
C CYS F 242 42.44 25.53 15.65
N ALA F 243 42.51 24.47 16.46
CA ALA F 243 43.61 24.37 17.41
C ALA F 243 44.32 23.00 17.42
N THR F 244 45.57 22.99 17.92
CA THR F 244 46.44 21.89 18.35
C THR F 244 47.18 21.15 17.25
N GLN F 245 48.52 21.11 17.41
CA GLN F 245 49.51 20.46 16.57
C GLN F 245 49.60 20.99 15.17
N MET F 246 49.20 22.27 14.95
CA MET F 246 49.24 22.85 13.61
C MET F 246 50.67 22.96 13.07
N LEU F 247 51.63 23.37 13.92
CA LEU F 247 53.05 23.47 13.52
C LEU F 247 53.93 22.77 14.57
N GLU F 248 53.45 21.64 15.13
CA GLU F 248 54.07 20.88 16.21
C GLU F 248 55.59 20.73 16.10
N SER F 249 56.14 20.31 14.94
CA SER F 249 57.58 20.12 14.79
C SER F 249 58.41 21.39 14.99
N MET F 250 57.78 22.57 14.87
CA MET F 250 58.47 23.83 15.12
C MET F 250 58.78 24.07 16.62
N ILE F 251 58.38 23.13 17.51
CA ILE F 251 58.77 23.17 18.92
C ILE F 251 60.31 23.03 18.99
N THR F 252 60.92 22.20 18.12
CA THR F 252 62.37 22.01 18.10
C THR F 252 63.04 22.36 16.79
N LYS F 253 62.28 22.47 15.68
CA LYS F 253 62.88 22.76 14.37
C LYS F 253 62.49 24.14 13.85
N PRO F 254 63.42 24.83 13.16
CA PRO F 254 63.09 26.17 12.66
C PRO F 254 62.09 26.21 11.49
N ARG F 255 61.88 25.08 10.81
CA ARG F 255 60.95 24.99 9.68
C ARG F 255 59.94 23.85 9.94
N PRO F 256 58.69 24.03 9.52
CA PRO F 256 57.69 22.96 9.77
C PRO F 256 57.74 21.84 8.71
N THR F 257 56.95 20.79 8.92
CA THR F 257 56.85 19.71 7.94
C THR F 257 55.86 20.13 6.83
N ARG F 258 55.83 19.37 5.73
CA ARG F 258 54.92 19.63 4.62
C ARG F 258 53.46 19.44 5.04
N ALA F 259 53.19 18.51 5.96
CA ALA F 259 51.86 18.25 6.47
C ALA F 259 51.36 19.42 7.34
N GLU F 260 52.28 20.05 8.10
CA GLU F 260 51.98 21.16 8.98
C GLU F 260 51.59 22.40 8.22
N THR F 261 52.35 22.79 7.18
CA THR F 261 51.96 23.98 6.40
C THR F 261 50.61 23.76 5.70
N SER F 262 50.41 22.54 5.21
CA SER F 262 49.19 22.15 4.54
C SER F 262 48.01 22.23 5.53
N ASP F 263 48.19 21.76 6.76
CA ASP F 263 47.14 21.81 7.80
C ASP F 263 46.70 23.27 8.11
N VAL F 264 47.69 24.20 8.23
CA VAL F 264 47.41 25.60 8.49
C VAL F 264 46.61 26.18 7.32
N ALA F 265 47.08 25.93 6.09
CA ALA F 265 46.42 26.44 4.91
C ALA F 265 45.00 25.91 4.79
N ASN F 266 44.82 24.62 5.07
CA ASN F 266 43.51 23.98 4.97
C ASN F 266 42.55 24.44 6.06
N ALA F 267 43.03 24.82 7.26
CA ALA F 267 42.15 25.36 8.30
C ALA F 267 41.58 26.71 7.83
N VAL F 268 42.43 27.54 7.21
CA VAL F 268 42.01 28.84 6.66
C VAL F 268 41.05 28.60 5.49
N LEU F 269 41.40 27.67 4.55
CA LEU F 269 40.49 27.37 3.44
C LEU F 269 39.16 26.77 3.91
N ASP F 270 39.14 26.06 5.04
CA ASP F 270 37.90 25.49 5.59
C ASP F 270 36.94 26.62 6.03
N GLY F 271 37.50 27.75 6.50
CA GLY F 271 36.74 28.88 6.96
C GLY F 271 37.00 29.27 8.41
N ALA F 272 38.10 28.80 9.01
CA ALA F 272 38.41 29.13 10.40
C ALA F 272 38.67 30.63 10.56
N ASP F 273 38.12 31.23 11.61
CA ASP F 273 38.37 32.64 11.91
C ASP F 273 39.73 32.81 12.54
N CYS F 274 40.12 31.85 13.40
CA CYS F 274 41.40 31.89 14.13
C CYS F 274 42.15 30.60 13.98
N ILE F 275 43.47 30.69 14.09
CA ILE F 275 44.36 29.53 14.13
C ILE F 275 45.19 29.67 15.40
N MET F 276 45.57 28.54 16.02
CA MET F 276 46.25 28.56 17.28
C MET F 276 47.57 27.86 17.31
N LEU F 277 48.44 28.31 18.21
CA LEU F 277 49.76 27.75 18.47
C LEU F 277 49.77 27.42 19.96
N SER F 278 50.12 26.19 20.29
CA SER F 278 50.12 25.76 21.69
C SER F 278 51.56 25.70 22.19
N GLY F 279 52.17 24.51 22.27
CA GLY F 279 53.55 24.36 22.72
C GLY F 279 54.59 25.04 21.85
N GLU F 280 54.24 25.29 20.56
CA GLU F 280 55.13 25.98 19.60
C GLU F 280 55.55 27.36 20.15
N THR F 281 54.65 28.04 20.89
CA THR F 281 54.96 29.32 21.51
C THR F 281 55.11 29.21 23.05
N ALA F 282 54.34 28.32 23.70
CA ALA F 282 54.38 28.11 25.14
C ALA F 282 55.71 27.58 25.66
N LYS F 283 56.29 26.58 24.99
CA LYS F 283 57.52 25.94 25.44
C LYS F 283 58.63 25.76 24.42
N GLY F 284 58.35 25.99 23.15
CA GLY F 284 59.29 25.68 22.08
C GLY F 284 60.47 26.61 21.94
N ASN F 285 61.41 26.24 21.05
CA ASN F 285 62.61 27.01 20.80
C ASN F 285 62.41 28.09 19.72
N PHE F 286 61.29 28.10 18.99
CA PHE F 286 61.07 29.08 17.94
C PHE F 286 59.67 29.72 18.03
N PRO F 287 59.28 30.31 19.18
CA PRO F 287 57.93 30.90 19.28
C PRO F 287 57.64 32.01 18.26
N VAL F 288 58.60 32.90 18.02
CA VAL F 288 58.41 34.00 17.09
C VAL F 288 58.33 33.48 15.64
N GLU F 289 59.17 32.50 15.29
CA GLU F 289 59.20 31.91 13.97
C GLU F 289 57.91 31.11 13.69
N ALA F 290 57.30 30.52 14.72
CA ALA F 290 56.03 29.80 14.57
C ALA F 290 54.90 30.79 14.25
N VAL F 291 54.91 31.97 14.90
CA VAL F 291 53.91 33.00 14.63
C VAL F 291 54.12 33.54 13.20
N LYS F 292 55.38 33.78 12.82
CA LYS F 292 55.70 34.27 11.48
C LYS F 292 55.25 33.28 10.41
N MET F 293 55.41 31.97 10.67
CA MET F 293 55.02 30.92 9.74
C MET F 293 53.51 30.85 9.56
N GLN F 294 52.74 30.92 10.68
CA GLN F 294 51.28 30.94 10.57
C GLN F 294 50.81 32.17 9.82
N HIS F 295 51.48 33.32 10.06
CA HIS F 295 51.16 34.56 9.36
C HIS F 295 51.37 34.39 7.83
N ALA F 296 52.53 33.86 7.43
CA ALA F 296 52.88 33.65 6.03
C ALA F 296 51.89 32.70 5.32
N ILE F 297 51.56 31.57 5.96
CA ILE F 297 50.64 30.61 5.37
C ILE F 297 49.21 31.17 5.28
N ALA F 298 48.71 31.79 6.36
CA ALA F 298 47.35 32.33 6.37
C ALA F 298 47.14 33.36 5.27
N ARG F 299 48.13 34.23 5.01
CA ARG F 299 48.06 35.22 3.94
C ARG F 299 47.90 34.54 2.56
N GLU F 300 48.69 33.50 2.30
CA GLU F 300 48.61 32.74 1.06
C GLU F 300 47.28 32.04 0.94
N ALA F 301 46.80 31.41 2.02
CA ALA F 301 45.55 30.68 2.01
C ALA F 301 44.33 31.56 1.85
N GLU F 302 44.34 32.76 2.44
CA GLU F 302 43.21 33.68 2.30
C GLU F 302 43.01 34.12 0.85
N ALA F 303 44.12 34.37 0.12
CA ALA F 303 44.02 34.76 -1.28
C ALA F 303 43.48 33.61 -2.14
N ALA F 304 43.75 32.34 -1.74
CA ALA F 304 43.32 31.14 -2.45
C ALA F 304 41.86 30.73 -2.16
N VAL F 305 41.15 31.47 -1.30
CA VAL F 305 39.75 31.18 -1.01
C VAL F 305 38.92 31.46 -2.28
N TYR F 306 37.97 30.58 -2.62
CA TYR F 306 37.14 30.76 -3.81
C TYR F 306 35.92 31.60 -3.41
N HIS F 307 36.11 32.92 -3.31
CA HIS F 307 35.07 33.87 -2.86
C HIS F 307 33.78 33.82 -3.67
N ARG F 308 33.84 33.56 -4.98
CA ARG F 308 32.64 33.50 -5.82
C ARG F 308 31.63 32.49 -5.30
N GLN F 309 32.09 31.27 -4.98
CA GLN F 309 31.19 30.25 -4.46
C GLN F 309 30.87 30.54 -3.00
N LEU F 310 31.87 30.93 -2.20
CA LEU F 310 31.69 31.20 -0.78
C LEU F 310 30.64 32.28 -0.51
N PHE F 311 30.76 33.45 -1.15
CA PHE F 311 29.80 34.55 -0.97
C PHE F 311 28.41 34.15 -1.44
N GLU F 312 28.29 33.50 -2.59
CA GLU F 312 27.02 33.03 -3.10
C GLU F 312 26.35 32.05 -2.13
N GLU F 313 27.11 31.10 -1.57
CA GLU F 313 26.58 30.13 -0.63
C GLU F 313 26.22 30.75 0.70
N LEU F 314 27.03 31.69 1.20
CA LEU F 314 26.73 32.39 2.46
C LEU F 314 25.44 33.20 2.29
N ARG F 315 25.31 33.89 1.16
CA ARG F 315 24.12 34.66 0.84
C ARG F 315 22.86 33.75 0.73
N ARG F 316 22.93 32.68 -0.07
CA ARG F 316 21.82 31.75 -0.29
C ARG F 316 21.35 31.14 1.04
N ALA F 317 22.29 30.68 1.88
CA ALA F 317 21.94 30.05 3.15
C ALA F 317 21.47 31.01 4.23
N ALA F 318 21.87 32.29 4.13
CA ALA F 318 21.49 33.28 5.14
C ALA F 318 20.01 33.63 5.01
N PRO F 319 19.28 33.55 6.14
CA PRO F 319 17.85 33.88 6.08
C PRO F 319 17.62 35.36 5.85
N LEU F 320 16.39 35.70 5.39
CA LEU F 320 15.99 37.09 5.23
C LEU F 320 16.04 37.80 6.59
N SER F 321 16.28 39.10 6.59
CA SER F 321 16.41 39.83 7.85
C SER F 321 15.78 41.17 7.79
N ARG F 322 15.12 41.58 8.88
CA ARG F 322 14.59 42.93 8.97
C ARG F 322 15.46 43.83 9.90
N ASP F 323 16.68 43.36 10.27
CA ASP F 323 17.63 44.09 11.09
C ASP F 323 18.48 44.95 10.15
N PRO F 324 18.42 46.28 10.30
CA PRO F 324 19.19 47.14 9.38
C PRO F 324 20.69 46.93 9.39
N THR F 325 21.29 46.48 10.51
CA THR F 325 22.73 46.24 10.54
C THR F 325 23.06 45.07 9.60
N GLU F 326 22.25 44.00 9.64
CA GLU F 326 22.41 42.82 8.81
C GLU F 326 22.17 43.15 7.33
N VAL F 327 21.16 43.97 7.05
CA VAL F 327 20.83 44.40 5.70
C VAL F 327 21.92 45.32 5.12
N THR F 328 22.47 46.22 5.94
CA THR F 328 23.54 47.12 5.52
C THR F 328 24.81 46.32 5.26
N ALA F 329 25.10 45.32 6.11
CA ALA F 329 26.30 44.50 5.98
C ALA F 329 26.36 43.76 4.65
N ILE F 330 25.26 43.12 4.22
CA ILE F 330 25.26 42.40 2.95
C ILE F 330 25.37 43.37 1.77
N GLY F 331 24.73 44.53 1.86
CA GLY F 331 24.85 45.56 0.83
C GLY F 331 26.27 46.09 0.71
N ALA F 332 26.95 46.32 1.85
CA ALA F 332 28.32 46.81 1.89
C ALA F 332 29.30 45.78 1.33
N VAL F 333 29.11 44.49 1.66
CA VAL F 333 30.01 43.45 1.16
C VAL F 333 29.82 43.29 -0.36
N GLU F 334 28.58 43.35 -0.84
CA GLU F 334 28.28 43.27 -2.26
CA GLU F 334 28.27 43.27 -2.27
C GLU F 334 28.93 44.43 -3.01
N ALA F 335 28.83 45.66 -2.45
CA ALA F 335 29.43 46.86 -3.02
C ALA F 335 30.96 46.76 -3.06
N ALA F 336 31.55 46.21 -1.99
CA ALA F 336 32.99 46.03 -1.91
C ALA F 336 33.50 45.08 -3.01
N PHE F 337 32.77 43.99 -3.27
CA PHE F 337 33.17 43.05 -4.34
C PHE F 337 33.06 43.68 -5.72
N LYS F 338 32.01 44.49 -5.96
CA LYS F 338 31.75 45.15 -7.24
C LYS F 338 32.88 46.08 -7.70
N CYS F 339 33.51 46.80 -6.75
CA CYS F 339 34.59 47.73 -7.09
C CYS F 339 35.98 47.30 -6.66
N CYS F 340 36.12 46.09 -6.08
CA CYS F 340 37.39 45.61 -5.52
C CYS F 340 37.88 46.59 -4.46
N ALA F 341 36.96 47.02 -3.56
CA ALA F 341 37.24 47.98 -2.49
C ALA F 341 38.38 47.51 -1.64
N ALA F 342 39.28 48.40 -1.30
CA ALA F 342 40.44 48.04 -0.49
C ALA F 342 40.03 47.77 0.95
N ALA F 343 38.97 48.43 1.43
CA ALA F 343 38.53 48.25 2.81
C ALA F 343 37.06 48.64 2.99
N ILE F 344 36.46 48.16 4.08
CA ILE F 344 35.14 48.54 4.54
C ILE F 344 35.43 49.13 5.92
N ILE F 345 35.22 50.44 6.10
CA ILE F 345 35.48 51.09 7.37
C ILE F 345 34.16 51.15 8.09
N VAL F 346 34.09 50.57 9.29
CA VAL F 346 32.84 50.50 10.05
C VAL F 346 33.02 51.09 11.44
N LEU F 347 31.99 51.82 11.91
CA LEU F 347 31.98 52.36 13.27
C LEU F 347 31.23 51.35 14.12
N THR F 348 31.83 50.91 15.24
CA THR F 348 31.17 49.93 16.08
C THR F 348 31.42 50.17 17.55
N THR F 349 30.43 49.85 18.40
CA THR F 349 30.60 50.00 19.85
C THR F 349 30.95 48.64 20.48
N THR F 350 30.16 47.61 20.17
CA THR F 350 30.34 46.27 20.70
C THR F 350 31.14 45.33 19.78
N GLY F 351 31.37 45.75 18.53
CA GLY F 351 32.03 44.93 17.52
C GLY F 351 31.02 44.22 16.62
N ARG F 352 29.70 44.27 16.96
CA ARG F 352 28.67 43.55 16.21
C ARG F 352 28.56 43.94 14.72
N SER F 353 28.60 45.22 14.38
CA SER F 353 28.55 45.63 12.99
C SER F 353 29.73 45.08 12.19
N ALA F 354 30.90 44.99 12.80
CA ALA F 354 32.07 44.44 12.12
C ALA F 354 31.89 42.91 11.95
N GLN F 355 31.31 42.23 12.96
CA GLN F 355 31.05 40.80 12.92
C GLN F 355 30.08 40.45 11.80
N LEU F 356 29.03 41.24 11.62
CA LEU F 356 28.06 41.02 10.55
C LEU F 356 28.66 41.23 9.16
N LEU F 357 29.67 42.10 9.04
CA LEU F 357 30.35 42.30 7.76
C LEU F 357 31.22 41.04 7.51
N SER F 358 31.99 40.62 8.53
CA SER F 358 32.88 39.48 8.53
C SER F 358 32.21 38.15 8.13
N ARG F 359 30.94 37.93 8.51
CA ARG F 359 30.24 36.68 8.18
C ARG F 359 30.06 36.47 6.68
N TYR F 360 30.09 37.55 5.87
CA TYR F 360 29.97 37.42 4.41
C TYR F 360 31.31 37.25 3.71
N ARG F 361 32.40 37.15 4.48
CA ARG F 361 33.77 36.92 4.05
C ARG F 361 34.20 37.85 2.93
N PRO F 362 34.15 39.18 3.12
CA PRO F 362 34.63 40.07 2.06
C PRO F 362 36.12 39.90 1.84
N ARG F 363 36.57 40.17 0.63
CA ARG F 363 38.00 40.19 0.34
C ARG F 363 38.59 41.51 0.95
N ALA F 364 37.80 42.61 0.97
CA ALA F 364 38.17 43.89 1.56
C ALA F 364 38.37 43.78 3.09
N ALA F 365 39.42 44.43 3.62
CA ALA F 365 39.70 44.47 5.05
C ALA F 365 38.57 45.22 5.76
N VAL F 366 38.10 44.70 6.90
CA VAL F 366 37.05 45.39 7.66
C VAL F 366 37.76 46.17 8.75
N ILE F 367 37.91 47.49 8.55
CA ILE F 367 38.56 48.34 9.54
C ILE F 367 37.53 48.82 10.55
N ALA F 368 37.58 48.27 11.77
CA ALA F 368 36.58 48.61 12.79
C ALA F 368 37.08 49.72 13.72
N VAL F 369 36.44 50.91 13.65
CA VAL F 369 36.81 52.05 14.49
C VAL F 369 35.91 52.05 15.72
N THR F 370 36.52 51.95 16.89
CA THR F 370 35.78 51.80 18.13
C THR F 370 36.45 52.53 19.29
N ARG F 371 35.64 52.96 20.25
CA ARG F 371 36.14 53.58 21.48
C ARG F 371 36.35 52.53 22.59
N SER F 372 35.69 51.36 22.48
CA SER F 372 35.77 50.29 23.47
C SER F 372 37.07 49.50 23.32
N ALA F 373 37.95 49.57 24.32
CA ALA F 373 39.20 48.82 24.28
C ALA F 373 38.92 47.29 24.31
N GLN F 374 37.90 46.86 25.07
CA GLN F 374 37.53 45.46 25.12
C GLN F 374 37.01 44.96 23.77
N ALA F 375 36.14 45.73 23.09
CA ALA F 375 35.63 45.35 21.78
C ALA F 375 36.76 45.30 20.77
N ALA F 376 37.72 46.23 20.83
CA ALA F 376 38.86 46.24 19.92
C ALA F 376 39.68 44.92 20.08
N ARG F 377 39.79 44.40 21.32
CA ARG F 377 40.50 43.16 21.57
C ARG F 377 39.67 41.94 21.12
N GLN F 378 38.38 41.95 21.41
CA GLN F 378 37.50 40.82 21.09
C GLN F 378 37.18 40.67 19.58
N VAL F 379 37.23 41.75 18.76
CA VAL F 379 36.94 41.60 17.33
C VAL F 379 38.00 40.77 16.57
N HIS F 380 39.15 40.50 17.20
CA HIS F 380 40.18 39.62 16.64
C HIS F 380 39.61 38.20 16.42
N LEU F 381 38.50 37.84 17.09
CA LEU F 381 37.88 36.54 16.90
C LEU F 381 37.21 36.44 15.52
N CYS F 382 36.89 37.58 14.87
CA CYS F 382 36.21 37.63 13.58
C CYS F 382 37.17 37.84 12.44
N ARG F 383 37.21 36.89 11.50
CA ARG F 383 38.10 36.97 10.37
C ARG F 383 37.96 38.27 9.55
N GLY F 384 39.09 38.89 9.28
CA GLY F 384 39.14 40.08 8.46
C GLY F 384 38.83 41.39 9.15
N VAL F 385 38.70 41.38 10.49
CA VAL F 385 38.42 42.60 11.22
C VAL F 385 39.69 43.16 11.82
N PHE F 386 40.03 44.41 11.46
CA PHE F 386 41.23 45.12 11.92
C PHE F 386 40.79 46.23 12.86
N PRO F 387 40.96 46.02 14.18
CA PRO F 387 40.47 47.02 15.14
C PRO F 387 41.33 48.26 15.30
N LEU F 388 40.69 49.44 15.29
CA LEU F 388 41.38 50.70 15.55
C LEU F 388 40.75 51.32 16.77
N LEU F 389 41.56 51.50 17.82
CA LEU F 389 41.09 52.09 19.06
C LEU F 389 41.17 53.62 18.99
N TYR F 390 40.00 54.27 18.93
CA TYR F 390 39.87 55.73 18.87
C TYR F 390 39.87 56.27 20.31
N ARG F 391 40.81 57.17 20.64
CA ARG F 391 40.88 57.68 22.02
C ARG F 391 40.40 59.12 22.21
N GLU F 392 40.05 59.83 21.12
CA GLU F 392 39.61 61.23 21.22
C GLU F 392 38.28 61.46 21.91
N PRO F 393 38.17 62.58 22.64
CA PRO F 393 36.87 62.90 23.27
C PRO F 393 35.84 63.29 22.22
N PRO F 394 34.56 62.97 22.48
CA PRO F 394 33.52 63.27 21.48
C PRO F 394 33.37 64.74 21.11
N GLU F 395 33.02 64.98 19.86
CA GLU F 395 32.75 66.31 19.34
C GLU F 395 31.35 66.74 19.84
N ALA F 396 31.08 68.07 19.86
CA ALA F 396 29.79 68.60 20.30
C ALA F 396 28.69 68.15 19.32
N ILE F 397 28.99 68.25 18.02
CA ILE F 397 28.05 67.79 17.00
C ILE F 397 28.35 66.32 16.68
N TRP F 398 27.39 65.43 16.96
CA TRP F 398 27.55 64.00 16.75
C TRP F 398 27.97 63.66 15.32
N ALA F 399 27.36 64.29 14.30
CA ALA F 399 27.72 64.06 12.91
C ALA F 399 29.21 64.34 12.65
N ASP F 400 29.76 65.39 13.30
CA ASP F 400 31.16 65.74 13.16
C ASP F 400 32.06 64.69 13.80
N ASP F 401 31.63 64.11 14.93
CA ASP F 401 32.38 63.11 15.68
C ASP F 401 32.54 61.81 14.84
N VAL F 402 31.45 61.44 14.14
CA VAL F 402 31.33 60.33 13.23
C VAL F 402 32.29 60.57 12.07
N ASP F 403 32.21 61.75 11.43
CA ASP F 403 33.13 62.08 10.33
C ASP F 403 34.57 62.04 10.75
N ARG F 404 34.89 62.43 11.98
CA ARG F 404 36.26 62.39 12.48
C ARG F 404 36.75 60.95 12.59
N ARG F 405 35.89 60.05 13.09
CA ARG F 405 36.21 58.65 13.26
C ARG F 405 36.41 57.96 11.91
N VAL F 406 35.59 58.33 10.90
CA VAL F 406 35.72 57.79 9.55
C VAL F 406 37.06 58.22 8.97
N GLN F 407 37.39 59.53 9.08
CA GLN F 407 38.64 60.07 8.59
C GLN F 407 39.85 59.49 9.30
N PHE F 408 39.71 59.18 10.61
CA PHE F 408 40.77 58.55 11.40
C PHE F 408 41.07 57.16 10.80
N GLY F 409 40.01 56.44 10.43
CA GLY F 409 40.10 55.14 9.80
C GLY F 409 40.83 55.21 8.47
N ILE F 410 40.46 56.21 7.63
CA ILE F 410 41.08 56.42 6.32
C ILE F 410 42.54 56.81 6.43
N GLU F 411 42.85 57.76 7.32
CA GLU F 411 44.23 58.20 7.50
C GLU F 411 45.09 57.11 8.09
N SER F 412 44.57 56.36 9.07
CA SER F 412 45.31 55.23 9.62
C SER F 412 45.53 54.12 8.56
N GLY F 413 44.52 53.88 7.70
CA GLY F 413 44.59 52.91 6.63
C GLY F 413 45.63 53.26 5.58
N LYS F 414 45.75 54.56 5.27
CA LYS F 414 46.73 55.03 4.29
C LYS F 414 48.14 54.89 4.86
N LEU F 415 48.31 55.24 6.14
CA LEU F 415 49.60 55.16 6.79
C LEU F 415 50.04 53.73 7.02
N ARG F 416 49.09 52.79 7.25
CA ARG F 416 49.45 51.39 7.44
C ARG F 416 49.55 50.59 6.11
N GLY F 417 49.27 51.22 4.98
CA GLY F 417 49.35 50.53 3.70
C GLY F 417 48.07 49.83 3.20
N PHE F 418 47.00 49.81 4.03
CA PHE F 418 45.72 49.23 3.61
C PHE F 418 45.10 50.00 2.44
N LEU F 419 45.25 51.32 2.45
CA LEU F 419 44.62 52.18 1.44
C LEU F 419 45.61 52.99 0.65
N ARG F 420 45.28 53.13 -0.60
CA ARG F 420 46.08 53.86 -1.56
C ARG F 420 45.20 54.93 -2.21
N VAL F 421 45.83 56.03 -2.67
CA VAL F 421 45.09 57.09 -3.36
C VAL F 421 44.50 56.50 -4.65
N GLY F 422 43.22 56.74 -4.88
CA GLY F 422 42.52 56.15 -6.01
C GLY F 422 41.67 54.96 -5.65
N ASP F 423 41.91 54.36 -4.45
CA ASP F 423 41.14 53.21 -4.00
C ASP F 423 39.72 53.62 -3.67
N LEU F 424 38.80 52.66 -3.74
CA LEU F 424 37.43 52.88 -3.31
C LEU F 424 37.29 52.20 -1.95
N VAL F 425 36.60 52.85 -1.02
CA VAL F 425 36.36 52.30 0.31
C VAL F 425 34.85 52.36 0.56
N ILE F 426 34.35 51.40 1.33
CA ILE F 426 32.93 51.37 1.70
C ILE F 426 32.89 51.79 3.15
N VAL F 427 32.03 52.74 3.52
CA VAL F 427 31.95 53.24 4.90
C VAL F 427 30.60 52.90 5.50
N VAL F 428 30.60 52.20 6.62
CA VAL F 428 29.37 51.75 7.27
C VAL F 428 29.17 52.46 8.62
N THR F 429 28.09 53.24 8.74
CA THR F 429 27.75 54.01 9.92
C THR F 429 26.23 53.88 10.25
N GLY F 430 25.78 54.47 11.36
CA GLY F 430 24.38 54.47 11.76
C GLY F 430 23.76 55.86 11.72
N TRP F 431 22.47 55.95 12.00
CA TRP F 431 21.72 57.20 11.93
C TRP F 431 21.63 57.99 13.25
N ARG F 432 21.90 57.34 14.37
CA ARG F 432 21.86 57.96 15.70
C ARG F 432 22.91 57.27 16.62
N PRO F 433 23.38 57.93 17.71
CA PRO F 433 24.39 57.29 18.57
C PRO F 433 23.94 56.04 19.30
N GLY F 434 24.89 55.25 19.81
CA GLY F 434 24.61 54.02 20.52
C GLY F 434 24.60 52.78 19.64
N SER F 435 24.76 51.60 20.24
CA SER F 435 24.74 50.33 19.52
C SER F 435 23.37 49.98 18.92
N GLY F 436 23.38 49.27 17.81
CA GLY F 436 22.18 48.76 17.19
C GLY F 436 21.55 49.58 16.09
N TYR F 437 22.15 50.73 15.71
CA TYR F 437 21.51 51.60 14.72
C TYR F 437 22.25 51.74 13.38
N THR F 438 23.19 50.82 13.06
CA THR F 438 23.89 50.84 11.77
C THR F 438 22.90 50.68 10.63
N ASN F 439 22.92 51.58 9.63
CA ASN F 439 21.97 51.52 8.53
C ASN F 439 22.44 52.27 7.27
N ILE F 440 23.70 52.74 7.24
CA ILE F 440 24.19 53.52 6.13
C ILE F 440 25.45 52.96 5.52
N MET F 441 25.48 52.92 4.20
CA MET F 441 26.66 52.48 3.48
CA MET F 441 26.63 52.45 3.43
C MET F 441 27.00 53.56 2.43
N ARG F 442 28.25 54.03 2.47
CA ARG F 442 28.71 55.07 1.57
C ARG F 442 29.89 54.59 0.74
N VAL F 443 29.96 55.01 -0.53
CA VAL F 443 31.08 54.65 -1.39
C VAL F 443 31.96 55.89 -1.46
N LEU F 444 33.21 55.78 -1.03
CA LEU F 444 34.12 56.92 -1.01
CA LEU F 444 34.11 56.91 -0.99
C LEU F 444 35.39 56.63 -1.80
N SER F 445 35.89 57.63 -2.53
CA SER F 445 37.14 57.48 -3.28
C SER F 445 38.24 58.09 -2.43
N ILE F 446 39.38 57.40 -2.29
CA ILE F 446 40.47 57.90 -1.46
CA ILE F 446 40.48 57.88 -1.46
C ILE F 446 41.34 58.92 -2.21
N SER F 447 41.42 60.14 -1.68
CA SER F 447 42.20 61.22 -2.33
C SER F 447 43.48 61.60 -1.57
N GLY G 23 34.48 20.22 -37.76
CA GLY G 23 34.59 21.50 -38.45
C GLY G 23 33.97 22.67 -37.72
N THR G 24 34.42 23.90 -38.05
CA THR G 24 33.91 25.13 -37.44
C THR G 24 32.45 25.37 -37.85
N ALA G 25 32.10 25.02 -39.10
CA ALA G 25 30.74 25.18 -39.63
C ALA G 25 29.74 24.35 -38.84
N PHE G 26 30.13 23.15 -38.40
CA PHE G 26 29.27 22.28 -37.58
C PHE G 26 28.91 22.98 -36.27
N PHE G 27 29.91 23.60 -35.62
CA PHE G 27 29.71 24.27 -34.34
C PHE G 27 29.06 25.66 -34.44
N GLN G 28 28.76 26.14 -35.66
CA GLN G 28 28.04 27.40 -35.84
C GLN G 28 26.52 27.14 -36.09
N GLN G 29 26.16 25.93 -36.56
CA GLN G 29 24.78 25.51 -36.80
C GLN G 29 24.08 25.09 -35.49
N GLN G 30 22.74 24.86 -35.56
CA GLN G 30 21.82 24.41 -34.51
C GLN G 30 22.02 25.08 -33.13
N GLN G 31 22.29 26.40 -33.13
CA GLN G 31 22.53 27.23 -31.95
C GLN G 31 23.59 26.65 -31.01
N LEU G 32 24.62 25.99 -31.57
CA LEU G 32 25.67 25.39 -30.75
C LEU G 32 26.50 26.44 -29.98
N PRO G 33 26.83 27.64 -30.52
CA PRO G 33 27.50 28.65 -29.68
C PRO G 33 26.67 29.01 -28.44
N ALA G 34 25.33 29.18 -28.60
CA ALA G 34 24.40 29.48 -27.49
C ALA G 34 24.26 28.31 -26.51
N ALA G 35 24.43 27.08 -27.00
CA ALA G 35 24.36 25.88 -26.17
C ALA G 35 25.58 25.73 -25.24
N MET G 36 26.74 26.26 -25.65
CA MET G 36 27.97 26.22 -24.84
C MET G 36 27.98 27.23 -23.69
N ALA G 37 27.09 28.24 -23.72
CA ALA G 37 27.04 29.31 -22.73
C ALA G 37 26.96 28.85 -21.27
N ASP G 38 27.61 29.59 -20.39
CA ASP G 38 27.68 29.26 -18.97
C ASP G 38 26.47 29.75 -18.15
N THR G 39 25.72 30.71 -18.70
CA THR G 39 24.50 31.19 -18.04
C THR G 39 23.35 31.23 -19.05
N PHE G 40 22.13 31.21 -18.56
CA PHE G 40 20.94 31.31 -19.40
C PHE G 40 20.89 32.66 -20.14
N LEU G 41 21.33 33.73 -19.48
CA LEU G 41 21.40 35.08 -20.01
C LEU G 41 22.38 35.12 -21.19
N GLU G 42 23.57 34.52 -21.02
CA GLU G 42 24.59 34.45 -22.09
CA GLU G 42 24.54 34.49 -22.12
C GLU G 42 24.07 33.60 -23.25
N HIS G 43 23.30 32.53 -22.94
CA HIS G 43 22.70 31.63 -23.91
C HIS G 43 21.74 32.44 -24.80
N LEU G 44 20.87 33.28 -24.18
CA LEU G 44 19.96 34.14 -24.95
C LEU G 44 20.73 35.09 -25.85
N CYS G 45 21.77 35.74 -25.32
CA CYS G 45 22.60 36.69 -26.07
C CYS G 45 23.29 36.06 -27.25
N LEU G 46 23.58 34.75 -27.19
CA LEU G 46 24.28 34.04 -28.27
C LEU G 46 23.36 33.46 -29.33
N LEU G 47 22.02 33.59 -29.17
CA LEU G 47 21.08 33.07 -30.18
C LEU G 47 21.28 33.81 -31.50
N ASP G 48 21.39 33.08 -32.60
CA ASP G 48 21.71 33.63 -33.90
C ASP G 48 20.70 33.22 -34.96
N ILE G 49 20.08 34.20 -35.64
CA ILE G 49 19.12 33.92 -36.71
C ILE G 49 19.81 33.25 -37.93
N ASP G 50 21.13 33.36 -38.06
CA ASP G 50 21.87 32.72 -39.14
C ASP G 50 22.34 31.30 -38.79
N SER G 51 22.11 30.84 -37.56
CA SER G 51 22.48 29.51 -37.13
C SER G 51 21.32 28.59 -37.50
N GLU G 52 21.43 27.90 -38.63
CA GLU G 52 20.36 27.06 -39.15
C GLU G 52 20.15 25.77 -38.38
N PRO G 53 18.88 25.37 -38.20
CA PRO G 53 18.62 24.10 -37.51
C PRO G 53 19.00 22.92 -38.40
N VAL G 54 19.65 21.91 -37.82
CA VAL G 54 20.05 20.73 -38.58
C VAL G 54 19.25 19.51 -38.14
N ALA G 55 18.98 19.39 -36.84
CA ALA G 55 18.22 18.28 -36.28
C ALA G 55 16.76 18.19 -36.81
N ALA G 56 16.22 16.97 -36.83
CA ALA G 56 14.84 16.76 -37.22
C ALA G 56 13.93 17.35 -36.12
N ARG G 57 12.77 17.87 -36.53
CA ARG G 57 11.80 18.46 -35.61
C ARG G 57 11.27 17.41 -34.63
N SER G 58 11.43 17.64 -33.34
CA SER G 58 11.11 16.68 -32.32
C SER G 58 9.75 16.87 -31.57
N THR G 59 9.17 18.07 -31.60
CA THR G 59 7.88 18.31 -30.96
C THR G 59 6.80 17.86 -31.94
N SER G 60 5.98 16.86 -31.57
CA SER G 60 4.93 16.38 -32.46
C SER G 60 3.84 17.40 -32.70
N ILE G 61 3.26 17.33 -33.89
CA ILE G 61 2.18 18.20 -34.27
C ILE G 61 0.90 17.38 -34.28
N ILE G 62 -0.10 17.85 -33.54
CA ILE G 62 -1.42 17.21 -33.57
C ILE G 62 -2.30 18.10 -34.43
N ALA G 63 -2.93 17.53 -35.46
CA ALA G 63 -3.82 18.33 -36.32
C ALA G 63 -5.22 17.82 -36.19
N THR G 64 -6.18 18.71 -35.93
CA THR G 64 -7.58 18.31 -35.85
C THR G 64 -8.14 18.08 -37.27
N ILE G 65 -8.70 16.90 -37.52
CA ILE G 65 -9.24 16.54 -38.82
C ILE G 65 -10.75 16.74 -38.92
N GLY G 66 -11.15 17.65 -39.80
CA GLY G 66 -12.55 18.01 -40.01
C GLY G 66 -12.84 18.28 -41.48
N PRO G 67 -13.85 19.13 -41.76
CA PRO G 67 -14.22 19.45 -43.16
C PRO G 67 -13.11 19.88 -44.10
N ALA G 68 -12.17 20.72 -43.59
CA ALA G 68 -11.03 21.26 -44.35
C ALA G 68 -9.89 20.30 -44.65
N SER G 69 -9.81 19.18 -43.91
CA SER G 69 -8.63 18.29 -43.98
C SER G 69 -9.00 16.82 -43.99
N ARG G 70 -10.13 16.49 -44.52
CA ARG G 70 -10.69 15.16 -44.50
C ARG G 70 -10.33 14.32 -45.71
N SER G 71 -10.09 14.94 -46.87
CA SER G 71 -9.82 14.14 -48.08
C SER G 71 -8.48 13.42 -48.01
N VAL G 72 -8.40 12.22 -48.60
CA VAL G 72 -7.19 11.40 -48.64
C VAL G 72 -6.01 12.18 -49.23
N GLU G 73 -6.27 12.92 -50.33
CA GLU G 73 -5.25 13.71 -50.99
C GLU G 73 -4.70 14.85 -50.12
N ARG G 74 -5.60 15.52 -49.41
CA ARG G 74 -5.25 16.60 -48.50
C ARG G 74 -4.48 16.03 -47.29
N LEU G 75 -4.93 14.90 -46.75
CA LEU G 75 -4.29 14.22 -45.65
C LEU G 75 -2.86 13.77 -45.98
N LYS G 76 -2.60 13.38 -47.24
CA LYS G 76 -1.24 13.00 -47.71
C LYS G 76 -0.33 14.22 -47.65
N GLU G 77 -0.84 15.40 -48.02
CA GLU G 77 -0.09 16.64 -47.95
C GLU G 77 0.20 17.01 -46.51
N MET G 78 -0.76 16.76 -45.58
CA MET G 78 -0.57 17.06 -44.17
CA MET G 78 -0.56 17.07 -44.17
C MET G 78 0.45 16.12 -43.52
N ILE G 79 0.50 14.86 -43.95
CA ILE G 79 1.47 13.91 -43.44
C ILE G 79 2.88 14.35 -43.90
N LYS G 80 2.99 14.78 -45.18
CA LYS G 80 4.26 15.28 -45.73
C LYS G 80 4.70 16.58 -45.07
N ALA G 81 3.74 17.46 -44.70
CA ALA G 81 4.03 18.71 -44.01
C ALA G 81 4.49 18.51 -42.55
N GLY G 82 4.15 17.36 -41.94
CA GLY G 82 4.61 17.08 -40.58
C GLY G 82 3.60 16.60 -39.56
N MET G 83 2.33 16.39 -39.94
CA MET G 83 1.32 15.94 -38.97
C MET G 83 1.68 14.56 -38.42
N ASN G 84 1.73 14.43 -37.08
CA ASN G 84 2.08 13.15 -36.45
C ASN G 84 0.87 12.46 -35.81
N ILE G 85 -0.09 13.26 -35.32
CA ILE G 85 -1.29 12.78 -34.65
C ILE G 85 -2.50 13.47 -35.27
N ALA G 86 -3.53 12.71 -35.60
CA ALA G 86 -4.78 13.20 -36.15
C ALA G 86 -5.79 13.23 -35.00
N ARG G 87 -6.33 14.39 -34.68
CA ARG G 87 -7.29 14.54 -33.60
C ARG G 87 -8.70 14.61 -34.16
N LEU G 88 -9.61 13.82 -33.58
CA LEU G 88 -11.01 13.82 -33.97
C LEU G 88 -11.79 14.40 -32.82
N ASN G 89 -12.40 15.58 -33.04
CA ASN G 89 -13.13 16.26 -31.99
C ASN G 89 -14.57 15.78 -31.93
N PHE G 90 -14.88 14.99 -30.91
CA PHE G 90 -16.21 14.44 -30.74
C PHE G 90 -17.22 15.45 -30.15
N SER G 91 -16.85 16.71 -30.05
CA SER G 91 -17.78 17.79 -29.74
C SER G 91 -18.57 18.15 -31.04
N HIS G 92 -18.03 17.80 -32.23
CA HIS G 92 -18.65 18.06 -33.53
C HIS G 92 -18.84 16.75 -34.30
N GLY G 93 -19.58 16.78 -35.39
CA GLY G 93 -19.78 15.63 -36.27
C GLY G 93 -20.56 14.49 -35.66
N SER G 94 -20.45 13.32 -36.25
CA SER G 94 -21.13 12.13 -35.81
C SER G 94 -20.17 10.93 -35.85
N HIS G 95 -20.57 9.76 -35.34
CA HIS G 95 -19.75 8.56 -35.40
C HIS G 95 -19.45 8.19 -36.85
N GLU G 96 -20.43 8.28 -37.74
CA GLU G 96 -20.25 7.96 -39.14
C GLU G 96 -19.25 8.92 -39.81
N TYR G 97 -19.36 10.21 -39.48
CA TYR G 97 -18.48 11.23 -40.01
C TYR G 97 -17.02 10.98 -39.55
N HIS G 98 -16.82 10.73 -38.25
CA HIS G 98 -15.48 10.48 -37.70
C HIS G 98 -14.89 9.17 -38.20
N ALA G 99 -15.71 8.14 -38.41
CA ALA G 99 -15.23 6.87 -38.95
C ALA G 99 -14.67 7.07 -40.36
N GLU G 100 -15.34 7.91 -41.17
CA GLU G 100 -14.89 8.22 -42.54
CA GLU G 100 -14.87 8.20 -42.53
C GLU G 100 -13.55 8.96 -42.49
N SER G 101 -13.44 9.97 -41.61
CA SER G 101 -12.21 10.73 -41.43
C SER G 101 -11.03 9.77 -41.02
N ILE G 102 -11.26 8.83 -40.05
CA ILE G 102 -10.28 7.85 -39.61
C ILE G 102 -9.83 6.96 -40.77
N ALA G 103 -10.79 6.46 -41.56
CA ALA G 103 -10.49 5.62 -42.72
C ALA G 103 -9.65 6.38 -43.76
N ASN G 104 -9.95 7.68 -43.96
CA ASN G 104 -9.21 8.51 -44.88
C ASN G 104 -7.77 8.76 -44.39
N VAL G 105 -7.59 8.96 -43.06
CA VAL G 105 -6.25 9.13 -42.47
C VAL G 105 -5.47 7.84 -42.68
N ARG G 106 -6.06 6.68 -42.36
CA ARG G 106 -5.39 5.40 -42.53
C ARG G 106 -5.03 5.13 -44.00
N GLU G 107 -5.89 5.54 -44.92
CA GLU G 107 -5.64 5.34 -46.35
C GLU G 107 -4.46 6.22 -46.78
N ALA G 108 -4.44 7.49 -46.34
CA ALA G 108 -3.33 8.39 -46.64
C ALA G 108 -2.01 7.89 -46.03
N VAL G 109 -2.03 7.39 -44.79
CA VAL G 109 -0.85 6.86 -44.10
C VAL G 109 -0.30 5.63 -44.83
N GLU G 110 -1.18 4.69 -45.19
CA GLU G 110 -0.76 3.46 -45.85
C GLU G 110 -0.33 3.65 -47.30
N SER G 111 -0.63 4.81 -47.91
CA SER G 111 -0.17 5.09 -49.26
C SER G 111 1.38 5.22 -49.33
N PHE G 112 2.07 5.42 -48.19
CA PHE G 112 3.52 5.53 -48.14
C PHE G 112 4.20 4.24 -47.59
N ALA G 113 3.42 3.19 -47.28
CA ALA G 113 3.93 1.94 -46.70
C ALA G 113 4.80 1.09 -47.65
N GLY G 114 4.75 1.39 -48.95
CA GLY G 114 5.54 0.70 -49.95
C GLY G 114 7.03 0.94 -49.85
N SER G 115 7.43 2.02 -49.14
CA SER G 115 8.84 2.35 -48.89
C SER G 115 9.01 2.30 -47.35
N PRO G 116 9.32 1.11 -46.81
CA PRO G 116 9.40 0.96 -45.34
C PRO G 116 10.48 1.80 -44.62
N LEU G 117 11.56 2.18 -45.32
CA LEU G 117 12.62 3.00 -44.69
C LEU G 117 12.18 4.45 -44.47
N SER G 118 11.09 4.92 -45.17
CA SER G 118 10.61 6.31 -45.05
C SER G 118 9.16 6.44 -44.49
N TYR G 119 8.45 5.31 -44.31
CA TYR G 119 7.05 5.31 -43.84
C TYR G 119 6.89 6.07 -42.50
N ARG G 120 5.88 6.95 -42.43
CA ARG G 120 5.59 7.71 -41.23
C ARG G 120 4.29 7.28 -40.52
N PRO G 121 4.40 6.65 -39.33
CA PRO G 121 3.17 6.32 -38.58
C PRO G 121 2.42 7.55 -38.10
N VAL G 122 1.08 7.52 -38.08
CA VAL G 122 0.29 8.66 -37.62
C VAL G 122 -0.73 8.16 -36.59
N ALA G 123 -0.69 8.70 -35.38
CA ALA G 123 -1.60 8.28 -34.32
C ALA G 123 -2.99 8.85 -34.53
N ILE G 124 -3.99 8.20 -33.97
CA ILE G 124 -5.37 8.67 -34.03
C ILE G 124 -5.86 8.92 -32.63
N ALA G 125 -6.23 10.18 -32.35
CA ALA G 125 -6.64 10.58 -31.03
C ALA G 125 -8.11 11.02 -31.03
N LEU G 126 -8.87 10.56 -30.05
CA LEU G 126 -10.28 10.93 -29.92
C LEU G 126 -10.39 11.96 -28.81
N ASP G 127 -10.97 13.13 -29.11
CA ASP G 127 -11.12 14.17 -28.11
C ASP G 127 -12.61 14.15 -27.69
N THR G 128 -12.87 13.87 -26.42
CA THR G 128 -14.25 13.73 -25.96
C THR G 128 -15.02 15.06 -25.84
N LYS G 129 -16.36 14.99 -25.89
CA LYS G 129 -17.20 16.18 -25.73
C LYS G 129 -17.11 16.74 -24.29
N GLY G 130 -17.02 15.85 -23.32
CA GLY G 130 -16.90 16.27 -21.92
C GLY G 130 -18.15 16.09 -21.10
N PRO G 131 -18.05 16.37 -19.79
CA PRO G 131 -19.21 16.21 -18.91
C PRO G 131 -20.24 17.32 -19.03
N PRO G 135 -20.83 16.20 -13.57
CA PRO G 135 -21.56 15.13 -12.88
C PRO G 135 -21.04 13.73 -13.25
N GLY G 136 -19.72 13.62 -13.36
CA GLY G 136 -19.10 12.36 -13.79
C GLY G 136 -19.11 12.21 -15.30
N LEU G 137 -18.75 11.02 -15.80
CA LEU G 137 -18.72 10.76 -17.23
C LEU G 137 -20.13 10.81 -17.90
N SER G 138 -20.27 11.60 -18.94
CA SER G 138 -21.53 11.71 -19.66
C SER G 138 -21.86 10.44 -20.46
N GLU G 139 -23.13 10.28 -20.83
CA GLU G 139 -23.60 9.13 -21.59
C GLU G 139 -23.03 9.14 -23.01
N GLN G 140 -22.88 10.33 -23.61
CA GLN G 140 -22.29 10.48 -24.93
C GLN G 140 -20.81 10.13 -24.90
N ASP G 141 -20.09 10.51 -23.83
CA ASP G 141 -18.69 10.17 -23.66
C ASP G 141 -18.50 8.67 -23.59
N VAL G 142 -19.38 7.97 -22.87
CA VAL G 142 -19.30 6.51 -22.78
C VAL G 142 -19.43 5.87 -24.16
N ARG G 143 -20.40 6.37 -24.96
CA ARG G 143 -20.60 5.85 -26.32
C ARG G 143 -19.45 6.20 -27.28
N ASP G 144 -18.90 7.42 -27.16
CA ASP G 144 -17.79 7.85 -28.00
C ASP G 144 -16.50 7.10 -27.65
N LEU G 145 -16.23 6.86 -26.37
CA LEU G 145 -15.08 6.09 -25.94
C LEU G 145 -15.19 4.68 -26.43
N ARG G 146 -16.42 4.10 -26.46
CA ARG G 146 -16.66 2.74 -26.99
C ARG G 146 -16.38 2.72 -28.51
N PHE G 147 -16.75 3.81 -29.22
CA PHE G 147 -16.48 3.97 -30.64
C PHE G 147 -14.96 3.94 -30.87
N GLY G 148 -14.21 4.68 -30.07
CA GLY G 148 -12.75 4.74 -30.15
C GLY G 148 -12.08 3.38 -30.01
N VAL G 149 -12.54 2.58 -29.05
CA VAL G 149 -12.03 1.24 -28.82
C VAL G 149 -12.33 0.37 -30.05
N GLU G 150 -13.57 0.47 -30.57
CA GLU G 150 -13.96 -0.31 -31.73
C GLU G 150 -13.23 0.07 -33.00
N HIS G 151 -12.82 1.34 -33.11
CA HIS G 151 -12.08 1.81 -34.26
C HIS G 151 -10.55 1.83 -34.06
N GLY G 152 -10.07 1.29 -32.95
CA GLY G 152 -8.64 1.17 -32.70
C GLY G 152 -7.87 2.47 -32.51
N VAL G 153 -8.46 3.45 -31.80
CA VAL G 153 -7.77 4.71 -31.56
C VAL G 153 -6.56 4.46 -30.64
N ASP G 154 -5.56 5.31 -30.75
CA ASP G 154 -4.34 5.18 -29.94
C ASP G 154 -4.40 6.01 -28.68
N ILE G 155 -5.09 7.15 -28.73
CA ILE G 155 -5.10 8.13 -27.65
C ILE G 155 -6.49 8.67 -27.40
N VAL G 156 -6.74 9.09 -26.15
CA VAL G 156 -7.98 9.76 -25.78
C VAL G 156 -7.61 11.08 -25.12
N PHE G 157 -8.09 12.19 -25.64
CA PHE G 157 -7.89 13.48 -25.01
C PHE G 157 -9.19 13.65 -24.19
N ALA G 158 -9.13 13.43 -22.87
CA ALA G 158 -10.34 13.46 -22.03
C ALA G 158 -10.68 14.84 -21.57
N SER G 159 -11.83 15.38 -22.04
CA SER G 159 -12.26 16.75 -21.69
C SER G 159 -12.66 16.93 -20.25
N PHE G 160 -12.38 18.10 -19.70
CA PHE G 160 -12.70 18.54 -18.34
C PHE G 160 -12.40 17.53 -17.23
N VAL G 161 -11.16 17.04 -17.17
CA VAL G 161 -10.78 16.17 -16.07
C VAL G 161 -10.56 17.10 -14.84
N ARG G 162 -11.23 16.81 -13.71
CA ARG G 162 -11.08 17.65 -12.51
C ARG G 162 -10.44 16.94 -11.34
N LYS G 163 -10.44 15.60 -11.33
CA LYS G 163 -9.92 14.81 -10.22
C LYS G 163 -9.51 13.41 -10.71
N ALA G 164 -8.79 12.64 -9.88
CA ALA G 164 -8.33 11.30 -10.24
C ALA G 164 -9.46 10.35 -10.58
N SER G 165 -10.65 10.50 -9.95
CA SER G 165 -11.78 9.60 -10.23
C SER G 165 -12.38 9.80 -11.63
N ASP G 166 -12.19 10.98 -12.24
CA ASP G 166 -12.62 11.23 -13.62
C ASP G 166 -11.76 10.36 -14.57
N VAL G 167 -10.46 10.22 -14.29
CA VAL G 167 -9.57 9.39 -15.10
C VAL G 167 -9.93 7.92 -14.94
N ALA G 168 -10.27 7.49 -13.71
CA ALA G 168 -10.68 6.13 -13.44
C ALA G 168 -11.96 5.77 -14.22
N ALA G 169 -12.87 6.73 -14.37
CA ALA G 169 -14.11 6.53 -15.09
C ALA G 169 -13.77 6.39 -16.59
N VAL G 170 -12.87 7.24 -17.11
CA VAL G 170 -12.42 7.09 -18.50
C VAL G 170 -11.76 5.72 -18.74
N ARG G 171 -10.87 5.29 -17.82
CA ARG G 171 -10.16 4.00 -17.91
C ARG G 171 -11.11 2.82 -17.96
N ALA G 172 -12.13 2.81 -17.06
CA ALA G 172 -13.15 1.75 -16.95
C ALA G 172 -13.98 1.69 -18.24
N ALA G 173 -14.24 2.87 -18.85
CA ALA G 173 -14.98 2.97 -20.10
C ALA G 173 -14.18 2.40 -21.31
N LEU G 174 -12.82 2.32 -21.21
CA LEU G 174 -12.05 1.76 -22.32
C LEU G 174 -12.11 0.21 -22.38
N GLY G 175 -13.11 -0.34 -21.69
CA GLY G 175 -13.67 -1.68 -21.79
C GLY G 175 -12.67 -2.74 -21.60
N PRO G 176 -12.98 -3.94 -22.09
CA PRO G 176 -12.00 -5.02 -21.95
C PRO G 176 -10.85 -4.90 -22.97
N GLU G 177 -11.09 -4.27 -24.15
CA GLU G 177 -10.11 -4.27 -25.18
C GLU G 177 -9.38 -2.94 -25.44
N GLY G 178 -9.57 -1.92 -24.62
CA GLY G 178 -8.87 -0.64 -24.83
C GLY G 178 -7.95 -0.16 -23.72
N HIS G 179 -7.40 -1.07 -22.92
CA HIS G 179 -6.50 -0.70 -21.82
C HIS G 179 -5.14 -0.13 -22.29
N GLY G 180 -4.75 -0.41 -23.53
CA GLY G 180 -3.50 0.11 -24.08
C GLY G 180 -3.62 1.51 -24.67
N ILE G 181 -4.83 2.07 -24.71
CA ILE G 181 -5.06 3.43 -25.21
C ILE G 181 -4.51 4.42 -24.19
N LYS G 182 -3.76 5.43 -24.65
CA LYS G 182 -3.22 6.41 -23.75
C LYS G 182 -4.27 7.47 -23.37
N ILE G 183 -4.38 7.79 -22.08
CA ILE G 183 -5.33 8.80 -21.63
C ILE G 183 -4.59 10.07 -21.31
N ILE G 184 -4.83 11.09 -22.09
CA ILE G 184 -4.24 12.40 -21.90
C ILE G 184 -5.34 13.25 -21.31
N SER G 185 -5.21 13.64 -20.04
CA SER G 185 -6.24 14.43 -19.35
C SER G 185 -6.18 15.89 -19.73
N LYS G 186 -7.31 16.44 -20.18
CA LYS G 186 -7.38 17.86 -20.53
C LYS G 186 -7.68 18.63 -19.27
N ILE G 187 -6.82 19.60 -18.91
CA ILE G 187 -7.01 20.42 -17.72
C ILE G 187 -7.62 21.72 -18.23
N GLU G 188 -8.91 21.96 -17.90
CA GLU G 188 -9.64 23.12 -18.43
C GLU G 188 -10.35 23.99 -17.43
N ASN G 189 -10.14 23.79 -16.13
CA ASN G 189 -10.82 24.64 -15.12
C ASN G 189 -9.97 24.77 -13.84
N HIS G 190 -10.40 25.61 -12.90
CA HIS G 190 -9.71 25.85 -11.65
C HIS G 190 -9.51 24.58 -10.84
N GLU G 191 -10.52 23.71 -10.77
CA GLU G 191 -10.40 22.48 -10.00
C GLU G 191 -9.33 21.53 -10.60
N GLY G 192 -9.30 21.37 -11.92
CA GLY G 192 -8.30 20.54 -12.60
C GLY G 192 -6.89 21.04 -12.32
N VAL G 193 -6.69 22.37 -12.30
CA VAL G 193 -5.40 22.96 -12.00
C VAL G 193 -5.01 22.68 -10.54
N LYS G 194 -5.95 22.88 -9.62
CA LYS G 194 -5.68 22.67 -8.20
C LYS G 194 -5.43 21.21 -7.83
N ARG G 195 -6.15 20.29 -8.47
CA ARG G 195 -5.97 18.87 -8.25
C ARG G 195 -5.03 18.21 -9.28
N PHE G 196 -4.17 19.01 -9.94
CA PHE G 196 -3.24 18.58 -10.97
C PHE G 196 -2.40 17.36 -10.58
N ASP G 197 -1.76 17.39 -9.41
CA ASP G 197 -0.90 16.29 -8.99
C ASP G 197 -1.58 14.94 -8.96
N GLU G 198 -2.81 14.89 -8.43
CA GLU G 198 -3.54 13.61 -8.38
C GLU G 198 -4.01 13.16 -9.75
N ILE G 199 -4.28 14.13 -10.67
CA ILE G 199 -4.70 13.80 -12.03
C ILE G 199 -3.49 13.24 -12.81
N LEU G 200 -2.33 13.92 -12.71
CA LEU G 200 -1.12 13.51 -13.41
C LEU G 200 -0.69 12.12 -13.00
N GLU G 201 -0.77 11.82 -11.70
CA GLU G 201 -0.40 10.53 -11.14
C GLU G 201 -1.11 9.37 -11.82
N VAL G 202 -2.41 9.52 -12.12
CA VAL G 202 -3.16 8.43 -12.75
C VAL G 202 -3.31 8.54 -14.27
N SER G 203 -2.90 9.66 -14.86
CA SER G 203 -3.02 9.85 -16.31
C SER G 203 -1.74 9.44 -17.04
N ASP G 204 -1.85 9.20 -18.35
CA ASP G 204 -0.66 8.93 -19.17
C ASP G 204 0.03 10.25 -19.58
N GLY G 205 -0.69 11.36 -19.54
CA GLY G 205 -0.18 12.66 -19.90
C GLY G 205 -1.24 13.72 -19.73
N ILE G 206 -0.93 14.95 -20.12
CA ILE G 206 -1.80 16.10 -19.88
C ILE G 206 -1.90 16.97 -21.11
N MET G 207 -3.07 17.64 -21.27
CA MET G 207 -3.24 18.63 -22.32
C MET G 207 -3.62 19.92 -21.60
N VAL G 208 -2.88 20.99 -21.90
CA VAL G 208 -3.20 22.30 -21.37
C VAL G 208 -4.23 22.82 -22.36
N ALA G 209 -5.52 22.64 -22.03
CA ALA G 209 -6.65 22.99 -22.90
C ALA G 209 -7.00 24.46 -22.65
N ARG G 210 -6.21 25.36 -23.28
CA ARG G 210 -6.24 26.81 -23.05
C ARG G 210 -7.55 27.52 -23.39
N GLY G 211 -8.34 27.01 -24.34
CA GLY G 211 -9.61 27.62 -24.71
C GLY G 211 -10.57 27.71 -23.54
N ASP G 212 -10.97 26.55 -22.98
CA ASP G 212 -11.85 26.56 -21.81
C ASP G 212 -11.15 27.07 -20.59
N LEU G 213 -9.85 26.78 -20.41
CA LEU G 213 -9.10 27.25 -19.26
C LEU G 213 -9.12 28.80 -19.18
N GLY G 214 -9.00 29.46 -20.33
CA GLY G 214 -9.05 30.92 -20.43
C GLY G 214 -10.41 31.55 -20.14
N ILE G 215 -11.48 30.73 -20.11
CA ILE G 215 -12.83 31.17 -19.77
C ILE G 215 -13.11 30.84 -18.27
N GLU G 216 -12.64 29.68 -17.81
CA GLU G 216 -12.84 29.21 -16.45
C GLU G 216 -12.01 29.94 -15.42
N ILE G 217 -10.80 30.35 -15.77
CA ILE G 217 -9.91 31.13 -14.91
C ILE G 217 -9.58 32.44 -15.64
N PRO G 218 -9.10 33.50 -14.95
CA PRO G 218 -8.77 34.75 -15.65
C PRO G 218 -7.78 34.51 -16.79
N ALA G 219 -8.03 35.08 -17.97
CA ALA G 219 -7.22 34.91 -19.16
C ALA G 219 -5.75 35.20 -18.92
N GLU G 220 -5.44 36.21 -18.10
CA GLU G 220 -4.07 36.60 -17.81
C GLU G 220 -3.31 35.59 -16.91
N LYS G 221 -4.00 34.55 -16.39
CA LYS G 221 -3.39 33.54 -15.55
C LYS G 221 -3.09 32.23 -16.29
N VAL G 222 -3.62 32.04 -17.54
CA VAL G 222 -3.41 30.82 -18.31
C VAL G 222 -1.93 30.47 -18.50
N PHE G 223 -1.07 31.47 -18.76
CA PHE G 223 0.34 31.20 -18.96
C PHE G 223 0.98 30.56 -17.69
N LEU G 224 0.50 30.92 -16.48
CA LEU G 224 1.04 30.36 -15.25
C LEU G 224 0.66 28.89 -15.18
N ALA G 225 -0.61 28.57 -15.50
CA ALA G 225 -1.06 27.20 -15.47
C ALA G 225 -0.32 26.35 -16.54
N GLN G 226 -0.13 26.90 -17.75
CA GLN G 226 0.60 26.21 -18.82
C GLN G 226 2.05 25.90 -18.39
N LYS G 227 2.78 26.92 -17.90
CA LYS G 227 4.16 26.74 -17.49
C LYS G 227 4.30 25.77 -16.32
N MET G 228 3.38 25.85 -15.35
CA MET G 228 3.40 24.96 -14.18
C MET G 228 3.15 23.50 -14.62
N MET G 229 2.13 23.26 -15.43
CA MET G 229 1.79 21.92 -15.88
C MET G 229 2.86 21.31 -16.76
N ILE G 230 3.46 22.10 -17.66
CA ILE G 230 4.55 21.60 -18.50
C ILE G 230 5.76 21.22 -17.64
N GLY G 231 6.10 22.06 -16.67
CA GLY G 231 7.18 21.77 -15.74
C GLY G 231 6.96 20.48 -14.97
N ARG G 232 5.77 20.30 -14.42
CA ARG G 232 5.46 19.10 -13.64
C ARG G 232 5.43 17.84 -14.49
N CYS G 233 4.95 17.95 -15.74
CA CYS G 233 4.94 16.80 -16.65
C CYS G 233 6.35 16.42 -17.05
N ASN G 234 7.21 17.42 -17.29
CA ASN G 234 8.62 17.18 -17.62
C ASN G 234 9.31 16.45 -16.46
N LEU G 235 9.01 16.88 -15.23
CA LEU G 235 9.55 16.28 -14.04
C LEU G 235 9.05 14.85 -13.87
N ALA G 236 7.76 14.60 -14.14
CA ALA G 236 7.19 13.27 -14.05
C ALA G 236 7.58 12.34 -15.22
N GLY G 237 8.13 12.90 -16.31
CA GLY G 237 8.45 12.12 -17.49
C GLY G 237 7.23 11.67 -18.26
N LYS G 238 6.16 12.50 -18.22
CA LYS G 238 4.91 12.20 -18.91
C LYS G 238 4.61 13.22 -19.98
N PRO G 239 4.03 12.81 -21.11
CA PRO G 239 3.77 13.79 -22.19
C PRO G 239 2.83 14.94 -21.83
N VAL G 240 3.11 16.12 -22.34
CA VAL G 240 2.31 17.29 -22.14
C VAL G 240 2.07 17.97 -23.52
N VAL G 241 0.79 18.27 -23.81
CA VAL G 241 0.38 18.90 -25.05
C VAL G 241 0.01 20.36 -24.77
N CYS G 242 0.47 21.29 -25.63
CA CYS G 242 0.01 22.66 -25.54
C CYS G 242 -1.05 22.81 -26.63
N ALA G 243 -2.26 23.28 -26.26
CA ALA G 243 -3.33 23.36 -27.23
C ALA G 243 -4.07 24.67 -27.26
N THR G 244 -4.74 24.95 -28.40
CA THR G 244 -5.75 25.97 -28.69
C THR G 244 -5.23 27.37 -28.95
N GLN G 245 -5.61 27.88 -30.14
CA GLN G 245 -5.35 29.22 -30.66
C GLN G 245 -3.89 29.52 -30.91
N MET G 246 -3.06 28.47 -31.11
CA MET G 246 -1.65 28.69 -31.35
C MET G 246 -1.38 29.48 -32.63
N LEU G 247 -2.10 29.18 -33.73
CA LEU G 247 -2.00 29.88 -35.01
C LEU G 247 -3.42 30.29 -35.48
N GLU G 248 -4.30 30.71 -34.54
CA GLU G 248 -5.71 31.03 -34.79
C GLU G 248 -5.98 31.85 -36.05
N SER G 249 -5.24 32.94 -36.29
CA SER G 249 -5.46 33.78 -37.47
C SER G 249 -5.27 33.01 -38.79
N MET G 250 -4.52 31.90 -38.79
CA MET G 250 -4.33 31.08 -39.99
C MET G 250 -5.59 30.31 -40.41
N ILE G 251 -6.69 30.40 -39.66
CA ILE G 251 -7.97 29.84 -40.09
C ILE G 251 -8.39 30.59 -41.41
N THR G 252 -8.17 31.94 -41.44
CA THR G 252 -8.52 32.73 -42.63
C THR G 252 -7.33 33.35 -43.35
N LYS G 253 -6.17 33.49 -42.70
CA LYS G 253 -5.01 34.14 -43.32
C LYS G 253 -3.86 33.17 -43.63
N PRO G 254 -3.12 33.30 -44.75
CA PRO G 254 -2.03 32.35 -45.03
C PRO G 254 -0.75 32.52 -44.18
N ARG G 255 -0.65 33.60 -43.38
CA ARG G 255 0.49 33.80 -42.50
C ARG G 255 -0.03 34.13 -41.09
N PRO G 256 0.67 33.67 -40.05
CA PRO G 256 0.19 33.97 -38.68
C PRO G 256 0.67 35.32 -38.18
N THR G 257 0.14 35.76 -37.01
CA THR G 257 0.58 37.00 -36.39
C THR G 257 1.92 36.77 -35.65
N ARG G 258 2.60 37.85 -35.24
CA ARG G 258 3.85 37.78 -34.51
C ARG G 258 3.66 37.14 -33.14
N ALA G 259 2.48 37.33 -32.52
CA ALA G 259 2.17 36.72 -31.22
C ALA G 259 2.02 35.18 -31.36
N GLU G 260 1.45 34.73 -32.48
CA GLU G 260 1.20 33.33 -32.76
C GLU G 260 2.48 32.55 -32.98
N THR G 261 3.44 33.06 -33.77
CA THR G 261 4.71 32.35 -33.94
C THR G 261 5.48 32.30 -32.61
N SER G 262 5.43 33.38 -31.85
CA SER G 262 6.06 33.48 -30.55
C SER G 262 5.44 32.47 -29.57
N ASP G 263 4.11 32.31 -29.60
CA ASP G 263 3.41 31.35 -28.74
C ASP G 263 3.87 29.90 -29.03
N VAL G 264 4.00 29.54 -30.31
CA VAL G 264 4.44 28.21 -30.70
C VAL G 264 5.87 27.97 -30.22
N ALA G 265 6.75 28.95 -30.45
CA ALA G 265 8.13 28.85 -30.00
C ALA G 265 8.24 28.73 -28.49
N ASN G 266 7.44 29.51 -27.76
CA ASN G 266 7.46 29.50 -26.31
C ASN G 266 6.87 28.23 -25.71
N ALA G 267 5.92 27.58 -26.38
CA ALA G 267 5.39 26.31 -25.89
C ALA G 267 6.52 25.25 -25.97
N VAL G 268 7.29 25.25 -27.07
CA VAL G 268 8.42 24.34 -27.24
C VAL G 268 9.51 24.68 -26.19
N LEU G 269 9.85 25.97 -26.03
CA LEU G 269 10.83 26.35 -25.01
C LEU G 269 10.40 26.03 -23.59
N ASP G 270 9.09 26.06 -23.31
CA ASP G 270 8.54 25.70 -21.98
C ASP G 270 8.80 24.23 -21.67
N GLY G 271 8.80 23.38 -22.69
CA GLY G 271 9.01 21.95 -22.52
C GLY G 271 7.88 21.09 -23.03
N ALA G 272 6.96 21.65 -23.86
CA ALA G 272 5.84 20.85 -24.37
C ALA G 272 6.31 19.72 -25.27
N ASP G 273 5.73 18.54 -25.14
CA ASP G 273 6.05 17.42 -25.99
C ASP G 273 5.34 17.55 -27.33
N CYS G 274 4.09 18.04 -27.31
CA CYS G 274 3.26 18.20 -28.50
C CYS G 274 2.69 19.59 -28.58
N ILE G 275 2.45 20.03 -29.81
CA ILE G 275 1.73 21.27 -30.08
C ILE G 275 0.53 20.91 -30.96
N MET G 276 -0.57 21.63 -30.80
CA MET G 276 -1.80 21.29 -31.51
C MET G 276 -2.35 22.39 -32.40
N LEU G 277 -3.09 21.97 -33.44
CA LEU G 277 -3.84 22.82 -34.35
C LEU G 277 -5.29 22.37 -34.24
N SER G 278 -6.21 23.32 -34.05
CA SER G 278 -7.63 23.01 -33.93
CA SER G 278 -7.63 23.01 -33.92
C SER G 278 -8.39 23.50 -35.17
N GLY G 279 -8.98 24.71 -35.14
CA GLY G 279 -9.71 25.28 -36.26
C GLY G 279 -8.83 25.52 -37.48
N GLU G 280 -7.53 25.79 -37.23
CA GLU G 280 -6.53 25.95 -38.27
C GLU G 280 -6.55 24.75 -39.30
N THR G 281 -6.76 23.51 -38.82
CA THR G 281 -6.81 22.36 -39.73
C THR G 281 -8.21 21.76 -39.88
N ALA G 282 -9.06 21.86 -38.84
CA ALA G 282 -10.41 21.29 -38.91
C ALA G 282 -11.34 22.05 -39.88
N LYS G 283 -11.28 23.37 -39.85
CA LYS G 283 -12.18 24.20 -40.64
C LYS G 283 -11.50 25.34 -41.39
N GLY G 284 -10.19 25.46 -41.31
CA GLY G 284 -9.48 26.58 -41.92
C GLY G 284 -9.25 26.56 -43.42
N ASN G 285 -8.82 27.71 -43.96
CA ASN G 285 -8.51 27.82 -45.39
C ASN G 285 -7.07 27.33 -45.74
N PHE G 286 -6.18 27.23 -44.73
CA PHE G 286 -4.80 26.83 -44.97
C PHE G 286 -4.34 25.73 -44.02
N PRO G 287 -4.99 24.55 -44.05
CA PRO G 287 -4.58 23.47 -43.12
C PRO G 287 -3.15 22.97 -43.29
N VAL G 288 -2.68 22.82 -44.54
CA VAL G 288 -1.34 22.35 -44.83
C VAL G 288 -0.29 23.39 -44.45
N GLU G 289 -0.58 24.64 -44.70
CA GLU G 289 0.30 25.76 -44.37
C GLU G 289 0.43 25.92 -42.87
N ALA G 290 -0.65 25.64 -42.11
CA ALA G 290 -0.62 25.73 -40.64
C ALA G 290 0.32 24.65 -40.08
N VAL G 291 0.28 23.44 -40.65
CA VAL G 291 1.15 22.36 -40.23
C VAL G 291 2.61 22.71 -40.55
N LYS G 292 2.84 23.25 -41.76
CA LYS G 292 4.18 23.66 -42.21
C LYS G 292 4.74 24.74 -41.29
N MET G 293 3.90 25.67 -40.86
CA MET G 293 4.30 26.77 -39.98
C MET G 293 4.71 26.25 -38.59
N GLN G 294 3.90 25.35 -38.00
CA GLN G 294 4.25 24.78 -36.70
C GLN G 294 5.55 23.99 -36.81
N HIS G 295 5.75 23.28 -37.93
CA HIS G 295 6.97 22.52 -38.17
C HIS G 295 8.19 23.46 -38.19
N ALA G 296 8.10 24.55 -38.98
CA ALA G 296 9.17 25.53 -39.12
C ALA G 296 9.58 26.15 -37.78
N ILE G 297 8.58 26.63 -36.99
CA ILE G 297 8.84 27.26 -35.70
C ILE G 297 9.41 26.25 -34.68
N ALA G 298 8.81 25.05 -34.58
CA ALA G 298 9.28 24.05 -33.62
C ALA G 298 10.75 23.69 -33.82
N ARG G 299 11.18 23.53 -35.09
CA ARG G 299 12.57 23.22 -35.43
C ARG G 299 13.52 24.30 -34.91
N GLU G 300 13.14 25.58 -35.10
CA GLU G 300 13.94 26.70 -34.64
C GLU G 300 13.99 26.76 -33.12
N ALA G 301 12.84 26.54 -32.48
CA ALA G 301 12.75 26.61 -31.01
C ALA G 301 13.48 25.48 -30.34
N GLU G 302 13.48 24.29 -30.92
CA GLU G 302 14.19 23.13 -30.33
C GLU G 302 15.70 23.34 -30.30
N ALA G 303 16.27 23.97 -31.35
CA ALA G 303 17.69 24.29 -31.38
C ALA G 303 18.05 25.35 -30.34
N ALA G 304 17.11 26.24 -30.00
CA ALA G 304 17.31 27.30 -29.01
C ALA G 304 17.11 26.85 -27.57
N VAL G 305 16.78 25.57 -27.33
CA VAL G 305 16.62 25.06 -25.96
C VAL G 305 17.99 25.08 -25.26
N TYR G 306 18.04 25.51 -23.98
CA TYR G 306 19.30 25.57 -23.23
C TYR G 306 19.52 24.22 -22.53
N HIS G 307 19.96 23.22 -23.28
CA HIS G 307 20.15 21.86 -22.81
C HIS G 307 21.06 21.72 -21.58
N ARG G 308 22.08 22.57 -21.44
CA ARG G 308 22.99 22.50 -20.30
C ARG G 308 22.26 22.59 -18.97
N GLN G 309 21.37 23.57 -18.85
CA GLN G 309 20.61 23.74 -17.62
C GLN G 309 19.50 22.70 -17.55
N LEU G 310 18.80 22.46 -18.67
CA LEU G 310 17.69 21.53 -18.72
C LEU G 310 18.09 20.11 -18.30
N PHE G 311 19.15 19.55 -18.91
CA PHE G 311 19.62 18.20 -18.56
C PHE G 311 20.05 18.13 -17.11
N GLU G 312 20.81 19.12 -16.63
CA GLU G 312 21.27 19.17 -15.24
C GLU G 312 20.09 19.18 -14.28
N GLU G 313 19.06 19.99 -14.55
CA GLU G 313 17.89 20.08 -13.70
C GLU G 313 17.02 18.83 -13.75
N LEU G 314 16.86 18.22 -14.95
CA LEU G 314 16.08 16.97 -15.07
C LEU G 314 16.77 15.86 -14.29
N ARG G 315 18.10 15.78 -14.42
CA ARG G 315 18.94 14.82 -13.73
C ARG G 315 18.86 15.02 -12.19
N ARG G 316 19.05 16.25 -11.71
CA ARG G 316 19.03 16.57 -10.27
C ARG G 316 17.68 16.23 -9.65
N ALA G 317 16.59 16.57 -10.33
CA ALA G 317 15.24 16.33 -9.82
C ALA G 317 14.79 14.89 -9.89
N ALA G 318 15.32 14.13 -10.86
CA ALA G 318 14.93 12.74 -10.99
C ALA G 318 15.49 11.91 -9.83
N PRO G 319 14.63 11.11 -9.19
CA PRO G 319 15.11 10.30 -8.05
C PRO G 319 15.99 9.12 -8.47
N LEU G 320 16.67 8.50 -7.49
CA LEU G 320 17.46 7.31 -7.78
C LEU G 320 16.54 6.18 -8.27
N SER G 321 17.05 5.28 -9.07
CA SER G 321 16.23 4.21 -9.61
C SER G 321 16.98 2.92 -9.69
N ARG G 322 16.34 1.82 -9.36
CA ARG G 322 16.91 0.50 -9.51
C ARG G 322 16.33 -0.22 -10.76
N ASP G 323 15.59 0.50 -11.63
CA ASP G 323 15.01 -0.06 -12.84
C ASP G 323 16.06 0.03 -13.94
N PRO G 324 16.47 -1.11 -14.52
CA PRO G 324 17.54 -1.05 -15.52
C PRO G 324 17.20 -0.23 -16.76
N THR G 325 15.90 -0.08 -17.09
CA THR G 325 15.48 0.73 -18.22
C THR G 325 15.77 2.20 -17.94
N GLU G 326 15.45 2.67 -16.74
CA GLU G 326 15.66 4.06 -16.31
CA GLU G 326 15.66 4.06 -16.31
C GLU G 326 17.18 4.36 -16.17
N VAL G 327 17.94 3.42 -15.61
CA VAL G 327 19.38 3.56 -15.43
C VAL G 327 20.09 3.61 -16.80
N THR G 328 19.69 2.75 -17.74
CA THR G 328 20.27 2.72 -19.07
C THR G 328 19.97 3.98 -19.82
N ALA G 329 18.73 4.52 -19.68
CA ALA G 329 18.31 5.73 -20.35
C ALA G 329 19.15 6.92 -19.98
N ILE G 330 19.41 7.15 -18.67
CA ILE G 330 20.21 8.31 -18.27
C ILE G 330 21.66 8.17 -18.73
N GLY G 331 22.19 6.93 -18.70
CA GLY G 331 23.54 6.65 -19.21
C GLY G 331 23.65 6.92 -20.69
N ALA G 332 22.64 6.50 -21.47
CA ALA G 332 22.61 6.70 -22.92
C ALA G 332 22.50 8.18 -23.28
N VAL G 333 21.70 8.96 -22.56
CA VAL G 333 21.54 10.39 -22.84
C VAL G 333 22.84 11.12 -22.50
N GLU G 334 23.48 10.76 -21.38
CA GLU G 334 24.77 11.34 -20.99
CA GLU G 334 24.77 11.34 -20.98
C GLU G 334 25.83 11.04 -22.05
N ALA G 335 25.86 9.81 -22.56
CA ALA G 335 26.80 9.41 -23.59
C ALA G 335 26.55 10.16 -24.90
N ALA G 336 25.27 10.38 -25.24
CA ALA G 336 24.90 11.09 -26.46
C ALA G 336 25.39 12.55 -26.41
N PHE G 337 25.28 13.21 -25.25
CA PHE G 337 25.76 14.59 -25.10
C PHE G 337 27.29 14.67 -25.21
N LYS G 338 28.00 13.68 -24.64
CA LYS G 338 29.47 13.64 -24.64
C LYS G 338 30.08 13.63 -26.05
N CYS G 339 29.44 12.91 -26.99
CA CYS G 339 29.97 12.80 -28.34
C CYS G 339 29.18 13.55 -29.42
N CYS G 340 28.13 14.31 -29.01
CA CYS G 340 27.24 14.98 -29.95
C CYS G 340 26.62 13.95 -30.92
N ALA G 341 26.18 12.79 -30.37
CA ALA G 341 25.61 11.69 -31.14
C ALA G 341 24.48 12.19 -32.00
N ALA G 342 24.44 11.74 -33.24
CA ALA G 342 23.39 12.15 -34.15
C ALA G 342 22.01 11.55 -33.71
N ALA G 343 22.04 10.37 -33.09
CA ALA G 343 20.82 9.69 -32.70
C ALA G 343 21.08 8.68 -31.59
N ILE G 344 20.00 8.28 -30.88
CA ILE G 344 19.96 7.19 -29.94
C ILE G 344 18.96 6.22 -30.58
N ILE G 345 19.41 5.06 -31.05
CA ILE G 345 18.52 4.08 -31.62
C ILE G 345 18.09 3.13 -30.51
N VAL G 346 16.80 3.03 -30.24
CA VAL G 346 16.29 2.17 -29.18
C VAL G 346 15.29 1.13 -29.72
N LEU G 347 15.37 -0.08 -29.24
CA LEU G 347 14.42 -1.14 -29.59
C LEU G 347 13.37 -1.10 -28.48
N THR G 348 12.09 -1.08 -28.86
CA THR G 348 11.01 -1.01 -27.89
C THR G 348 9.76 -1.73 -28.37
N THR G 349 9.05 -2.45 -27.47
CA THR G 349 7.81 -3.09 -27.86
C THR G 349 6.62 -2.27 -27.45
N THR G 350 6.68 -1.66 -26.25
CA THR G 350 5.58 -0.85 -25.72
C THR G 350 5.82 0.67 -25.87
N GLY G 351 7.04 1.07 -26.21
CA GLY G 351 7.42 2.47 -26.31
C GLY G 351 8.09 3.01 -25.04
N ARG G 352 8.00 2.26 -23.93
CA ARG G 352 8.53 2.70 -22.65
C ARG G 352 10.03 3.06 -22.64
N SER G 353 10.90 2.25 -23.26
CA SER G 353 12.34 2.56 -23.30
C SER G 353 12.59 3.87 -24.02
N ALA G 354 11.81 4.17 -25.08
CA ALA G 354 11.96 5.43 -25.81
C ALA G 354 11.47 6.59 -24.94
N GLN G 355 10.38 6.39 -24.19
CA GLN G 355 9.82 7.41 -23.32
C GLN G 355 10.81 7.79 -22.22
N LEU G 356 11.47 6.80 -21.61
CA LEU G 356 12.46 7.06 -20.58
C LEU G 356 13.69 7.81 -21.13
N LEU G 357 14.03 7.61 -22.41
CA LEU G 357 15.13 8.37 -23.02
C LEU G 357 14.66 9.83 -23.20
N SER G 358 13.45 10.01 -23.75
CA SER G 358 12.80 11.29 -24.00
C SER G 358 12.69 12.20 -22.79
N ARG G 359 12.43 11.66 -21.59
CA ARG G 359 12.29 12.47 -20.39
C ARG G 359 13.58 13.24 -20.00
N TYR G 360 14.77 12.78 -20.48
CA TYR G 360 16.02 13.50 -20.21
C TYR G 360 16.35 14.53 -21.28
N ARG G 361 15.46 14.73 -22.25
CA ARG G 361 15.57 15.70 -23.32
C ARG G 361 16.93 15.71 -24.02
N PRO G 362 17.34 14.58 -24.62
CA PRO G 362 18.58 14.59 -25.36
C PRO G 362 18.47 15.47 -26.60
N ARG G 363 19.58 16.02 -27.07
CA ARG G 363 19.60 16.74 -28.34
C ARG G 363 19.53 15.70 -29.48
N ALA G 364 20.10 14.50 -29.28
CA ALA G 364 20.08 13.43 -30.26
C ALA G 364 18.66 12.93 -30.47
N ALA G 365 18.29 12.65 -31.73
CA ALA G 365 16.98 12.09 -32.08
C ALA G 365 16.87 10.68 -31.48
N VAL G 366 15.72 10.35 -30.89
CA VAL G 366 15.53 9.02 -30.35
C VAL G 366 14.78 8.24 -31.40
N ILE G 367 15.49 7.38 -32.12
CA ILE G 367 14.89 6.57 -33.17
C ILE G 367 14.37 5.29 -32.55
N ALA G 368 13.05 5.15 -32.46
CA ALA G 368 12.47 3.98 -31.82
C ALA G 368 12.07 2.94 -32.84
N VAL G 369 12.70 1.78 -32.82
CA VAL G 369 12.39 0.71 -33.75
C VAL G 369 11.46 -0.30 -33.04
N THR G 370 10.28 -0.55 -33.61
CA THR G 370 9.31 -1.44 -33.01
C THR G 370 8.55 -2.24 -34.04
N ARG G 371 8.10 -3.40 -33.65
CA ARG G 371 7.22 -4.23 -34.48
C ARG G 371 5.71 -3.96 -34.15
N SER G 372 5.43 -3.14 -33.11
CA SER G 372 4.09 -2.79 -32.67
C SER G 372 3.65 -1.51 -33.35
N ALA G 373 2.67 -1.63 -34.24
CA ALA G 373 2.12 -0.50 -34.96
C ALA G 373 1.49 0.52 -33.97
N GLN G 374 0.84 0.03 -32.92
CA GLN G 374 0.24 0.93 -31.93
C GLN G 374 1.32 1.72 -31.16
N ALA G 375 2.41 1.06 -30.72
CA ALA G 375 3.47 1.75 -30.01
C ALA G 375 4.13 2.77 -30.92
N ALA G 376 4.34 2.44 -32.21
CA ALA G 376 4.91 3.38 -33.19
C ALA G 376 4.04 4.63 -33.28
N ARG G 377 2.71 4.49 -33.19
CA ARG G 377 1.83 5.66 -33.26
C ARG G 377 1.83 6.43 -31.95
N GLN G 378 1.81 5.72 -30.81
CA GLN G 378 1.72 6.37 -29.50
C GLN G 378 2.96 7.09 -29.04
N VAL G 379 4.12 6.64 -29.52
CA VAL G 379 5.39 7.22 -29.13
C VAL G 379 5.57 8.68 -29.66
N HIS G 380 4.70 9.14 -30.61
CA HIS G 380 4.62 10.55 -31.08
C HIS G 380 4.28 11.50 -29.92
N LEU G 381 3.72 11.00 -28.82
CA LEU G 381 3.41 11.83 -27.65
C LEU G 381 4.69 12.30 -26.93
N CYS G 382 5.80 11.57 -27.08
CA CYS G 382 7.07 11.88 -26.41
C CYS G 382 8.01 12.67 -27.29
N ARG G 383 8.42 13.85 -26.81
CA ARG G 383 9.32 14.71 -27.59
C ARG G 383 10.62 14.03 -27.99
N GLY G 384 10.97 14.17 -29.25
CA GLY G 384 12.19 13.66 -29.80
C GLY G 384 12.18 12.20 -30.14
N VAL G 385 11.01 11.54 -30.12
CA VAL G 385 10.95 10.14 -30.48
C VAL G 385 10.45 10.01 -31.91
N PHE G 386 11.25 9.33 -32.75
CA PHE G 386 10.97 9.11 -34.17
C PHE G 386 10.69 7.65 -34.36
N PRO G 387 9.42 7.27 -34.50
CA PRO G 387 9.10 5.85 -34.60
C PRO G 387 9.34 5.21 -35.96
N LEU G 388 9.90 3.99 -35.96
CA LEU G 388 10.10 3.24 -37.18
C LEU G 388 9.41 1.92 -36.99
N LEU G 389 8.48 1.60 -37.86
CA LEU G 389 7.74 0.34 -37.80
C LEU G 389 8.45 -0.75 -38.58
N TYR G 390 8.88 -1.81 -37.91
CA TYR G 390 9.60 -2.90 -38.54
C TYR G 390 8.68 -4.06 -38.91
N ARG G 391 8.59 -4.33 -40.19
CA ARG G 391 7.71 -5.34 -40.76
C ARG G 391 8.41 -6.57 -41.30
N GLU G 392 9.73 -6.68 -41.14
CA GLU G 392 10.46 -7.79 -41.67
C GLU G 392 10.19 -9.12 -40.99
N PRO G 393 10.33 -10.24 -41.72
CA PRO G 393 10.19 -11.56 -41.08
C PRO G 393 11.36 -11.80 -40.10
N PRO G 394 11.11 -12.59 -39.05
CA PRO G 394 12.13 -12.76 -38.02
C PRO G 394 13.33 -13.57 -38.46
N GLU G 395 14.44 -13.34 -37.75
CA GLU G 395 15.63 -14.14 -37.90
C GLU G 395 15.54 -15.21 -36.81
N ALA G 396 16.12 -16.39 -37.10
CA ALA G 396 16.10 -17.54 -36.20
C ALA G 396 16.90 -17.27 -34.92
N ILE G 397 18.00 -16.50 -35.05
CA ILE G 397 18.84 -16.13 -33.92
C ILE G 397 18.46 -14.77 -33.40
N TRP G 398 18.06 -14.67 -32.12
CA TRP G 398 17.61 -13.42 -31.51
C TRP G 398 18.62 -12.26 -31.69
N ALA G 399 19.92 -12.47 -31.40
CA ALA G 399 20.92 -11.42 -31.57
C ALA G 399 21.02 -10.91 -33.03
N ASP G 400 20.80 -11.78 -34.02
CA ASP G 400 20.79 -11.36 -35.44
C ASP G 400 19.55 -10.53 -35.73
N ASP G 401 18.41 -10.92 -35.17
CA ASP G 401 17.17 -10.20 -35.32
C ASP G 401 17.28 -8.76 -34.69
N VAL G 402 17.99 -8.65 -33.57
CA VAL G 402 18.23 -7.38 -32.92
C VAL G 402 19.13 -6.50 -33.82
N ASP G 403 20.26 -7.05 -34.33
CA ASP G 403 21.14 -6.31 -35.22
C ASP G 403 20.44 -5.86 -36.47
N ARG G 404 19.54 -6.69 -37.01
CA ARG G 404 18.77 -6.36 -38.21
C ARG G 404 17.91 -5.11 -37.94
N ARG G 405 17.32 -5.00 -36.73
CA ARG G 405 16.47 -3.87 -36.36
C ARG G 405 17.29 -2.62 -36.12
N VAL G 406 18.43 -2.75 -35.43
CA VAL G 406 19.38 -1.65 -35.22
C VAL G 406 19.85 -1.11 -36.61
N GLN G 407 20.24 -1.98 -37.57
CA GLN G 407 20.62 -1.51 -38.92
C GLN G 407 19.48 -0.86 -39.64
N PHE G 408 18.26 -1.32 -39.41
CA PHE G 408 17.07 -0.69 -39.98
C PHE G 408 16.91 0.75 -39.52
N GLY G 409 17.27 1.04 -38.29
CA GLY G 409 17.21 2.40 -37.77
C GLY G 409 18.32 3.27 -38.32
N ILE G 410 19.50 2.67 -38.55
CA ILE G 410 20.64 3.38 -39.12
C ILE G 410 20.33 3.68 -40.58
N GLU G 411 19.87 2.66 -41.33
CA GLU G 411 19.51 2.83 -42.74
C GLU G 411 18.43 3.84 -42.89
N SER G 412 17.34 3.77 -42.08
CA SER G 412 16.25 4.78 -42.15
C SER G 412 16.79 6.17 -41.79
N GLY G 413 17.63 6.24 -40.76
CA GLY G 413 18.25 7.49 -40.34
C GLY G 413 19.09 8.13 -41.43
N LYS G 414 19.83 7.32 -42.24
CA LYS G 414 20.67 7.81 -43.34
C LYS G 414 19.79 8.31 -44.47
N LEU G 415 18.73 7.58 -44.80
CA LEU G 415 17.85 7.96 -45.91
C LEU G 415 17.10 9.26 -45.59
N ARG G 416 16.68 9.43 -44.33
CA ARG G 416 15.93 10.61 -43.90
C ARG G 416 16.79 11.80 -43.50
N GLY G 417 18.12 11.68 -43.58
CA GLY G 417 19.00 12.78 -43.24
C GLY G 417 19.46 12.90 -41.80
N PHE G 418 18.93 12.08 -40.87
CA PHE G 418 19.36 12.10 -39.47
C PHE G 418 20.87 11.72 -39.34
N LEU G 419 21.36 10.77 -40.15
CA LEU G 419 22.69 10.21 -40.00
C LEU G 419 23.53 10.26 -41.25
N ARG G 420 24.85 10.19 -41.06
CA ARG G 420 25.85 10.15 -42.12
C ARG G 420 26.96 9.20 -41.65
N VAL G 421 27.72 8.63 -42.58
CA VAL G 421 28.87 7.77 -42.28
C VAL G 421 29.88 8.58 -41.48
N GLY G 422 30.39 8.01 -40.41
CA GLY G 422 31.31 8.75 -39.55
C GLY G 422 30.67 9.27 -38.29
N ASP G 423 29.34 9.41 -38.28
CA ASP G 423 28.61 9.84 -37.07
C ASP G 423 28.72 8.79 -35.95
N LEU G 424 28.49 9.23 -34.71
CA LEU G 424 28.42 8.33 -33.58
C LEU G 424 26.94 8.22 -33.20
N VAL G 425 26.50 7.01 -32.89
CA VAL G 425 25.14 6.78 -32.43
C VAL G 425 25.19 5.98 -31.15
N ILE G 426 24.18 6.12 -30.32
CA ILE G 426 24.04 5.34 -29.10
C ILE G 426 22.94 4.33 -29.37
N VAL G 427 23.15 3.06 -29.04
CA VAL G 427 22.16 2.03 -29.30
C VAL G 427 21.70 1.45 -27.97
N VAL G 428 20.38 1.44 -27.73
CA VAL G 428 19.81 0.95 -26.48
C VAL G 428 18.97 -0.28 -26.74
N THR G 429 19.30 -1.39 -26.10
CA THR G 429 18.62 -2.67 -26.22
C THR G 429 18.58 -3.34 -24.80
N GLY G 430 18.07 -4.57 -24.72
CA GLY G 430 18.03 -5.40 -23.53
C GLY G 430 18.76 -6.71 -23.76
N TRP G 431 18.81 -7.53 -22.72
CA TRP G 431 19.59 -8.76 -22.76
C TRP G 431 18.83 -10.00 -23.22
N ARG G 432 17.52 -9.89 -23.33
CA ARG G 432 16.71 -11.00 -23.70
C ARG G 432 15.42 -10.48 -24.34
N PRO G 433 14.74 -11.35 -25.12
CA PRO G 433 13.50 -10.91 -25.77
C PRO G 433 12.44 -10.49 -24.78
N GLY G 434 11.50 -9.67 -25.23
CA GLY G 434 10.41 -9.21 -24.39
C GLY G 434 10.57 -7.82 -23.84
N SER G 435 9.47 -7.12 -23.68
CA SER G 435 9.41 -5.84 -23.06
C SER G 435 9.88 -5.92 -21.58
N GLY G 436 10.46 -4.83 -21.04
CA GLY G 436 10.84 -4.76 -19.64
C GLY G 436 12.25 -5.14 -19.25
N TYR G 437 13.10 -5.47 -20.23
CA TYR G 437 14.47 -5.89 -19.94
C TYR G 437 15.56 -5.01 -20.56
N THR G 438 15.27 -3.76 -20.95
CA THR G 438 16.30 -2.86 -21.46
C THR G 438 17.38 -2.65 -20.43
N ASN G 439 18.64 -2.92 -20.78
CA ASN G 439 19.75 -2.76 -19.82
C ASN G 439 21.10 -2.54 -20.53
N ILE G 440 21.13 -2.29 -21.84
CA ILE G 440 22.40 -2.15 -22.58
C ILE G 440 22.45 -0.85 -23.39
N MET G 441 23.60 -0.22 -23.36
CA MET G 441 23.88 1.00 -24.10
C MET G 441 25.21 0.72 -24.87
N ARG G 442 25.20 0.90 -26.20
CA ARG G 442 26.38 0.70 -27.03
C ARG G 442 26.74 1.96 -27.78
N VAL G 443 28.04 2.21 -28.02
CA VAL G 443 28.48 3.35 -28.82
C VAL G 443 28.86 2.78 -30.16
N LEU G 444 28.24 3.25 -31.23
CA LEU G 444 28.51 2.73 -32.56
CA LEU G 444 28.49 2.71 -32.56
C LEU G 444 28.92 3.82 -33.52
N SER G 445 29.97 3.57 -34.30
CA SER G 445 30.42 4.51 -35.30
CA SER G 445 30.43 4.51 -35.30
C SER G 445 29.77 4.10 -36.60
N ILE G 446 29.05 5.02 -37.26
CA ILE G 446 28.33 4.70 -38.47
C ILE G 446 29.25 4.40 -39.67
N SER G 447 29.06 3.23 -40.26
CA SER G 447 29.78 2.77 -41.43
C SER G 447 28.82 2.70 -42.64
N GLY H 23 16.68 0.96 2.62
CA GLY H 23 16.58 1.19 4.06
C GLY H 23 17.12 2.54 4.51
N THR H 24 16.64 3.02 5.67
CA THR H 24 17.09 4.30 6.24
C THR H 24 18.57 4.24 6.66
N ALA H 25 18.99 3.08 7.19
CA ALA H 25 20.36 2.88 7.65
C ALA H 25 21.35 3.02 6.50
N PHE H 26 20.97 2.55 5.29
CA PHE H 26 21.83 2.66 4.11
C PHE H 26 22.09 4.13 3.79
N PHE H 27 21.05 4.97 3.86
CA PHE H 27 21.18 6.39 3.54
C PHE H 27 21.77 7.26 4.67
N GLN H 28 22.11 6.64 5.82
CA GLN H 28 22.80 7.35 6.90
C GLN H 28 24.32 7.07 6.87
N GLN H 29 24.75 5.95 6.24
CA GLN H 29 26.15 5.57 6.07
C GLN H 29 26.80 6.33 4.91
N GLN H 30 28.15 6.21 4.78
CA GLN H 30 29.06 6.77 3.77
C GLN H 30 28.79 8.25 3.40
N GLN H 31 28.47 9.07 4.43
CA GLN H 31 28.16 10.50 4.30
C GLN H 31 27.09 10.80 3.27
N LEU H 32 26.10 9.90 3.10
CA LEU H 32 25.03 10.09 2.12
C LEU H 32 24.15 11.31 2.42
N PRO H 33 23.80 11.65 3.69
CA PRO H 33 23.07 12.91 3.93
C PRO H 33 23.86 14.14 3.42
N ALA H 34 25.20 14.19 3.65
CA ALA H 34 26.07 15.28 3.18
C ALA H 34 26.21 15.28 1.64
N ALA H 35 26.09 14.10 1.01
CA ALA H 35 26.19 13.95 -0.43
C ALA H 35 24.95 14.53 -1.14
N MET H 36 23.78 14.49 -0.49
CA MET H 36 22.52 15.02 -1.04
C MET H 36 22.45 16.55 -1.00
N ALA H 37 23.31 17.22 -0.21
CA ALA H 37 23.27 18.68 -0.03
C ALA H 37 23.32 19.48 -1.32
N ASP H 38 22.61 20.61 -1.33
CA ASP H 38 22.51 21.47 -2.52
C ASP H 38 23.65 22.48 -2.64
N THR H 39 24.39 22.73 -1.56
CA THR H 39 25.57 23.60 -1.59
C THR H 39 26.76 22.89 -0.90
N PHE H 40 27.98 23.31 -1.24
CA PHE H 40 29.18 22.79 -0.60
C PHE H 40 29.20 23.13 0.92
N LEU H 41 28.69 24.30 1.28
CA LEU H 41 28.62 24.74 2.66
C LEU H 41 27.67 23.85 3.44
N GLU H 42 26.49 23.52 2.87
CA GLU H 42 25.51 22.61 3.50
C GLU H 42 26.10 21.19 3.60
N HIS H 43 26.88 20.78 2.59
CA HIS H 43 27.57 19.49 2.54
C HIS H 43 28.51 19.38 3.74
N LEU H 44 29.32 20.43 3.99
CA LEU H 44 30.23 20.44 5.14
C LEU H 44 29.45 20.34 6.46
N CYS H 45 28.36 21.12 6.61
CA CYS H 45 27.53 21.12 7.80
C CYS H 45 26.91 19.75 8.09
N LEU H 46 26.65 18.95 7.06
CA LEU H 46 26.04 17.63 7.19
C LEU H 46 27.03 16.49 7.42
N LEU H 47 28.35 16.75 7.43
CA LEU H 47 29.33 15.70 7.67
C LEU H 47 29.14 15.14 9.09
N ASP H 48 29.11 13.80 9.20
CA ASP H 48 28.78 13.10 10.45
C ASP H 48 29.85 12.10 10.83
N ILE H 49 30.46 12.25 12.02
CA ILE H 49 31.47 11.28 12.50
C ILE H 49 30.87 9.88 12.76
N ASP H 50 29.54 9.78 12.92
CA ASP H 50 28.87 8.51 13.13
C ASP H 50 28.42 7.83 11.82
N SER H 51 28.62 8.50 10.67
CA SER H 51 28.30 7.95 9.37
C SER H 51 29.52 7.14 8.91
N GLU H 52 29.48 5.82 9.09
CA GLU H 52 30.59 4.95 8.77
C GLU H 52 30.81 4.71 7.28
N PRO H 53 32.10 4.65 6.87
CA PRO H 53 32.38 4.40 5.45
C PRO H 53 32.04 2.96 5.08
N VAL H 54 31.41 2.74 3.93
CA VAL H 54 31.06 1.38 3.48
C VAL H 54 31.89 1.00 2.26
N ALA H 55 32.15 1.95 1.35
CA ALA H 55 32.93 1.72 0.14
C ALA H 55 34.39 1.28 0.42
N ALA H 56 34.97 0.53 -0.53
CA ALA H 56 36.35 0.12 -0.42
C ALA H 56 37.21 1.37 -0.65
N ARG H 57 38.38 1.43 0.03
CA ARG H 57 39.29 2.56 -0.07
C ARG H 57 39.85 2.65 -1.48
N SER H 58 39.68 3.79 -2.12
CA SER H 58 40.01 3.96 -3.53
C SER H 58 41.32 4.71 -3.83
N THR H 59 41.88 5.47 -2.87
CA THR H 59 43.16 6.18 -3.05
C THR H 59 44.28 5.20 -2.78
N SER H 60 45.13 4.93 -3.75
CA SER H 60 46.23 3.98 -3.59
CA SER H 60 46.23 3.99 -3.61
C SER H 60 47.30 4.46 -2.64
N ILE H 61 47.92 3.54 -1.94
CA ILE H 61 48.98 3.85 -1.01
C ILE H 61 50.29 3.37 -1.61
N ILE H 62 51.25 4.28 -1.70
CA ILE H 62 52.60 3.94 -2.17
C ILE H 62 53.49 3.88 -0.93
N ALA H 63 54.19 2.77 -0.71
CA ALA H 63 55.06 2.62 0.45
C ALA H 63 56.50 2.47 -0.06
N THR H 64 57.45 3.28 0.47
CA THR H 64 58.85 3.20 0.09
C THR H 64 59.45 2.04 0.85
N ILE H 65 60.15 1.14 0.12
CA ILE H 65 60.76 -0.05 0.67
C ILE H 65 62.17 0.29 1.20
N GLY H 66 62.50 -0.24 2.36
CA GLY H 66 63.79 -0.04 3.00
C GLY H 66 64.03 -1.03 4.12
N PRO H 67 65.02 -0.79 5.00
CA PRO H 67 65.29 -1.75 6.08
C PRO H 67 64.12 -2.08 6.96
N ALA H 68 63.18 -1.14 7.15
CA ALA H 68 62.02 -1.42 8.00
C ALA H 68 60.93 -2.28 7.30
N SER H 69 61.02 -2.47 5.98
CA SER H 69 59.99 -3.12 5.23
C SER H 69 60.45 -4.07 4.14
N ARG H 70 61.64 -4.66 4.25
CA ARG H 70 62.12 -5.58 3.21
C ARG H 70 61.83 -7.02 3.50
N SER H 71 61.55 -7.42 4.76
CA SER H 71 61.32 -8.84 4.96
C SER H 71 60.04 -9.30 4.29
N VAL H 72 60.06 -10.50 3.67
CA VAL H 72 58.92 -11.09 2.98
C VAL H 72 57.69 -11.13 3.90
N GLU H 73 57.89 -11.51 5.14
CA GLU H 73 56.80 -11.61 6.10
CA GLU H 73 56.83 -11.63 6.12
C GLU H 73 56.22 -10.24 6.49
N ARG H 74 57.06 -9.20 6.60
CA ARG H 74 56.61 -7.84 6.90
C ARG H 74 55.88 -7.28 5.65
N LEU H 75 56.38 -7.55 4.44
CA LEU H 75 55.75 -7.17 3.19
C LEU H 75 54.36 -7.78 2.99
N LYS H 76 54.14 -9.00 3.48
CA LYS H 76 52.82 -9.65 3.42
C LYS H 76 51.85 -8.88 4.32
N GLU H 77 52.32 -8.44 5.50
CA GLU H 77 51.49 -7.66 6.41
C GLU H 77 51.16 -6.28 5.79
N MET H 78 52.10 -5.68 5.06
CA MET H 78 51.87 -4.39 4.40
CA MET H 78 51.87 -4.39 4.41
C MET H 78 50.89 -4.51 3.25
N ILE H 79 50.90 -5.65 2.51
CA ILE H 79 49.95 -5.89 1.44
C ILE H 79 48.55 -6.02 2.07
N LYS H 80 48.44 -6.77 3.18
CA LYS H 80 47.15 -6.91 3.89
C LYS H 80 46.66 -5.59 4.51
N ALA H 81 47.58 -4.73 4.96
CA ALA H 81 47.22 -3.41 5.53
C ALA H 81 46.74 -2.42 4.44
N GLY H 82 47.09 -2.66 3.17
CA GLY H 82 46.64 -1.81 2.09
C GLY H 82 47.67 -1.26 1.09
N MET H 83 48.96 -1.66 1.16
CA MET H 83 49.98 -1.15 0.24
C MET H 83 49.66 -1.61 -1.19
N ASN H 84 49.65 -0.67 -2.15
CA ASN H 84 49.34 -1.01 -3.54
C ASN H 84 50.56 -0.88 -4.44
N ILE H 85 51.46 0.04 -4.14
CA ILE H 85 52.66 0.30 -4.93
C ILE H 85 53.87 0.32 -3.99
N ALA H 86 54.93 -0.39 -4.36
CA ALA H 86 56.19 -0.44 -3.64
C ALA H 86 57.14 0.51 -4.36
N ARG H 87 57.64 1.52 -3.64
CA ARG H 87 58.56 2.49 -4.22
C ARG H 87 60.01 2.15 -3.85
N LEU H 88 60.89 2.11 -4.86
CA LEU H 88 62.31 1.86 -4.65
C LEU H 88 63.03 3.15 -4.89
N ASN H 89 63.60 3.73 -3.84
CA ASN H 89 64.26 5.01 -3.97
C ASN H 89 65.73 4.84 -4.41
N PHE H 90 66.02 5.12 -5.68
CA PHE H 90 67.37 4.96 -6.21
C PHE H 90 68.34 6.08 -5.76
N SER H 91 67.89 6.96 -4.84
CA SER H 91 68.77 7.92 -4.18
C SER H 91 69.57 7.21 -3.08
N HIS H 92 69.11 6.06 -2.60
CA HIS H 92 69.77 5.23 -1.58
C HIS H 92 70.03 3.82 -2.14
N GLY H 93 70.95 3.12 -1.53
CA GLY H 93 71.24 1.75 -1.89
C GLY H 93 71.91 1.56 -3.22
N SER H 94 72.00 0.33 -3.60
CA SER H 94 72.67 -0.05 -4.83
C SER H 94 71.73 -0.92 -5.70
N HIS H 95 72.17 -1.27 -6.93
CA HIS H 95 71.40 -2.14 -7.81
C HIS H 95 71.15 -3.48 -7.14
N GLU H 96 72.16 -4.03 -6.46
CA GLU H 96 72.04 -5.31 -5.76
C GLU H 96 70.99 -5.21 -4.64
N TYR H 97 71.02 -4.10 -3.88
CA TYR H 97 70.07 -3.89 -2.80
C TYR H 97 68.62 -3.80 -3.38
N HIS H 98 68.41 -3.01 -4.42
CA HIS H 98 67.09 -2.86 -5.04
C HIS H 98 66.58 -4.12 -5.74
N ALA H 99 67.50 -4.93 -6.29
CA ALA H 99 67.13 -6.22 -6.90
C ALA H 99 66.58 -7.17 -5.82
N GLU H 100 67.16 -7.14 -4.63
CA GLU H 100 66.67 -7.95 -3.49
C GLU H 100 65.30 -7.44 -3.06
N SER H 101 65.12 -6.12 -3.05
CA SER H 101 63.84 -5.47 -2.69
C SER H 101 62.72 -5.96 -3.63
N ILE H 102 62.96 -5.89 -4.96
CA ILE H 102 62.04 -6.35 -5.97
C ILE H 102 61.70 -7.82 -5.77
N ALA H 103 62.71 -8.66 -5.56
CA ALA H 103 62.50 -10.09 -5.33
C ALA H 103 61.69 -10.40 -4.08
N ASN H 104 61.87 -9.66 -2.97
CA ASN H 104 61.11 -9.84 -1.71
C ASN H 104 59.67 -9.37 -1.88
N VAL H 105 59.46 -8.21 -2.56
CA VAL H 105 58.09 -7.76 -2.83
C VAL H 105 57.35 -8.82 -3.68
N ARG H 106 57.95 -9.23 -4.81
CA ARG H 106 57.35 -10.24 -5.68
C ARG H 106 57.06 -11.55 -4.95
N GLU H 107 57.94 -11.98 -4.04
CA GLU H 107 57.72 -13.19 -3.27
C GLU H 107 56.52 -13.01 -2.34
N ALA H 108 56.42 -11.87 -1.63
CA ALA H 108 55.25 -11.61 -0.76
C ALA H 108 53.95 -11.54 -1.57
N VAL H 109 53.95 -10.87 -2.72
CA VAL H 109 52.79 -10.76 -3.61
C VAL H 109 52.35 -12.13 -4.12
N GLU H 110 53.30 -12.94 -4.61
CA GLU H 110 52.97 -14.25 -5.15
C GLU H 110 52.58 -15.27 -4.11
N SER H 111 52.85 -15.02 -2.83
CA SER H 111 52.43 -15.93 -1.76
C SER H 111 50.91 -16.00 -1.63
N PHE H 112 50.17 -15.04 -2.19
CA PHE H 112 48.71 -15.06 -2.16
C PHE H 112 48.09 -15.51 -3.51
N ALA H 113 48.90 -15.86 -4.51
CA ALA H 113 48.43 -16.26 -5.82
C ALA H 113 47.64 -17.58 -5.86
N GLY H 114 47.76 -18.44 -4.83
CA GLY H 114 47.01 -19.70 -4.85
C GLY H 114 45.51 -19.52 -4.61
N SER H 115 45.06 -18.31 -4.19
CA SER H 115 43.62 -18.00 -4.08
C SER H 115 43.36 -16.83 -5.07
N PRO H 116 43.09 -17.16 -6.35
CA PRO H 116 42.91 -16.12 -7.37
C PRO H 116 41.85 -15.06 -7.14
N LEU H 117 40.79 -15.40 -6.39
CA LEU H 117 39.71 -14.46 -6.09
C LEU H 117 40.11 -13.39 -5.08
N SER H 118 41.19 -13.61 -4.31
CA SER H 118 41.61 -12.62 -3.30
C SER H 118 43.00 -12.01 -3.55
N TYR H 119 43.76 -12.54 -4.53
CA TYR H 119 45.10 -12.08 -4.88
C TYR H 119 45.15 -10.57 -5.15
N ARG H 120 46.14 -9.87 -4.57
CA ARG H 120 46.26 -8.42 -4.77
C ARG H 120 47.53 -8.07 -5.54
N PRO H 121 47.41 -7.54 -6.76
CA PRO H 121 48.59 -7.07 -7.49
C PRO H 121 49.24 -5.89 -6.75
N VAL H 122 50.59 -5.80 -6.80
CA VAL H 122 51.36 -4.69 -6.23
C VAL H 122 52.34 -4.19 -7.27
N ALA H 123 52.25 -2.91 -7.63
CA ALA H 123 53.15 -2.33 -8.61
C ALA H 123 54.52 -2.05 -8.02
N ILE H 124 55.54 -1.98 -8.87
CA ILE H 124 56.90 -1.68 -8.46
C ILE H 124 57.34 -0.43 -9.19
N ALA H 125 57.65 0.60 -8.43
CA ALA H 125 58.00 1.89 -8.96
C ALA H 125 59.43 2.23 -8.63
N LEU H 126 60.19 2.72 -9.63
CA LEU H 126 61.58 3.08 -9.43
C LEU H 126 61.64 4.59 -9.35
N ASP H 127 62.13 5.14 -8.24
CA ASP H 127 62.24 6.58 -8.07
C ASP H 127 63.70 6.95 -8.36
N THR H 128 63.95 7.76 -9.38
CA THR H 128 65.32 8.07 -9.79
C THR H 128 66.04 9.05 -8.83
N LYS H 129 67.38 9.02 -8.86
CA LYS H 129 68.20 9.92 -8.06
C LYS H 129 68.07 11.36 -8.57
N GLY H 130 67.95 11.54 -9.87
CA GLY H 130 67.80 12.87 -10.44
C GLY H 130 69.03 13.44 -11.13
N PRO H 131 68.85 14.62 -11.72
CA PRO H 131 69.96 15.23 -12.47
C PRO H 131 71.01 15.94 -11.63
N GLY H 132 70.67 16.31 -10.41
CA GLY H 132 71.62 17.10 -9.61
C GLY H 132 71.90 18.43 -10.28
N SER H 133 73.18 18.82 -10.32
CA SER H 133 73.58 20.12 -10.91
C SER H 133 73.74 19.98 -12.42
N GLY H 134 73.43 18.79 -12.95
CA GLY H 134 73.66 18.55 -14.39
C GLY H 134 72.55 19.06 -15.26
N PRO H 135 72.78 19.23 -16.57
CA PRO H 135 71.72 19.62 -17.50
C PRO H 135 70.80 18.42 -17.79
N GLY H 136 71.30 17.46 -18.57
CA GLY H 136 70.48 16.35 -19.09
C GLY H 136 70.28 15.24 -18.08
N LEU H 137 70.01 14.03 -18.56
CA LEU H 137 69.86 12.87 -17.65
C LEU H 137 71.23 12.47 -17.13
N SER H 138 71.31 12.17 -15.85
CA SER H 138 72.58 11.74 -15.24
C SER H 138 73.00 10.39 -15.79
N GLU H 139 74.31 10.13 -15.83
CA GLU H 139 74.81 8.81 -16.20
C GLU H 139 74.29 7.71 -15.26
N GLN H 140 74.12 8.05 -13.99
CA GLN H 140 73.58 7.11 -13.02
C GLN H 140 72.08 6.86 -13.33
N ASP H 141 71.33 7.90 -13.73
CA ASP H 141 69.92 7.75 -14.09
C ASP H 141 69.79 6.83 -15.30
N VAL H 142 70.68 6.96 -16.30
CA VAL H 142 70.65 6.08 -17.46
C VAL H 142 70.86 4.62 -17.06
N ARG H 143 71.80 4.36 -16.15
CA ARG H 143 72.04 3.00 -15.67
C ARG H 143 70.89 2.47 -14.82
N ASP H 144 70.31 3.31 -13.96
CA ASP H 144 69.18 2.93 -13.10
C ASP H 144 67.93 2.66 -13.91
N LEU H 145 67.70 3.45 -14.96
CA LEU H 145 66.58 3.27 -15.87
C LEU H 145 66.72 1.96 -16.63
N ARG H 146 67.96 1.62 -17.08
CA ARG H 146 68.14 0.35 -17.76
CA ARG H 146 68.21 0.35 -17.75
C ARG H 146 67.98 -0.81 -16.78
N PHE H 147 68.35 -0.64 -15.49
CA PHE H 147 68.15 -1.65 -14.46
C PHE H 147 66.62 -1.91 -14.32
N GLY H 148 65.83 -0.85 -14.28
CA GLY H 148 64.38 -0.94 -14.13
C GLY H 148 63.73 -1.73 -15.24
N VAL H 149 64.13 -1.45 -16.49
CA VAL H 149 63.63 -2.20 -17.64
C VAL H 149 64.03 -3.68 -17.54
N GLU H 150 65.29 -3.96 -17.18
CA GLU H 150 65.76 -5.33 -17.05
C GLU H 150 65.08 -6.08 -15.92
N HIS H 151 64.64 -5.40 -14.87
CA HIS H 151 63.95 -6.03 -13.75
C HIS H 151 62.42 -5.92 -13.82
N GLY H 152 61.90 -5.42 -14.94
CA GLY H 152 60.46 -5.33 -15.17
C GLY H 152 59.66 -4.40 -14.27
N VAL H 153 60.21 -3.21 -13.95
CA VAL H 153 59.45 -2.26 -13.13
C VAL H 153 58.24 -1.74 -13.89
N ASP H 154 57.18 -1.37 -13.17
CA ASP H 154 55.94 -0.90 -13.81
C ASP H 154 55.89 0.59 -14.01
N ILE H 155 56.53 1.33 -13.09
CA ILE H 155 56.46 2.77 -13.07
C ILE H 155 57.83 3.37 -12.80
N VAL H 156 58.06 4.57 -13.32
CA VAL H 156 59.24 5.34 -13.00
C VAL H 156 58.75 6.67 -12.39
N PHE H 157 59.21 7.01 -11.17
CA PHE H 157 58.93 8.33 -10.59
C PHE H 157 60.19 9.11 -10.97
N ALA H 158 60.11 9.95 -12.00
CA ALA H 158 61.30 10.67 -12.49
C ALA H 158 61.56 11.95 -11.70
N SER H 159 62.69 11.99 -10.96
CA SER H 159 63.05 13.15 -10.14
C SER H 159 63.40 14.39 -10.93
N PHE H 160 63.05 15.56 -10.37
CA PHE H 160 63.33 16.89 -10.87
C PHE H 160 63.03 17.11 -12.35
N VAL H 161 61.82 16.78 -12.79
CA VAL H 161 61.43 17.00 -14.18
C VAL H 161 61.15 18.49 -14.31
N ARG H 162 61.81 19.17 -15.24
CA ARG H 162 61.68 20.63 -15.40
C ARG H 162 61.06 21.07 -16.74
N LYS H 163 60.97 20.16 -17.72
CA LYS H 163 60.45 20.47 -19.05
C LYS H 163 60.10 19.18 -19.79
N ALA H 164 59.37 19.28 -20.90
CA ALA H 164 58.99 18.12 -21.69
C ALA H 164 60.18 17.29 -22.19
N SER H 165 61.33 17.92 -22.48
CA SER H 165 62.49 17.19 -22.99
C SER H 165 63.13 16.29 -21.93
N ASP H 166 62.92 16.58 -20.62
CA ASP H 166 63.40 15.73 -19.55
C ASP H 166 62.63 14.39 -19.58
N VAL H 167 61.31 14.44 -19.87
CA VAL H 167 60.48 13.26 -19.98
C VAL H 167 60.90 12.42 -21.17
N ALA H 168 61.22 13.08 -22.30
CA ALA H 168 61.67 12.41 -23.52
C ALA H 168 62.98 11.69 -23.30
N ALA H 169 63.90 12.29 -22.51
CA ALA H 169 65.18 11.66 -22.19
C ALA H 169 64.97 10.39 -21.32
N VAL H 170 64.02 10.44 -20.36
CA VAL H 170 63.72 9.26 -19.53
C VAL H 170 63.11 8.17 -20.42
N ARG H 171 62.21 8.56 -21.31
N ARG H 171 62.20 8.55 -21.30
CA ARG H 171 61.52 7.66 -22.24
CA ARG H 171 61.55 7.62 -22.22
C ARG H 171 62.53 6.97 -23.18
C ARG H 171 62.57 6.94 -23.14
N ALA H 172 63.55 7.73 -23.64
CA ALA H 172 64.60 7.21 -24.52
C ALA H 172 65.49 6.25 -23.75
N ALA H 173 65.86 6.59 -22.50
CA ALA H 173 66.71 5.72 -21.68
C ALA H 173 66.04 4.41 -21.30
N LEU H 174 64.71 4.33 -21.34
CA LEU H 174 63.98 3.08 -21.10
C LEU H 174 64.06 2.12 -22.31
N GLY H 175 64.39 2.65 -23.49
CA GLY H 175 64.58 1.86 -24.70
C GLY H 175 63.32 1.30 -25.31
N PRO H 176 63.48 0.43 -26.31
CA PRO H 176 62.30 -0.18 -26.96
C PRO H 176 61.54 -1.17 -26.09
N GLU H 177 62.23 -1.81 -25.14
CA GLU H 177 61.59 -2.79 -24.27
C GLU H 177 60.87 -2.16 -23.05
N GLY H 178 61.05 -0.85 -22.83
CA GLY H 178 60.38 -0.15 -21.73
C GLY H 178 59.28 0.78 -22.19
N HIS H 179 58.65 0.51 -23.35
CA HIS H 179 57.56 1.35 -23.88
CA HIS H 179 57.56 1.35 -23.87
C HIS H 179 56.31 1.30 -22.99
N GLY H 180 56.09 0.17 -22.30
CA GLY H 180 54.94 -0.02 -21.43
C GLY H 180 55.05 0.57 -20.03
N ILE H 181 56.25 1.00 -19.61
CA ILE H 181 56.47 1.56 -18.28
C ILE H 181 55.86 2.95 -18.18
N LYS H 182 55.15 3.23 -17.08
CA LYS H 182 54.52 4.53 -16.89
C LYS H 182 55.52 5.51 -16.34
N ILE H 183 55.55 6.72 -16.87
CA ILE H 183 56.45 7.75 -16.40
C ILE H 183 55.66 8.78 -15.62
N ILE H 184 55.90 8.87 -14.31
CA ILE H 184 55.25 9.83 -13.44
C ILE H 184 56.30 10.88 -13.16
N SER H 185 56.09 12.10 -13.64
CA SER H 185 57.06 13.16 -13.46
C SER H 185 56.96 13.80 -12.07
N LYS H 186 58.09 13.86 -11.36
CA LYS H 186 58.11 14.50 -10.06
C LYS H 186 58.34 15.99 -10.27
N ILE H 187 57.42 16.83 -9.76
CA ILE H 187 57.56 18.27 -9.87
C ILE H 187 58.13 18.72 -8.53
N GLU H 188 59.39 19.20 -8.53
CA GLU H 188 60.08 19.54 -7.29
C GLU H 188 60.74 20.91 -7.26
N ASN H 189 60.50 21.75 -8.27
CA ASN H 189 61.10 23.09 -8.28
C ASN H 189 60.24 24.10 -9.02
N HIS H 190 60.64 25.40 -8.98
CA HIS H 190 59.89 26.47 -9.61
C HIS H 190 59.67 26.23 -11.12
N GLU H 191 60.71 25.78 -11.83
CA GLU H 191 60.62 25.56 -13.27
C GLU H 191 59.61 24.48 -13.63
N GLY H 192 59.62 23.35 -12.89
CA GLY H 192 58.65 22.28 -13.09
C GLY H 192 57.22 22.76 -12.90
N VAL H 193 56.98 23.62 -11.88
CA VAL H 193 55.65 24.17 -11.63
C VAL H 193 55.25 25.10 -12.77
N LYS H 194 56.16 25.95 -13.23
CA LYS H 194 55.87 26.88 -14.32
C LYS H 194 55.68 26.22 -15.68
N ARG H 195 56.42 25.16 -15.95
CA ARG H 195 56.27 24.42 -17.20
C ARG H 195 55.40 23.17 -17.03
N PHE H 196 54.52 23.17 -16.01
CA PHE H 196 53.63 22.06 -15.66
C PHE H 196 52.84 21.52 -16.84
N ASP H 197 52.15 22.38 -17.58
CA ASP H 197 51.31 21.96 -18.69
C ASP H 197 52.05 21.15 -19.74
N GLU H 198 53.26 21.60 -20.14
CA GLU H 198 54.03 20.86 -21.14
C GLU H 198 54.57 19.54 -20.59
N ILE H 199 54.83 19.48 -19.27
CA ILE H 199 55.32 18.26 -18.64
C ILE H 199 54.17 17.24 -18.55
N LEU H 200 52.99 17.68 -18.09
CA LEU H 200 51.82 16.82 -17.97
C LEU H 200 51.43 16.24 -19.31
N GLU H 201 51.47 17.05 -20.37
CA GLU H 201 51.11 16.62 -21.71
C GLU H 201 51.88 15.39 -22.18
N VAL H 202 53.18 15.30 -21.88
CA VAL H 202 53.99 14.16 -22.30
C VAL H 202 54.19 13.08 -21.23
N SER H 203 53.72 13.31 -20.00
CA SER H 203 53.88 12.34 -18.92
C SER H 203 52.64 11.48 -18.80
N ASP H 204 52.79 10.35 -18.13
CA ASP H 204 51.64 9.50 -17.80
C ASP H 204 50.92 10.00 -16.53
N GLY H 205 51.62 10.78 -15.71
CA GLY H 205 51.10 11.30 -14.47
C GLY H 205 52.11 12.20 -13.79
N ILE H 206 51.77 12.66 -12.57
CA ILE H 206 52.59 13.61 -11.84
C ILE H 206 52.72 13.23 -10.37
N MET H 207 53.85 13.57 -9.77
CA MET H 207 54.02 13.43 -8.34
C MET H 207 54.32 14.83 -7.79
N VAL H 208 53.56 15.25 -6.79
CA VAL H 208 53.81 16.52 -6.09
C VAL H 208 54.86 16.13 -5.04
N ALA H 209 56.12 16.35 -5.38
CA ALA H 209 57.25 15.96 -4.54
C ALA H 209 57.55 17.10 -3.57
N ARG H 210 56.77 17.18 -2.48
CA ARG H 210 56.74 18.28 -1.52
C ARG H 210 58.04 18.52 -0.74
N GLY H 211 58.86 17.50 -0.54
CA GLY H 211 60.14 17.64 0.17
C GLY H 211 61.06 18.65 -0.48
N ASP H 212 61.46 18.38 -1.74
CA ASP H 212 62.30 19.29 -2.47
C ASP H 212 61.53 20.54 -2.89
N LEU H 213 60.25 20.42 -3.23
CA LEU H 213 59.45 21.58 -3.61
C LEU H 213 59.42 22.63 -2.47
N GLY H 214 59.31 22.17 -1.22
CA GLY H 214 59.29 23.02 -0.03
C GLY H 214 60.60 23.70 0.29
N ILE H 215 61.73 23.27 -0.31
CA ILE H 215 62.99 23.96 -0.14
C ILE H 215 63.38 24.73 -1.42
N GLU H 216 62.81 24.41 -2.60
CA GLU H 216 63.03 25.15 -3.85
C GLU H 216 62.14 26.38 -3.96
N ILE H 217 60.92 26.31 -3.43
CA ILE H 217 59.98 27.42 -3.40
C ILE H 217 59.64 27.71 -1.92
N PRO H 218 59.11 28.90 -1.56
CA PRO H 218 58.75 29.14 -0.15
C PRO H 218 57.80 28.08 0.36
N ALA H 219 58.05 27.57 1.57
CA ALA H 219 57.26 26.51 2.18
C ALA H 219 55.77 26.79 2.23
N GLU H 220 55.40 28.05 2.47
CA GLU H 220 54.00 28.47 2.55
C GLU H 220 53.28 28.50 1.19
N LYS H 221 53.99 28.24 0.09
CA LYS H 221 53.38 28.22 -1.24
C LYS H 221 53.13 26.80 -1.76
N VAL H 222 53.70 25.75 -1.10
CA VAL H 222 53.57 24.38 -1.54
C VAL H 222 52.11 23.95 -1.70
N PHE H 223 51.24 24.33 -0.75
CA PHE H 223 49.83 23.95 -0.85
C PHE H 223 49.15 24.47 -2.13
N LEU H 224 49.59 25.64 -2.64
CA LEU H 224 49.04 26.19 -3.87
C LEU H 224 49.45 25.32 -5.05
N ALA H 225 50.74 24.89 -5.08
CA ALA H 225 51.27 24.06 -6.13
C ALA H 225 50.59 22.69 -6.09
N GLN H 226 50.39 22.11 -4.88
CA GLN H 226 49.74 20.84 -4.74
C GLN H 226 48.30 20.88 -5.27
N LYS H 227 47.51 21.87 -4.81
CA LYS H 227 46.12 21.99 -5.22
C LYS H 227 45.98 22.27 -6.72
N MET H 228 46.87 23.08 -7.30
CA MET H 228 46.88 23.38 -8.72
C MET H 228 47.17 22.11 -9.53
N MET H 229 48.25 21.40 -9.18
CA MET H 229 48.65 20.22 -9.91
C MET H 229 47.61 19.11 -9.84
N ILE H 230 47.04 18.89 -8.65
CA ILE H 230 45.99 17.89 -8.50
C ILE H 230 44.77 18.25 -9.37
N GLY H 231 44.32 19.52 -9.33
CA GLY H 231 43.22 20.00 -10.14
C GLY H 231 43.45 19.77 -11.63
N ARG H 232 44.64 20.16 -12.15
CA ARG H 232 44.99 19.99 -13.55
C ARG H 232 45.10 18.54 -13.97
N CYS H 233 45.63 17.67 -13.10
CA CYS H 233 45.70 16.24 -13.40
C CYS H 233 44.32 15.64 -13.44
N ASN H 234 43.43 16.05 -12.51
CA ASN H 234 42.03 15.59 -12.48
C ASN H 234 41.33 15.96 -13.78
N LEU H 235 41.56 17.17 -14.25
CA LEU H 235 40.99 17.67 -15.49
C LEU H 235 41.56 16.88 -16.70
N ALA H 236 42.87 16.60 -16.69
CA ALA H 236 43.51 15.84 -17.76
C ALA H 236 43.20 14.33 -17.70
N GLY H 237 42.63 13.84 -16.59
CA GLY H 237 42.37 12.43 -16.41
C GLY H 237 43.65 11.62 -16.24
N LYS H 238 44.69 12.25 -15.66
CA LYS H 238 45.98 11.56 -15.44
C LYS H 238 46.28 11.40 -13.97
N PRO H 239 46.92 10.30 -13.56
CA PRO H 239 47.19 10.10 -12.12
C PRO H 239 48.07 11.17 -11.48
N VAL H 240 47.74 11.51 -10.23
CA VAL H 240 48.52 12.46 -9.48
C VAL H 240 48.78 11.87 -8.08
N VAL H 241 50.06 11.90 -7.66
CA VAL H 241 50.48 11.39 -6.35
C VAL H 241 50.81 12.54 -5.41
N CYS H 242 50.33 12.47 -4.17
CA CYS H 242 50.72 13.44 -3.16
C CYS H 242 51.80 12.79 -2.31
N ALA H 243 52.97 13.41 -2.19
CA ALA H 243 54.08 12.78 -1.49
C ALA H 243 54.74 13.65 -0.42
N THR H 244 55.42 12.99 0.55
CA THR H 244 56.41 13.45 1.53
C THR H 244 55.86 14.11 2.76
N GLN H 245 56.24 13.54 3.92
CA GLN H 245 55.95 14.00 5.28
C GLN H 245 54.49 13.94 5.65
N MET H 246 53.70 13.08 4.97
CA MET H 246 52.28 12.97 5.27
C MET H 246 52.01 12.48 6.69
N LEU H 247 52.77 11.48 7.16
CA LEU H 247 52.64 10.94 8.53
C LEU H 247 54.06 10.88 9.17
N GLU H 248 54.90 11.88 8.90
CA GLU H 248 56.30 11.95 9.35
C GLU H 248 56.57 11.53 10.81
N SER H 249 55.78 12.01 11.75
CA SER H 249 55.96 11.65 13.15
C SER H 249 55.80 10.16 13.42
N MET H 250 55.09 9.42 12.56
CA MET H 250 54.95 7.96 12.71
C MET H 250 56.25 7.18 12.42
N ILE H 251 57.33 7.86 12.01
CA ILE H 251 58.65 7.19 11.88
C ILE H 251 59.08 6.71 13.32
N THR H 252 58.77 7.51 14.35
CA THR H 252 59.15 7.21 15.72
C THR H 252 57.99 7.04 16.68
N LYS H 253 56.80 7.56 16.33
CA LYS H 253 55.64 7.46 17.23
C LYS H 253 54.50 6.57 16.70
N PRO H 254 53.79 5.88 17.62
CA PRO H 254 52.70 4.96 17.20
C PRO H 254 51.47 5.62 16.53
N ARG H 255 51.21 6.90 16.83
CA ARG H 255 50.08 7.65 16.31
C ARG H 255 50.55 8.97 15.67
N PRO H 256 49.90 9.42 14.61
CA PRO H 256 50.34 10.68 13.95
C PRO H 256 49.80 11.92 14.66
N THR H 257 50.29 13.10 14.24
CA THR H 257 49.79 14.35 14.80
C THR H 257 48.47 14.74 14.15
N ARG H 258 47.74 15.70 14.71
CA ARG H 258 46.49 16.17 14.15
C ARG H 258 46.68 16.83 12.78
N ALA H 259 47.85 17.46 12.55
CA ALA H 259 48.15 18.07 11.27
C ALA H 259 48.38 17.01 10.18
N GLU H 260 48.96 15.88 10.57
CA GLU H 260 49.25 14.78 9.67
C GLU H 260 48.02 14.06 9.19
N THR H 261 47.08 13.73 10.08
CA THR H 261 45.84 13.11 9.63
C THR H 261 45.05 14.05 8.71
N SER H 262 45.06 15.32 9.05
CA SER H 262 44.37 16.35 8.29
C SER H 262 45.01 16.48 6.89
N ASP H 263 46.34 16.41 6.80
CA ASP H 263 47.06 16.49 5.52
C ASP H 263 46.66 15.32 4.59
N VAL H 264 46.58 14.09 5.15
CA VAL H 264 46.19 12.91 4.37
C VAL H 264 44.76 13.08 3.87
N ALA H 265 43.84 13.48 4.77
CA ALA H 265 42.44 13.68 4.41
C ALA H 265 42.29 14.76 3.34
N ASN H 266 43.04 15.87 3.48
CA ASN H 266 42.97 16.95 2.53
C ASN H 266 43.60 16.62 1.19
N ALA H 267 44.60 15.73 1.12
CA ALA H 267 45.16 15.31 -0.16
C ALA H 267 44.09 14.51 -0.93
N VAL H 268 43.34 13.63 -0.23
CA VAL H 268 42.26 12.87 -0.82
C VAL H 268 41.13 13.83 -1.26
N LEU H 269 40.72 14.75 -0.39
CA LEU H 269 39.69 15.73 -0.75
C LEU H 269 40.11 16.62 -1.91
N ASP H 270 41.41 16.94 -2.06
CA ASP H 270 41.94 17.73 -3.18
C ASP H 270 41.73 16.99 -4.51
N GLY H 271 41.82 15.67 -4.50
CA GLY H 271 41.64 14.85 -5.69
C GLY H 271 42.82 13.95 -6.02
N ALA H 272 43.72 13.72 -5.06
CA ALA H 272 44.90 12.90 -5.34
C ALA H 272 44.50 11.46 -5.63
N ASP H 273 45.12 10.85 -6.63
CA ASP H 273 44.86 9.45 -6.92
C ASP H 273 45.61 8.58 -5.95
N CYS H 274 46.86 8.97 -5.58
CA CYS H 274 47.73 8.21 -4.71
C CYS H 274 48.25 9.05 -3.58
N ILE H 275 48.54 8.42 -2.46
CA ILE H 275 49.20 9.04 -1.32
C ILE H 275 50.46 8.19 -1.02
N MET H 276 51.52 8.83 -0.55
CA MET H 276 52.78 8.13 -0.33
C MET H 276 53.31 8.17 1.10
N LEU H 277 54.10 7.14 1.44
CA LEU H 277 54.89 7.02 2.67
C LEU H 277 56.35 6.83 2.23
N SER H 278 57.27 7.58 2.85
CA SER H 278 58.69 7.52 2.55
C SER H 278 59.34 6.88 3.76
N GLY H 279 59.93 7.67 4.66
CA GLY H 279 60.58 7.14 5.84
C GLY H 279 59.66 6.40 6.76
N GLU H 280 58.35 6.69 6.70
CA GLU H 280 57.37 6.00 7.56
C GLU H 280 57.36 4.51 7.27
N THR H 281 57.60 4.10 6.01
CA THR H 281 57.65 2.69 5.68
C THR H 281 59.09 2.20 5.43
N ALA H 282 59.96 3.07 4.93
CA ALA H 282 61.32 2.67 4.61
C ALA H 282 62.20 2.45 5.82
N LYS H 283 62.13 3.33 6.84
CA LYS H 283 63.09 3.21 7.91
C LYS H 283 62.51 3.26 9.32
N GLY H 284 61.27 3.72 9.47
CA GLY H 284 60.70 3.89 10.79
C GLY H 284 60.35 2.65 11.57
N ASN H 285 59.76 2.85 12.74
CA ASN H 285 59.38 1.76 13.64
C ASN H 285 57.96 1.29 13.44
N PHE H 286 57.14 2.00 12.65
CA PHE H 286 55.75 1.66 12.47
C PHE H 286 55.32 1.54 10.98
N PRO H 287 56.02 0.77 10.11
CA PRO H 287 55.60 0.73 8.70
C PRO H 287 54.21 0.19 8.43
N VAL H 288 53.76 -0.86 9.12
CA VAL H 288 52.45 -1.45 8.91
C VAL H 288 51.37 -0.53 9.46
N GLU H 289 51.63 0.10 10.63
CA GLU H 289 50.67 1.01 11.24
C GLU H 289 50.54 2.29 10.41
N ALA H 290 51.61 2.72 9.71
CA ALA H 290 51.55 3.91 8.86
C ALA H 290 50.64 3.62 7.65
N VAL H 291 50.72 2.40 7.08
CA VAL H 291 49.87 1.98 5.96
C VAL H 291 48.42 1.91 6.45
N LYS H 292 48.20 1.30 7.62
CA LYS H 292 46.85 1.17 8.20
C LYS H 292 46.23 2.53 8.46
N MET H 293 47.02 3.51 8.91
CA MET H 293 46.56 4.86 9.18
C MET H 293 46.15 5.58 7.89
N GLN H 294 46.98 5.50 6.83
CA GLN H 294 46.62 6.10 5.55
C GLN H 294 45.37 5.47 4.98
N HIS H 295 45.21 4.14 5.17
CA HIS H 295 44.03 3.42 4.73
C HIS H 295 42.78 3.94 5.45
N ALA H 296 42.84 4.05 6.78
CA ALA H 296 41.73 4.50 7.60
C ALA H 296 41.29 5.92 7.24
N ILE H 297 42.24 6.86 7.11
CA ILE H 297 41.94 8.25 6.77
C ILE H 297 41.39 8.38 5.35
N ALA H 298 42.03 7.73 4.36
CA ALA H 298 41.57 7.79 2.98
C ALA H 298 40.12 7.33 2.82
N ARG H 299 39.71 6.24 3.49
CA ARG H 299 38.34 5.75 3.44
C ARG H 299 37.36 6.80 3.95
N GLU H 300 37.68 7.47 5.08
CA GLU H 300 36.84 8.51 5.64
C GLU H 300 36.76 9.69 4.70
N ALA H 301 37.89 10.13 4.16
CA ALA H 301 37.94 11.28 3.28
C ALA H 301 37.23 11.04 1.93
N GLU H 302 37.28 9.83 1.39
CA GLU H 302 36.59 9.52 0.14
C GLU H 302 35.07 9.61 0.30
N ALA H 303 34.53 9.17 1.43
CA ALA H 303 33.09 9.29 1.69
C ALA H 303 32.67 10.76 1.85
N ALA H 304 33.57 11.63 2.32
CA ALA H 304 33.29 13.06 2.51
C ALA H 304 33.49 13.89 1.24
N VAL H 305 33.82 13.28 0.11
CA VAL H 305 33.97 13.98 -1.17
C VAL H 305 32.56 14.44 -1.63
N TYR H 306 32.44 15.69 -2.09
CA TYR H 306 31.15 16.23 -2.53
C TYR H 306 30.96 15.89 -4.00
N HIS H 307 30.56 14.63 -4.27
CA HIS H 307 30.41 14.12 -5.64
C HIS H 307 29.49 14.92 -6.53
N ARG H 308 28.43 15.51 -5.99
CA ARG H 308 27.49 16.30 -6.78
C ARG H 308 28.20 17.42 -7.55
N GLN H 309 29.03 18.22 -6.85
CA GLN H 309 29.77 19.28 -7.50
C GLN H 309 30.91 18.70 -8.35
N LEU H 310 31.67 17.72 -7.80
CA LEU H 310 32.79 17.11 -8.49
C LEU H 310 32.43 16.51 -9.86
N PHE H 311 31.40 15.64 -9.91
CA PHE H 311 31.00 15.01 -11.16
C PHE H 311 30.51 16.05 -12.16
N GLU H 312 29.69 17.01 -11.72
CA GLU H 312 29.19 18.09 -12.56
C GLU H 312 30.35 18.91 -13.15
N GLU H 313 31.33 19.29 -12.32
CA GLU H 313 32.49 20.04 -12.78
C GLU H 313 33.41 19.25 -13.71
N LEU H 314 33.62 17.94 -13.44
CA LEU H 314 34.42 17.09 -14.30
C LEU H 314 33.74 16.96 -15.67
N ARG H 315 32.39 16.81 -15.71
CA ARG H 315 31.75 16.68 -17.03
C ARG H 315 31.68 18.05 -17.74
N ARG H 316 31.44 19.16 -17.03
CA ARG H 316 31.42 20.49 -17.65
C ARG H 316 32.78 20.83 -18.28
N ALA H 317 33.87 20.56 -17.54
CA ALA H 317 35.22 20.86 -18.01
C ALA H 317 35.73 19.94 -19.08
N ALA H 318 35.32 18.68 -19.07
CA ALA H 318 35.82 17.71 -20.05
C ALA H 318 35.26 18.05 -21.41
N PRO H 319 36.13 18.10 -22.44
CA PRO H 319 35.64 18.41 -23.80
C PRO H 319 34.85 17.25 -24.43
N LEU H 320 34.14 17.53 -25.53
CA LEU H 320 33.44 16.54 -26.33
C LEU H 320 34.43 15.48 -26.82
N SER H 321 33.97 14.24 -27.00
CA SER H 321 34.87 13.18 -27.44
C SER H 321 34.20 12.29 -28.44
N ARG H 322 34.92 11.88 -29.46
CA ARG H 322 34.41 10.91 -30.43
C ARG H 322 35.01 9.49 -30.20
N ASP H 323 35.68 9.29 -29.04
CA ASP H 323 36.27 8.01 -28.72
C ASP H 323 35.23 7.17 -27.96
N PRO H 324 34.84 6.01 -28.50
CA PRO H 324 33.80 5.21 -27.83
C PRO H 324 34.12 4.77 -26.41
N THR H 325 35.41 4.58 -26.06
CA THR H 325 35.79 4.19 -24.70
C THR H 325 35.43 5.32 -23.74
N GLU H 326 35.74 6.58 -24.14
CA GLU H 326 35.47 7.79 -23.36
C GLU H 326 33.96 8.02 -23.24
N VAL H 327 33.21 7.83 -24.35
CA VAL H 327 31.77 7.99 -24.37
C VAL H 327 31.07 6.94 -23.50
N THR H 328 31.53 5.68 -23.55
CA THR H 328 30.99 4.62 -22.73
C THR H 328 31.29 4.86 -21.26
N ALA H 329 32.50 5.33 -20.94
CA ALA H 329 32.91 5.61 -19.56
C ALA H 329 32.02 6.64 -18.87
N ILE H 330 31.70 7.77 -19.54
CA ILE H 330 30.84 8.77 -18.92
C ILE H 330 29.40 8.23 -18.75
N GLY H 331 28.93 7.45 -19.71
CA GLY H 331 27.62 6.83 -19.62
C GLY H 331 27.53 5.86 -18.47
N ALA H 332 28.60 5.04 -18.27
CA ALA H 332 28.66 4.06 -17.21
C ALA H 332 28.73 4.74 -15.83
N VAL H 333 29.48 5.82 -15.70
CA VAL H 333 29.58 6.54 -14.42
C VAL H 333 28.23 7.19 -14.09
N GLU H 334 27.56 7.76 -15.08
CA GLU H 334 26.24 8.36 -14.90
CA GLU H 334 26.24 8.37 -14.91
C GLU H 334 25.23 7.30 -14.47
N ALA H 335 25.28 6.11 -15.11
CA ALA H 335 24.39 5.02 -14.78
C ALA H 335 24.67 4.50 -13.36
N ALA H 336 25.95 4.44 -12.97
CA ALA H 336 26.33 3.97 -11.63
C ALA H 336 25.78 4.92 -10.53
N PHE H 337 25.83 6.23 -10.76
CA PHE H 337 25.29 7.20 -9.81
C PHE H 337 23.76 7.09 -9.70
N LYS H 338 23.06 6.84 -10.84
CA LYS H 338 21.61 6.73 -10.88
C LYS H 338 21.04 5.62 -10.02
N CYS H 339 21.72 4.47 -9.96
CA CYS H 339 21.23 3.32 -9.22
C CYS H 339 22.00 3.03 -7.96
N CYS H 340 23.02 3.87 -7.60
CA CYS H 340 23.90 3.61 -6.45
C CYS H 340 24.56 2.25 -6.62
N ALA H 341 25.09 1.99 -7.84
CA ALA H 341 25.74 0.71 -8.19
C ALA H 341 26.87 0.43 -7.23
N ALA H 342 26.98 -0.81 -6.77
CA ALA H 342 28.06 -1.19 -5.85
C ALA H 342 29.42 -1.14 -6.58
N ALA H 343 29.44 -1.40 -7.91
CA ALA H 343 30.67 -1.45 -8.67
C ALA H 343 30.43 -1.28 -10.18
N ILE H 344 31.47 -0.91 -10.90
CA ILE H 344 31.55 -0.90 -12.34
C ILE H 344 32.61 -1.97 -12.65
N ILE H 345 32.23 -3.10 -13.27
CA ILE H 345 33.18 -4.13 -13.62
C ILE H 345 33.61 -3.87 -15.06
N VAL H 346 34.89 -3.68 -15.30
CA VAL H 346 35.40 -3.36 -16.64
C VAL H 346 36.47 -4.34 -17.09
N LEU H 347 36.45 -4.71 -18.39
CA LEU H 347 37.46 -5.58 -18.95
C LEU H 347 38.48 -4.65 -19.59
N THR H 348 39.76 -4.86 -19.30
CA THR H 348 40.81 -3.99 -19.85
C THR H 348 42.08 -4.77 -20.16
N THR H 349 42.77 -4.40 -21.25
CA THR H 349 44.03 -5.05 -21.61
C THR H 349 45.21 -4.15 -21.18
N THR H 350 45.10 -2.85 -21.43
CA THR H 350 46.15 -1.88 -21.10
C THR H 350 45.84 -1.08 -19.82
N GLY H 351 44.61 -1.15 -19.33
CA GLY H 351 44.16 -0.36 -18.17
C GLY H 351 43.40 0.89 -18.57
N ARG H 352 43.45 1.26 -19.86
CA ARG H 352 42.88 2.49 -20.34
C ARG H 352 41.38 2.64 -20.08
N SER H 353 40.58 1.61 -20.30
CA SER H 353 39.12 1.71 -20.05
C SER H 353 38.84 1.96 -18.58
N ALA H 354 39.64 1.40 -17.69
CA ALA H 354 39.46 1.63 -16.25
C ALA H 354 39.86 3.07 -15.90
N GLN H 355 40.93 3.59 -16.53
CA GLN H 355 41.41 4.95 -16.31
C GLN H 355 40.35 5.95 -16.74
N LEU H 356 39.68 5.72 -17.88
CA LEU H 356 38.65 6.64 -18.34
C LEU H 356 37.42 6.60 -17.44
N LEU H 357 37.14 5.48 -16.77
CA LEU H 357 36.06 5.44 -15.80
C LEU H 357 36.44 6.27 -14.56
N SER H 358 37.66 6.05 -14.08
CA SER H 358 38.26 6.69 -12.91
C SER H 358 38.30 8.23 -12.99
N ARG H 359 38.52 8.79 -14.19
CA ARG H 359 38.60 10.24 -14.33
C ARG H 359 37.27 10.98 -13.98
N TYR H 360 36.14 10.24 -14.02
CA TYR H 360 34.84 10.84 -13.66
C TYR H 360 34.50 10.67 -12.19
N ARG H 361 35.42 10.10 -11.41
CA ARG H 361 35.32 9.91 -9.98
C ARG H 361 34.01 9.27 -9.52
N PRO H 362 33.67 8.08 -10.01
CA PRO H 362 32.44 7.44 -9.52
C PRO H 362 32.58 7.08 -8.05
N ARG H 363 31.46 7.02 -7.34
CA ARG H 363 31.45 6.52 -5.98
C ARG H 363 31.58 4.95 -6.05
N ALA H 364 31.06 4.30 -7.10
CA ALA H 364 31.13 2.85 -7.28
C ALA H 364 32.58 2.44 -7.56
N ALA H 365 33.01 1.32 -6.99
CA ALA H 365 34.35 0.77 -7.21
C ALA H 365 34.50 0.37 -8.66
N VAL H 366 35.66 0.64 -9.28
CA VAL H 366 35.90 0.20 -10.65
C VAL H 366 36.72 -1.08 -10.58
N ILE H 367 36.07 -2.22 -10.73
CA ILE H 367 36.75 -3.52 -10.67
C ILE H 367 37.29 -3.85 -12.06
N ALA H 368 38.62 -3.79 -12.23
CA ALA H 368 39.22 -3.98 -13.53
C ALA H 368 39.73 -5.39 -13.70
N VAL H 369 39.15 -6.15 -14.62
CA VAL H 369 39.56 -7.52 -14.87
C VAL H 369 40.49 -7.54 -16.05
N THR H 370 41.71 -8.04 -15.84
CA THR H 370 42.70 -8.07 -16.90
C THR H 370 43.51 -9.34 -16.88
N ARG H 371 44.06 -9.74 -18.05
CA ARG H 371 45.06 -10.83 -18.18
C ARG H 371 46.48 -10.29 -18.12
N SER H 372 46.67 -9.00 -18.32
CA SER H 372 47.98 -8.38 -18.26
C SER H 372 48.37 -8.13 -16.79
N ALA H 373 49.40 -8.84 -16.32
CA ALA H 373 49.90 -8.68 -14.96
C ALA H 373 50.46 -7.24 -14.79
N GLN H 374 51.13 -6.71 -15.82
CA GLN H 374 51.64 -5.34 -15.75
C GLN H 374 50.50 -4.31 -15.64
N ALA H 375 49.42 -4.44 -16.46
CA ALA H 375 48.29 -3.52 -16.39
C ALA H 375 47.62 -3.61 -15.05
N ALA H 376 47.47 -4.81 -14.49
CA ALA H 376 46.88 -4.98 -13.15
C ALA H 376 47.68 -4.18 -12.10
N ARG H 377 49.02 -4.17 -12.22
CA ARG H 377 49.84 -3.41 -11.31
C ARG H 377 49.75 -1.91 -11.55
N GLN H 378 49.82 -1.47 -12.80
CA GLN H 378 49.80 -0.07 -13.14
C GLN H 378 48.45 0.65 -12.89
N VAL H 379 47.30 -0.05 -12.92
CA VAL H 379 46.02 0.64 -12.70
C VAL H 379 45.84 1.15 -11.27
N HIS H 380 46.71 0.73 -10.33
CA HIS H 380 46.73 1.25 -8.95
C HIS H 380 47.01 2.78 -8.95
N LEU H 381 47.58 3.33 -10.03
CA LEU H 381 47.80 4.76 -10.14
C LEU H 381 46.48 5.54 -10.24
N CYS H 382 45.38 4.89 -10.70
CA CYS H 382 44.09 5.52 -10.93
C CYS H 382 43.15 5.31 -9.78
N ARG H 383 42.69 6.40 -9.16
CA ARG H 383 41.79 6.28 -8.01
C ARG H 383 40.54 5.48 -8.31
N GLY H 384 40.21 4.58 -7.38
CA GLY H 384 39.01 3.79 -7.45
C GLY H 384 39.09 2.59 -8.35
N VAL H 385 40.29 2.24 -8.86
CA VAL H 385 40.42 1.07 -9.71
C VAL H 385 40.97 -0.09 -8.87
N PHE H 386 40.24 -1.21 -8.81
CA PHE H 386 40.61 -2.40 -8.07
C PHE H 386 40.94 -3.50 -9.07
N PRO H 387 42.23 -3.76 -9.29
CA PRO H 387 42.62 -4.73 -10.33
C PRO H 387 42.50 -6.19 -9.94
N LEU H 388 42.00 -7.00 -10.86
CA LEU H 388 41.86 -8.43 -10.69
C LEU H 388 42.61 -9.06 -11.85
N LEU H 389 43.58 -9.90 -11.54
CA LEU H 389 44.35 -10.58 -12.57
C LEU H 389 43.67 -11.93 -12.94
N TYR H 390 43.17 -12.05 -14.17
CA TYR H 390 42.50 -13.24 -14.65
C TYR H 390 43.56 -14.19 -15.21
N ARG H 391 43.55 -15.46 -14.73
CA ARG H 391 44.60 -16.38 -15.13
C ARG H 391 44.20 -17.51 -16.07
N GLU H 392 42.91 -17.73 -16.27
CA GLU H 392 42.43 -18.79 -17.15
C GLU H 392 42.75 -18.62 -18.62
N PRO H 393 43.06 -19.72 -19.31
CA PRO H 393 43.29 -19.62 -20.77
C PRO H 393 41.96 -19.25 -21.47
N PRO H 394 42.05 -18.56 -22.61
CA PRO H 394 40.82 -18.12 -23.29
C PRO H 394 39.88 -19.23 -23.70
N GLU H 395 38.60 -18.94 -23.65
CA GLU H 395 37.55 -19.81 -24.11
C GLU H 395 37.55 -19.75 -25.67
N ALA H 396 37.05 -20.80 -26.32
CA ALA H 396 36.98 -20.83 -27.79
C ALA H 396 35.98 -19.78 -28.30
N ILE H 397 34.88 -19.60 -27.57
CA ILE H 397 33.89 -18.59 -27.93
C ILE H 397 34.21 -17.33 -27.15
N TRP H 398 34.59 -16.24 -27.84
CA TRP H 398 34.98 -14.99 -27.24
C TRP H 398 33.91 -14.43 -26.30
N ALA H 399 32.62 -14.45 -26.69
CA ALA H 399 31.57 -14.00 -25.79
C ALA H 399 31.53 -14.79 -24.44
N ASP H 400 31.85 -16.08 -24.46
CA ASP H 400 31.90 -16.89 -23.25
C ASP H 400 33.11 -16.50 -22.42
N ASP H 401 34.25 -16.20 -23.06
CA ASP H 401 35.48 -15.76 -22.39
C ASP H 401 35.20 -14.40 -21.70
N VAL H 402 34.44 -13.52 -22.38
CA VAL H 402 34.04 -12.26 -21.78
C VAL H 402 33.18 -12.51 -20.53
N ASP H 403 32.14 -13.36 -20.62
CA ASP H 403 31.26 -13.68 -19.50
C ASP H 403 31.99 -14.30 -18.34
N ARG H 404 32.96 -15.18 -18.60
CA ARG H 404 33.74 -15.80 -17.54
C ARG H 404 34.54 -14.76 -16.76
N ARG H 405 35.12 -13.78 -17.44
CA ARG H 405 35.87 -12.72 -16.76
C ARG H 405 34.94 -11.82 -15.95
N VAL H 406 33.74 -11.53 -16.48
CA VAL H 406 32.75 -10.73 -15.74
C VAL H 406 32.33 -11.45 -14.45
N GLN H 407 32.10 -12.76 -14.53
CA GLN H 407 31.76 -13.59 -13.38
C GLN H 407 32.92 -13.70 -12.41
N PHE H 408 34.15 -13.73 -12.91
CA PHE H 408 35.32 -13.72 -12.05
C PHE H 408 35.37 -12.39 -11.25
N GLY H 409 35.02 -11.26 -11.90
CA GLY H 409 34.92 -9.97 -11.24
C GLY H 409 33.88 -10.00 -10.13
N ILE H 410 32.69 -10.56 -10.41
CA ILE H 410 31.60 -10.69 -9.45
C ILE H 410 31.96 -11.60 -8.27
N GLU H 411 32.54 -12.76 -8.54
CA GLU H 411 32.89 -13.70 -7.48
C GLU H 411 33.99 -13.13 -6.57
N SER H 412 34.96 -12.40 -7.15
CA SER H 412 36.00 -11.73 -6.38
C SER H 412 35.36 -10.64 -5.52
N GLY H 413 34.45 -9.87 -6.10
CA GLY H 413 33.77 -8.79 -5.42
C GLY H 413 32.94 -9.27 -4.26
N LYS H 414 32.30 -10.42 -4.41
CA LYS H 414 31.48 -11.01 -3.35
C LYS H 414 32.38 -11.47 -2.20
N LEU H 415 33.47 -12.14 -2.51
CA LEU H 415 34.41 -12.65 -1.52
C LEU H 415 35.06 -11.51 -0.73
N ARG H 416 35.41 -10.42 -1.42
CA ARG H 416 36.07 -9.28 -0.79
C ARG H 416 35.15 -8.28 -0.13
N GLY H 417 33.84 -8.45 -0.23
CA GLY H 417 32.90 -7.55 0.41
C GLY H 417 32.39 -6.39 -0.43
N PHE H 418 32.88 -6.24 -1.66
CA PHE H 418 32.40 -5.18 -2.55
C PHE H 418 30.92 -5.39 -2.95
N LEU H 419 30.53 -6.65 -3.16
CA LEU H 419 29.20 -6.98 -3.66
C LEU H 419 28.46 -7.98 -2.81
N ARG H 420 27.15 -7.97 -2.93
CA ARG H 420 26.26 -8.94 -2.31
C ARG H 420 25.05 -9.13 -3.26
N VAL H 421 24.35 -10.28 -3.15
CA VAL H 421 23.15 -10.58 -3.91
C VAL H 421 22.11 -9.45 -3.78
N GLY H 422 21.57 -9.02 -4.91
CA GLY H 422 20.63 -7.91 -4.93
C GLY H 422 21.24 -6.60 -5.37
N ASP H 423 22.58 -6.48 -5.33
CA ASP H 423 23.24 -5.26 -5.76
C ASP H 423 23.15 -5.06 -7.26
N LEU H 424 23.26 -3.82 -7.71
CA LEU H 424 23.29 -3.52 -9.14
C LEU H 424 24.75 -3.21 -9.49
N VAL H 425 25.22 -3.71 -10.62
CA VAL H 425 26.54 -3.42 -11.12
C VAL H 425 26.44 -2.93 -12.57
N ILE H 426 27.42 -2.13 -12.97
CA ILE H 426 27.53 -1.68 -14.35
C ILE H 426 28.68 -2.47 -14.94
N VAL H 427 28.50 -3.12 -16.10
CA VAL H 427 29.56 -3.93 -16.72
C VAL H 427 29.98 -3.26 -18.03
N VAL H 428 31.30 -3.00 -18.17
CA VAL H 428 31.85 -2.29 -19.34
C VAL H 428 32.74 -3.23 -20.13
N THR H 429 32.34 -3.49 -21.41
CA THR H 429 33.04 -4.39 -22.32
C THR H 429 33.17 -3.75 -23.72
N GLY H 430 33.82 -4.45 -24.65
CA GLY H 430 33.95 -3.97 -26.02
C GLY H 430 33.22 -4.86 -27.01
N TRP H 431 33.30 -4.53 -28.30
CA TRP H 431 32.61 -5.29 -29.33
C TRP H 431 33.49 -6.36 -30.00
N ARG H 432 34.83 -6.32 -29.82
CA ARG H 432 35.72 -7.31 -30.40
C ARG H 432 36.96 -7.49 -29.48
N PRO H 433 37.73 -8.60 -29.62
CA PRO H 433 38.94 -8.73 -28.81
C PRO H 433 39.98 -7.67 -29.19
N GLY H 434 40.92 -7.46 -28.29
CA GLY H 434 41.98 -6.49 -28.46
C GLY H 434 41.65 -5.19 -27.77
N SER H 435 42.69 -4.46 -27.43
CA SER H 435 42.63 -3.17 -26.78
CA SER H 435 42.62 -3.15 -26.78
C SER H 435 42.02 -2.10 -27.71
N GLY H 436 41.36 -1.10 -27.13
CA GLY H 436 40.80 0.03 -27.87
C GLY H 436 39.38 -0.07 -28.37
N TYR H 437 38.65 -1.16 -28.08
CA TYR H 437 37.29 -1.34 -28.63
C TYR H 437 36.17 -1.35 -27.61
N THR H 438 36.42 -0.82 -26.39
CA THR H 438 35.36 -0.69 -25.38
C THR H 438 34.22 0.20 -25.95
N ASN H 439 32.97 -0.25 -25.83
CA ASN H 439 31.84 0.52 -26.34
C ASN H 439 30.51 0.08 -25.75
N ILE H 440 30.49 -0.81 -24.74
CA ILE H 440 29.24 -1.31 -24.21
C ILE H 440 29.16 -1.16 -22.71
N MET H 441 28.02 -0.66 -22.22
CA MET H 441 27.76 -0.64 -20.78
C MET H 441 26.43 -1.40 -20.54
N ARG H 442 26.43 -2.32 -19.58
CA ARG H 442 25.25 -3.12 -19.23
CA ARG H 442 25.21 -3.05 -19.24
C ARG H 442 24.90 -2.97 -17.77
N VAL H 443 23.60 -2.97 -17.44
CA VAL H 443 23.13 -2.89 -16.05
C VAL H 443 22.79 -4.31 -15.61
N LEU H 444 23.41 -4.79 -14.58
CA LEU H 444 23.30 -6.17 -14.16
C LEU H 444 22.93 -6.30 -12.69
N SER H 445 22.02 -7.19 -12.36
CA SER H 445 21.65 -7.44 -10.97
C SER H 445 22.44 -8.64 -10.45
N ILE H 446 23.01 -8.52 -9.26
CA ILE H 446 23.83 -9.59 -8.68
C ILE H 446 23.00 -10.73 -8.14
N SER H 447 23.25 -11.96 -8.62
CA SER H 447 22.52 -13.15 -8.18
C SER H 447 23.45 -14.16 -7.49
P1 FBP I . -15.90 -64.83 23.31
O1P FBP I . -16.93 -65.81 22.96
O2P FBP I . -14.85 -64.72 22.20
O3P FBP I . -15.13 -65.06 24.63
O1 FBP I . -16.59 -63.40 23.57
C1 FBP I . -15.87 -62.16 23.62
C2 FBP I . -16.85 -61.07 23.10
O2 FBP I . -16.24 -59.84 23.33
C3 FBP I . -18.24 -61.18 23.75
O3 FBP I . -18.25 -60.63 25.06
C4 FBP I . -19.12 -60.47 22.74
O4 FBP I . -20.48 -60.84 22.87
C5 FBP I . -18.54 -61.00 21.44
O5 FBP I . -17.14 -61.23 21.71
C6 FBP I . -18.70 -60.06 20.25
O6 FBP I . -18.86 -60.81 19.03
P2 FBP I . -19.88 -60.26 17.89
O4P FBP I . -21.22 -60.01 18.55
O5P FBP I . -20.08 -61.36 16.86
O6P FBP I . -19.27 -59.08 17.25
C1 OXL J . -19.58 -55.36 -14.14
C2 OXL J . -19.10 -56.58 -13.32
O1 OXL J . -20.48 -55.53 -14.96
O2 OXL J . -19.71 -57.71 -13.60
O3 OXL J . -19.02 -54.20 -13.94
O4 OXL J . -18.19 -56.47 -12.48
MG MG K . -21.28 -57.33 -14.93
K K L . -19.01 -62.57 -13.55
P1 FBP M . -13.61 -46.71 44.90
O1P FBP M . -14.83 -46.03 45.54
O2P FBP M . -12.36 -46.13 45.57
O3P FBP M . -13.71 -48.21 44.91
O1 FBP M . -13.51 -46.23 43.36
C1 FBP M . -14.43 -46.65 42.35
C2 FBP M . -14.24 -45.66 41.22
O2 FBP M . -15.17 -45.98 40.23
C3 FBP M . -12.77 -45.64 40.73
O3 FBP M . -12.46 -46.72 39.87
C4 FBP M . -12.71 -44.28 40.07
O4 FBP M . -11.37 -43.82 39.94
C5 FBP M . -13.45 -43.43 41.09
O5 FBP M . -14.45 -44.31 41.66
C6 FBP M . -14.06 -42.16 40.55
O6 FBP M . -13.92 -41.11 41.52
P2 FBP M . -13.81 -39.55 41.10
O4P FBP M . -15.14 -39.23 40.41
O5P FBP M . -13.60 -38.68 42.29
O6P FBP M . -12.67 -39.43 40.09
C1 OXL N . -26.96 -10.26 45.08
C2 OXL N . -26.49 -11.27 46.18
O1 OXL N . -27.92 -10.50 44.40
O2 OXL N . -27.14 -12.44 46.34
O3 OXL N . -26.26 -9.19 44.95
O4 OXL N . -25.51 -10.95 46.83
C1 I8U O . -33.57 -11.55 53.54
C2 I8U O . -33.96 -11.30 54.86
C3 I8U O . -32.03 -13.23 54.34
C4 I8U O . -32.42 -12.99 55.65
C7 I8U O . -33.03 -12.33 58.41
C8 I8U O . -33.27 -11.94 59.73
C9 I8U O . -32.56 -12.52 60.76
C10 I8U O . -31.62 -13.48 60.50
C11 I8U O . -31.38 -13.91 59.20
O5 I8U O . -30.57 -13.16 51.93
S I8U O . -31.94 -12.75 51.75
O I8U O . -32.78 -13.74 51.14
O4 I8U O . -32.01 -11.43 51.07
C I8U O . -32.57 -12.50 53.29
C13 I8U O . -31.76 -13.72 56.76
O2 I8U O . -30.99 -14.66 56.53
C12 I8U O . -32.08 -13.33 58.15
C6 I8U O . -33.74 -11.64 57.30
O3 I8U O . -34.59 -10.79 57.53
C5 I8U O . -33.39 -12.00 55.91
O1 I8U O . -34.21 -10.91 52.52
H1 I8U O . -34.72 -10.54 55.06
H2 I8U O . -31.30 -14.01 54.13
H3 I8U O . -34.02 -11.18 59.96
H4 I8U O . -32.73 -12.19 61.78
H5 I8U O . -31.05 -13.93 61.32
H6 I8U O . -30.65 -14.70 59.03
H I8U O . -34.89 -10.28 52.85
H7 I8U O . -31.47 -10.60 51.16
MG MG P . -24.88 -9.17 46.54
K K Q . -24.28 -11.95 51.86
P1 FBP R . -23.83 0.54 -20.82
O1P FBP R . -25.18 1.11 -21.24
O2P FBP R . -23.57 -0.72 -21.60
O3P FBP R . -22.74 1.48 -20.90
O1 FBP R . -24.06 0.09 -19.26
C1 FBP R . -25.03 -0.85 -18.80
C2 FBP R . -24.48 -1.38 -17.50
O2 FBP R . -25.51 -2.09 -16.89
C3 FBP R . -23.94 -0.26 -16.59
O3 FBP R . -24.95 0.45 -15.90
C4 FBP R . -23.00 -1.05 -15.72
O4 FBP R . -22.07 -0.19 -15.08
C5 FBP R . -22.31 -1.91 -16.77
O5 FBP R . -23.33 -2.22 -17.73
C6 FBP R . -21.71 -3.18 -16.23
O6 FBP R . -20.57 -3.57 -17.00
P2 FBP R . -19.41 -4.41 -16.29
O4P FBP R . -19.90 -5.79 -15.94
O5P FBP R . -18.25 -4.44 -17.29
O6P FBP R . -19.03 -3.54 -15.10
C1 OXL S . -0.64 -30.62 -18.82
C2 OXL S . -0.87 -29.54 -19.90
O1 OXL S . -1.66 -31.29 -18.38
O2 OXL S . -1.97 -29.37 -20.42
O3 OXL S . 0.50 -30.78 -18.39
O4 OXL S . 0.21 -28.84 -20.20
C1 I8U T . -1.58 -33.57 -29.16
C2 I8U T . -1.09 -33.74 -30.44
C3 I8U T . -1.97 -31.24 -29.64
C4 I8U T . -1.49 -31.41 -30.94
C7 I8U T . -0.27 -31.71 -33.57
C8 I8U T . 0.40 -31.83 -34.78
C9 I8U T . 0.61 -30.73 -35.58
C10 I8U T . 0.15 -29.50 -35.19
C11 I8U T . -0.54 -29.34 -34.01
O5 I8U T . -2.11 -30.59 -26.89
S I8U T . -2.43 -31.97 -27.14
O I8U T . -3.84 -32.28 -27.05
O4 I8U T . -1.62 -32.88 -26.33
C I8U T . -1.99 -32.29 -28.75
C13 I8U T . -1.41 -30.24 -31.86
O2 I8U T . -1.91 -29.17 -31.56
C12 I8U T . -0.75 -30.44 -33.17
C6 I8U T . -0.41 -32.88 -32.67
O3 I8U T . -0.03 -33.99 -33.02
C5 I8U T . -1.02 -32.67 -31.34
O1 I8U T . -1.70 -34.65 -28.34
H1 I8U T . -0.77 -34.74 -30.77
H2 I8U T . -2.36 -30.26 -29.36
H3 I8U T . 0.76 -32.81 -35.12
H4 I8U T . 1.15 -30.84 -36.52
H5 I8U T . 0.33 -28.62 -35.83
H6 I8U T . -0.90 -28.35 -33.72
H I8U T . -2.08 -34.38 -27.47
H7 I8U T . -0.67 -32.87 -26.04
MG MG U . 1.76 -29.30 -19.16
K K V . 1.64 -26.39 -24.26
P1 FBP W . -46.76 5.09 -5.46
O1P FBP W . -48.15 4.79 -5.83
O2P FBP W . -46.60 5.58 -4.03
O3P FBP W . -46.04 6.15 -6.34
O1 FBP W . -45.95 3.77 -5.62
C1 FBP W . -44.61 3.62 -5.13
C2 FBP W . -44.36 2.14 -4.90
O2 FBP W . -42.96 2.02 -4.74
C3 FBP W . -44.93 1.29 -6.05
O3 FBP W . -44.07 1.24 -7.18
C4 FBP W . -45.03 -0.05 -5.34
O4 FBP W . -45.87 -0.97 -6.03
C5 FBP W . -45.65 0.37 -4.02
O5 FBP W . -45.01 1.63 -3.73
C6 FBP W . -45.40 -0.60 -2.90
O6 FBP W . -46.47 -0.54 -1.96
P2 FBP W . -46.95 -1.85 -1.19
O4P FBP W . -48.15 -1.40 -0.41
O5P FBP W . -47.23 -3.04 -2.04
O6P FBP W . -45.86 -2.22 -0.22
C1 OXL X . -54.53 -9.15 28.28
C2 OXL X . -53.99 -10.32 29.12
O1 OXL X . -55.73 -9.21 28.01
O2 OXL X . -54.87 -11.26 29.44
O3 OXL X . -53.71 -8.18 27.89
O4 OXL X . -52.80 -10.37 29.41
MG MG Y . -56.76 -10.84 28.76
K K Z . -59.49 -5.62 27.01
P1 FBP AA . 20.16 67.58 -6.71
O1P FBP AA . 18.67 67.54 -7.05
O2P FBP AA . 20.90 68.21 -7.93
O3P FBP AA . 20.46 68.17 -5.35
O1 FBP AA . 20.63 66.02 -6.65
C1 FBP AA . 20.45 65.17 -5.51
C2 FBP AA . 21.16 63.83 -5.82
O2 FBP AA . 20.74 62.91 -4.84
C3 FBP AA . 22.69 64.02 -5.87
O3 FBP AA . 23.32 63.98 -4.60
C4 FBP AA . 23.12 62.95 -6.85
O4 FBP AA . 24.37 63.26 -7.42
C5 FBP AA . 22.01 63.05 -7.89
O5 FBP AA . 20.83 63.32 -7.12
C6 FBP AA . 21.82 61.83 -8.75
O6 FBP AA . 21.27 62.16 -10.04
P2 FBP AA . 21.64 61.32 -11.40
O4P FBP AA . 20.83 60.08 -11.49
O5P FBP AA . 21.35 62.24 -12.60
O6P FBP AA . 23.14 61.04 -11.37
C1 OXL BA . 7.09 48.74 -36.51
C2 OXL BA . 7.24 47.22 -36.85
O1 OXL BA . 6.45 49.07 -35.38
O2 OXL BA . 6.79 46.38 -36.09
O3 OXL BA . 7.57 49.56 -37.29
O4 OXL BA . 7.88 46.92 -37.94
C1 I8U CA . -2.41 52.01 -37.56
C2 I8U CA . -3.35 52.83 -38.18
C3 I8U CA . -1.37 53.96 -36.61
C4 I8U CA . -2.31 54.79 -37.22
C7 I8U CA . -4.11 56.55 -38.67
C8 I8U CA . -4.92 57.36 -39.45
C9 I8U CA . -4.72 58.74 -39.44
C10 I8U CA . -3.74 59.30 -38.66
C11 I8U CA . -2.95 58.50 -37.84
O5 I8U CA . 1.02 52.54 -36.09
S I8U CA . -0.13 51.67 -36.15
O I8U CA . -0.60 51.21 -34.86
O4 I8U CA . 0.07 50.58 -37.10
C I8U CA . -1.40 52.59 -36.80
C13 I8U CA . -2.20 56.27 -37.07
O2 I8U CA . -1.40 56.77 -36.29
C12 I8U CA . -3.12 57.11 -37.85
C6 I8U CA . -4.26 55.07 -38.77
O3 I8U CA . -5.14 54.57 -39.45
C5 I8U CA . -3.30 54.22 -38.03
O1 I8U CA . -2.55 50.67 -37.68
H1 I8U CA . -4.15 52.38 -38.78
H2 I8U CA . -0.62 54.41 -35.96
H3 I8U CA . -5.71 56.95 -40.07
H4 I8U CA . -5.34 59.37 -40.07
H5 I8U CA . -3.59 60.38 -38.67
H6 I8U CA . -2.20 58.97 -37.21
H I8U CA . -1.83 50.21 -37.16
H7 I8U CA . 0.51 50.52 -37.99
MG MG DA . 8.31 48.84 -38.90
K K EA . 6.54 54.69 -38.32
P1 FBP FA . 28.46 56.16 18.60
O1P FBP FA . 27.77 55.76 19.86
O2P FBP FA . 29.93 55.71 18.56
O3P FBP FA . 28.46 57.64 18.32
O1 FBP FA . 27.69 55.49 17.35
C1 FBP FA . 28.25 55.36 16.04
C2 FBP FA . 27.56 54.13 15.38
O2 FBP FA . 27.88 54.16 14.01
C3 FBP FA . 26.04 54.10 15.63
O3 FBP FA . 25.27 54.92 14.76
C4 FBP FA . 25.76 52.61 15.46
O4 FBP FA . 24.55 52.19 16.07
C5 FBP FA . 26.95 52.02 16.19
O5 FBP FA . 28.05 52.92 15.96
C6 FBP FA . 27.30 50.61 15.77
O6 FBP FA . 27.74 49.90 16.96
P2 FBP FA . 27.38 48.35 17.13
O4P FBP FA . 25.88 48.17 16.89
O5P FBP FA . 27.79 47.96 18.55
O6P FBP FA . 28.20 47.62 16.09
C1 OXL GA . 42.95 20.32 22.82
C2 OXL GA . 42.97 21.58 23.69
O1 OXL GA . 42.35 19.28 23.30
O2 OXL GA . 42.44 21.42 24.88
O3 OXL GA . 43.43 20.33 21.71
O4 OXL GA . 43.40 22.66 23.26
C1 I8U HA . 52.34 23.55 27.19
C2 I8U HA . 53.34 23.65 28.15
C3 I8U HA . 51.22 25.45 28.16
C4 I8U HA . 52.19 25.54 29.15
C7 I8U HA . 54.10 25.60 31.33
C8 I8U HA . 55.00 25.58 32.40
C9 I8U HA . 54.81 26.42 33.49
C10 I8U HA . 53.72 27.26 33.53
C11 I8U HA . 52.82 27.31 32.47
O5 I8U HA . 49.76 22.96 25.81
S I8U HA . 50.01 24.37 26.02
O I8U HA . 48.91 25.14 26.54
O4 I8U HA . 50.60 24.98 24.89
C I8U HA . 51.28 24.46 27.19
C13 I8U HA . 52.03 26.52 30.25
O2 I8U HA . 51.11 27.32 30.25
C12 I8U HA . 53.01 26.48 31.36
C6 I8U HA . 54.27 24.64 30.23
O3 I8U HA . 55.19 23.84 30.22
C5 I8U HA . 53.26 24.63 29.14
O1 I8U HA . 52.43 22.56 26.25
H1 I8U HA . 54.17 22.96 28.14
H2 I8U HA . 50.43 26.20 28.13
H3 I8U HA . 55.87 24.92 32.40
H4 I8U HA . 55.52 26.40 34.31
H5 I8U HA . 53.55 27.89 34.40
H6 I8U HA . 51.97 28.00 32.52
H I8U HA . 51.66 22.61 25.64
H7 I8U HA . 51.54 25.18 24.63
MG MG IA . 41.68 19.72 25.43
K K JA . 43.23 23.89 29.44
P1 FBP KA . 12.39 -8.09 -28.62
O1P FBP KA . 11.36 -9.02 -27.96
O2P FBP KA . 11.67 -7.09 -29.49
O3P FBP KA . 13.48 -8.85 -29.32
O1 FBP KA . 13.06 -7.22 -27.50
C1 FBP KA . 14.16 -6.35 -27.81
C2 FBP KA . 14.25 -5.44 -26.63
O2 FBP KA . 15.37 -4.63 -26.84
C3 FBP KA . 14.34 -6.23 -25.30
O3 FBP KA . 15.64 -6.71 -24.99
C4 FBP KA . 13.84 -5.18 -24.32
O4 FBP KA . 13.43 -5.73 -23.08
C5 FBP KA . 12.67 -4.59 -25.10
O5 FBP KA . 13.07 -4.64 -26.48
C6 FBP KA . 12.31 -3.18 -24.69
O6 FBP KA . 10.92 -2.91 -24.96
P2 FBP KA . 10.10 -2.02 -23.94
O4P FBP KA . 8.65 -2.15 -24.28
O5P FBP KA . 10.54 -0.57 -24.19
O6P FBP KA . 10.38 -2.46 -22.57
C1 OXL LA . -9.92 23.56 -25.00
C2 OXL LA . -10.02 22.27 -25.75
O1 OXL LA . -10.82 23.70 -24.08
O2 OXL LA . -11.02 21.58 -25.49
O3 OXL LA . -9.02 24.36 -25.21
O4 OXL LA . -9.08 21.95 -26.64
C1 I8U MA . -14.98 24.04 -35.15
C2 I8U MA . -15.94 23.38 -35.92
C3 I8U MA . -13.69 22.00 -35.08
C4 I8U MA . -14.65 21.34 -35.82
C7 I8U MA . -16.68 19.92 -37.34
C8 I8U MA . -17.69 19.23 -38.02
C9 I8U MA . -17.59 17.86 -38.23
C10 I8U MA . -16.48 17.18 -37.78
C11 I8U MA . -15.45 17.85 -37.14
O5 I8U MA . -13.10 24.29 -32.51
S I8U MA . -12.58 24.10 -33.84
O I8U MA . -11.44 23.20 -33.90
O4 I8U MA . -12.29 25.38 -34.48
C I8U MA . -13.84 23.35 -34.75
C13 I8U MA . -14.48 19.90 -36.11
O2 I8U MA . -13.51 19.28 -35.70
C12 I8U MA . -15.55 19.21 -36.90
C6 I8U MA . -16.85 21.35 -37.03
O3 I8U MA . -17.88 21.94 -37.35
C5 I8U MA . -15.79 22.03 -36.26
O1 I8U MA . -15.26 25.29 -34.68
H1 I8U MA . -16.81 23.94 -36.27
H2 I8U MA . -12.81 21.45 -34.74
H3 I8U MA . -18.58 19.76 -38.39
H4 I8U MA . -18.38 17.34 -38.74
H5 I8U MA . -16.40 16.11 -37.95
H6 I8U MA . -14.56 17.29 -36.83
H I8U MA . -14.56 25.59 -34.04
H7 I8U MA . -12.84 26.13 -34.82
MG MG NA . -12.10 22.25 -23.92
K K OA . -13.92 18.23 -27.28
P1 FBP PA . 40.11 -9.21 -24.91
O1P FBP PA . 39.17 -10.37 -25.20
O2P FBP PA . 40.63 -9.27 -23.52
O3P FBP PA . 41.16 -9.10 -25.98
O1 FBP PA . 39.21 -7.92 -25.01
C1 FBP PA . 38.14 -7.64 -24.08
C2 FBP PA . 37.93 -6.11 -24.07
O2 FBP PA . 36.77 -5.85 -23.32
C3 FBP PA . 37.87 -5.59 -25.53
O3 FBP PA . 36.61 -5.80 -26.14
C4 FBP PA . 38.18 -4.13 -25.33
O4 FBP PA . 38.59 -3.51 -26.53
C5 FBP PA . 39.33 -4.23 -24.35
O5 FBP PA . 39.03 -5.36 -23.52
C6 FBP PA . 39.52 -2.99 -23.53
O6 FBP PA . 40.93 -2.82 -23.32
P2 FBP PA . 41.64 -1.40 -23.14
O4P FBP PA . 41.11 -0.79 -21.83
O5P FBP PA . 41.36 -0.45 -24.29
O6P FBP PA . 43.09 -1.73 -22.99
C1 OXL QA . 60.81 13.43 -3.29
C2 OXL QA . 60.61 14.83 -2.69
O1 OXL QA . 60.05 12.49 -3.02
O2 OXL QA . 59.56 15.01 -1.93
O3 OXL QA . 61.77 13.37 -4.18
O4 OXL QA . 61.42 15.71 -2.95
MG MG RA . 62.66 15.06 -4.28
K K SA . 64.89 9.39 -5.66
#